data_1IFW
#
_entry.id   1IFW
#
_entity_poly.entity_id   1
_entity_poly.type   'polypeptide(L)'
_entity_poly.pdbx_seq_one_letter_code
;GPLGSPRNANDNNQFYQQKQRQALGEQLYKKVSAKTSNEEAAGKITGMILDLPPQEVFPLLESDELFEQHYKEASAAYES
FKKEQEQQTEQA
;
_entity_poly.pdbx_strand_id   A
#
# COMPACT_ATOMS: atom_id res chain seq x y z
N GLY A 1 -17.71 6.49 -20.71
CA GLY A 1 -16.72 7.50 -20.24
C GLY A 1 -16.77 8.77 -21.08
N PRO A 2 -15.66 9.53 -21.13
CA PRO A 2 -15.58 10.77 -21.91
C PRO A 2 -15.51 10.55 -23.41
N LEU A 3 -15.68 9.30 -23.84
CA LEU A 3 -15.62 8.97 -25.27
C LEU A 3 -16.96 9.26 -25.96
N GLY A 4 -18.02 8.61 -25.51
CA GLY A 4 -19.33 8.81 -26.11
C GLY A 4 -20.27 9.61 -25.23
N SER A 5 -19.72 10.51 -24.43
CA SER A 5 -20.53 11.34 -23.54
C SER A 5 -20.75 12.73 -24.14
N PRO A 6 -22.01 13.17 -24.25
CA PRO A 6 -22.34 14.48 -24.82
C PRO A 6 -21.79 15.64 -23.98
N ARG A 7 -22.17 15.66 -22.70
CA ARG A 7 -21.72 16.71 -21.79
C ARG A 7 -20.42 16.32 -21.11
N ASN A 8 -19.41 17.16 -21.23
CA ASN A 8 -18.11 16.90 -20.61
C ASN A 8 -17.88 17.82 -19.42
N ALA A 9 -17.15 17.32 -18.42
CA ALA A 9 -16.86 18.09 -17.23
C ALA A 9 -15.90 19.24 -17.53
N ASN A 10 -16.09 20.35 -16.85
CA ASN A 10 -15.24 21.52 -17.04
C ASN A 10 -13.92 21.36 -16.29
N ASP A 11 -14.02 21.14 -14.98
CA ASP A 11 -12.84 20.96 -14.15
C ASP A 11 -12.38 19.52 -14.15
N ASN A 12 -11.10 19.30 -14.42
CA ASN A 12 -10.53 17.96 -14.46
C ASN A 12 -10.04 17.54 -13.07
N ASN A 13 -10.96 17.07 -12.25
CA ASN A 13 -10.63 16.62 -10.90
C ASN A 13 -10.41 15.12 -10.86
N GLN A 14 -9.14 14.71 -10.87
CA GLN A 14 -8.79 13.30 -10.84
C GLN A 14 -9.09 12.69 -9.48
N PHE A 15 -9.19 13.53 -8.46
CA PHE A 15 -9.48 13.07 -7.10
C PHE A 15 -10.99 12.92 -6.88
N TYR A 16 -11.68 12.34 -7.85
CA TYR A 16 -13.11 12.15 -7.77
C TYR A 16 -13.45 10.91 -6.95
N GLN A 17 -13.08 9.74 -7.48
CA GLN A 17 -13.34 8.47 -6.81
C GLN A 17 -12.28 8.19 -5.73
N GLN A 18 -12.33 8.94 -4.64
CA GLN A 18 -11.38 8.76 -3.55
C GLN A 18 -11.59 7.42 -2.86
N LYS A 19 -12.84 6.96 -2.85
CA LYS A 19 -13.17 5.69 -2.23
C LYS A 19 -12.50 4.53 -2.96
N GLN A 20 -12.24 4.74 -4.24
CA GLN A 20 -11.59 3.72 -5.07
C GLN A 20 -10.08 3.81 -4.91
N ARG A 21 -9.56 5.03 -4.87
CA ARG A 21 -8.13 5.27 -4.72
C ARG A 21 -7.57 4.51 -3.53
N GLN A 22 -8.10 4.77 -2.34
CA GLN A 22 -7.64 4.09 -1.13
C GLN A 22 -8.07 2.63 -1.13
N ALA A 23 -9.07 2.30 -1.95
CA ALA A 23 -9.57 0.94 -2.03
C ALA A 23 -8.48 -0.02 -2.51
N LEU A 24 -8.15 0.06 -3.79
CA LEU A 24 -7.12 -0.79 -4.36
C LEU A 24 -5.77 -0.49 -3.72
N GLY A 25 -5.57 0.75 -3.32
CA GLY A 25 -4.31 1.12 -2.68
C GLY A 25 -4.10 0.34 -1.40
N GLU A 26 -5.18 0.18 -0.63
CA GLU A 26 -5.11 -0.58 0.61
C GLU A 26 -4.69 -2.01 0.31
N GLN A 27 -5.01 -2.49 -0.90
CA GLN A 27 -4.64 -3.84 -1.30
C GLN A 27 -3.12 -3.99 -1.27
N LEU A 28 -2.42 -2.89 -1.55
CA LEU A 28 -0.96 -2.89 -1.53
C LEU A 28 -0.47 -3.26 -0.14
N TYR A 29 -1.09 -2.64 0.87
CA TYR A 29 -0.72 -2.87 2.27
C TYR A 29 -1.10 -4.27 2.75
N LYS A 30 -2.37 -4.65 2.58
CA LYS A 30 -2.85 -5.96 3.04
C LYS A 30 -2.11 -7.10 2.34
N LYS A 31 -1.68 -6.87 1.10
CA LYS A 31 -0.95 -7.89 0.35
C LYS A 31 0.34 -8.24 1.07
N VAL A 32 0.93 -7.25 1.73
CA VAL A 32 2.17 -7.43 2.48
C VAL A 32 1.87 -8.08 3.83
N SER A 33 0.88 -7.54 4.53
CA SER A 33 0.48 -8.06 5.83
C SER A 33 -0.30 -9.36 5.71
N ALA A 34 -0.43 -9.87 4.49
CA ALA A 34 -1.17 -11.10 4.25
C ALA A 34 -0.61 -12.26 5.08
N LYS A 35 0.61 -12.10 5.60
CA LYS A 35 1.23 -13.14 6.41
C LYS A 35 1.21 -12.76 7.90
N THR A 36 0.80 -11.53 8.20
CA THR A 36 0.73 -11.07 9.59
C THR A 36 0.20 -9.65 9.66
N SER A 37 -0.38 -9.28 10.79
CA SER A 37 -0.93 -7.94 10.98
C SER A 37 0.10 -6.99 11.57
N ASN A 38 1.34 -7.11 11.12
CA ASN A 38 2.42 -6.24 11.59
C ASN A 38 2.35 -4.88 10.91
N GLU A 39 1.78 -3.91 11.60
CA GLU A 39 1.64 -2.56 11.05
C GLU A 39 3.01 -1.97 10.71
N GLU A 40 4.04 -2.41 11.43
CA GLU A 40 5.39 -1.93 11.21
C GLU A 40 6.04 -2.68 10.05
N ALA A 41 5.58 -3.90 9.82
CA ALA A 41 6.11 -4.74 8.77
C ALA A 41 5.63 -4.29 7.40
N ALA A 42 4.34 -4.50 7.15
CA ALA A 42 3.75 -4.13 5.87
C ALA A 42 3.89 -2.63 5.63
N GLY A 43 3.92 -1.87 6.73
CA GLY A 43 4.08 -0.44 6.60
C GLY A 43 5.44 -0.09 6.04
N LYS A 44 6.41 -0.97 6.25
CA LYS A 44 7.76 -0.77 5.75
C LYS A 44 7.80 -0.97 4.24
N ILE A 45 7.35 -2.14 3.80
CA ILE A 45 7.32 -2.48 2.39
C ILE A 45 6.35 -1.58 1.62
N THR A 46 5.21 -1.28 2.25
CA THR A 46 4.22 -0.43 1.62
C THR A 46 4.85 0.88 1.17
N GLY A 47 5.73 1.42 2.01
CA GLY A 47 6.40 2.66 1.68
C GLY A 47 7.26 2.52 0.44
N MET A 48 7.83 1.33 0.25
CA MET A 48 8.66 1.07 -0.91
C MET A 48 7.81 0.98 -2.17
N ILE A 49 6.76 0.17 -2.10
CA ILE A 49 5.85 0.01 -3.22
C ILE A 49 4.95 1.23 -3.36
N LEU A 50 5.14 2.20 -2.46
CA LEU A 50 4.36 3.43 -2.49
C LEU A 50 4.85 4.36 -3.61
N ASP A 51 5.77 3.86 -4.42
CA ASP A 51 6.31 4.65 -5.53
C ASP A 51 5.28 4.74 -6.65
N LEU A 52 4.35 3.80 -6.70
CA LEU A 52 3.32 3.80 -7.73
C LEU A 52 2.12 4.64 -7.29
N PRO A 53 1.69 5.61 -8.11
CA PRO A 53 0.56 6.48 -7.77
C PRO A 53 -0.64 5.69 -7.26
N PRO A 54 -1.64 6.38 -6.70
CA PRO A 54 -2.85 5.74 -6.17
C PRO A 54 -3.47 4.75 -7.15
N GLN A 55 -3.87 5.23 -8.32
CA GLN A 55 -4.46 4.36 -9.33
C GLN A 55 -3.41 3.51 -10.03
N GLU A 56 -2.25 4.10 -10.30
CA GLU A 56 -1.17 3.38 -10.98
C GLU A 56 -0.68 2.19 -10.16
N VAL A 57 -1.00 2.17 -8.87
CA VAL A 57 -0.58 1.08 -8.02
C VAL A 57 -1.58 -0.07 -8.09
N PHE A 58 -2.84 0.25 -8.41
CA PHE A 58 -3.91 -0.74 -8.49
C PHE A 58 -3.48 -1.98 -9.31
N PRO A 59 -3.03 -1.79 -10.57
CA PRO A 59 -2.62 -2.89 -11.45
C PRO A 59 -1.48 -3.73 -10.87
N LEU A 60 -0.70 -3.13 -10.01
CA LEU A 60 0.42 -3.82 -9.39
C LEU A 60 -0.04 -4.60 -8.17
N LEU A 61 -0.77 -3.92 -7.30
CA LEU A 61 -1.26 -4.55 -6.07
C LEU A 61 -2.24 -5.69 -6.34
N GLU A 62 -2.64 -5.86 -7.60
CA GLU A 62 -3.58 -6.93 -7.94
C GLU A 62 -2.89 -8.10 -8.64
N SER A 63 -1.64 -7.90 -9.05
CA SER A 63 -0.91 -8.95 -9.74
C SER A 63 0.19 -9.52 -8.84
N ASP A 64 0.14 -10.84 -8.66
CA ASP A 64 1.12 -11.54 -7.82
C ASP A 64 2.53 -11.33 -8.33
N GLU A 65 2.73 -11.54 -9.63
CA GLU A 65 4.05 -11.37 -10.23
C GLU A 65 4.55 -9.93 -10.09
N LEU A 66 3.66 -8.98 -10.37
CA LEU A 66 3.99 -7.57 -10.27
C LEU A 66 4.39 -7.20 -8.85
N PHE A 67 3.81 -7.90 -7.88
CA PHE A 67 4.10 -7.65 -6.47
C PHE A 67 5.45 -8.23 -6.07
N GLU A 68 5.64 -9.52 -6.38
CA GLU A 68 6.88 -10.21 -6.04
C GLU A 68 8.11 -9.37 -6.36
N GLN A 69 8.16 -8.82 -7.57
CA GLN A 69 9.30 -8.00 -8.00
C GLN A 69 9.47 -6.77 -7.10
N HIS A 70 8.44 -5.93 -7.05
CA HIS A 70 8.49 -4.72 -6.24
C HIS A 70 8.63 -5.09 -4.77
N TYR A 71 7.74 -5.95 -4.28
CA TYR A 71 7.78 -6.39 -2.90
C TYR A 71 9.05 -7.19 -2.63
N LYS A 72 9.77 -7.59 -3.68
CA LYS A 72 11.00 -8.35 -3.52
C LYS A 72 12.02 -7.55 -2.72
N GLU A 73 12.50 -6.45 -3.31
CA GLU A 73 13.48 -5.59 -2.67
C GLU A 73 13.01 -5.19 -1.27
N ALA A 74 11.72 -4.90 -1.15
CA ALA A 74 11.15 -4.51 0.12
C ALA A 74 11.08 -5.70 1.07
N SER A 75 10.92 -6.89 0.52
CA SER A 75 10.85 -8.10 1.35
C SER A 75 12.14 -8.25 2.16
N ALA A 76 13.28 -8.23 1.47
CA ALA A 76 14.58 -8.36 2.15
C ALA A 76 14.63 -7.43 3.36
N ALA A 77 14.06 -6.24 3.21
CA ALA A 77 14.01 -5.26 4.29
C ALA A 77 13.01 -5.70 5.35
N TYR A 78 11.99 -6.42 4.91
CA TYR A 78 10.95 -6.93 5.80
C TYR A 78 11.58 -7.60 7.01
N GLU A 79 12.39 -8.61 6.77
CA GLU A 79 13.05 -9.36 7.83
C GLU A 79 13.97 -8.47 8.66
N SER A 80 14.83 -7.71 8.01
CA SER A 80 15.77 -6.85 8.69
C SER A 80 15.05 -5.84 9.60
N PHE A 81 14.03 -5.19 9.06
CA PHE A 81 13.27 -4.20 9.82
C PHE A 81 12.43 -4.85 10.90
N LYS A 82 11.81 -5.98 10.58
CA LYS A 82 10.97 -6.69 11.54
C LYS A 82 11.82 -7.42 12.59
N LYS A 83 13.05 -7.76 12.23
CA LYS A 83 13.95 -8.45 13.15
C LYS A 83 14.73 -7.45 13.99
N GLU A 84 15.43 -6.54 13.30
CA GLU A 84 16.23 -5.53 13.98
C GLU A 84 15.40 -4.29 14.29
N GLN A 85 14.19 -4.51 14.81
CA GLN A 85 13.30 -3.41 15.16
C GLN A 85 13.61 -2.90 16.56
N GLU A 86 14.87 -2.57 16.80
CA GLU A 86 15.29 -2.06 18.09
C GLU A 86 14.89 -0.60 18.27
N GLN A 87 14.25 -0.03 17.24
CA GLN A 87 13.80 1.35 17.28
C GLN A 87 12.39 1.43 17.82
N GLN A 88 11.60 0.38 17.60
CA GLN A 88 10.23 0.33 18.06
C GLN A 88 10.15 -0.04 19.54
N THR A 89 11.29 -0.36 20.14
CA THR A 89 11.34 -0.73 21.55
C THR A 89 11.51 0.51 22.42
N GLU A 90 10.39 1.10 22.83
CA GLU A 90 10.41 2.29 23.67
C GLU A 90 11.01 1.99 25.04
N GLN A 91 12.01 2.78 25.43
CA GLN A 91 12.67 2.60 26.71
C GLN A 91 11.95 3.38 27.81
N ALA A 92 12.23 3.03 29.06
CA ALA A 92 11.62 3.69 30.20
C ALA A 92 12.57 4.70 30.82
N GLY A 1 2.37 40.54 -17.21
CA GLY A 1 2.07 39.92 -15.90
C GLY A 1 1.46 38.54 -16.04
N PRO A 2 1.74 37.62 -15.10
CA PRO A 2 1.19 36.25 -15.15
C PRO A 2 -0.32 36.23 -15.01
N LEU A 3 -0.97 35.52 -15.93
CA LEU A 3 -2.43 35.42 -15.91
C LEU A 3 -2.90 34.53 -14.78
N GLY A 4 -3.88 35.00 -14.03
CA GLY A 4 -4.42 34.23 -12.92
C GLY A 4 -5.44 33.21 -13.36
N SER A 5 -5.59 32.13 -12.58
CA SER A 5 -6.55 31.09 -12.90
C SER A 5 -7.80 31.19 -12.03
N PRO A 6 -8.87 31.83 -12.53
CA PRO A 6 -10.12 31.97 -11.79
C PRO A 6 -10.61 30.65 -11.19
N ARG A 7 -10.81 30.64 -9.87
CA ARG A 7 -11.27 29.43 -9.19
C ARG A 7 -12.74 29.16 -9.51
N ASN A 8 -13.18 27.94 -9.22
CA ASN A 8 -14.57 27.56 -9.47
C ASN A 8 -15.43 27.81 -8.24
N ALA A 9 -16.68 28.21 -8.48
CA ALA A 9 -17.62 28.47 -7.40
C ALA A 9 -18.26 27.20 -6.89
N ASN A 10 -18.40 26.22 -7.76
CA ASN A 10 -19.01 24.94 -7.40
C ASN A 10 -17.94 23.86 -7.20
N ASP A 11 -17.85 23.36 -5.98
CA ASP A 11 -16.87 22.32 -5.65
C ASP A 11 -17.46 20.93 -5.85
N ASN A 12 -16.91 20.20 -6.81
CA ASN A 12 -17.38 18.85 -7.11
C ASN A 12 -16.67 17.82 -6.24
N ASN A 13 -17.45 16.91 -5.65
CA ASN A 13 -16.90 15.87 -4.80
C ASN A 13 -17.02 14.50 -5.46
N GLN A 14 -15.99 14.09 -6.16
CA GLN A 14 -15.99 12.80 -6.84
C GLN A 14 -15.52 11.70 -5.90
N PHE A 15 -16.36 11.34 -4.95
CA PHE A 15 -16.04 10.31 -3.97
C PHE A 15 -15.94 8.93 -4.64
N TYR A 16 -16.44 8.82 -5.87
CA TYR A 16 -16.38 7.56 -6.60
C TYR A 16 -14.95 7.17 -6.92
N GLN A 17 -14.24 8.06 -7.62
CA GLN A 17 -12.85 7.80 -7.98
C GLN A 17 -11.93 7.94 -6.77
N GLN A 18 -12.37 8.72 -5.79
CA GLN A 18 -11.57 8.94 -4.58
C GLN A 18 -11.54 7.70 -3.71
N LYS A 19 -12.71 7.21 -3.33
CA LYS A 19 -12.80 6.02 -2.49
C LYS A 19 -12.20 4.81 -3.19
N GLN A 20 -12.20 4.85 -4.51
CA GLN A 20 -11.63 3.75 -5.30
C GLN A 20 -10.12 3.72 -5.17
N ARG A 21 -9.53 4.91 -5.06
CA ARG A 21 -8.08 5.03 -4.92
C ARG A 21 -7.56 4.24 -3.73
N GLN A 22 -8.04 4.58 -2.53
CA GLN A 22 -7.64 3.87 -1.32
C GLN A 22 -8.09 2.42 -1.35
N ALA A 23 -9.06 2.13 -2.21
CA ALA A 23 -9.59 0.77 -2.34
C ALA A 23 -8.49 -0.21 -2.77
N LEU A 24 -8.09 -0.11 -4.04
CA LEU A 24 -7.06 -0.98 -4.57
C LEU A 24 -5.72 -0.74 -3.88
N GLY A 25 -5.44 0.53 -3.56
CA GLY A 25 -4.20 0.85 -2.89
C GLY A 25 -4.08 0.13 -1.57
N GLU A 26 -5.20 0.04 -0.86
CA GLU A 26 -5.23 -0.67 0.42
C GLU A 26 -4.73 -2.10 0.21
N GLN A 27 -4.98 -2.64 -0.99
CA GLN A 27 -4.55 -3.99 -1.31
C GLN A 27 -3.03 -4.10 -1.16
N LEU A 28 -2.34 -3.02 -1.49
CA LEU A 28 -0.88 -2.97 -1.39
C LEU A 28 -0.43 -3.31 0.03
N TYR A 29 -1.10 -2.71 1.01
CA TYR A 29 -0.75 -2.94 2.42
C TYR A 29 -1.14 -4.36 2.88
N LYS A 30 -2.37 -4.78 2.60
CA LYS A 30 -2.83 -6.09 3.01
C LYS A 30 -2.05 -7.21 2.32
N LYS A 31 -1.67 -6.98 1.07
CA LYS A 31 -0.92 -7.96 0.31
C LYS A 31 0.42 -8.25 0.97
N VAL A 32 1.04 -7.22 1.53
CA VAL A 32 2.32 -7.36 2.20
C VAL A 32 2.13 -7.87 3.62
N SER A 33 1.13 -7.32 4.32
CA SER A 33 0.83 -7.73 5.68
C SER A 33 0.10 -9.08 5.69
N ALA A 34 0.06 -9.76 4.55
CA ALA A 34 -0.60 -11.05 4.45
C ALA A 34 0.09 -12.11 5.30
N LYS A 35 1.26 -11.76 5.88
CA LYS A 35 1.99 -12.71 6.71
C LYS A 35 1.84 -12.37 8.20
N THR A 36 1.23 -11.23 8.51
CA THR A 36 1.01 -10.83 9.89
C THR A 36 0.39 -9.43 9.96
N SER A 37 -0.08 -9.07 11.16
CA SER A 37 -0.71 -7.76 11.36
C SER A 37 0.28 -6.77 11.97
N ASN A 38 1.54 -6.87 11.56
CA ASN A 38 2.58 -5.97 12.03
C ASN A 38 2.50 -4.63 11.31
N GLU A 39 1.94 -3.63 11.98
CA GLU A 39 1.80 -2.30 11.39
C GLU A 39 3.15 -1.72 10.99
N GLU A 40 4.20 -2.14 11.69
CA GLU A 40 5.54 -1.66 11.40
C GLU A 40 6.17 -2.45 10.26
N ALA A 41 5.66 -3.65 10.04
CA ALA A 41 6.18 -4.52 8.98
C ALA A 41 5.63 -4.13 7.62
N ALA A 42 4.34 -4.36 7.42
CA ALA A 42 3.68 -4.06 6.17
C ALA A 42 3.75 -2.58 5.84
N GLY A 43 3.66 -1.75 6.87
CA GLY A 43 3.72 -0.32 6.65
C GLY A 43 5.10 0.12 6.19
N LYS A 44 6.12 -0.63 6.59
CA LYS A 44 7.50 -0.32 6.21
C LYS A 44 7.74 -0.66 4.76
N ILE A 45 7.53 -1.92 4.40
CA ILE A 45 7.75 -2.36 3.03
C ILE A 45 6.74 -1.73 2.08
N THR A 46 5.52 -1.53 2.55
CA THR A 46 4.48 -0.91 1.74
C THR A 46 4.92 0.49 1.32
N GLY A 47 5.65 1.15 2.23
CA GLY A 47 6.13 2.49 1.94
C GLY A 47 7.06 2.52 0.76
N MET A 48 7.82 1.44 0.58
CA MET A 48 8.75 1.33 -0.54
C MET A 48 7.96 1.16 -1.83
N ILE A 49 6.99 0.25 -1.80
CA ILE A 49 6.13 0.01 -2.95
C ILE A 49 5.13 1.15 -3.11
N LEU A 50 5.14 2.08 -2.16
CA LEU A 50 4.26 3.24 -2.18
C LEU A 50 4.72 4.27 -3.21
N ASP A 51 5.63 3.86 -4.09
CA ASP A 51 6.15 4.75 -5.12
C ASP A 51 5.19 4.80 -6.31
N LEU A 52 4.32 3.80 -6.42
CA LEU A 52 3.35 3.76 -7.52
C LEU A 52 2.13 4.61 -7.18
N PRO A 53 1.74 5.53 -8.08
CA PRO A 53 0.59 6.40 -7.84
C PRO A 53 -0.64 5.64 -7.36
N PRO A 54 -1.72 6.35 -6.96
CA PRO A 54 -2.94 5.72 -6.46
C PRO A 54 -3.51 4.69 -7.44
N GLN A 55 -3.92 5.14 -8.62
CA GLN A 55 -4.49 4.24 -9.63
C GLN A 55 -3.41 3.40 -10.32
N GLU A 56 -2.25 4.01 -10.57
CA GLU A 56 -1.15 3.32 -11.24
C GLU A 56 -0.64 2.15 -10.41
N VAL A 57 -0.95 2.14 -9.12
CA VAL A 57 -0.52 1.07 -8.23
C VAL A 57 -1.48 -0.12 -8.27
N PHE A 58 -2.74 0.15 -8.61
CA PHE A 58 -3.77 -0.89 -8.68
C PHE A 58 -3.27 -2.13 -9.44
N PRO A 59 -2.75 -1.95 -10.67
CA PRO A 59 -2.25 -3.08 -11.48
C PRO A 59 -1.22 -3.93 -10.75
N LEU A 60 -0.42 -3.27 -9.90
CA LEU A 60 0.62 -3.97 -9.16
C LEU A 60 0.05 -4.68 -7.93
N LEU A 61 -0.73 -3.95 -7.14
CA LEU A 61 -1.32 -4.49 -5.92
C LEU A 61 -2.29 -5.63 -6.22
N GLU A 62 -2.74 -5.74 -7.46
CA GLU A 62 -3.67 -6.79 -7.85
C GLU A 62 -2.97 -7.90 -8.64
N SER A 63 -1.80 -7.59 -9.18
CA SER A 63 -1.03 -8.55 -9.95
C SER A 63 -0.03 -9.27 -9.05
N ASP A 64 -0.24 -10.56 -8.84
CA ASP A 64 0.63 -11.37 -8.00
C ASP A 64 2.09 -11.28 -8.46
N GLU A 65 2.33 -11.63 -9.71
CA GLU A 65 3.68 -11.59 -10.28
C GLU A 65 4.27 -10.18 -10.22
N LEU A 66 3.48 -9.20 -10.64
CA LEU A 66 3.91 -7.81 -10.63
C LEU A 66 4.23 -7.36 -9.20
N PHE A 67 3.50 -7.90 -8.23
CA PHE A 67 3.70 -7.56 -6.82
C PHE A 67 5.03 -8.12 -6.31
N GLU A 68 5.22 -9.43 -6.46
CA GLU A 68 6.44 -10.09 -5.99
C GLU A 68 7.70 -9.29 -6.33
N GLN A 69 7.80 -8.80 -7.55
CA GLN A 69 8.96 -8.03 -7.99
C GLN A 69 9.14 -6.80 -7.12
N HIS A 70 8.14 -5.91 -7.12
CA HIS A 70 8.20 -4.69 -6.34
C HIS A 70 8.30 -5.04 -4.85
N TYR A 71 7.37 -5.86 -4.38
CA TYR A 71 7.33 -6.29 -2.99
C TYR A 71 8.61 -7.06 -2.62
N LYS A 72 9.38 -7.48 -3.63
CA LYS A 72 10.62 -8.22 -3.40
C LYS A 72 11.64 -7.32 -2.72
N GLU A 73 11.99 -6.23 -3.39
CA GLU A 73 12.97 -5.29 -2.85
C GLU A 73 12.57 -4.89 -1.43
N ALA A 74 11.26 -4.79 -1.21
CA ALA A 74 10.74 -4.42 0.10
C ALA A 74 10.81 -5.62 1.05
N SER A 75 10.67 -6.82 0.50
CA SER A 75 10.74 -8.03 1.30
C SER A 75 12.09 -8.14 1.98
N ALA A 76 13.16 -8.05 1.20
CA ALA A 76 14.51 -8.11 1.75
C ALA A 76 14.65 -7.15 2.93
N ALA A 77 14.03 -5.98 2.79
CA ALA A 77 14.04 -4.96 3.83
C ALA A 77 13.07 -5.34 4.95
N TYR A 78 12.11 -6.17 4.59
CA TYR A 78 11.10 -6.65 5.53
C TYR A 78 11.80 -7.34 6.71
N GLU A 79 12.62 -8.32 6.38
CA GLU A 79 13.36 -9.08 7.38
C GLU A 79 14.24 -8.16 8.24
N SER A 80 14.85 -7.19 7.59
CA SER A 80 15.73 -6.25 8.27
C SER A 80 14.98 -5.51 9.38
N PHE A 81 13.75 -5.10 9.07
CA PHE A 81 12.93 -4.39 10.04
C PHE A 81 12.44 -5.30 11.16
N LYS A 82 11.75 -6.38 10.78
CA LYS A 82 11.21 -7.33 11.77
C LYS A 82 12.33 -7.90 12.64
N LYS A 83 13.44 -8.28 12.01
CA LYS A 83 14.57 -8.84 12.75
C LYS A 83 15.37 -7.76 13.47
N GLU A 84 15.04 -6.49 13.21
CA GLU A 84 15.73 -5.37 13.85
C GLU A 84 15.34 -5.25 15.31
N GLN A 85 14.04 -5.23 15.58
CA GLN A 85 13.54 -5.10 16.95
C GLN A 85 13.48 -6.46 17.65
N GLU A 86 14.64 -7.07 17.84
CA GLU A 86 14.72 -8.37 18.50
C GLU A 86 14.77 -8.19 20.02
N GLN A 87 15.12 -6.99 20.46
CA GLN A 87 15.21 -6.67 21.88
C GLN A 87 14.00 -5.88 22.34
N GLN A 88 13.32 -5.22 21.40
CA GLN A 88 12.14 -4.41 21.71
C GLN A 88 10.89 -5.28 21.70
N THR A 89 10.52 -5.78 22.88
CA THR A 89 9.33 -6.62 22.99
C THR A 89 8.17 -5.82 23.59
N GLU A 90 8.16 -4.53 23.31
CA GLU A 90 7.10 -3.66 23.82
C GLU A 90 5.82 -3.84 23.01
N GLN A 91 5.97 -4.16 21.73
CA GLN A 91 4.83 -4.36 20.84
C GLN A 91 4.28 -5.78 20.97
N ALA A 92 3.19 -6.04 20.27
CA ALA A 92 2.56 -7.37 20.30
C ALA A 92 3.16 -8.29 19.24
N GLY A 1 9.81 27.43 -9.77
CA GLY A 1 8.42 27.84 -10.09
C GLY A 1 7.66 26.77 -10.87
N PRO A 2 6.49 27.12 -11.44
CA PRO A 2 5.67 26.17 -12.21
C PRO A 2 6.27 25.85 -13.57
N LEU A 3 5.86 24.72 -14.14
CA LEU A 3 6.35 24.31 -15.45
C LEU A 3 5.44 24.82 -16.56
N GLY A 4 4.24 24.27 -16.63
CA GLY A 4 3.29 24.68 -17.65
C GLY A 4 2.63 26.01 -17.34
N SER A 5 1.30 25.99 -17.23
CA SER A 5 0.55 27.20 -16.93
C SER A 5 0.25 27.30 -15.44
N PRO A 6 0.27 28.52 -14.87
CA PRO A 6 -0.01 28.74 -13.45
C PRO A 6 -1.38 28.21 -13.05
N ARG A 7 -2.26 28.02 -14.03
CA ARG A 7 -3.60 27.51 -13.76
C ARG A 7 -3.64 25.99 -13.87
N ASN A 8 -4.03 25.34 -12.77
CA ASN A 8 -4.13 23.89 -12.74
C ASN A 8 -5.49 23.43 -13.25
N ALA A 9 -5.50 22.84 -14.44
CA ALA A 9 -6.74 22.36 -15.04
C ALA A 9 -7.37 21.26 -14.18
N ASN A 10 -8.10 21.68 -13.15
CA ASN A 10 -8.75 20.73 -12.25
C ASN A 10 -10.26 20.73 -12.48
N ASP A 11 -10.70 19.92 -13.45
CA ASP A 11 -12.12 19.82 -13.77
C ASP A 11 -12.76 18.64 -13.04
N ASN A 12 -11.92 17.74 -12.53
CA ASN A 12 -12.42 16.56 -11.82
C ASN A 12 -12.36 16.78 -10.31
N ASN A 13 -12.76 15.76 -9.55
CA ASN A 13 -12.75 15.83 -8.10
C ASN A 13 -12.14 14.58 -7.49
N GLN A 14 -11.11 14.76 -6.68
CA GLN A 14 -10.43 13.65 -6.03
C GLN A 14 -11.20 13.17 -4.80
N PHE A 15 -12.04 14.05 -4.26
CA PHE A 15 -12.83 13.72 -3.08
C PHE A 15 -13.95 12.74 -3.42
N TYR A 16 -14.22 12.56 -4.70
CA TYR A 16 -15.28 11.65 -5.14
C TYR A 16 -14.80 10.21 -5.18
N GLN A 17 -13.78 9.95 -5.98
CA GLN A 17 -13.22 8.60 -6.10
C GLN A 17 -12.13 8.36 -5.06
N GLN A 18 -12.34 8.88 -3.85
CA GLN A 18 -11.37 8.72 -2.78
C GLN A 18 -11.33 7.27 -2.32
N LYS A 19 -12.50 6.66 -2.20
CA LYS A 19 -12.60 5.28 -1.76
C LYS A 19 -11.97 4.34 -2.80
N GLN A 20 -11.94 4.78 -4.04
CA GLN A 20 -11.36 3.99 -5.13
C GLN A 20 -9.83 3.94 -5.00
N ARG A 21 -9.23 5.11 -4.87
CA ARG A 21 -7.78 5.21 -4.74
C ARG A 21 -7.31 4.38 -3.55
N GLN A 22 -7.89 4.64 -2.39
CA GLN A 22 -7.54 3.91 -1.18
C GLN A 22 -8.06 2.48 -1.24
N ALA A 23 -8.94 2.21 -2.19
CA ALA A 23 -9.50 0.86 -2.34
C ALA A 23 -8.42 -0.12 -2.77
N LEU A 24 -8.01 -0.01 -4.02
CA LEU A 24 -6.98 -0.88 -4.57
C LEU A 24 -5.65 -0.63 -3.87
N GLY A 25 -5.39 0.62 -3.52
CA GLY A 25 -4.14 0.93 -2.84
C GLY A 25 -4.02 0.18 -1.53
N GLU A 26 -5.14 0.08 -0.80
CA GLU A 26 -5.15 -0.64 0.45
C GLU A 26 -4.67 -2.07 0.23
N GLN A 27 -4.93 -2.59 -0.97
CA GLN A 27 -4.50 -3.93 -1.32
C GLN A 27 -2.99 -4.05 -1.20
N LEU A 28 -2.29 -2.97 -1.54
CA LEU A 28 -0.83 -2.93 -1.46
C LEU A 28 -0.37 -3.27 -0.04
N TYR A 29 -1.12 -2.79 0.94
CA TYR A 29 -0.80 -3.04 2.36
C TYR A 29 -1.21 -4.45 2.80
N LYS A 30 -2.45 -4.84 2.55
CA LYS A 30 -2.91 -6.17 2.96
C LYS A 30 -2.09 -7.27 2.30
N LYS A 31 -1.69 -7.04 1.04
CA LYS A 31 -0.90 -8.01 0.30
C LYS A 31 0.44 -8.26 0.98
N VAL A 32 1.02 -7.22 1.56
CA VAL A 32 2.29 -7.35 2.25
C VAL A 32 2.09 -7.91 3.66
N SER A 33 1.07 -7.40 4.35
CA SER A 33 0.76 -7.87 5.71
C SER A 33 0.05 -9.23 5.66
N ALA A 34 -0.07 -9.80 4.45
CA ALA A 34 -0.74 -11.09 4.29
C ALA A 34 -0.07 -12.19 5.10
N LYS A 35 1.11 -11.89 5.65
CA LYS A 35 1.84 -12.87 6.45
C LYS A 35 1.72 -12.55 7.95
N THR A 36 1.38 -11.30 8.26
CA THR A 36 1.21 -10.88 9.65
C THR A 36 0.61 -9.48 9.72
N SER A 37 -0.08 -9.19 10.82
CA SER A 37 -0.71 -7.88 11.01
C SER A 37 0.28 -6.88 11.61
N ASN A 38 1.53 -6.94 11.17
CA ASN A 38 2.56 -6.04 11.65
C ASN A 38 2.45 -4.68 10.97
N GLU A 39 1.79 -3.75 11.64
CA GLU A 39 1.61 -2.41 11.09
C GLU A 39 2.95 -1.76 10.75
N GLU A 40 3.98 -2.15 11.50
CA GLU A 40 5.32 -1.62 11.26
C GLU A 40 6.01 -2.39 10.15
N ALA A 41 5.61 -3.64 9.96
CA ALA A 41 6.19 -4.50 8.93
C ALA A 41 5.67 -4.12 7.54
N ALA A 42 4.40 -4.38 7.32
CA ALA A 42 3.76 -4.11 6.05
C ALA A 42 3.86 -2.62 5.69
N GLY A 43 3.70 -1.77 6.69
CA GLY A 43 3.80 -0.35 6.45
C GLY A 43 5.19 0.06 6.00
N LYS A 44 6.19 -0.71 6.41
CA LYS A 44 7.57 -0.42 6.03
C LYS A 44 7.81 -0.75 4.57
N ILE A 45 7.57 -2.00 4.20
CA ILE A 45 7.77 -2.43 2.83
C ILE A 45 6.75 -1.79 1.91
N THR A 46 5.50 -1.65 2.37
CA THR A 46 4.47 -1.02 1.57
C THR A 46 4.97 0.35 1.11
N GLY A 47 5.78 0.99 1.96
CA GLY A 47 6.33 2.29 1.63
C GLY A 47 7.21 2.23 0.40
N MET A 48 8.00 1.17 0.30
CA MET A 48 8.88 0.99 -0.86
C MET A 48 8.04 0.84 -2.12
N ILE A 49 7.03 -0.04 -2.05
CA ILE A 49 6.13 -0.27 -3.17
C ILE A 49 5.16 0.91 -3.32
N LEU A 50 5.29 1.90 -2.44
CA LEU A 50 4.44 3.07 -2.46
C LEU A 50 4.88 4.06 -3.55
N ASP A 51 5.81 3.63 -4.39
CA ASP A 51 6.30 4.46 -5.48
C ASP A 51 5.25 4.58 -6.58
N LEU A 52 4.29 3.65 -6.59
CA LEU A 52 3.24 3.66 -7.60
C LEU A 52 2.07 4.51 -7.13
N PRO A 53 1.68 5.54 -7.92
CA PRO A 53 0.57 6.43 -7.58
C PRO A 53 -0.67 5.68 -7.11
N PRO A 54 -1.71 6.42 -6.69
CA PRO A 54 -2.97 5.81 -6.21
C PRO A 54 -3.54 4.79 -7.20
N GLN A 55 -3.96 5.28 -8.36
CA GLN A 55 -4.54 4.42 -9.39
C GLN A 55 -3.46 3.61 -10.11
N GLU A 56 -2.35 4.27 -10.41
CA GLU A 56 -1.24 3.63 -11.11
C GLU A 56 -0.70 2.42 -10.35
N VAL A 57 -1.03 2.31 -9.07
CA VAL A 57 -0.55 1.19 -8.26
C VAL A 57 -1.52 0.00 -8.35
N PHE A 58 -2.79 0.29 -8.61
CA PHE A 58 -3.81 -0.75 -8.71
C PHE A 58 -3.33 -1.96 -9.52
N PRO A 59 -2.74 -1.74 -10.72
CA PRO A 59 -2.24 -2.81 -11.59
C PRO A 59 -1.21 -3.69 -10.92
N LEU A 60 -0.42 -3.10 -10.03
CA LEU A 60 0.62 -3.83 -9.32
C LEU A 60 0.04 -4.63 -8.16
N LEU A 61 -0.69 -3.93 -7.29
CA LEU A 61 -1.28 -4.55 -6.12
C LEU A 61 -2.33 -5.61 -6.47
N GLU A 62 -2.70 -5.73 -7.73
CA GLU A 62 -3.70 -6.72 -8.14
C GLU A 62 -3.05 -7.91 -8.82
N SER A 63 -1.81 -7.75 -9.28
CA SER A 63 -1.09 -8.82 -9.94
C SER A 63 -0.06 -9.45 -9.00
N ASP A 64 -0.18 -10.76 -8.79
CA ASP A 64 0.73 -11.47 -7.91
C ASP A 64 2.17 -11.35 -8.38
N GLU A 65 2.41 -11.64 -9.66
CA GLU A 65 3.74 -11.58 -10.22
C GLU A 65 4.30 -10.16 -10.13
N LEU A 66 3.52 -9.18 -10.59
CA LEU A 66 3.94 -7.78 -10.56
C LEU A 66 4.26 -7.35 -9.13
N PHE A 67 3.54 -7.93 -8.16
CA PHE A 67 3.76 -7.60 -6.76
C PHE A 67 5.08 -8.18 -6.28
N GLU A 68 5.26 -9.48 -6.51
CA GLU A 68 6.47 -10.18 -6.10
C GLU A 68 7.73 -9.35 -6.37
N GLN A 69 7.84 -8.85 -7.61
CA GLN A 69 8.99 -8.03 -8.01
C GLN A 69 9.19 -6.85 -7.07
N HIS A 70 8.21 -5.95 -7.04
CA HIS A 70 8.28 -4.76 -6.20
C HIS A 70 8.36 -5.15 -4.73
N TYR A 71 7.44 -6.02 -4.32
CA TYR A 71 7.40 -6.49 -2.95
C TYR A 71 8.66 -7.30 -2.60
N LYS A 72 9.44 -7.68 -3.62
CA LYS A 72 10.67 -8.44 -3.39
C LYS A 72 11.72 -7.57 -2.72
N GLU A 73 12.11 -6.49 -3.39
CA GLU A 73 13.12 -5.59 -2.87
C GLU A 73 12.75 -5.16 -1.45
N ALA A 74 11.45 -5.03 -1.20
CA ALA A 74 10.95 -4.64 0.11
C ALA A 74 11.08 -5.81 1.09
N SER A 75 10.70 -7.00 0.62
CA SER A 75 10.76 -8.20 1.44
C SER A 75 12.11 -8.29 2.14
N ALA A 76 13.19 -8.22 1.36
CA ALA A 76 14.54 -8.26 1.92
C ALA A 76 14.66 -7.29 3.09
N ALA A 77 14.11 -6.08 2.90
CA ALA A 77 14.13 -5.06 3.94
C ALA A 77 13.09 -5.36 5.01
N TYR A 78 12.11 -6.19 4.66
CA TYR A 78 11.06 -6.60 5.57
C TYR A 78 11.67 -7.24 6.80
N GLU A 79 12.50 -8.24 6.57
CA GLU A 79 13.17 -8.97 7.66
C GLU A 79 14.08 -8.05 8.46
N SER A 80 14.79 -7.17 7.77
CA SER A 80 15.71 -6.25 8.42
C SER A 80 14.97 -5.39 9.45
N PHE A 81 13.80 -4.88 9.06
CA PHE A 81 13.01 -4.04 9.93
C PHE A 81 12.36 -4.84 11.06
N LYS A 82 11.58 -5.85 10.70
CA LYS A 82 10.88 -6.67 11.68
C LYS A 82 11.85 -7.37 12.64
N LYS A 83 13.08 -7.62 12.19
CA LYS A 83 14.07 -8.30 13.03
C LYS A 83 14.76 -7.31 13.96
N GLU A 84 14.98 -6.09 13.48
CA GLU A 84 15.63 -5.06 14.29
C GLU A 84 14.67 -4.42 15.28
N GLN A 85 13.42 -4.87 15.28
CA GLN A 85 12.43 -4.34 16.20
C GLN A 85 12.77 -4.73 17.63
N GLU A 86 13.37 -3.80 18.37
CA GLU A 86 13.75 -4.04 19.75
C GLU A 86 12.59 -3.78 20.71
N GLN A 87 11.37 -3.81 20.18
CA GLN A 87 10.18 -3.59 20.99
C GLN A 87 9.50 -4.91 21.33
N GLN A 88 9.40 -5.79 20.34
CA GLN A 88 8.79 -7.10 20.54
C GLN A 88 9.81 -8.11 21.04
N THR A 89 9.32 -9.25 21.50
CA THR A 89 10.20 -10.30 22.02
C THR A 89 10.40 -11.39 20.98
N GLU A 90 11.28 -11.13 20.02
CA GLU A 90 11.58 -12.09 18.96
C GLU A 90 12.41 -13.25 19.50
N GLN A 91 11.92 -14.47 19.31
CA GLN A 91 12.62 -15.66 19.76
C GLN A 91 13.53 -16.22 18.67
N ALA A 92 13.11 -16.04 17.41
CA ALA A 92 13.87 -16.51 16.27
C ALA A 92 14.93 -15.49 15.86
N GLY A 1 -34.74 4.96 -2.92
CA GLY A 1 -33.51 5.55 -2.32
C GLY A 1 -33.25 5.05 -0.92
N PRO A 2 -32.61 3.87 -0.78
CA PRO A 2 -32.31 3.29 0.54
C PRO A 2 -31.59 4.27 1.45
N LEU A 3 -30.54 4.90 0.92
CA LEU A 3 -29.75 5.87 1.69
C LEU A 3 -30.15 7.29 1.33
N GLY A 4 -30.40 7.54 0.05
CA GLY A 4 -30.79 8.86 -0.41
C GLY A 4 -32.28 9.02 -0.53
N SER A 5 -32.75 10.26 -0.56
CA SER A 5 -34.18 10.55 -0.68
C SER A 5 -34.62 10.63 -2.14
N PRO A 6 -34.00 11.53 -2.94
CA PRO A 6 -34.36 11.68 -4.35
C PRO A 6 -33.88 10.52 -5.20
N ARG A 7 -34.77 10.02 -6.07
CA ARG A 7 -34.43 8.90 -6.93
C ARG A 7 -33.63 9.34 -8.15
N ASN A 8 -33.34 10.63 -8.24
CA ASN A 8 -32.56 11.17 -9.35
C ASN A 8 -31.10 11.34 -8.97
N ALA A 9 -30.24 10.48 -9.49
CA ALA A 9 -28.82 10.55 -9.20
C ALA A 9 -28.17 11.73 -9.91
N ASN A 10 -28.53 12.93 -9.47
CA ASN A 10 -27.99 14.16 -10.06
C ASN A 10 -26.71 14.59 -9.35
N ASP A 11 -26.65 14.37 -8.04
CA ASP A 11 -25.49 14.74 -7.25
C ASP A 11 -24.55 13.55 -7.08
N ASN A 12 -23.25 13.81 -7.19
CA ASN A 12 -22.24 12.76 -7.05
C ASN A 12 -21.78 12.66 -5.60
N ASN A 13 -20.99 11.63 -5.32
CA ASN A 13 -20.48 11.40 -3.96
C ASN A 13 -19.11 12.03 -3.79
N GLN A 14 -18.84 12.54 -2.58
CA GLN A 14 -17.56 13.17 -2.29
C GLN A 14 -16.45 12.13 -2.18
N PHE A 15 -16.56 11.24 -1.19
CA PHE A 15 -15.57 10.19 -1.00
C PHE A 15 -15.80 9.03 -1.97
N TYR A 16 -16.02 9.38 -3.24
CA TYR A 16 -16.27 8.39 -4.27
C TYR A 16 -14.98 8.06 -5.03
N GLN A 17 -14.39 9.09 -5.64
CA GLN A 17 -13.15 8.91 -6.40
C GLN A 17 -11.97 8.75 -5.45
N GLN A 18 -12.08 9.32 -4.25
CA GLN A 18 -11.02 9.24 -3.27
C GLN A 18 -10.96 7.85 -2.65
N LYS A 19 -12.10 7.34 -2.22
CA LYS A 19 -12.17 6.01 -1.62
C LYS A 19 -11.62 4.97 -2.57
N GLN A 20 -11.74 5.24 -3.87
CA GLN A 20 -11.24 4.33 -4.89
C GLN A 20 -9.74 4.13 -4.73
N ARG A 21 -9.01 5.25 -4.77
CA ARG A 21 -7.56 5.23 -4.63
C ARG A 21 -7.14 4.41 -3.41
N GLN A 22 -7.61 4.81 -2.24
CA GLN A 22 -7.28 4.11 -1.00
C GLN A 22 -7.83 2.69 -1.00
N ALA A 23 -8.77 2.40 -1.91
CA ALA A 23 -9.35 1.07 -1.99
C ALA A 23 -8.33 0.05 -2.50
N LEU A 24 -8.05 0.07 -3.79
CA LEU A 24 -7.09 -0.85 -4.38
C LEU A 24 -5.70 -0.62 -3.76
N GLY A 25 -5.40 0.62 -3.42
CA GLY A 25 -4.12 0.93 -2.82
C GLY A 25 -3.96 0.18 -1.51
N GLU A 26 -5.08 0.04 -0.80
CA GLU A 26 -5.08 -0.68 0.46
C GLU A 26 -4.64 -2.12 0.24
N GLN A 27 -4.87 -2.62 -0.98
CA GLN A 27 -4.47 -3.98 -1.32
C GLN A 27 -2.95 -4.10 -1.27
N LEU A 28 -2.27 -3.02 -1.62
CA LEU A 28 -0.81 -3.00 -1.59
C LEU A 28 -0.32 -3.34 -0.18
N TYR A 29 -1.03 -2.83 0.81
CA TYR A 29 -0.71 -3.05 2.21
C TYR A 29 -1.07 -4.48 2.66
N LYS A 30 -2.28 -4.92 2.35
CA LYS A 30 -2.73 -6.24 2.75
C LYS A 30 -1.91 -7.36 2.09
N LYS A 31 -1.54 -7.15 0.83
CA LYS A 31 -0.78 -8.14 0.09
C LYS A 31 0.57 -8.40 0.75
N VAL A 32 1.13 -7.37 1.37
CA VAL A 32 2.39 -7.50 2.07
C VAL A 32 2.17 -8.10 3.47
N SER A 33 1.13 -7.62 4.14
CA SER A 33 0.78 -8.13 5.47
C SER A 33 0.09 -9.49 5.39
N ALA A 34 0.04 -10.08 4.20
CA ALA A 34 -0.60 -11.38 4.00
C ALA A 34 0.06 -12.46 4.84
N LYS A 35 1.22 -12.15 5.41
CA LYS A 35 1.95 -13.12 6.24
C LYS A 35 1.80 -12.82 7.72
N THR A 36 1.22 -11.67 8.05
CA THR A 36 1.03 -11.28 9.45
C THR A 36 0.37 -9.91 9.56
N SER A 37 -0.20 -9.62 10.73
CA SER A 37 -0.87 -8.34 10.96
C SER A 37 0.06 -7.36 11.66
N ASN A 38 1.33 -7.39 11.27
CA ASN A 38 2.33 -6.50 11.84
C ASN A 38 2.23 -5.11 11.21
N GLU A 39 1.61 -4.17 11.91
CA GLU A 39 1.45 -2.81 11.40
C GLU A 39 2.80 -2.20 11.02
N GLU A 40 3.84 -2.63 11.73
CA GLU A 40 5.19 -2.13 11.47
C GLU A 40 5.85 -2.92 10.35
N ALA A 41 5.30 -4.11 10.07
CA ALA A 41 5.82 -4.97 9.03
C ALA A 41 5.36 -4.52 7.64
N ALA A 42 4.07 -4.62 7.40
CA ALA A 42 3.50 -4.25 6.12
C ALA A 42 3.58 -2.75 5.90
N GLY A 43 3.42 -1.96 6.95
CA GLY A 43 3.50 -0.54 6.81
C GLY A 43 4.89 -0.10 6.37
N LYS A 44 5.89 -0.86 6.77
CA LYS A 44 7.28 -0.56 6.42
C LYS A 44 7.55 -0.85 4.95
N ILE A 45 7.57 -2.14 4.61
CA ILE A 45 7.85 -2.56 3.24
C ILE A 45 6.90 -1.90 2.24
N THR A 46 5.65 -1.70 2.65
CA THR A 46 4.68 -1.04 1.78
C THR A 46 5.14 0.37 1.46
N GLY A 47 5.86 0.98 2.40
CA GLY A 47 6.36 2.33 2.20
C GLY A 47 7.32 2.38 1.03
N MET A 48 8.02 1.28 0.79
CA MET A 48 8.94 1.21 -0.33
C MET A 48 8.18 1.08 -1.63
N ILE A 49 7.13 0.26 -1.62
CA ILE A 49 6.28 0.06 -2.78
C ILE A 49 5.30 1.23 -2.94
N LEU A 50 5.45 2.23 -2.06
CA LEU A 50 4.61 3.43 -2.09
C LEU A 50 5.03 4.36 -3.24
N ASP A 51 5.88 3.86 -4.12
CA ASP A 51 6.35 4.65 -5.25
C ASP A 51 5.35 4.59 -6.41
N LEU A 52 4.48 3.58 -6.40
CA LEU A 52 3.48 3.44 -7.46
C LEU A 52 2.34 4.43 -7.23
N PRO A 53 1.91 5.15 -8.28
CA PRO A 53 0.81 6.12 -8.15
C PRO A 53 -0.43 5.46 -7.55
N PRO A 54 -1.47 6.25 -7.23
CA PRO A 54 -2.70 5.71 -6.63
C PRO A 54 -3.41 4.69 -7.52
N GLN A 55 -3.86 5.14 -8.69
CA GLN A 55 -4.54 4.24 -9.62
C GLN A 55 -3.55 3.33 -10.35
N GLU A 56 -2.39 3.89 -10.70
CA GLU A 56 -1.36 3.14 -11.41
C GLU A 56 -0.81 1.99 -10.57
N VAL A 57 -1.05 2.02 -9.26
CA VAL A 57 -0.57 0.95 -8.39
C VAL A 57 -1.58 -0.19 -8.34
N PHE A 58 -2.85 0.15 -8.56
CA PHE A 58 -3.93 -0.84 -8.54
C PHE A 58 -3.54 -2.11 -9.29
N PRO A 59 -3.09 -1.99 -10.56
CA PRO A 59 -2.68 -3.15 -11.36
C PRO A 59 -1.58 -3.97 -10.69
N LEU A 60 -0.66 -3.27 -10.04
CA LEU A 60 0.44 -3.94 -9.35
C LEU A 60 -0.05 -4.67 -8.11
N LEU A 61 -0.77 -3.97 -7.26
CA LEU A 61 -1.29 -4.54 -6.03
C LEU A 61 -2.29 -5.67 -6.28
N GLU A 62 -2.77 -5.80 -7.52
CA GLU A 62 -3.74 -6.84 -7.85
C GLU A 62 -3.09 -7.99 -8.61
N SER A 63 -1.87 -7.77 -9.09
CA SER A 63 -1.17 -8.80 -9.84
C SER A 63 -0.05 -9.41 -8.99
N ASP A 64 -0.17 -10.71 -8.72
CA ASP A 64 0.81 -11.42 -7.92
C ASP A 64 2.23 -11.26 -8.48
N GLU A 65 2.40 -11.62 -9.74
CA GLU A 65 3.70 -11.52 -10.40
C GLU A 65 4.24 -10.09 -10.32
N LEU A 66 3.44 -9.13 -10.75
CA LEU A 66 3.83 -7.72 -10.72
C LEU A 66 4.18 -7.29 -9.30
N PHE A 67 3.51 -7.89 -8.33
CA PHE A 67 3.74 -7.59 -6.92
C PHE A 67 5.05 -8.18 -6.43
N GLU A 68 5.22 -9.48 -6.66
CA GLU A 68 6.43 -10.17 -6.23
C GLU A 68 7.69 -9.35 -6.52
N GLN A 69 7.78 -8.79 -7.72
CA GLN A 69 8.93 -7.98 -8.11
C GLN A 69 9.08 -6.76 -7.23
N HIS A 70 8.07 -5.90 -7.20
CA HIS A 70 8.11 -4.69 -6.40
C HIS A 70 8.22 -5.04 -4.92
N TYR A 71 7.33 -5.92 -4.46
CA TYR A 71 7.33 -6.35 -3.07
C TYR A 71 8.58 -7.17 -2.72
N LYS A 72 9.34 -7.57 -3.74
CA LYS A 72 10.55 -8.35 -3.52
C LYS A 72 11.59 -7.52 -2.77
N GLU A 73 12.00 -6.42 -3.39
CA GLU A 73 12.99 -5.53 -2.79
C GLU A 73 12.57 -5.14 -1.38
N ALA A 74 11.26 -4.95 -1.18
CA ALA A 74 10.74 -4.57 0.11
C ALA A 74 10.79 -5.75 1.09
N SER A 75 10.69 -6.96 0.55
CA SER A 75 10.73 -8.16 1.38
C SER A 75 12.07 -8.24 2.11
N ALA A 76 13.16 -8.14 1.37
CA ALA A 76 14.49 -8.19 1.98
C ALA A 76 14.58 -7.24 3.17
N ALA A 77 13.95 -6.08 3.03
CA ALA A 77 13.95 -5.08 4.10
C ALA A 77 12.92 -5.46 5.17
N TYR A 78 12.00 -6.34 4.79
CA TYR A 78 10.96 -6.83 5.69
C TYR A 78 11.60 -7.44 6.93
N GLU A 79 12.53 -8.36 6.71
CA GLU A 79 13.23 -9.05 7.79
C GLU A 79 14.05 -8.08 8.62
N SER A 80 14.89 -7.30 7.96
CA SER A 80 15.76 -6.34 8.63
C SER A 80 14.93 -5.36 9.45
N PHE A 81 13.86 -4.85 8.87
CA PHE A 81 12.99 -3.90 9.55
C PHE A 81 12.25 -4.56 10.70
N LYS A 82 11.65 -5.71 10.43
CA LYS A 82 10.91 -6.44 11.45
C LYS A 82 11.84 -6.90 12.57
N LYS A 83 13.06 -7.27 12.20
CA LYS A 83 14.04 -7.75 13.17
C LYS A 83 14.69 -6.59 13.93
N GLU A 84 15.23 -5.62 13.19
CA GLU A 84 15.88 -4.47 13.81
C GLU A 84 14.86 -3.40 14.20
N GLN A 85 13.71 -3.84 14.71
CA GLN A 85 12.67 -2.92 15.13
C GLN A 85 13.03 -2.30 16.47
N GLU A 86 13.25 -0.99 16.47
CA GLU A 86 13.60 -0.28 17.70
C GLU A 86 12.41 -0.11 18.63
N GLN A 87 11.28 -0.74 18.29
CA GLN A 87 10.07 -0.65 19.11
C GLN A 87 9.94 -1.86 20.02
N GLN A 88 9.84 -3.04 19.42
CA GLN A 88 9.71 -4.29 20.16
C GLN A 88 11.04 -4.72 20.75
N THR A 89 10.98 -5.59 21.76
CA THR A 89 12.19 -6.08 22.42
C THR A 89 12.41 -7.56 22.10
N GLU A 90 12.82 -7.85 20.88
CA GLU A 90 13.07 -9.23 20.46
C GLU A 90 14.40 -9.73 21.00
N GLN A 91 14.55 -11.05 21.06
CA GLN A 91 15.77 -11.66 21.56
C GLN A 91 16.75 -11.94 20.43
N ALA A 92 18.05 -11.94 20.76
CA ALA A 92 19.08 -12.21 19.76
C ALA A 92 19.40 -13.70 19.70
N GLY A 1 -37.94 29.39 0.42
CA GLY A 1 -39.38 29.58 0.75
C GLY A 1 -40.25 28.48 0.18
N PRO A 2 -40.35 28.39 -1.16
CA PRO A 2 -41.17 27.37 -1.82
C PRO A 2 -40.77 25.95 -1.44
N LEU A 3 -41.76 25.14 -1.08
CA LEU A 3 -41.52 23.75 -0.70
C LEU A 3 -41.41 22.87 -1.95
N GLY A 4 -40.19 22.63 -2.39
CA GLY A 4 -39.96 21.80 -3.55
C GLY A 4 -39.84 20.32 -3.22
N SER A 5 -40.41 19.47 -4.07
CA SER A 5 -40.37 18.03 -3.86
C SER A 5 -39.08 17.42 -4.41
N PRO A 6 -38.85 17.52 -5.74
CA PRO A 6 -37.64 16.97 -6.36
C PRO A 6 -36.37 17.61 -5.83
N ARG A 7 -35.42 16.78 -5.40
CA ARG A 7 -34.16 17.27 -4.86
C ARG A 7 -33.15 17.50 -5.97
N ASN A 8 -32.90 18.77 -6.27
CA ASN A 8 -31.95 19.13 -7.31
C ASN A 8 -30.52 19.06 -6.78
N ALA A 9 -30.03 17.84 -6.58
CA ALA A 9 -28.68 17.62 -6.08
C ALA A 9 -27.64 18.07 -7.09
N ASN A 10 -26.93 19.14 -6.77
CA ASN A 10 -25.90 19.67 -7.65
C ASN A 10 -24.52 19.19 -7.23
N ASP A 11 -24.21 19.35 -5.96
CA ASP A 11 -22.92 18.92 -5.43
C ASP A 11 -22.88 17.41 -5.22
N ASN A 12 -22.33 16.70 -6.21
CA ASN A 12 -22.25 15.24 -6.13
C ASN A 12 -21.07 14.81 -5.25
N ASN A 13 -21.38 14.46 -4.00
CA ASN A 13 -20.35 14.03 -3.07
C ASN A 13 -19.58 12.83 -3.62
N GLN A 14 -18.45 13.11 -4.27
CA GLN A 14 -17.63 12.05 -4.84
C GLN A 14 -16.78 11.38 -3.77
N PHE A 15 -17.45 10.79 -2.78
CA PHE A 15 -16.76 10.11 -1.69
C PHE A 15 -16.37 8.68 -2.07
N TYR A 16 -16.82 8.24 -3.25
CA TYR A 16 -16.50 6.89 -3.71
C TYR A 16 -15.23 6.89 -4.54
N GLN A 17 -15.01 7.95 -5.30
CA GLN A 17 -13.82 8.06 -6.14
C GLN A 17 -12.57 8.13 -5.29
N GLN A 18 -12.59 8.98 -4.25
CA GLN A 18 -11.45 9.12 -3.36
C GLN A 18 -11.22 7.83 -2.59
N LYS A 19 -12.31 7.15 -2.25
CA LYS A 19 -12.22 5.90 -1.52
C LYS A 19 -11.56 4.82 -2.37
N GLN A 20 -11.69 4.95 -3.68
CA GLN A 20 -11.10 3.99 -4.61
C GLN A 20 -9.58 4.04 -4.53
N ARG A 21 -9.03 5.26 -4.47
CA ARG A 21 -7.58 5.46 -4.39
C ARG A 21 -6.97 4.60 -3.28
N GLN A 22 -7.41 4.85 -2.05
CA GLN A 22 -6.90 4.12 -0.91
C GLN A 22 -7.48 2.70 -0.83
N ALA A 23 -8.52 2.44 -1.63
CA ALA A 23 -9.13 1.11 -1.62
C ALA A 23 -8.17 0.08 -2.18
N LEU A 24 -7.93 0.14 -3.49
CA LEU A 24 -7.02 -0.80 -4.14
C LEU A 24 -5.62 -0.69 -3.54
N GLY A 25 -5.21 0.55 -3.23
CA GLY A 25 -3.89 0.74 -2.64
C GLY A 25 -3.75 -0.01 -1.35
N GLU A 26 -4.86 -0.15 -0.64
CA GLU A 26 -4.87 -0.88 0.62
C GLU A 26 -4.40 -2.31 0.37
N GLN A 27 -4.79 -2.86 -0.78
CA GLN A 27 -4.41 -4.21 -1.15
C GLN A 27 -2.88 -4.33 -1.12
N LEU A 28 -2.21 -3.22 -1.46
CA LEU A 28 -0.75 -3.19 -1.45
C LEU A 28 -0.22 -3.59 -0.08
N TYR A 29 -0.81 -2.99 0.95
CA TYR A 29 -0.43 -3.26 2.33
C TYR A 29 -0.91 -4.66 2.74
N LYS A 30 -2.15 -4.98 2.40
CA LYS A 30 -2.74 -6.28 2.74
C LYS A 30 -1.88 -7.42 2.20
N LYS A 31 -1.45 -7.30 0.95
CA LYS A 31 -0.64 -8.33 0.32
C LYS A 31 0.67 -8.52 1.06
N VAL A 32 1.14 -7.46 1.72
CA VAL A 32 2.39 -7.52 2.48
C VAL A 32 2.16 -8.15 3.84
N SER A 33 1.18 -7.64 4.57
CA SER A 33 0.86 -8.15 5.90
C SER A 33 0.12 -9.48 5.81
N ALA A 34 0.07 -10.06 4.61
CA ALA A 34 -0.60 -11.34 4.41
C ALA A 34 0.06 -12.45 5.22
N LYS A 35 1.27 -12.18 5.72
CA LYS A 35 2.01 -13.16 6.50
C LYS A 35 1.98 -12.81 7.99
N THR A 36 1.53 -11.60 8.31
CA THR A 36 1.45 -11.15 9.70
C THR A 36 0.79 -9.78 9.79
N SER A 37 0.13 -9.52 10.91
CA SER A 37 -0.54 -8.23 11.12
C SER A 37 0.43 -7.20 11.70
N ASN A 38 1.67 -7.26 11.23
CA ASN A 38 2.71 -6.35 11.68
C ASN A 38 2.57 -5.00 10.97
N GLU A 39 1.98 -4.01 11.66
CA GLU A 39 1.77 -2.69 11.09
C GLU A 39 3.08 -1.98 10.73
N GLU A 40 4.14 -2.30 11.46
CA GLU A 40 5.44 -1.68 11.22
C GLU A 40 6.20 -2.38 10.11
N ALA A 41 5.85 -3.63 9.85
CA ALA A 41 6.49 -4.42 8.81
C ALA A 41 5.94 -4.07 7.44
N ALA A 42 4.69 -4.43 7.20
CA ALA A 42 4.05 -4.16 5.93
C ALA A 42 4.07 -2.67 5.63
N GLY A 43 3.97 -1.87 6.69
CA GLY A 43 4.01 -0.44 6.53
C GLY A 43 5.34 0.01 5.96
N LYS A 44 6.39 -0.76 6.25
CA LYS A 44 7.72 -0.45 5.75
C LYS A 44 7.80 -0.74 4.26
N ILE A 45 7.47 -1.97 3.89
CA ILE A 45 7.48 -2.36 2.49
C ILE A 45 6.54 -1.47 1.69
N THR A 46 5.40 -1.16 2.30
CA THR A 46 4.40 -0.31 1.67
C THR A 46 5.02 1.01 1.22
N GLY A 47 5.92 1.55 2.06
CA GLY A 47 6.57 2.80 1.73
C GLY A 47 7.40 2.70 0.46
N MET A 48 7.97 1.52 0.22
CA MET A 48 8.77 1.30 -0.98
C MET A 48 7.86 1.19 -2.19
N ILE A 49 6.87 0.30 -2.12
CA ILE A 49 5.93 0.13 -3.22
C ILE A 49 4.98 1.32 -3.31
N LEU A 50 5.16 2.30 -2.42
CA LEU A 50 4.33 3.50 -2.42
C LEU A 50 4.73 4.42 -3.58
N ASP A 51 5.59 3.91 -4.47
CA ASP A 51 6.04 4.67 -5.62
C ASP A 51 5.02 4.61 -6.75
N LEU A 52 4.18 3.58 -6.76
CA LEU A 52 3.17 3.44 -7.79
C LEU A 52 2.08 4.49 -7.57
N PRO A 53 1.71 5.24 -8.62
CA PRO A 53 0.68 6.28 -8.51
C PRO A 53 -0.58 5.79 -7.80
N PRO A 54 -1.54 6.69 -7.58
CA PRO A 54 -2.80 6.33 -6.90
C PRO A 54 -3.56 5.21 -7.62
N GLN A 55 -4.11 5.54 -8.77
CA GLN A 55 -4.85 4.57 -9.57
C GLN A 55 -3.92 3.60 -10.29
N GLU A 56 -2.74 4.08 -10.66
CA GLU A 56 -1.76 3.27 -11.38
C GLU A 56 -1.17 2.15 -10.51
N VAL A 57 -1.39 2.21 -9.21
CA VAL A 57 -0.87 1.18 -8.31
C VAL A 57 -1.81 -0.01 -8.26
N PHE A 58 -3.10 0.26 -8.45
CA PHE A 58 -4.13 -0.79 -8.41
C PHE A 58 -3.74 -2.01 -9.24
N PRO A 59 -3.40 -1.82 -10.54
CA PRO A 59 -3.02 -2.94 -11.41
C PRO A 59 -1.86 -3.75 -10.84
N LEU A 60 -0.93 -3.05 -10.19
CA LEU A 60 0.23 -3.71 -9.60
C LEU A 60 -0.17 -4.53 -8.39
N LEU A 61 -0.86 -3.89 -7.46
CA LEU A 61 -1.29 -4.55 -6.23
C LEU A 61 -2.30 -5.68 -6.48
N GLU A 62 -2.70 -5.87 -7.74
CA GLU A 62 -3.66 -6.92 -8.07
C GLU A 62 -2.97 -8.11 -8.74
N SER A 63 -1.71 -7.91 -9.13
CA SER A 63 -0.95 -8.97 -9.78
C SER A 63 0.13 -9.51 -8.83
N ASP A 64 0.07 -10.81 -8.58
CA ASP A 64 1.04 -11.44 -7.68
C ASP A 64 2.46 -11.30 -8.20
N GLU A 65 2.66 -11.66 -9.46
CA GLU A 65 3.99 -11.56 -10.07
C GLU A 65 4.51 -10.14 -10.02
N LEU A 66 3.67 -9.20 -10.42
CA LEU A 66 4.03 -7.78 -10.41
C LEU A 66 4.36 -7.33 -8.99
N PHE A 67 3.75 -7.98 -8.01
CA PHE A 67 3.97 -7.65 -6.61
C PHE A 67 5.28 -8.24 -6.12
N GLU A 68 5.46 -9.55 -6.31
CA GLU A 68 6.67 -10.24 -5.87
C GLU A 68 7.91 -9.43 -6.21
N GLN A 69 8.00 -8.96 -7.45
CA GLN A 69 9.13 -8.18 -7.91
C GLN A 69 9.33 -6.93 -7.06
N HIS A 70 8.32 -6.06 -7.06
CA HIS A 70 8.38 -4.82 -6.30
C HIS A 70 8.52 -5.11 -4.81
N TYR A 71 7.65 -5.97 -4.30
CA TYR A 71 7.68 -6.37 -2.90
C TYR A 71 8.95 -7.17 -2.57
N LYS A 72 9.68 -7.59 -3.61
CA LYS A 72 10.92 -8.36 -3.43
C LYS A 72 11.97 -7.54 -2.71
N GLU A 73 12.43 -6.48 -3.36
CA GLU A 73 13.44 -5.61 -2.78
C GLU A 73 13.03 -5.16 -1.39
N ALA A 74 11.76 -4.85 -1.24
CA ALA A 74 11.22 -4.43 0.05
C ALA A 74 11.16 -5.59 1.02
N SER A 75 11.00 -6.80 0.48
CA SER A 75 10.94 -7.99 1.31
C SER A 75 12.23 -8.14 2.12
N ALA A 76 13.36 -8.14 1.41
CA ALA A 76 14.66 -8.27 2.07
C ALA A 76 14.73 -7.30 3.26
N ALA A 77 14.13 -6.13 3.08
CA ALA A 77 14.08 -5.12 4.13
C ALA A 77 12.99 -5.49 5.13
N TYR A 78 11.92 -6.08 4.60
CA TYR A 78 10.78 -6.53 5.41
C TYR A 78 11.27 -7.26 6.64
N GLU A 79 12.03 -8.33 6.41
CA GLU A 79 12.57 -9.13 7.51
C GLU A 79 13.42 -8.27 8.44
N SER A 80 14.31 -7.49 7.85
CA SER A 80 15.18 -6.62 8.61
C SER A 80 14.37 -5.65 9.47
N PHE A 81 13.29 -5.15 8.90
CA PHE A 81 12.42 -4.20 9.60
C PHE A 81 11.65 -4.88 10.72
N LYS A 82 10.93 -5.95 10.40
CA LYS A 82 10.14 -6.66 11.41
C LYS A 82 11.06 -7.35 12.42
N LYS A 83 12.29 -7.65 12.01
CA LYS A 83 13.25 -8.30 12.89
C LYS A 83 13.90 -7.29 13.84
N GLU A 84 14.26 -6.13 13.31
CA GLU A 84 14.88 -5.07 14.12
C GLU A 84 13.81 -4.23 14.79
N GLN A 85 12.73 -4.87 15.24
CA GLN A 85 11.64 -4.17 15.89
C GLN A 85 11.99 -3.82 17.33
N GLU A 86 12.24 -2.54 17.59
CA GLU A 86 12.59 -2.09 18.92
C GLU A 86 11.35 -2.02 19.82
N GLN A 87 10.18 -2.28 19.23
CA GLN A 87 8.93 -2.26 19.97
C GLN A 87 8.50 -3.68 20.35
N GLN A 88 8.30 -4.52 19.34
CA GLN A 88 7.90 -5.90 19.57
C GLN A 88 9.12 -6.81 19.64
N THR A 89 9.26 -7.53 20.75
CA THR A 89 10.40 -8.43 20.95
C THR A 89 10.01 -9.87 20.64
N GLU A 90 10.21 -10.28 19.39
CA GLU A 90 9.89 -11.64 18.98
C GLU A 90 10.82 -12.63 19.66
N GLN A 91 10.24 -13.72 20.17
CA GLN A 91 11.02 -14.74 20.86
C GLN A 91 11.91 -15.51 19.88
N ALA A 92 11.49 -15.57 18.63
CA ALA A 92 12.27 -16.27 17.60
C ALA A 92 13.31 -15.35 16.98
N GLY A 1 -10.41 46.61 -16.89
CA GLY A 1 -10.54 45.34 -17.66
C GLY A 1 -10.56 44.11 -16.78
N PRO A 2 -11.58 43.97 -15.91
CA PRO A 2 -11.70 42.82 -15.00
C PRO A 2 -11.67 41.50 -15.75
N LEU A 3 -10.49 40.90 -15.87
CA LEU A 3 -10.33 39.64 -16.58
C LEU A 3 -10.85 38.47 -15.74
N GLY A 4 -12.14 38.20 -15.85
CA GLY A 4 -12.74 37.10 -15.10
C GLY A 4 -12.89 35.85 -15.95
N SER A 5 -11.77 35.38 -16.51
CA SER A 5 -11.78 34.19 -17.35
C SER A 5 -11.60 32.93 -16.51
N PRO A 6 -12.63 32.06 -16.45
CA PRO A 6 -12.57 30.82 -15.67
C PRO A 6 -11.38 29.94 -16.08
N ARG A 7 -10.78 29.29 -15.09
CA ARG A 7 -9.64 28.41 -15.33
C ARG A 7 -10.10 26.97 -15.48
N ASN A 8 -9.52 26.25 -16.43
CA ASN A 8 -9.87 24.85 -16.67
C ASN A 8 -8.78 23.93 -16.15
N ALA A 9 -8.99 23.37 -14.96
CA ALA A 9 -8.02 22.47 -14.37
C ALA A 9 -7.90 21.19 -15.18
N ASN A 10 -6.80 21.08 -15.94
CA ASN A 10 -6.56 19.90 -16.77
C ASN A 10 -5.72 18.86 -16.03
N ASP A 11 -5.62 19.00 -14.72
CA ASP A 11 -4.85 18.06 -13.91
C ASP A 11 -5.70 16.86 -13.49
N ASN A 12 -5.04 15.80 -13.04
CA ASN A 12 -5.74 14.60 -12.61
C ASN A 12 -5.86 14.57 -11.09
N ASN A 13 -6.84 15.28 -10.55
CA ASN A 13 -7.06 15.33 -9.12
C ASN A 13 -8.52 15.06 -8.78
N GLN A 14 -8.90 13.79 -8.78
CA GLN A 14 -10.27 13.40 -8.48
C GLN A 14 -10.43 13.13 -6.98
N PHE A 15 -10.57 14.20 -6.21
CA PHE A 15 -10.74 14.08 -4.77
C PHE A 15 -12.16 13.65 -4.41
N TYR A 16 -13.02 13.54 -5.42
CA TYR A 16 -14.40 13.13 -5.20
C TYR A 16 -14.49 11.64 -4.92
N GLN A 17 -14.17 10.83 -5.93
CA GLN A 17 -14.22 9.38 -5.79
C GLN A 17 -12.87 8.84 -5.31
N GLN A 18 -12.37 9.41 -4.21
CA GLN A 18 -11.10 8.98 -3.65
C GLN A 18 -11.21 7.58 -3.03
N LYS A 19 -12.44 7.15 -2.75
CA LYS A 19 -12.67 5.84 -2.16
C LYS A 19 -12.06 4.73 -3.00
N GLN A 20 -11.85 5.00 -4.29
CA GLN A 20 -11.27 4.04 -5.19
C GLN A 20 -9.75 3.98 -5.02
N ARG A 21 -9.12 5.14 -5.01
CA ARG A 21 -7.67 5.24 -4.85
C ARG A 21 -7.21 4.51 -3.59
N GLN A 22 -7.73 4.94 -2.44
CA GLN A 22 -7.37 4.32 -1.17
C GLN A 22 -7.88 2.89 -1.11
N ALA A 23 -8.82 2.54 -1.99
CA ALA A 23 -9.38 1.20 -2.03
C ALA A 23 -8.35 0.19 -2.51
N LEU A 24 -8.03 0.23 -3.80
CA LEU A 24 -7.05 -0.68 -4.37
C LEU A 24 -5.67 -0.48 -3.73
N GLY A 25 -5.38 0.77 -3.35
CA GLY A 25 -4.11 1.04 -2.71
C GLY A 25 -3.97 0.27 -1.42
N GLU A 26 -5.08 0.16 -0.69
CA GLU A 26 -5.11 -0.59 0.56
C GLU A 26 -4.67 -2.02 0.30
N GLN A 27 -4.95 -2.52 -0.92
CA GLN A 27 -4.56 -3.87 -1.29
C GLN A 27 -3.05 -3.99 -1.28
N LEU A 28 -2.36 -2.88 -1.55
CA LEU A 28 -0.91 -2.88 -1.55
C LEU A 28 -0.40 -3.30 -0.17
N TYR A 29 -1.11 -2.86 0.87
CA TYR A 29 -0.76 -3.19 2.24
C TYR A 29 -1.20 -4.60 2.60
N LYS A 30 -2.42 -4.97 2.20
CA LYS A 30 -2.94 -6.31 2.50
C LYS A 30 -2.02 -7.38 1.94
N LYS A 31 -1.53 -7.15 0.71
CA LYS A 31 -0.64 -8.10 0.03
C LYS A 31 0.64 -8.31 0.82
N VAL A 32 1.15 -7.25 1.44
CA VAL A 32 2.37 -7.35 2.22
C VAL A 32 2.07 -7.93 3.60
N SER A 33 0.98 -7.48 4.21
CA SER A 33 0.58 -7.96 5.52
C SER A 33 -0.05 -9.35 5.43
N ALA A 34 -0.07 -9.92 4.22
CA ALA A 34 -0.64 -11.25 4.01
C ALA A 34 0.06 -12.31 4.85
N LYS A 35 1.16 -11.94 5.51
CA LYS A 35 1.91 -12.86 6.34
C LYS A 35 1.63 -12.61 7.82
N THR A 36 1.13 -11.42 8.13
CA THR A 36 0.82 -11.05 9.50
C THR A 36 0.25 -9.64 9.57
N SER A 37 -0.40 -9.32 10.69
CA SER A 37 -0.98 -7.99 10.88
C SER A 37 0.02 -7.03 11.50
N ASN A 38 1.28 -7.14 11.08
CA ASN A 38 2.33 -6.26 11.58
C ASN A 38 2.26 -4.90 10.87
N GLU A 39 1.68 -3.92 11.54
CA GLU A 39 1.54 -2.58 10.97
C GLU A 39 2.90 -1.95 10.67
N GLU A 40 3.90 -2.32 11.46
CA GLU A 40 5.24 -1.79 11.27
C GLU A 40 5.99 -2.57 10.19
N ALA A 41 5.62 -3.84 10.01
CA ALA A 41 6.25 -4.69 9.02
C ALA A 41 5.70 -4.43 7.62
N ALA A 42 4.46 -4.81 7.42
CA ALA A 42 3.80 -4.64 6.12
C ALA A 42 3.72 -3.17 5.74
N GLY A 43 3.46 -2.32 6.72
CA GLY A 43 3.38 -0.89 6.46
C GLY A 43 4.71 -0.33 6.01
N LYS A 44 5.79 -0.96 6.45
CA LYS A 44 7.13 -0.52 6.10
C LYS A 44 7.40 -0.79 4.62
N ILE A 45 7.37 -2.06 4.25
CA ILE A 45 7.61 -2.46 2.87
C ILE A 45 6.59 -1.83 1.93
N THR A 46 5.37 -1.62 2.43
CA THR A 46 4.33 -0.99 1.62
C THR A 46 4.79 0.39 1.19
N GLY A 47 5.55 1.04 2.06
CA GLY A 47 6.06 2.37 1.75
C GLY A 47 6.96 2.36 0.54
N MET A 48 7.74 1.28 0.39
CA MET A 48 8.63 1.15 -0.75
C MET A 48 7.82 1.02 -2.03
N ILE A 49 6.86 0.08 -2.02
CA ILE A 49 5.98 -0.11 -3.16
C ILE A 49 4.99 1.05 -3.29
N LEU A 50 5.05 1.98 -2.33
CA LEU A 50 4.19 3.15 -2.31
C LEU A 50 4.66 4.21 -3.31
N ASP A 51 5.60 3.83 -4.18
CA ASP A 51 6.13 4.74 -5.18
C ASP A 51 5.21 4.83 -6.39
N LEU A 52 4.29 3.87 -6.51
CA LEU A 52 3.35 3.84 -7.62
C LEU A 52 2.14 4.74 -7.36
N PRO A 53 1.69 5.49 -8.37
CA PRO A 53 0.53 6.37 -8.24
C PRO A 53 -0.68 5.65 -7.64
N PRO A 54 -1.75 6.39 -7.29
CA PRO A 54 -2.96 5.81 -6.70
C PRO A 54 -3.61 4.76 -7.61
N GLN A 55 -4.05 5.19 -8.79
CA GLN A 55 -4.68 4.26 -9.73
C GLN A 55 -3.63 3.39 -10.42
N GLU A 56 -2.48 3.97 -10.70
CA GLU A 56 -1.39 3.25 -11.36
C GLU A 56 -0.88 2.10 -10.49
N VAL A 57 -1.16 2.14 -9.20
CA VAL A 57 -0.72 1.10 -8.29
C VAL A 57 -1.71 -0.06 -8.27
N PHE A 58 -2.98 0.27 -8.50
CA PHE A 58 -4.07 -0.74 -8.51
C PHE A 58 -3.63 -2.04 -9.21
N PRO A 59 -3.11 -1.94 -10.45
CA PRO A 59 -2.69 -3.13 -11.22
C PRO A 59 -1.63 -3.94 -10.51
N LEU A 60 -0.61 -3.26 -9.98
CA LEU A 60 0.47 -3.93 -9.28
C LEU A 60 -0.04 -4.60 -8.00
N LEU A 61 -0.79 -3.83 -7.21
CA LEU A 61 -1.32 -4.35 -5.95
C LEU A 61 -2.32 -5.49 -6.17
N GLU A 62 -2.77 -5.68 -7.41
CA GLU A 62 -3.73 -6.73 -7.72
C GLU A 62 -3.05 -7.90 -8.44
N SER A 63 -1.85 -7.66 -8.96
CA SER A 63 -1.12 -8.69 -9.68
C SER A 63 -0.05 -9.32 -8.79
N ASP A 64 -0.20 -10.61 -8.54
CA ASP A 64 0.76 -11.34 -7.69
C ASP A 64 2.18 -11.24 -8.24
N GLU A 65 2.34 -11.60 -9.51
CA GLU A 65 3.66 -11.55 -10.14
C GLU A 65 4.23 -10.14 -10.12
N LEU A 66 3.42 -9.16 -10.52
CA LEU A 66 3.85 -7.77 -10.53
C LEU A 66 4.22 -7.31 -9.12
N PHE A 67 3.63 -7.97 -8.12
CA PHE A 67 3.89 -7.63 -6.73
C PHE A 67 5.21 -8.22 -6.24
N GLU A 68 5.37 -9.52 -6.42
CA GLU A 68 6.58 -10.22 -5.99
C GLU A 68 7.84 -9.41 -6.31
N GLN A 69 7.92 -8.92 -7.55
CA GLN A 69 9.07 -8.13 -7.99
C GLN A 69 9.27 -6.90 -7.09
N HIS A 70 8.27 -6.02 -7.06
CA HIS A 70 8.36 -4.82 -6.25
C HIS A 70 8.45 -5.17 -4.77
N TYR A 71 7.50 -5.98 -4.32
CA TYR A 71 7.46 -6.41 -2.92
C TYR A 71 8.71 -7.21 -2.54
N LYS A 72 9.50 -7.63 -3.53
CA LYS A 72 10.72 -8.39 -3.27
C LYS A 72 11.76 -7.51 -2.58
N GLU A 73 12.10 -6.40 -3.23
CA GLU A 73 13.08 -5.47 -2.68
C GLU A 73 12.71 -5.09 -1.25
N ALA A 74 11.41 -4.95 -1.02
CA ALA A 74 10.91 -4.60 0.30
C ALA A 74 11.01 -5.77 1.26
N SER A 75 10.85 -6.99 0.73
CA SER A 75 10.94 -8.18 1.55
C SER A 75 12.31 -8.25 2.21
N ALA A 76 13.37 -8.10 1.42
CA ALA A 76 14.72 -8.12 1.96
C ALA A 76 14.85 -7.14 3.12
N ALA A 77 14.19 -5.99 2.98
CA ALA A 77 14.19 -4.96 4.03
C ALA A 77 13.18 -5.32 5.11
N TYR A 78 12.28 -6.24 4.77
CA TYR A 78 11.25 -6.72 5.70
C TYR A 78 11.91 -7.38 6.92
N GLU A 79 12.84 -8.28 6.63
CA GLU A 79 13.55 -9.00 7.68
C GLU A 79 14.42 -8.07 8.50
N SER A 80 15.18 -7.22 7.82
CA SER A 80 16.07 -6.29 8.50
C SER A 80 15.29 -5.40 9.47
N PHE A 81 14.20 -4.81 8.99
CA PHE A 81 13.37 -3.95 9.82
C PHE A 81 12.71 -4.73 10.95
N LYS A 82 12.08 -5.85 10.60
CA LYS A 82 11.41 -6.69 11.58
C LYS A 82 12.37 -7.11 12.70
N LYS A 83 13.46 -7.76 12.31
CA LYS A 83 14.46 -8.22 13.26
C LYS A 83 15.18 -7.04 13.93
N GLU A 84 14.95 -5.83 13.41
CA GLU A 84 15.57 -4.64 13.98
C GLU A 84 14.93 -4.25 15.31
N GLN A 85 13.88 -4.97 15.70
CA GLN A 85 13.18 -4.68 16.94
C GLN A 85 13.85 -5.36 18.13
N GLU A 86 14.66 -4.59 18.87
CA GLU A 86 15.34 -5.11 20.03
C GLU A 86 14.46 -4.99 21.27
N GLN A 87 13.45 -4.13 21.19
CA GLN A 87 12.52 -3.92 22.30
C GLN A 87 11.32 -4.84 22.17
N GLN A 88 10.79 -4.95 20.95
CA GLN A 88 9.64 -5.81 20.69
C GLN A 88 10.08 -7.23 20.37
N THR A 89 10.16 -8.06 21.40
CA THR A 89 10.57 -9.45 21.23
C THR A 89 9.36 -10.38 21.19
N GLU A 90 8.81 -10.57 20.00
CA GLU A 90 7.65 -11.43 19.81
C GLU A 90 8.01 -12.88 20.11
N GLN A 91 7.07 -13.79 19.83
CA GLN A 91 7.30 -15.21 20.07
C GLN A 91 8.26 -15.79 19.04
N ALA A 92 8.13 -15.34 17.80
CA ALA A 92 9.00 -15.81 16.72
C ALA A 92 10.25 -14.94 16.59
N GLY A 1 -15.62 44.11 4.91
CA GLY A 1 -14.21 43.90 4.49
C GLY A 1 -13.90 44.52 3.15
N PRO A 2 -14.06 45.85 3.01
CA PRO A 2 -13.79 46.56 1.76
C PRO A 2 -12.38 46.28 1.22
N LEU A 3 -11.40 46.26 2.12
CA LEU A 3 -10.02 46.01 1.74
C LEU A 3 -9.81 44.54 1.36
N GLY A 4 -10.45 43.66 2.11
CA GLY A 4 -10.34 42.24 1.85
C GLY A 4 -11.59 41.67 1.24
N SER A 5 -11.49 41.25 -0.02
CA SER A 5 -12.64 40.68 -0.73
C SER A 5 -12.66 39.16 -0.59
N PRO A 6 -13.56 38.62 0.26
CA PRO A 6 -13.67 37.18 0.48
C PRO A 6 -14.03 36.42 -0.79
N ARG A 7 -13.29 35.35 -1.06
CA ARG A 7 -13.54 34.54 -2.25
C ARG A 7 -14.44 33.35 -1.89
N ASN A 8 -15.28 32.96 -2.83
CA ASN A 8 -16.19 31.84 -2.61
C ASN A 8 -15.49 30.50 -2.84
N ALA A 9 -16.09 29.43 -2.33
CA ALA A 9 -15.53 28.10 -2.47
C ALA A 9 -15.83 27.53 -3.85
N ASN A 10 -14.79 27.34 -4.65
CA ASN A 10 -14.94 26.80 -6.00
C ASN A 10 -14.42 25.38 -6.09
N ASP A 11 -13.40 25.07 -5.28
CA ASP A 11 -12.81 23.74 -5.28
C ASP A 11 -13.68 22.76 -4.50
N ASN A 12 -14.22 21.77 -5.21
CA ASN A 12 -15.06 20.77 -4.57
C ASN A 12 -14.22 19.61 -4.04
N ASN A 13 -14.84 18.74 -3.25
CA ASN A 13 -14.15 17.60 -2.67
C ASN A 13 -14.68 16.29 -3.24
N GLN A 14 -13.80 15.52 -3.87
CA GLN A 14 -14.19 14.24 -4.47
C GLN A 14 -14.08 13.12 -3.44
N PHE A 15 -15.12 12.98 -2.62
CA PHE A 15 -15.13 11.94 -1.59
C PHE A 15 -15.58 10.60 -2.16
N TYR A 16 -16.23 10.63 -3.33
CA TYR A 16 -16.72 9.41 -3.96
C TYR A 16 -15.62 8.73 -4.77
N GLN A 17 -14.92 9.50 -5.59
CA GLN A 17 -13.83 8.97 -6.41
C GLN A 17 -12.59 8.68 -5.58
N GLN A 18 -12.49 9.33 -4.42
CA GLN A 18 -11.34 9.15 -3.54
C GLN A 18 -11.35 7.76 -2.91
N LYS A 19 -12.55 7.18 -2.77
CA LYS A 19 -12.69 5.86 -2.17
C LYS A 19 -12.06 4.79 -3.06
N GLN A 20 -11.85 5.12 -4.33
CA GLN A 20 -11.25 4.18 -5.28
C GLN A 20 -9.74 4.10 -5.07
N ARG A 21 -9.14 5.21 -4.71
CA ARG A 21 -7.69 5.27 -4.48
C ARG A 21 -7.31 4.45 -3.26
N GLN A 22 -7.77 4.87 -2.09
CA GLN A 22 -7.48 4.17 -0.85
C GLN A 22 -7.98 2.73 -0.90
N ALA A 23 -8.93 2.46 -1.79
CA ALA A 23 -9.50 1.13 -1.93
C ALA A 23 -8.46 0.14 -2.43
N LEU A 24 -8.12 0.23 -3.71
CA LEU A 24 -7.13 -0.67 -4.31
C LEU A 24 -5.75 -0.46 -3.67
N GLY A 25 -5.44 0.78 -3.32
CA GLY A 25 -4.16 1.06 -2.70
C GLY A 25 -4.00 0.31 -1.40
N GLU A 26 -5.10 0.20 -0.65
CA GLU A 26 -5.09 -0.51 0.62
C GLU A 26 -4.63 -1.95 0.39
N GLN A 27 -4.95 -2.48 -0.80
CA GLN A 27 -4.56 -3.83 -1.14
C GLN A 27 -3.04 -3.95 -1.17
N LEU A 28 -2.37 -2.85 -1.53
CA LEU A 28 -0.92 -2.82 -1.56
C LEU A 28 -0.38 -3.17 -0.18
N TYR A 29 -1.14 -2.78 0.85
CA TYR A 29 -0.77 -3.05 2.24
C TYR A 29 -1.14 -4.48 2.62
N LYS A 30 -2.34 -4.91 2.24
CA LYS A 30 -2.81 -6.26 2.55
C LYS A 30 -1.91 -7.32 1.92
N LYS A 31 -1.47 -7.03 0.70
CA LYS A 31 -0.61 -7.96 -0.05
C LYS A 31 0.69 -8.19 0.70
N VAL A 32 1.22 -7.12 1.33
CA VAL A 32 2.45 -7.23 2.09
C VAL A 32 2.19 -7.82 3.46
N SER A 33 1.10 -7.40 4.08
CA SER A 33 0.72 -7.91 5.40
C SER A 33 0.14 -9.32 5.30
N ALA A 34 0.17 -9.91 4.11
CA ALA A 34 -0.34 -11.25 3.90
C ALA A 34 0.37 -12.28 4.77
N LYS A 35 1.46 -11.86 5.42
CA LYS A 35 2.22 -12.74 6.28
C LYS A 35 1.94 -12.46 7.76
N THR A 36 1.38 -11.28 8.05
CA THR A 36 1.07 -10.91 9.42
C THR A 36 0.44 -9.53 9.49
N SER A 37 -0.08 -9.19 10.67
CA SER A 37 -0.72 -7.89 10.87
C SER A 37 0.26 -6.91 11.52
N ASN A 38 1.51 -6.98 11.11
CA ASN A 38 2.55 -6.10 11.65
C ASN A 38 2.47 -4.72 11.00
N GLU A 39 1.95 -3.75 11.74
CA GLU A 39 1.80 -2.38 11.23
C GLU A 39 3.15 -1.79 10.82
N GLU A 40 4.20 -2.19 11.51
CA GLU A 40 5.54 -1.69 11.20
C GLU A 40 6.17 -2.48 10.05
N ALA A 41 5.69 -3.69 9.86
CA ALA A 41 6.20 -4.56 8.81
C ALA A 41 5.65 -4.20 7.44
N ALA A 42 4.36 -4.46 7.25
CA ALA A 42 3.70 -4.19 5.99
C ALA A 42 3.73 -2.72 5.64
N GLY A 43 3.57 -1.86 6.65
CA GLY A 43 3.60 -0.43 6.40
C GLY A 43 4.96 0.03 5.95
N LYS A 44 6.00 -0.72 6.36
CA LYS A 44 7.37 -0.38 5.99
C LYS A 44 7.61 -0.64 4.52
N ILE A 45 7.45 -1.88 4.11
CA ILE A 45 7.67 -2.25 2.72
C ILE A 45 6.63 -1.62 1.81
N THR A 46 5.41 -1.45 2.31
CA THR A 46 4.36 -0.81 1.52
C THR A 46 4.81 0.59 1.12
N GLY A 47 5.56 1.24 2.01
CA GLY A 47 6.06 2.57 1.72
C GLY A 47 6.99 2.57 0.52
N MET A 48 7.76 1.49 0.37
CA MET A 48 8.69 1.37 -0.75
C MET A 48 7.90 1.25 -2.06
N ILE A 49 6.97 0.31 -2.08
CA ILE A 49 6.11 0.10 -3.25
C ILE A 49 5.11 1.25 -3.39
N LEU A 50 5.15 2.17 -2.41
CA LEU A 50 4.27 3.33 -2.40
C LEU A 50 4.67 4.35 -3.46
N ASP A 51 5.55 3.94 -4.39
CA ASP A 51 6.00 4.83 -5.45
C ASP A 51 5.02 4.80 -6.63
N LEU A 52 4.21 3.74 -6.70
CA LEU A 52 3.23 3.64 -7.77
C LEU A 52 2.10 4.63 -7.54
N PRO A 53 1.65 5.34 -8.58
CA PRO A 53 0.57 6.32 -8.43
C PRO A 53 -0.65 5.68 -7.80
N PRO A 54 -1.54 6.51 -7.20
CA PRO A 54 -2.74 6.02 -6.54
C PRO A 54 -3.50 4.96 -7.35
N GLN A 55 -3.99 5.36 -8.52
CA GLN A 55 -4.74 4.44 -9.38
C GLN A 55 -3.82 3.46 -10.12
N GLU A 56 -2.66 3.95 -10.56
CA GLU A 56 -1.71 3.11 -11.30
C GLU A 56 -1.11 2.01 -10.44
N VAL A 57 -1.34 2.06 -9.13
CA VAL A 57 -0.81 1.04 -8.24
C VAL A 57 -1.76 -0.15 -8.14
N PHE A 58 -3.04 0.08 -8.43
CA PHE A 58 -4.05 -0.97 -8.38
C PHE A 58 -3.57 -2.24 -9.11
N PRO A 59 -3.11 -2.11 -10.38
CA PRO A 59 -2.64 -3.25 -11.16
C PRO A 59 -1.57 -4.07 -10.45
N LEU A 60 -0.63 -3.39 -9.81
CA LEU A 60 0.46 -4.07 -9.11
C LEU A 60 -0.08 -4.82 -7.89
N LEU A 61 -0.83 -4.12 -7.05
CA LEU A 61 -1.38 -4.74 -5.84
C LEU A 61 -2.37 -5.86 -6.16
N GLU A 62 -2.73 -6.01 -7.44
CA GLU A 62 -3.68 -7.04 -7.85
C GLU A 62 -2.96 -8.19 -8.54
N SER A 63 -1.73 -7.95 -8.99
CA SER A 63 -0.96 -8.98 -9.68
C SER A 63 0.09 -9.59 -8.76
N ASP A 64 -0.01 -10.90 -8.55
CA ASP A 64 0.92 -11.62 -7.68
C ASP A 64 2.36 -11.49 -8.21
N GLU A 65 2.55 -11.87 -9.48
CA GLU A 65 3.87 -11.80 -10.09
C GLU A 65 4.41 -10.37 -10.07
N LEU A 66 3.60 -9.44 -10.56
CA LEU A 66 3.98 -8.04 -10.60
C LEU A 66 4.34 -7.54 -9.20
N PHE A 67 3.68 -8.12 -8.20
CA PHE A 67 3.92 -7.74 -6.82
C PHE A 67 5.23 -8.33 -6.33
N GLU A 68 5.41 -9.63 -6.51
CA GLU A 68 6.63 -10.31 -6.08
C GLU A 68 7.88 -9.50 -6.41
N GLN A 69 7.98 -9.02 -7.64
CA GLN A 69 9.14 -8.24 -8.07
C GLN A 69 9.30 -6.98 -7.21
N HIS A 70 8.27 -6.14 -7.21
CA HIS A 70 8.31 -4.90 -6.43
C HIS A 70 8.42 -5.22 -4.94
N TYR A 71 7.54 -6.08 -4.45
CA TYR A 71 7.53 -6.48 -3.06
C TYR A 71 8.80 -7.25 -2.68
N LYS A 72 9.61 -7.62 -3.68
CA LYS A 72 10.86 -8.35 -3.43
C LYS A 72 11.88 -7.45 -2.75
N GLU A 73 12.24 -6.35 -3.41
CA GLU A 73 13.23 -5.42 -2.87
C GLU A 73 12.83 -5.01 -1.45
N ALA A 74 11.52 -4.86 -1.25
CA ALA A 74 10.99 -4.49 0.04
C ALA A 74 11.11 -5.66 1.03
N SER A 75 10.77 -6.86 0.55
CA SER A 75 10.84 -8.05 1.38
C SER A 75 12.17 -8.12 2.14
N ALA A 76 13.27 -8.04 1.40
CA ALA A 76 14.59 -8.08 2.02
C ALA A 76 14.65 -7.11 3.22
N ALA A 77 14.14 -5.91 3.00
CA ALA A 77 14.11 -4.90 4.06
C ALA A 77 13.06 -5.24 5.11
N TYR A 78 12.08 -6.04 4.71
CA TYR A 78 11.02 -6.48 5.61
C TYR A 78 11.61 -7.12 6.85
N GLU A 79 12.45 -8.13 6.62
CA GLU A 79 13.10 -8.87 7.70
C GLU A 79 13.96 -7.97 8.58
N SER A 80 14.64 -7.01 7.96
CA SER A 80 15.52 -6.11 8.71
C SER A 80 14.76 -5.35 9.78
N PHE A 81 13.65 -4.73 9.41
CA PHE A 81 12.85 -3.95 10.35
C PHE A 81 12.13 -4.84 11.36
N LYS A 82 11.48 -5.91 10.87
CA LYS A 82 10.76 -6.81 11.76
C LYS A 82 11.69 -7.53 12.72
N LYS A 83 12.90 -7.85 12.25
CA LYS A 83 13.88 -8.54 13.08
C LYS A 83 14.74 -7.55 13.86
N GLU A 84 14.62 -6.26 13.54
CA GLU A 84 15.39 -5.22 14.20
C GLU A 84 15.09 -5.19 15.69
N GLN A 85 13.90 -5.64 16.08
CA GLN A 85 13.51 -5.67 17.48
C GLN A 85 14.05 -6.91 18.18
N GLU A 86 15.18 -7.41 17.70
CA GLU A 86 15.81 -8.59 18.29
C GLU A 86 16.53 -8.24 19.58
N GLN A 87 16.83 -6.96 19.76
CA GLN A 87 17.52 -6.50 20.96
C GLN A 87 16.57 -5.82 21.93
N GLN A 88 15.91 -4.77 21.48
CA GLN A 88 14.96 -4.03 22.31
C GLN A 88 13.61 -4.72 22.36
N THR A 89 13.22 -5.17 23.55
CA THR A 89 11.95 -5.86 23.73
C THR A 89 10.96 -4.98 24.49
N GLU A 90 10.13 -4.26 23.75
CA GLU A 90 9.14 -3.36 24.34
C GLU A 90 7.99 -4.14 24.95
N GLN A 91 7.23 -3.49 25.82
CA GLN A 91 6.09 -4.12 26.49
C GLN A 91 4.82 -3.94 25.66
N ALA A 92 3.97 -4.96 25.65
CA ALA A 92 2.72 -4.91 24.90
C ALA A 92 1.58 -4.39 25.78
N GLY A 1 -14.18 34.62 13.53
CA GLY A 1 -13.78 34.29 12.14
C GLY A 1 -14.93 33.74 11.31
N PRO A 2 -15.66 34.60 10.58
CA PRO A 2 -16.78 34.17 9.75
C PRO A 2 -16.37 33.09 8.76
N LEU A 3 -15.12 33.14 8.33
CA LEU A 3 -14.60 32.16 7.38
C LEU A 3 -14.46 30.79 8.05
N GLY A 4 -15.27 29.82 7.61
CA GLY A 4 -15.22 28.49 8.18
C GLY A 4 -14.32 27.57 7.39
N SER A 5 -14.70 27.27 6.15
CA SER A 5 -13.93 26.39 5.30
C SER A 5 -12.73 27.12 4.71
N PRO A 6 -11.54 26.50 4.73
CA PRO A 6 -10.32 27.11 4.18
C PRO A 6 -10.30 27.11 2.65
N ARG A 7 -10.63 25.96 2.07
CA ARG A 7 -10.65 25.82 0.62
C ARG A 7 -11.85 26.55 0.02
N ASN A 8 -12.03 26.43 -1.29
CA ASN A 8 -13.13 27.08 -1.99
C ASN A 8 -14.37 26.20 -1.98
N ALA A 9 -15.51 26.80 -2.32
CA ALA A 9 -16.77 26.08 -2.36
C ALA A 9 -16.86 25.20 -3.61
N ASN A 10 -16.78 23.88 -3.41
CA ASN A 10 -16.85 22.94 -4.51
C ASN A 10 -18.27 22.41 -4.67
N ASP A 11 -18.83 22.59 -5.87
CA ASP A 11 -20.19 22.14 -6.15
C ASP A 11 -20.20 20.67 -6.59
N ASN A 12 -19.04 20.17 -7.01
CA ASN A 12 -18.93 18.79 -7.46
C ASN A 12 -18.52 17.88 -6.31
N ASN A 13 -18.83 16.59 -6.43
CA ASN A 13 -18.50 15.62 -5.41
C ASN A 13 -17.65 14.50 -5.99
N GLN A 14 -16.34 14.52 -5.68
CA GLN A 14 -15.43 13.51 -6.17
C GLN A 14 -15.25 12.40 -5.14
N PHE A 15 -16.34 12.01 -4.49
CA PHE A 15 -16.31 10.95 -3.48
C PHE A 15 -16.41 9.57 -4.13
N TYR A 16 -16.84 9.53 -5.39
CA TYR A 16 -16.98 8.27 -6.11
C TYR A 16 -15.62 7.63 -6.36
N GLN A 17 -14.75 8.37 -7.03
CA GLN A 17 -13.41 7.87 -7.35
C GLN A 17 -12.46 8.04 -6.17
N GLN A 18 -12.94 8.65 -5.10
CA GLN A 18 -12.11 8.87 -3.91
C GLN A 18 -11.82 7.55 -3.20
N LYS A 19 -12.88 6.85 -2.82
CA LYS A 19 -12.74 5.57 -2.13
C LYS A 19 -12.00 4.56 -3.01
N GLN A 20 -12.06 4.76 -4.32
CA GLN A 20 -11.38 3.87 -5.26
C GLN A 20 -9.87 3.96 -5.09
N ARG A 21 -9.38 5.18 -4.90
CA ARG A 21 -7.95 5.42 -4.72
C ARG A 21 -7.38 4.58 -3.59
N GLN A 22 -7.92 4.75 -2.39
CA GLN A 22 -7.46 4.01 -1.23
C GLN A 22 -7.95 2.56 -1.25
N ALA A 23 -8.89 2.26 -2.13
CA ALA A 23 -9.42 0.89 -2.23
C ALA A 23 -8.34 -0.08 -2.67
N LEU A 24 -7.95 0.02 -3.94
CA LEU A 24 -6.92 -0.85 -4.49
C LEU A 24 -5.59 -0.62 -3.78
N GLY A 25 -5.35 0.62 -3.37
CA GLY A 25 -4.12 0.93 -2.67
C GLY A 25 -4.00 0.13 -1.39
N GLU A 26 -5.13 -0.03 -0.69
CA GLU A 26 -5.16 -0.80 0.54
C GLU A 26 -4.66 -2.21 0.26
N GLN A 27 -4.86 -2.67 -0.97
CA GLN A 27 -4.41 -3.99 -1.37
C GLN A 27 -2.91 -4.10 -1.22
N LEU A 28 -2.22 -2.99 -1.47
CA LEU A 28 -0.77 -2.93 -1.36
C LEU A 28 -0.33 -3.27 0.07
N TYR A 29 -1.14 -2.86 1.04
CA TYR A 29 -0.84 -3.11 2.46
C TYR A 29 -1.19 -4.53 2.89
N LYS A 30 -2.40 -4.98 2.55
CA LYS A 30 -2.85 -6.33 2.92
C LYS A 30 -2.00 -7.41 2.26
N LYS A 31 -1.61 -7.18 1.02
CA LYS A 31 -0.80 -8.14 0.28
C LYS A 31 0.53 -8.39 0.98
N VAL A 32 1.13 -7.32 1.51
CA VAL A 32 2.39 -7.42 2.22
C VAL A 32 2.17 -7.95 3.63
N SER A 33 1.15 -7.41 4.30
CA SER A 33 0.82 -7.84 5.66
C SER A 33 0.12 -9.21 5.64
N ALA A 34 0.11 -9.86 4.47
CA ALA A 34 -0.53 -11.16 4.33
C ALA A 34 0.18 -12.23 5.17
N LYS A 35 1.32 -11.87 5.77
CA LYS A 35 2.07 -12.81 6.59
C LYS A 35 1.90 -12.54 8.08
N THR A 36 1.35 -11.37 8.42
CA THR A 36 1.13 -11.00 9.81
C THR A 36 0.49 -9.61 9.91
N SER A 37 -0.07 -9.32 11.07
CA SER A 37 -0.73 -8.02 11.30
C SER A 37 0.25 -7.00 11.90
N ASN A 38 1.49 -7.04 11.44
CA ASN A 38 2.50 -6.11 11.92
C ASN A 38 2.34 -4.74 11.24
N GLU A 39 1.79 -3.79 11.99
CA GLU A 39 1.56 -2.44 11.48
C GLU A 39 2.86 -1.78 11.00
N GLU A 40 3.96 -2.11 11.66
CA GLU A 40 5.26 -1.54 11.33
C GLU A 40 5.93 -2.30 10.18
N ALA A 41 5.49 -3.53 9.96
CA ALA A 41 6.04 -4.36 8.90
C ALA A 41 5.47 -3.99 7.53
N ALA A 42 4.19 -4.32 7.35
CA ALA A 42 3.51 -4.05 6.10
C ALA A 42 3.55 -2.58 5.74
N GLY A 43 3.39 -1.71 6.74
CA GLY A 43 3.43 -0.29 6.49
C GLY A 43 4.81 0.15 6.07
N LYS A 44 5.82 -0.60 6.49
CA LYS A 44 7.21 -0.30 6.15
C LYS A 44 7.51 -0.63 4.70
N ILE A 45 7.44 -1.92 4.35
CA ILE A 45 7.72 -2.35 2.99
C ILE A 45 6.72 -1.74 2.01
N THR A 46 5.47 -1.60 2.44
CA THR A 46 4.45 -0.98 1.59
C THR A 46 4.94 0.38 1.14
N GLY A 47 5.69 1.04 2.03
CA GLY A 47 6.23 2.34 1.72
C GLY A 47 7.19 2.27 0.55
N MET A 48 7.87 1.14 0.42
CA MET A 48 8.80 0.93 -0.69
C MET A 48 8.03 0.78 -1.98
N ILE A 49 7.02 -0.10 -1.97
CA ILE A 49 6.17 -0.29 -3.14
C ILE A 49 5.24 0.91 -3.33
N LEU A 50 5.30 1.84 -2.38
CA LEU A 50 4.49 3.05 -2.42
C LEU A 50 5.01 4.03 -3.48
N ASP A 51 5.95 3.58 -4.31
CA ASP A 51 6.52 4.40 -5.36
C ASP A 51 5.53 4.56 -6.52
N LEU A 52 4.53 3.68 -6.57
CA LEU A 52 3.53 3.73 -7.63
C LEU A 52 2.37 4.63 -7.24
N PRO A 53 1.97 5.57 -8.13
CA PRO A 53 0.86 6.49 -7.86
C PRO A 53 -0.36 5.78 -7.29
N PRO A 54 -1.34 6.55 -6.77
CA PRO A 54 -2.55 6.00 -6.18
C PRO A 54 -3.26 5.00 -7.11
N GLN A 55 -3.67 5.48 -8.28
CA GLN A 55 -4.37 4.63 -9.25
C GLN A 55 -3.39 3.71 -9.99
N GLU A 56 -2.24 4.26 -10.38
CA GLU A 56 -1.23 3.49 -11.12
C GLU A 56 -0.71 2.29 -10.32
N VAL A 57 -1.03 2.24 -9.03
CA VAL A 57 -0.58 1.14 -8.19
C VAL A 57 -1.57 -0.03 -8.25
N PHE A 58 -2.84 0.29 -8.50
CA PHE A 58 -3.90 -0.72 -8.58
C PHE A 58 -3.50 -1.95 -9.39
N PRO A 59 -3.07 -1.77 -10.66
CA PRO A 59 -2.67 -2.90 -11.53
C PRO A 59 -1.60 -3.77 -10.89
N LEU A 60 -0.65 -3.13 -10.23
CA LEU A 60 0.44 -3.85 -9.59
C LEU A 60 -0.06 -4.66 -8.40
N LEU A 61 -0.79 -4.01 -7.51
CA LEU A 61 -1.31 -4.66 -6.32
C LEU A 61 -2.37 -5.73 -6.64
N GLU A 62 -2.75 -5.86 -7.91
CA GLU A 62 -3.75 -6.85 -8.28
C GLU A 62 -3.10 -8.06 -8.94
N SER A 63 -1.86 -7.91 -9.38
CA SER A 63 -1.14 -8.98 -10.03
C SER A 63 -0.06 -9.55 -9.10
N ASP A 64 -0.13 -10.86 -8.85
CA ASP A 64 0.84 -11.51 -7.96
C ASP A 64 2.27 -11.33 -8.46
N GLU A 65 2.48 -11.59 -9.75
CA GLU A 65 3.80 -11.46 -10.34
C GLU A 65 4.31 -10.02 -10.24
N LEU A 66 3.47 -9.06 -10.64
CA LEU A 66 3.83 -7.66 -10.60
C LEU A 66 4.15 -7.23 -9.16
N PHE A 67 3.46 -7.85 -8.20
CA PHE A 67 3.68 -7.53 -6.79
C PHE A 67 4.98 -8.17 -6.31
N GLU A 68 5.13 -9.46 -6.58
CA GLU A 68 6.32 -10.20 -6.17
C GLU A 68 7.60 -9.43 -6.44
N GLN A 69 7.75 -8.92 -7.66
CA GLN A 69 8.93 -8.16 -8.04
C GLN A 69 9.11 -6.91 -7.19
N HIS A 70 8.09 -6.06 -7.19
CA HIS A 70 8.14 -4.82 -6.43
C HIS A 70 8.26 -5.12 -4.94
N TYR A 71 7.35 -5.95 -4.44
CA TYR A 71 7.35 -6.33 -3.03
C TYR A 71 8.61 -7.15 -2.70
N LYS A 72 9.34 -7.57 -3.72
CA LYS A 72 10.57 -8.34 -3.52
C LYS A 72 11.61 -7.51 -2.78
N GLU A 73 12.05 -6.44 -3.42
CA GLU A 73 13.05 -5.54 -2.84
C GLU A 73 12.62 -5.11 -1.44
N ALA A 74 11.31 -4.90 -1.28
CA ALA A 74 10.77 -4.48 0.00
C ALA A 74 10.79 -5.63 0.99
N SER A 75 10.71 -6.85 0.48
CA SER A 75 10.73 -8.04 1.33
C SER A 75 12.05 -8.11 2.09
N ALA A 76 13.16 -8.04 1.36
CA ALA A 76 14.48 -8.08 1.98
C ALA A 76 14.58 -7.08 3.13
N ALA A 77 13.93 -5.93 2.96
CA ALA A 77 13.92 -4.89 3.99
C ALA A 77 12.90 -5.21 5.07
N TYR A 78 12.02 -6.15 4.77
CA TYR A 78 10.97 -6.58 5.68
C TYR A 78 11.60 -7.25 6.90
N GLU A 79 12.47 -8.21 6.66
CA GLU A 79 13.14 -8.96 7.72
C GLU A 79 14.10 -8.08 8.52
N SER A 80 14.85 -7.24 7.81
CA SER A 80 15.81 -6.38 8.47
C SER A 80 15.14 -5.47 9.49
N PHE A 81 14.03 -4.84 9.09
CA PHE A 81 13.30 -3.94 9.97
C PHE A 81 12.56 -4.72 11.06
N LYS A 82 11.88 -5.79 10.67
CA LYS A 82 11.12 -6.61 11.62
C LYS A 82 12.04 -7.22 12.67
N LYS A 83 13.05 -7.96 12.22
CA LYS A 83 13.99 -8.61 13.12
C LYS A 83 14.94 -7.59 13.76
N GLU A 84 14.86 -6.34 13.32
CA GLU A 84 15.72 -5.29 13.87
C GLU A 84 15.50 -5.13 15.36
N GLN A 85 14.32 -4.61 15.71
CA GLN A 85 13.97 -4.39 17.11
C GLN A 85 13.86 -5.72 17.86
N GLU A 86 14.99 -6.21 18.36
CA GLU A 86 15.02 -7.46 19.10
C GLU A 86 14.80 -7.21 20.59
N GLN A 87 14.21 -6.07 20.92
CA GLN A 87 13.94 -5.70 22.30
C GLN A 87 12.52 -6.10 22.70
N GLN A 88 11.57 -5.82 21.82
CA GLN A 88 10.17 -6.13 22.08
C GLN A 88 9.83 -7.54 21.56
N THR A 89 10.44 -8.55 22.17
CA THR A 89 10.19 -9.93 21.78
C THR A 89 9.49 -10.69 22.91
N GLU A 90 9.77 -11.99 23.02
CA GLU A 90 9.16 -12.81 24.06
C GLU A 90 9.84 -12.59 25.41
N GLN A 91 9.05 -12.50 26.46
CA GLN A 91 9.57 -12.28 27.81
C GLN A 91 10.00 -13.61 28.44
N ALA A 92 11.09 -13.57 29.19
CA ALA A 92 11.60 -14.76 29.85
C ALA A 92 10.88 -15.01 31.17
N GLY A 1 -8.44 36.35 -16.53
CA GLY A 1 -9.04 37.50 -17.27
C GLY A 1 -10.43 37.84 -16.78
N PRO A 2 -11.48 37.24 -17.37
CA PRO A 2 -12.87 37.49 -16.98
C PRO A 2 -13.09 37.37 -15.48
N LEU A 3 -14.25 37.82 -15.01
CA LEU A 3 -14.58 37.76 -13.59
C LEU A 3 -15.17 36.39 -13.23
N GLY A 4 -14.94 35.96 -11.99
CA GLY A 4 -15.44 34.69 -11.54
C GLY A 4 -16.70 34.83 -10.68
N SER A 5 -16.74 34.09 -9.57
CA SER A 5 -17.88 34.14 -8.68
C SER A 5 -17.72 35.27 -7.65
N PRO A 6 -18.73 36.15 -7.54
CA PRO A 6 -18.68 37.28 -6.59
C PRO A 6 -18.68 36.82 -5.14
N ARG A 7 -19.71 36.06 -4.76
CA ARG A 7 -19.83 35.55 -3.40
C ARG A 7 -19.15 34.19 -3.26
N ASN A 8 -18.54 33.96 -2.10
CA ASN A 8 -17.86 32.70 -1.83
C ASN A 8 -18.85 31.60 -1.47
N ALA A 9 -18.69 30.43 -2.09
CA ALA A 9 -19.58 29.30 -1.83
C ALA A 9 -19.10 28.49 -0.63
N ASN A 10 -19.75 27.36 -0.39
CA ASN A 10 -19.38 26.49 0.72
C ASN A 10 -18.42 25.40 0.26
N ASP A 11 -17.53 24.99 1.16
CA ASP A 11 -16.55 23.95 0.85
C ASP A 11 -17.13 22.57 1.07
N ASN A 12 -16.98 21.71 0.07
CA ASN A 12 -17.49 20.34 0.15
C ASN A 12 -16.40 19.37 0.61
N ASN A 13 -16.70 18.59 1.63
CA ASN A 13 -15.75 17.63 2.16
C ASN A 13 -16.30 16.21 2.06
N GLN A 14 -17.14 15.98 1.07
CA GLN A 14 -17.75 14.66 0.86
C GLN A 14 -16.95 13.84 -0.15
N PHE A 15 -16.80 14.37 -1.35
CA PHE A 15 -16.05 13.69 -2.41
C PHE A 15 -14.60 14.15 -2.43
N TYR A 16 -14.10 14.59 -1.28
CA TYR A 16 -12.73 15.05 -1.17
C TYR A 16 -11.76 13.88 -1.14
N GLN A 17 -12.08 12.87 -0.35
CA GLN A 17 -11.24 11.68 -0.23
C GLN A 17 -11.64 10.62 -1.25
N GLN A 18 -10.72 10.27 -2.13
CA GLN A 18 -10.98 9.27 -3.16
C GLN A 18 -11.26 7.90 -2.54
N LYS A 19 -12.47 7.39 -2.78
CA LYS A 19 -12.85 6.09 -2.25
C LYS A 19 -12.30 4.95 -3.10
N GLN A 20 -12.06 5.24 -4.38
CA GLN A 20 -11.52 4.26 -5.30
C GLN A 20 -10.00 4.19 -5.18
N ARG A 21 -9.40 5.33 -4.86
CA ARG A 21 -7.94 5.42 -4.72
C ARG A 21 -7.46 4.59 -3.53
N GLN A 22 -7.85 5.01 -2.33
CA GLN A 22 -7.45 4.32 -1.11
C GLN A 22 -7.97 2.88 -1.09
N ALA A 23 -8.99 2.61 -1.91
CA ALA A 23 -9.57 1.26 -1.97
C ALA A 23 -8.54 0.23 -2.41
N LEU A 24 -8.22 0.25 -3.71
CA LEU A 24 -7.25 -0.68 -4.27
C LEU A 24 -5.87 -0.45 -3.65
N GLY A 25 -5.58 0.79 -3.30
CA GLY A 25 -4.29 1.09 -2.70
C GLY A 25 -4.09 0.34 -1.39
N GLU A 26 -5.19 0.17 -0.66
CA GLU A 26 -5.13 -0.55 0.59
C GLU A 26 -4.72 -2.00 0.33
N GLN A 27 -5.11 -2.52 -0.83
CA GLN A 27 -4.78 -3.88 -1.22
C GLN A 27 -3.25 -4.05 -1.27
N LEU A 28 -2.56 -2.96 -1.56
CA LEU A 28 -1.10 -2.99 -1.60
C LEU A 28 -0.55 -3.36 -0.24
N TYR A 29 -1.15 -2.76 0.80
CA TYR A 29 -0.74 -3.02 2.17
C TYR A 29 -1.11 -4.45 2.60
N LYS A 30 -2.33 -4.87 2.27
CA LYS A 30 -2.78 -6.22 2.63
C LYS A 30 -1.91 -7.29 1.97
N LYS A 31 -1.47 -7.02 0.75
CA LYS A 31 -0.63 -7.96 0.01
C LYS A 31 0.68 -8.23 0.74
N VAL A 32 1.23 -7.19 1.36
CA VAL A 32 2.46 -7.33 2.12
C VAL A 32 2.19 -7.89 3.50
N SER A 33 1.10 -7.44 4.12
CA SER A 33 0.72 -7.92 5.45
C SER A 33 0.12 -9.32 5.37
N ALA A 34 0.18 -9.94 4.18
CA ALA A 34 -0.36 -11.28 3.99
C ALA A 34 0.39 -12.31 4.84
N LYS A 35 1.43 -11.87 5.53
CA LYS A 35 2.22 -12.76 6.38
C LYS A 35 1.88 -12.55 7.85
N THR A 36 1.28 -11.40 8.16
CA THR A 36 0.90 -11.09 9.54
C THR A 36 0.26 -9.71 9.62
N SER A 37 -0.38 -9.42 10.75
CA SER A 37 -1.04 -8.13 10.95
C SER A 37 -0.08 -7.11 11.56
N ASN A 38 1.17 -7.16 11.15
CA ASN A 38 2.18 -6.22 11.64
C ASN A 38 2.06 -4.88 10.93
N GLU A 39 1.51 -3.89 11.61
CA GLU A 39 1.34 -2.56 11.04
C GLU A 39 2.69 -1.91 10.75
N GLU A 40 3.71 -2.33 11.50
CA GLU A 40 5.05 -1.78 11.33
C GLU A 40 5.78 -2.51 10.20
N ALA A 41 5.39 -3.75 9.96
CA ALA A 41 5.99 -4.57 8.92
C ALA A 41 5.43 -4.22 7.54
N ALA A 42 4.20 -4.64 7.31
CA ALA A 42 3.53 -4.40 6.04
C ALA A 42 3.53 -2.92 5.68
N GLY A 43 3.31 -2.07 6.69
CA GLY A 43 3.30 -0.65 6.45
C GLY A 43 4.67 -0.15 6.06
N LYS A 44 5.70 -0.86 6.49
CA LYS A 44 7.07 -0.49 6.17
C LYS A 44 7.39 -0.76 4.70
N ILE A 45 7.37 -2.04 4.34
CA ILE A 45 7.65 -2.43 2.97
C ILE A 45 6.68 -1.79 2.00
N THR A 46 5.44 -1.59 2.44
CA THR A 46 4.44 -0.96 1.59
C THR A 46 4.89 0.45 1.22
N GLY A 47 5.61 1.09 2.14
CA GLY A 47 6.11 2.43 1.89
C GLY A 47 7.05 2.46 0.71
N MET A 48 7.80 1.37 0.53
CA MET A 48 8.72 1.26 -0.59
C MET A 48 7.93 1.11 -1.89
N ILE A 49 6.94 0.22 -1.87
CA ILE A 49 6.08 0.00 -3.03
C ILE A 49 5.08 1.15 -3.16
N LEU A 50 5.18 2.13 -2.27
CA LEU A 50 4.30 3.30 -2.30
C LEU A 50 4.71 4.26 -3.42
N ASP A 51 5.61 3.80 -4.29
CA ASP A 51 6.08 4.61 -5.40
C ASP A 51 5.09 4.56 -6.55
N LEU A 52 4.28 3.50 -6.60
CA LEU A 52 3.27 3.37 -7.64
C LEU A 52 2.19 4.42 -7.45
N PRO A 53 1.79 5.13 -8.52
CA PRO A 53 0.76 6.16 -8.41
C PRO A 53 -0.52 5.62 -7.81
N PRO A 54 -1.42 6.52 -7.38
CA PRO A 54 -2.71 6.14 -6.77
C PRO A 54 -3.43 5.01 -7.52
N GLN A 55 -3.98 5.32 -8.68
CA GLN A 55 -4.70 4.33 -9.48
C GLN A 55 -3.75 3.37 -10.19
N GLU A 56 -2.60 3.88 -10.61
CA GLU A 56 -1.61 3.07 -11.32
C GLU A 56 -1.05 1.95 -10.44
N VAL A 57 -1.33 2.00 -9.15
CA VAL A 57 -0.85 0.97 -8.24
C VAL A 57 -1.82 -0.21 -8.18
N PHE A 58 -3.10 0.06 -8.45
CA PHE A 58 -4.13 -0.99 -8.43
C PHE A 58 -3.70 -2.22 -9.23
N PRO A 59 -3.38 -2.05 -10.54
CA PRO A 59 -2.96 -3.16 -11.39
C PRO A 59 -1.79 -3.95 -10.80
N LEU A 60 -0.90 -3.25 -10.12
CA LEU A 60 0.26 -3.87 -9.51
C LEU A 60 -0.14 -4.71 -8.31
N LEU A 61 -0.82 -4.07 -7.36
CA LEU A 61 -1.24 -4.75 -6.15
C LEU A 61 -2.28 -5.84 -6.41
N GLU A 62 -2.67 -6.02 -7.68
CA GLU A 62 -3.66 -7.05 -8.02
C GLU A 62 -2.99 -8.25 -8.68
N SER A 63 -1.73 -8.10 -9.08
CA SER A 63 -1.00 -9.18 -9.71
C SER A 63 0.11 -9.69 -8.80
N ASP A 64 0.12 -11.00 -8.57
CA ASP A 64 1.13 -11.62 -7.72
C ASP A 64 2.53 -11.43 -8.29
N GLU A 65 2.69 -11.76 -9.57
CA GLU A 65 3.98 -11.63 -10.24
C GLU A 65 4.49 -10.19 -10.17
N LEU A 66 3.66 -9.26 -10.61
CA LEU A 66 4.03 -7.85 -10.62
C LEU A 66 4.37 -7.38 -9.20
N PHE A 67 3.78 -8.03 -8.21
CA PHE A 67 4.01 -7.68 -6.82
C PHE A 67 5.34 -8.23 -6.34
N GLU A 68 5.57 -9.52 -6.57
CA GLU A 68 6.80 -10.17 -6.14
C GLU A 68 8.03 -9.31 -6.44
N GLN A 69 8.12 -8.79 -7.65
CA GLN A 69 9.26 -7.95 -8.05
C GLN A 69 9.38 -6.73 -7.14
N HIS A 70 8.35 -5.91 -7.12
CA HIS A 70 8.36 -4.70 -6.30
C HIS A 70 8.47 -5.06 -4.81
N TYR A 71 7.57 -5.92 -4.36
CA TYR A 71 7.57 -6.36 -2.97
C TYR A 71 8.85 -7.14 -2.63
N LYS A 72 9.60 -7.54 -3.66
CA LYS A 72 10.85 -8.28 -3.45
C LYS A 72 11.85 -7.43 -2.68
N GLU A 73 12.25 -6.31 -3.28
CA GLU A 73 13.21 -5.40 -2.68
C GLU A 73 12.81 -5.04 -1.26
N ALA A 74 11.51 -4.89 -1.04
CA ALA A 74 11.00 -4.54 0.27
C ALA A 74 11.04 -5.73 1.22
N SER A 75 10.83 -6.92 0.68
CA SER A 75 10.86 -8.14 1.49
C SER A 75 12.19 -8.25 2.23
N ALA A 76 13.30 -8.18 1.49
CA ALA A 76 14.62 -8.25 2.11
C ALA A 76 14.72 -7.28 3.29
N ALA A 77 14.12 -6.10 3.11
CA ALA A 77 14.12 -5.08 4.16
C ALA A 77 13.06 -5.40 5.22
N TYR A 78 12.18 -6.33 4.89
CA TYR A 78 11.13 -6.76 5.79
C TYR A 78 11.73 -7.44 7.00
N GLU A 79 12.59 -8.41 6.74
CA GLU A 79 13.25 -9.17 7.80
C GLU A 79 14.19 -8.30 8.62
N SER A 80 14.94 -7.44 7.94
CA SER A 80 15.88 -6.57 8.61
C SER A 80 15.16 -5.69 9.62
N PHE A 81 14.13 -4.98 9.15
CA PHE A 81 13.34 -4.10 10.02
C PHE A 81 12.62 -4.90 11.11
N LYS A 82 12.07 -6.04 10.73
CA LYS A 82 11.35 -6.90 11.67
C LYS A 82 12.29 -7.45 12.73
N LYS A 83 13.49 -7.84 12.32
CA LYS A 83 14.47 -8.39 13.24
C LYS A 83 15.31 -7.30 13.90
N GLU A 84 15.24 -6.08 13.38
CA GLU A 84 16.02 -4.97 13.94
C GLU A 84 15.35 -4.42 15.19
N GLN A 85 14.06 -4.14 15.10
CA GLN A 85 13.30 -3.60 16.23
C GLN A 85 12.92 -4.70 17.22
N GLU A 86 13.75 -5.72 17.32
CA GLU A 86 13.49 -6.83 18.23
C GLU A 86 13.79 -6.42 19.67
N GLN A 87 14.58 -5.35 19.82
CA GLN A 87 14.95 -4.84 21.14
C GLN A 87 13.82 -4.01 21.74
N GLN A 88 13.35 -3.01 21.00
CA GLN A 88 12.26 -2.16 21.48
C GLN A 88 10.91 -2.71 21.05
N THR A 89 10.19 -3.31 21.99
CA THR A 89 8.88 -3.90 21.71
C THR A 89 7.76 -2.92 22.06
N GLU A 90 7.42 -2.06 21.11
CA GLU A 90 6.35 -1.08 21.32
C GLU A 90 4.98 -1.76 21.28
N GLN A 91 4.79 -2.63 20.29
CA GLN A 91 3.53 -3.35 20.14
C GLN A 91 3.65 -4.75 20.74
N ALA A 92 2.60 -5.17 21.43
CA ALA A 92 2.58 -6.49 22.06
C ALA A 92 2.45 -7.59 21.01
N GLY A 1 10.25 16.74 -20.88
CA GLY A 1 10.46 16.42 -19.44
C GLY A 1 10.27 17.63 -18.54
N PRO A 2 11.27 18.52 -18.44
CA PRO A 2 11.19 19.72 -17.60
C PRO A 2 9.93 20.53 -17.87
N LEU A 3 9.83 21.07 -19.09
CA LEU A 3 8.68 21.89 -19.46
C LEU A 3 7.63 21.04 -20.19
N GLY A 4 6.42 21.58 -20.32
CA GLY A 4 5.36 20.85 -20.98
C GLY A 4 5.06 21.38 -22.37
N SER A 5 5.34 20.57 -23.38
CA SER A 5 5.10 20.95 -24.77
C SER A 5 3.70 20.56 -25.25
N PRO A 6 3.31 19.28 -25.11
CA PRO A 6 1.99 18.81 -25.54
C PRO A 6 0.86 19.35 -24.67
N ARG A 7 -0.11 19.99 -25.31
CA ARG A 7 -1.25 20.57 -24.60
C ARG A 7 -2.33 19.50 -24.35
N ASN A 8 -2.82 19.46 -23.12
CA ASN A 8 -3.86 18.49 -22.74
C ASN A 8 -5.25 19.08 -22.94
N ALA A 9 -5.97 18.55 -23.92
CA ALA A 9 -7.33 19.01 -24.21
C ALA A 9 -8.25 18.77 -23.02
N ASN A 10 -8.31 17.52 -22.57
CA ASN A 10 -9.15 17.14 -21.45
C ASN A 10 -8.33 16.93 -20.19
N ASP A 11 -7.99 18.03 -19.51
CA ASP A 11 -7.21 17.97 -18.29
C ASP A 11 -8.09 17.73 -17.08
N ASN A 12 -8.29 16.47 -16.73
CA ASN A 12 -9.13 16.11 -15.59
C ASN A 12 -8.33 16.09 -14.29
N ASN A 13 -8.92 16.62 -13.23
CA ASN A 13 -8.27 16.66 -11.93
C ASN A 13 -9.28 16.53 -10.81
N GLN A 14 -10.09 15.47 -10.87
CA GLN A 14 -11.11 15.23 -9.87
C GLN A 14 -10.62 14.26 -8.80
N PHE A 15 -9.93 14.81 -7.79
CA PHE A 15 -9.41 13.99 -6.70
C PHE A 15 -10.40 13.94 -5.54
N TYR A 16 -11.66 13.71 -5.86
CA TYR A 16 -12.73 13.65 -4.86
C TYR A 16 -12.95 12.21 -4.41
N GLN A 17 -12.81 11.27 -5.34
CA GLN A 17 -13.01 9.86 -5.03
C GLN A 17 -11.77 9.27 -4.37
N GLN A 18 -11.55 9.61 -3.11
CA GLN A 18 -10.39 9.10 -2.37
C GLN A 18 -10.64 7.67 -1.90
N LYS A 19 -11.89 7.23 -1.96
CA LYS A 19 -12.24 5.87 -1.53
C LYS A 19 -11.86 4.84 -2.59
N GLN A 20 -11.74 5.30 -3.83
CA GLN A 20 -11.37 4.40 -4.92
C GLN A 20 -9.87 4.22 -5.00
N ARG A 21 -9.14 5.33 -4.84
CA ARG A 21 -7.69 5.31 -4.87
C ARG A 21 -7.14 4.44 -3.75
N GLN A 22 -7.55 4.74 -2.53
CA GLN A 22 -7.10 4.00 -1.36
C GLN A 22 -7.69 2.59 -1.35
N ALA A 23 -8.71 2.37 -2.19
CA ALA A 23 -9.35 1.06 -2.28
C ALA A 23 -8.36 0.00 -2.75
N LEU A 24 -8.04 0.03 -4.03
CA LEU A 24 -7.10 -0.91 -4.60
C LEU A 24 -5.72 -0.73 -3.96
N GLY A 25 -5.40 0.52 -3.62
CA GLY A 25 -4.13 0.82 -2.99
C GLY A 25 -3.98 0.10 -1.67
N GLU A 26 -5.07 0.06 -0.91
CA GLU A 26 -5.05 -0.63 0.38
C GLU A 26 -4.68 -2.09 0.17
N GLN A 27 -5.00 -2.61 -1.01
CA GLN A 27 -4.68 -3.99 -1.33
C GLN A 27 -3.16 -4.19 -1.28
N LEU A 28 -2.44 -3.14 -1.65
CA LEU A 28 -0.98 -3.16 -1.62
C LEU A 28 -0.47 -3.52 -0.23
N TYR A 29 -1.04 -2.86 0.77
CA TYR A 29 -0.66 -3.08 2.16
C TYR A 29 -1.08 -4.45 2.67
N LYS A 30 -2.35 -4.80 2.49
CA LYS A 30 -2.85 -6.10 2.96
C LYS A 30 -2.05 -7.25 2.34
N LYS A 31 -1.62 -7.05 1.10
CA LYS A 31 -0.86 -8.07 0.39
C LYS A 31 0.44 -8.40 1.13
N VAL A 32 1.00 -7.39 1.79
CA VAL A 32 2.23 -7.58 2.56
C VAL A 32 1.93 -8.19 3.92
N SER A 33 0.95 -7.61 4.62
CA SER A 33 0.56 -8.09 5.94
C SER A 33 -0.28 -9.38 5.83
N ALA A 34 -0.37 -9.94 4.62
CA ALA A 34 -1.14 -11.16 4.40
C ALA A 34 -0.61 -12.32 5.24
N LYS A 35 0.63 -12.19 5.70
CA LYS A 35 1.24 -13.25 6.52
C LYS A 35 1.31 -12.83 7.99
N THR A 36 0.96 -11.59 8.28
CA THR A 36 0.98 -11.09 9.66
C THR A 36 0.39 -9.69 9.74
N SER A 37 -0.27 -9.40 10.85
CA SER A 37 -0.90 -8.09 11.06
C SER A 37 0.11 -7.09 11.62
N ASN A 38 1.35 -7.19 11.16
CA ASN A 38 2.41 -6.29 11.60
C ASN A 38 2.32 -4.95 10.87
N GLU A 39 1.76 -3.94 11.54
CA GLU A 39 1.62 -2.62 10.94
C GLU A 39 2.98 -2.00 10.61
N GLU A 40 4.01 -2.42 11.35
CA GLU A 40 5.35 -1.90 11.13
C GLU A 40 6.04 -2.68 10.01
N ALA A 41 5.59 -3.91 9.79
CA ALA A 41 6.15 -4.77 8.76
C ALA A 41 5.67 -4.34 7.38
N ALA A 42 4.40 -4.62 7.11
CA ALA A 42 3.80 -4.29 5.83
C ALA A 42 3.86 -2.79 5.57
N GLY A 43 3.82 -2.00 6.64
CA GLY A 43 3.91 -0.57 6.49
C GLY A 43 5.26 -0.16 5.96
N LYS A 44 6.26 -0.98 6.22
CA LYS A 44 7.61 -0.73 5.75
C LYS A 44 7.69 -0.92 4.25
N ILE A 45 7.24 -2.09 3.81
CA ILE A 45 7.24 -2.43 2.39
C ILE A 45 6.24 -1.56 1.62
N THR A 46 5.09 -1.30 2.25
CA THR A 46 4.06 -0.47 1.62
C THR A 46 4.63 0.87 1.20
N GLY A 47 5.44 1.46 2.06
CA GLY A 47 6.05 2.74 1.76
C GLY A 47 6.94 2.66 0.55
N MET A 48 7.51 1.48 0.31
CA MET A 48 8.39 1.26 -0.83
C MET A 48 7.55 1.18 -2.11
N ILE A 49 6.57 0.27 -2.11
CA ILE A 49 5.68 0.13 -3.25
C ILE A 49 4.76 1.34 -3.37
N LEU A 50 4.85 2.25 -2.39
CA LEU A 50 4.03 3.45 -2.39
C LEU A 50 4.47 4.44 -3.47
N ASP A 51 5.32 3.97 -4.39
CA ASP A 51 5.80 4.82 -5.48
C ASP A 51 4.84 4.81 -6.66
N LEU A 52 4.02 3.78 -6.75
CA LEU A 52 3.04 3.67 -7.84
C LEU A 52 1.85 4.57 -7.58
N PRO A 53 1.52 5.46 -8.54
CA PRO A 53 0.38 6.35 -8.39
C PRO A 53 -0.86 5.63 -7.90
N PRO A 54 -1.90 6.37 -7.50
CA PRO A 54 -3.15 5.80 -6.99
C PRO A 54 -3.73 4.71 -7.90
N GLN A 55 -4.10 5.11 -9.11
CA GLN A 55 -4.67 4.17 -10.08
C GLN A 55 -3.59 3.29 -10.70
N GLU A 56 -2.40 3.87 -10.87
CA GLU A 56 -1.27 3.16 -11.47
C GLU A 56 -0.80 2.00 -10.58
N VAL A 57 -1.11 2.08 -9.29
CA VAL A 57 -0.71 1.03 -8.36
C VAL A 57 -1.69 -0.13 -8.39
N PHE A 58 -2.95 0.18 -8.69
CA PHE A 58 -4.01 -0.84 -8.75
C PHE A 58 -3.54 -2.10 -9.48
N PRO A 59 -2.98 -1.97 -10.70
CA PRO A 59 -2.50 -3.10 -11.49
C PRO A 59 -1.42 -3.93 -10.80
N LEU A 60 -0.54 -3.27 -10.05
CA LEU A 60 0.52 -3.96 -9.35
C LEU A 60 -0.01 -4.63 -8.08
N LEU A 61 -0.76 -3.88 -7.29
CA LEU A 61 -1.32 -4.40 -6.04
C LEU A 61 -2.28 -5.56 -6.27
N GLU A 62 -2.70 -5.75 -7.52
CA GLU A 62 -3.63 -6.83 -7.83
C GLU A 62 -2.93 -8.00 -8.50
N SER A 63 -1.69 -7.80 -8.93
CA SER A 63 -0.92 -8.85 -9.58
C SER A 63 0.12 -9.45 -8.64
N ASP A 64 0.04 -10.75 -8.45
CA ASP A 64 0.98 -11.46 -7.59
C ASP A 64 2.41 -11.30 -8.09
N GLU A 65 2.62 -11.56 -9.38
CA GLU A 65 3.94 -11.45 -9.98
C GLU A 65 4.45 -10.01 -9.90
N LEU A 66 3.62 -9.06 -10.33
CA LEU A 66 3.99 -7.66 -10.29
C LEU A 66 4.33 -7.24 -8.86
N PHE A 67 3.71 -7.93 -7.90
CA PHE A 67 3.96 -7.63 -6.49
C PHE A 67 5.29 -8.20 -6.04
N GLU A 68 5.50 -9.50 -6.26
CA GLU A 68 6.73 -10.16 -5.87
C GLU A 68 7.96 -9.31 -6.22
N GLN A 69 8.01 -8.82 -7.45
CA GLN A 69 9.13 -8.01 -7.91
C GLN A 69 9.31 -6.76 -7.03
N HIS A 70 8.29 -5.92 -7.00
CA HIS A 70 8.34 -4.69 -6.22
C HIS A 70 8.48 -5.03 -4.74
N TYR A 71 7.63 -5.92 -4.26
CA TYR A 71 7.67 -6.34 -2.86
C TYR A 71 8.96 -7.12 -2.57
N LYS A 72 9.70 -7.49 -3.64
CA LYS A 72 10.96 -8.21 -3.47
C LYS A 72 11.99 -7.38 -2.74
N GLU A 73 12.42 -6.30 -3.37
CA GLU A 73 13.42 -5.40 -2.79
C GLU A 73 12.97 -4.98 -1.39
N ALA A 74 11.68 -4.73 -1.25
CA ALA A 74 11.12 -4.34 0.02
C ALA A 74 11.10 -5.53 0.98
N SER A 75 10.99 -6.74 0.42
CA SER A 75 10.97 -7.94 1.24
C SER A 75 12.24 -8.03 2.05
N ALA A 76 13.38 -7.96 1.37
CA ALA A 76 14.68 -8.02 2.04
C ALA A 76 14.71 -7.08 3.24
N ALA A 77 14.07 -5.92 3.09
CA ALA A 77 14.00 -4.92 4.17
C ALA A 77 12.97 -5.33 5.22
N TYR A 78 12.11 -6.27 4.86
CA TYR A 78 11.08 -6.78 5.76
C TYR A 78 11.72 -7.46 6.96
N GLU A 79 12.67 -8.34 6.68
CA GLU A 79 13.37 -9.08 7.72
C GLU A 79 14.22 -8.14 8.59
N SER A 80 14.96 -7.25 7.94
CA SER A 80 15.82 -6.32 8.66
C SER A 80 15.02 -5.46 9.62
N PHE A 81 13.94 -4.86 9.12
CA PHE A 81 13.09 -4.00 9.93
C PHE A 81 12.37 -4.81 11.02
N LYS A 82 11.86 -5.97 10.65
CA LYS A 82 11.16 -6.81 11.61
C LYS A 82 12.11 -7.39 12.64
N LYS A 83 13.28 -7.81 12.19
CA LYS A 83 14.29 -8.37 13.08
C LYS A 83 15.10 -7.27 13.75
N GLU A 84 14.82 -6.02 13.41
CA GLU A 84 15.51 -4.89 14.01
C GLU A 84 15.22 -4.80 15.49
N GLN A 85 13.95 -4.86 15.85
CA GLN A 85 13.53 -4.77 17.25
C GLN A 85 13.38 -6.15 17.88
N GLU A 86 14.18 -7.11 17.43
CA GLU A 86 14.14 -8.47 17.97
C GLU A 86 15.13 -8.63 19.12
N GLN A 87 15.52 -7.52 19.74
CA GLN A 87 16.47 -7.56 20.84
C GLN A 87 15.74 -7.47 22.18
N GLN A 88 14.69 -6.66 22.22
CA GLN A 88 13.90 -6.49 23.43
C GLN A 88 12.68 -7.39 23.43
N THR A 89 12.64 -8.33 24.36
CA THR A 89 11.51 -9.25 24.47
C THR A 89 10.63 -8.87 25.64
N GLU A 90 9.63 -8.04 25.38
CA GLU A 90 8.72 -7.57 26.42
C GLU A 90 7.87 -8.73 26.98
N GLN A 91 7.51 -8.62 28.25
CA GLN A 91 6.71 -9.63 28.92
C GLN A 91 5.23 -9.26 28.87
N ALA A 92 4.37 -10.28 28.92
CA ALA A 92 2.93 -10.06 28.90
C ALA A 92 2.33 -10.10 30.30
N GLY A 1 -22.54 13.18 16.25
CA GLY A 1 -23.00 14.58 16.40
C GLY A 1 -24.48 14.68 16.74
N PRO A 2 -24.83 15.13 17.96
CA PRO A 2 -26.23 15.25 18.38
C PRO A 2 -26.98 16.27 17.53
N LEU A 3 -26.38 17.44 17.33
CA LEU A 3 -26.99 18.49 16.55
C LEU A 3 -26.77 18.27 15.05
N GLY A 4 -27.78 18.61 14.25
CA GLY A 4 -27.68 18.43 12.81
C GLY A 4 -27.25 19.70 12.09
N SER A 5 -26.34 19.53 11.12
CA SER A 5 -25.85 20.66 10.35
C SER A 5 -26.45 20.70 8.93
N PRO A 6 -27.64 21.31 8.77
CA PRO A 6 -28.29 21.40 7.46
C PRO A 6 -27.36 21.98 6.40
N ARG A 7 -27.14 21.22 5.32
CA ARG A 7 -26.28 21.68 4.24
C ARG A 7 -26.99 22.67 3.32
N ASN A 8 -26.60 23.94 3.43
CA ASN A 8 -27.20 24.99 2.61
C ASN A 8 -26.60 24.98 1.21
N ALA A 9 -25.34 25.40 1.10
CA ALA A 9 -24.66 25.44 -0.20
C ALA A 9 -24.37 24.03 -0.69
N ASN A 10 -23.58 23.94 -1.76
CA ASN A 10 -23.23 22.65 -2.33
C ASN A 10 -21.93 22.12 -1.71
N ASP A 11 -22.07 21.26 -0.71
CA ASP A 11 -20.93 20.68 -0.04
C ASP A 11 -20.26 19.63 -0.92
N ASN A 12 -18.93 19.60 -0.92
CA ASN A 12 -18.19 18.65 -1.72
C ASN A 12 -17.76 17.44 -0.90
N ASN A 13 -18.55 16.38 -0.95
CA ASN A 13 -18.25 15.16 -0.21
C ASN A 13 -18.45 13.94 -1.11
N GLN A 14 -18.09 14.08 -2.38
CA GLN A 14 -18.23 13.00 -3.34
C GLN A 14 -17.18 11.93 -3.09
N PHE A 15 -17.28 11.25 -1.95
CA PHE A 15 -16.33 10.20 -1.60
C PHE A 15 -16.71 8.89 -2.28
N TYR A 16 -17.15 8.98 -3.54
CA TYR A 16 -17.54 7.82 -4.31
C TYR A 16 -16.40 7.34 -5.19
N GLN A 17 -15.73 8.29 -5.84
CA GLN A 17 -14.61 7.97 -6.70
C GLN A 17 -13.31 7.89 -5.90
N GLN A 18 -13.23 8.70 -4.87
CA GLN A 18 -12.06 8.73 -4.01
C GLN A 18 -11.96 7.46 -3.18
N LYS A 19 -13.12 6.89 -2.86
CA LYS A 19 -13.17 5.66 -2.06
C LYS A 19 -12.44 4.53 -2.77
N GLN A 20 -12.34 4.64 -4.09
CA GLN A 20 -11.66 3.64 -4.90
C GLN A 20 -10.15 3.75 -4.72
N ARG A 21 -9.67 4.98 -4.59
CA ARG A 21 -8.25 5.24 -4.40
C ARG A 21 -7.71 4.47 -3.20
N GLN A 22 -8.33 4.68 -2.05
CA GLN A 22 -7.93 4.01 -0.82
C GLN A 22 -8.36 2.55 -0.82
N ALA A 23 -9.13 2.15 -1.82
CA ALA A 23 -9.61 0.76 -1.90
C ALA A 23 -8.51 -0.16 -2.41
N LEU A 24 -8.14 -0.01 -3.69
CA LEU A 24 -7.10 -0.83 -4.28
C LEU A 24 -5.74 -0.50 -3.68
N GLY A 25 -5.55 0.76 -3.29
CA GLY A 25 -4.30 1.16 -2.70
C GLY A 25 -4.02 0.38 -1.41
N GLU A 26 -5.06 0.22 -0.59
CA GLU A 26 -4.94 -0.53 0.65
C GLU A 26 -4.51 -1.96 0.34
N GLN A 27 -4.91 -2.46 -0.83
CA GLN A 27 -4.55 -3.80 -1.24
C GLN A 27 -3.04 -3.98 -1.18
N LEU A 28 -2.31 -2.94 -1.56
CA LEU A 28 -0.86 -2.95 -1.52
C LEU A 28 -0.37 -3.28 -0.11
N TYR A 29 -0.98 -2.63 0.87
CA TYR A 29 -0.62 -2.83 2.26
C TYR A 29 -1.03 -4.23 2.77
N LYS A 30 -2.30 -4.57 2.63
CA LYS A 30 -2.80 -5.87 3.10
C LYS A 30 -2.05 -7.03 2.43
N LYS A 31 -1.63 -6.82 1.18
CA LYS A 31 -0.92 -7.86 0.44
C LYS A 31 0.39 -8.20 1.15
N VAL A 32 0.97 -7.22 1.82
CA VAL A 32 2.21 -7.43 2.55
C VAL A 32 1.96 -8.06 3.91
N SER A 33 1.05 -7.46 4.68
CA SER A 33 0.70 -7.98 5.99
C SER A 33 -0.20 -9.21 5.90
N ALA A 34 -0.38 -9.72 4.67
CA ALA A 34 -1.21 -10.90 4.46
C ALA A 34 -0.70 -12.09 5.26
N LYS A 35 0.54 -12.01 5.71
CA LYS A 35 1.14 -13.08 6.50
C LYS A 35 1.20 -12.70 7.98
N THR A 36 0.87 -11.44 8.29
CA THR A 36 0.89 -10.96 9.66
C THR A 36 0.34 -9.54 9.73
N SER A 37 -0.32 -9.21 10.84
CA SER A 37 -0.90 -7.89 11.02
C SER A 37 0.13 -6.92 11.60
N ASN A 38 1.37 -7.03 11.12
CA ASN A 38 2.45 -6.16 11.56
C ASN A 38 2.37 -4.81 10.86
N GLU A 39 1.80 -3.82 11.55
CA GLU A 39 1.67 -2.47 10.98
C GLU A 39 3.04 -1.89 10.62
N GLU A 40 4.07 -2.34 11.33
CA GLU A 40 5.42 -1.86 11.08
C GLU A 40 6.06 -2.63 9.94
N ALA A 41 5.60 -3.85 9.72
CA ALA A 41 6.11 -4.71 8.66
C ALA A 41 5.65 -4.25 7.29
N ALA A 42 4.37 -4.47 7.02
CA ALA A 42 3.78 -4.10 5.75
C ALA A 42 3.90 -2.61 5.50
N GLY A 43 3.90 -1.82 6.57
CA GLY A 43 4.04 -0.39 6.42
C GLY A 43 5.42 -0.05 5.89
N LYS A 44 6.37 -0.94 6.15
CA LYS A 44 7.75 -0.75 5.69
C LYS A 44 7.83 -0.97 4.19
N ILE A 45 7.42 -2.15 3.76
CA ILE A 45 7.43 -2.50 2.34
C ILE A 45 6.52 -1.57 1.55
N THR A 46 5.38 -1.23 2.14
CA THR A 46 4.43 -0.34 1.49
C THR A 46 5.14 0.95 1.08
N GLY A 47 5.97 1.47 1.99
CA GLY A 47 6.69 2.70 1.71
C GLY A 47 7.63 2.54 0.54
N MET A 48 8.03 1.30 0.27
CA MET A 48 8.91 1.02 -0.86
C MET A 48 8.10 0.93 -2.13
N ILE A 49 6.96 0.25 -2.06
CA ILE A 49 6.08 0.11 -3.21
C ILE A 49 5.23 1.38 -3.39
N LEU A 50 5.57 2.42 -2.63
CA LEU A 50 4.87 3.70 -2.71
C LEU A 50 5.23 4.42 -4.02
N ASP A 51 6.04 3.77 -4.85
CA ASP A 51 6.44 4.35 -6.12
C ASP A 51 5.27 4.40 -7.09
N LEU A 52 4.31 3.49 -6.92
CA LEU A 52 3.13 3.44 -7.78
C LEU A 52 2.03 4.36 -7.23
N PRO A 53 1.66 5.40 -7.99
CA PRO A 53 0.61 6.34 -7.56
C PRO A 53 -0.63 5.62 -7.05
N PRO A 54 -1.62 6.37 -6.51
CA PRO A 54 -2.85 5.79 -5.98
C PRO A 54 -3.54 4.84 -6.96
N GLN A 55 -4.02 5.38 -8.07
CA GLN A 55 -4.68 4.56 -9.09
C GLN A 55 -3.69 3.75 -9.92
N GLU A 56 -2.56 4.36 -10.25
CA GLU A 56 -1.52 3.71 -11.06
C GLU A 56 -0.96 2.45 -10.40
N VAL A 57 -1.20 2.30 -9.10
CA VAL A 57 -0.70 1.14 -8.38
C VAL A 57 -1.72 0.00 -8.43
N PHE A 58 -2.99 0.37 -8.58
CA PHE A 58 -4.08 -0.59 -8.63
C PHE A 58 -3.76 -1.80 -9.52
N PRO A 59 -3.40 -1.57 -10.79
CA PRO A 59 -3.07 -2.65 -11.73
C PRO A 59 -1.98 -3.56 -11.19
N LEU A 60 -0.98 -2.94 -10.56
CA LEU A 60 0.15 -3.69 -10.01
C LEU A 60 -0.27 -4.49 -8.78
N LEU A 61 -0.93 -3.81 -7.84
CA LEU A 61 -1.36 -4.46 -6.60
C LEU A 61 -2.38 -5.58 -6.84
N GLU A 62 -2.77 -5.80 -8.09
CA GLU A 62 -3.73 -6.86 -8.41
C GLU A 62 -3.04 -8.08 -9.01
N SER A 63 -1.76 -7.94 -9.33
CA SER A 63 -0.99 -9.04 -9.92
C SER A 63 0.11 -9.51 -8.95
N ASP A 64 0.09 -10.80 -8.63
CA ASP A 64 1.07 -11.37 -7.71
C ASP A 64 2.49 -11.26 -8.28
N GLU A 65 2.64 -11.54 -9.56
CA GLU A 65 3.95 -11.48 -10.21
C GLU A 65 4.56 -10.09 -10.07
N LEU A 66 3.79 -9.06 -10.40
CA LEU A 66 4.29 -7.69 -10.31
C LEU A 66 4.62 -7.32 -8.87
N PHE A 67 3.93 -7.95 -7.92
CA PHE A 67 4.17 -7.67 -6.50
C PHE A 67 5.51 -8.25 -6.07
N GLU A 68 5.68 -9.55 -6.29
CA GLU A 68 6.92 -10.24 -5.92
C GLU A 68 8.16 -9.44 -6.30
N GLN A 69 8.17 -8.88 -7.50
CA GLN A 69 9.31 -8.09 -7.98
C GLN A 69 9.54 -6.88 -7.08
N HIS A 70 8.55 -6.00 -7.02
CA HIS A 70 8.65 -4.80 -6.20
C HIS A 70 8.79 -5.17 -4.72
N TYR A 71 7.89 -6.03 -4.25
CA TYR A 71 7.90 -6.48 -2.87
C TYR A 71 9.16 -7.31 -2.58
N LYS A 72 9.88 -7.72 -3.63
CA LYS A 72 11.10 -8.49 -3.45
C LYS A 72 12.15 -7.69 -2.69
N GLU A 73 12.58 -6.59 -3.29
CA GLU A 73 13.58 -5.74 -2.65
C GLU A 73 13.14 -5.32 -1.26
N ALA A 74 11.87 -4.93 -1.13
CA ALA A 74 11.33 -4.52 0.15
C ALA A 74 11.24 -5.70 1.11
N SER A 75 11.01 -6.89 0.56
CA SER A 75 10.90 -8.10 1.36
C SER A 75 12.18 -8.29 2.18
N ALA A 76 13.32 -8.28 1.49
CA ALA A 76 14.61 -8.43 2.15
C ALA A 76 14.70 -7.52 3.37
N ALA A 77 14.13 -6.32 3.24
CA ALA A 77 14.12 -5.34 4.32
C ALA A 77 13.08 -5.73 5.37
N TYR A 78 12.08 -6.49 4.94
CA TYR A 78 11.02 -6.96 5.83
C TYR A 78 11.63 -7.62 7.06
N GLU A 79 12.50 -8.59 6.82
CA GLU A 79 13.17 -9.31 7.90
C GLU A 79 14.10 -8.40 8.69
N SER A 80 14.85 -7.55 7.98
CA SER A 80 15.79 -6.65 8.64
C SER A 80 15.07 -5.76 9.64
N PHE A 81 14.03 -5.08 9.18
CA PHE A 81 13.27 -4.19 10.05
C PHE A 81 12.55 -4.99 11.14
N LYS A 82 11.78 -5.99 10.73
CA LYS A 82 11.04 -6.83 11.67
C LYS A 82 11.99 -7.42 12.72
N LYS A 83 13.10 -7.98 12.26
CA LYS A 83 14.08 -8.58 13.17
C LYS A 83 14.71 -7.54 14.07
N GLU A 84 15.23 -6.47 13.47
CA GLU A 84 15.88 -5.40 14.23
C GLU A 84 14.85 -4.40 14.76
N GLN A 85 13.81 -4.91 15.42
CA GLN A 85 12.76 -4.07 15.97
C GLN A 85 13.11 -3.66 17.39
N GLU A 86 13.34 -2.36 17.60
CA GLU A 86 13.67 -1.85 18.92
C GLU A 86 12.43 -1.69 19.79
N GLN A 87 11.28 -1.58 19.14
CA GLN A 87 10.01 -1.43 19.85
C GLN A 87 9.39 -2.78 20.17
N GLN A 88 8.79 -3.41 19.16
CA GLN A 88 8.15 -4.71 19.34
C GLN A 88 9.19 -5.82 19.34
N THR A 89 9.24 -6.57 20.44
CA THR A 89 10.17 -7.67 20.57
C THR A 89 9.42 -9.01 20.52
N GLU A 90 9.96 -10.03 21.17
CA GLU A 90 9.32 -11.34 21.18
C GLU A 90 8.32 -11.45 22.32
N GLN A 91 7.51 -12.51 22.31
CA GLN A 91 6.52 -12.72 23.34
C GLN A 91 7.16 -13.13 24.65
N ALA A 92 7.69 -14.35 24.70
CA ALA A 92 8.33 -14.85 25.90
C ALA A 92 9.85 -14.76 25.80
N GLY A 1 -14.19 6.48 -28.38
CA GLY A 1 -12.89 6.03 -27.82
C GLY A 1 -12.43 6.87 -26.65
N PRO A 2 -11.19 6.67 -26.17
CA PRO A 2 -10.65 7.41 -25.03
C PRO A 2 -10.67 8.92 -25.27
N LEU A 3 -10.79 9.68 -24.20
CA LEU A 3 -10.82 11.14 -24.29
C LEU A 3 -9.43 11.69 -24.63
N GLY A 4 -9.38 12.55 -25.65
CA GLY A 4 -8.12 13.13 -26.06
C GLY A 4 -7.85 14.46 -25.39
N SER A 5 -8.92 15.21 -25.11
CA SER A 5 -8.78 16.51 -24.46
C SER A 5 -8.70 16.36 -22.95
N PRO A 6 -8.22 17.40 -22.25
CA PRO A 6 -8.09 17.38 -20.80
C PRO A 6 -9.44 17.41 -20.10
N ARG A 7 -9.43 17.65 -18.80
CA ARG A 7 -10.67 17.70 -18.02
C ARG A 7 -11.41 19.02 -18.26
N ASN A 8 -12.69 19.04 -17.91
CA ASN A 8 -13.51 20.23 -18.09
C ASN A 8 -13.42 21.14 -16.87
N ALA A 9 -13.73 20.59 -15.70
CA ALA A 9 -13.68 21.35 -14.46
C ALA A 9 -12.25 21.74 -14.10
N ASN A 10 -12.10 22.84 -13.38
CA ASN A 10 -10.78 23.33 -12.97
C ASN A 10 -10.45 22.84 -11.56
N ASP A 11 -11.44 22.95 -10.67
CA ASP A 11 -11.24 22.53 -9.28
C ASP A 11 -11.41 21.01 -9.16
N ASN A 12 -11.22 20.50 -7.95
CA ASN A 12 -11.34 19.06 -7.70
C ASN A 12 -12.76 18.72 -7.27
N ASN A 13 -13.48 18.03 -8.14
CA ASN A 13 -14.86 17.63 -7.85
C ASN A 13 -15.02 16.11 -7.86
N GLN A 14 -13.93 15.41 -8.19
CA GLN A 14 -13.97 13.94 -8.23
C GLN A 14 -13.83 13.37 -6.82
N PHE A 15 -14.80 13.69 -5.96
CA PHE A 15 -14.80 13.21 -4.59
C PHE A 15 -15.56 11.90 -4.45
N TYR A 16 -16.07 11.37 -5.57
CA TYR A 16 -16.83 10.13 -5.54
C TYR A 16 -15.92 8.94 -5.81
N GLN A 17 -14.86 9.17 -6.57
CA GLN A 17 -13.90 8.11 -6.89
C GLN A 17 -12.77 8.06 -5.87
N GLN A 18 -12.98 8.71 -4.72
CA GLN A 18 -11.97 8.74 -3.66
C GLN A 18 -11.85 7.38 -3.00
N LYS A 19 -13.00 6.78 -2.66
CA LYS A 19 -13.01 5.48 -2.01
C LYS A 19 -12.28 4.45 -2.87
N GLN A 20 -12.29 4.68 -4.18
CA GLN A 20 -11.61 3.78 -5.11
C GLN A 20 -10.10 3.88 -4.97
N ARG A 21 -9.60 5.11 -4.96
CA ARG A 21 -8.17 5.37 -4.83
C ARG A 21 -7.54 4.52 -3.73
N GLN A 22 -8.02 4.69 -2.50
CA GLN A 22 -7.50 3.95 -1.37
C GLN A 22 -7.94 2.49 -1.41
N ALA A 23 -9.00 2.21 -2.17
CA ALA A 23 -9.51 0.84 -2.27
C ALA A 23 -8.42 -0.12 -2.72
N LEU A 24 -7.99 0.01 -3.97
CA LEU A 24 -6.96 -0.85 -4.52
C LEU A 24 -5.62 -0.58 -3.85
N GLY A 25 -5.38 0.68 -3.47
CA GLY A 25 -4.14 1.01 -2.81
C GLY A 25 -4.00 0.25 -1.50
N GLU A 26 -5.11 0.11 -0.79
CA GLU A 26 -5.11 -0.62 0.46
C GLU A 26 -4.63 -2.05 0.23
N GLN A 27 -4.90 -2.57 -0.97
CA GLN A 27 -4.48 -3.92 -1.31
C GLN A 27 -2.95 -4.03 -1.22
N LEU A 28 -2.27 -2.92 -1.53
CA LEU A 28 -0.81 -2.89 -1.47
C LEU A 28 -0.34 -3.25 -0.06
N TYR A 29 -1.06 -2.74 0.93
CA TYR A 29 -0.72 -3.00 2.34
C TYR A 29 -1.14 -4.41 2.77
N LYS A 30 -2.37 -4.81 2.45
CA LYS A 30 -2.86 -6.13 2.84
C LYS A 30 -2.04 -7.24 2.18
N LYS A 31 -1.63 -7.02 0.93
CA LYS A 31 -0.85 -8.01 0.19
C LYS A 31 0.48 -8.28 0.90
N VAL A 32 1.08 -7.22 1.45
CA VAL A 32 2.33 -7.34 2.16
C VAL A 32 2.08 -7.84 3.58
N SER A 33 1.01 -7.34 4.21
CA SER A 33 0.67 -7.76 5.55
C SER A 33 0.02 -9.15 5.54
N ALA A 34 0.05 -9.81 4.39
CA ALA A 34 -0.52 -11.14 4.26
C ALA A 34 0.22 -12.16 5.12
N LYS A 35 1.29 -11.74 5.77
CA LYS A 35 2.07 -12.63 6.62
C LYS A 35 1.78 -12.38 8.10
N THR A 36 1.23 -11.21 8.42
CA THR A 36 0.90 -10.87 9.79
C THR A 36 0.29 -9.47 9.89
N SER A 37 -0.22 -9.14 11.06
CA SER A 37 -0.83 -7.82 11.29
C SER A 37 0.18 -6.86 11.88
N ASN A 38 1.43 -7.00 11.46
CA ASN A 38 2.52 -6.15 11.93
C ASN A 38 2.48 -4.81 11.19
N GLU A 39 1.93 -3.79 11.85
CA GLU A 39 1.82 -2.46 11.26
C GLU A 39 3.19 -1.90 10.89
N GLU A 40 4.22 -2.29 11.64
CA GLU A 40 5.57 -1.81 11.37
C GLU A 40 6.19 -2.59 10.22
N ALA A 41 5.71 -3.80 10.00
CA ALA A 41 6.22 -4.66 8.93
C ALA A 41 5.64 -4.28 7.57
N ALA A 42 4.35 -4.55 7.39
CA ALA A 42 3.67 -4.27 6.14
C ALA A 42 3.71 -2.79 5.80
N GLY A 43 3.62 -1.95 6.82
CA GLY A 43 3.66 -0.52 6.61
C GLY A 43 5.03 -0.06 6.15
N LYS A 44 6.06 -0.79 6.54
CA LYS A 44 7.42 -0.43 6.16
C LYS A 44 7.67 -0.74 4.69
N ILE A 45 7.57 -2.01 4.33
CA ILE A 45 7.79 -2.43 2.96
C ILE A 45 6.81 -1.77 2.00
N THR A 46 5.60 -1.50 2.48
CA THR A 46 4.59 -0.85 1.66
C THR A 46 5.10 0.53 1.24
N GLY A 47 5.86 1.18 2.14
CA GLY A 47 6.40 2.49 1.84
C GLY A 47 7.35 2.44 0.66
N MET A 48 8.06 1.32 0.51
CA MET A 48 8.98 1.15 -0.60
C MET A 48 8.20 1.00 -1.90
N ILE A 49 7.09 0.28 -1.83
CA ILE A 49 6.22 0.09 -2.99
C ILE A 49 5.29 1.28 -3.15
N LEU A 50 5.44 2.28 -2.28
CA LEU A 50 4.63 3.48 -2.34
C LEU A 50 5.05 4.36 -3.53
N ASP A 51 5.95 3.83 -4.35
CA ASP A 51 6.42 4.56 -5.52
C ASP A 51 5.36 4.52 -6.63
N LEU A 52 4.45 3.56 -6.54
CA LEU A 52 3.40 3.43 -7.54
C LEU A 52 2.23 4.35 -7.19
N PRO A 53 1.89 5.32 -8.07
CA PRO A 53 0.79 6.26 -7.82
C PRO A 53 -0.47 5.56 -7.34
N PRO A 54 -1.46 6.33 -6.82
CA PRO A 54 -2.72 5.77 -6.31
C PRO A 54 -3.38 4.80 -7.30
N GLN A 55 -3.79 5.31 -8.45
CA GLN A 55 -4.42 4.47 -9.47
C GLN A 55 -3.38 3.65 -10.22
N GLU A 56 -2.24 4.29 -10.52
CA GLU A 56 -1.15 3.64 -11.26
C GLU A 56 -0.61 2.41 -10.51
N VAL A 57 -0.93 2.28 -9.23
CA VAL A 57 -0.46 1.15 -8.44
C VAL A 57 -1.47 0.00 -8.49
N PHE A 58 -2.74 0.36 -8.67
CA PHE A 58 -3.84 -0.62 -8.72
C PHE A 58 -3.46 -1.87 -9.53
N PRO A 59 -3.13 -1.74 -10.83
CA PRO A 59 -2.78 -2.90 -11.67
C PRO A 59 -1.63 -3.71 -11.09
N LEU A 60 -0.79 -3.07 -10.30
CA LEU A 60 0.34 -3.74 -9.69
C LEU A 60 -0.08 -4.53 -8.46
N LEU A 61 -0.77 -3.86 -7.55
CA LEU A 61 -1.21 -4.48 -6.30
C LEU A 61 -2.27 -5.56 -6.52
N GLU A 62 -2.72 -5.75 -7.76
CA GLU A 62 -3.74 -6.76 -8.04
C GLU A 62 -3.13 -8.00 -8.69
N SER A 63 -1.88 -7.89 -9.16
CA SER A 63 -1.20 -8.99 -9.79
C SER A 63 -0.10 -9.53 -8.89
N ASP A 64 -0.16 -10.82 -8.58
CA ASP A 64 0.82 -11.46 -7.72
C ASP A 64 2.23 -11.31 -8.29
N GLU A 65 2.37 -11.66 -9.58
CA GLU A 65 3.68 -11.58 -10.24
C GLU A 65 4.23 -10.16 -10.19
N LEU A 66 3.42 -9.20 -10.61
CA LEU A 66 3.82 -7.80 -10.61
C LEU A 66 4.18 -7.34 -9.21
N PHE A 67 3.50 -7.91 -8.22
CA PHE A 67 3.75 -7.58 -6.82
C PHE A 67 5.03 -8.22 -6.33
N GLU A 68 5.17 -9.52 -6.55
CA GLU A 68 6.35 -10.26 -6.12
C GLU A 68 7.63 -9.48 -6.39
N GLN A 69 7.77 -8.97 -7.61
CA GLN A 69 8.94 -8.20 -7.99
C GLN A 69 9.12 -6.98 -7.09
N HIS A 70 8.12 -6.12 -7.06
CA HIS A 70 8.16 -4.91 -6.24
C HIS A 70 8.26 -5.27 -4.77
N TYR A 71 7.35 -6.12 -4.31
CA TYR A 71 7.32 -6.56 -2.92
C TYR A 71 8.61 -7.32 -2.56
N LYS A 72 9.37 -7.72 -3.57
CA LYS A 72 10.63 -8.44 -3.34
C LYS A 72 11.66 -7.51 -2.70
N GLU A 73 11.97 -6.42 -3.39
CA GLU A 73 12.94 -5.46 -2.89
C GLU A 73 12.58 -5.04 -1.48
N ALA A 74 11.28 -4.89 -1.24
CA ALA A 74 10.80 -4.50 0.07
C ALA A 74 10.92 -5.68 1.04
N SER A 75 10.60 -6.87 0.56
CA SER A 75 10.69 -8.08 1.36
C SER A 75 12.07 -8.15 2.04
N ALA A 76 13.13 -8.06 1.23
CA ALA A 76 14.49 -8.09 1.77
C ALA A 76 14.61 -7.13 2.96
N ALA A 77 14.02 -5.95 2.80
CA ALA A 77 14.03 -4.93 3.85
C ALA A 77 13.08 -5.34 4.97
N TYR A 78 12.08 -6.12 4.62
CA TYR A 78 11.09 -6.62 5.57
C TYR A 78 11.79 -7.27 6.76
N GLU A 79 12.66 -8.23 6.46
CA GLU A 79 13.40 -8.96 7.49
C GLU A 79 14.26 -8.00 8.32
N SER A 80 14.85 -7.01 7.65
CA SER A 80 15.71 -6.05 8.33
C SER A 80 14.96 -5.34 9.45
N PHE A 81 13.75 -4.87 9.16
CA PHE A 81 12.94 -4.16 10.14
C PHE A 81 12.40 -5.10 11.22
N LYS A 82 11.75 -6.18 10.81
CA LYS A 82 11.18 -7.15 11.76
C LYS A 82 12.27 -7.75 12.65
N LYS A 83 13.50 -7.78 12.16
CA LYS A 83 14.62 -8.35 12.92
C LYS A 83 15.19 -7.35 13.92
N GLU A 84 15.16 -6.07 13.56
CA GLU A 84 15.69 -5.02 14.43
C GLU A 84 14.66 -4.59 15.47
N GLN A 85 13.84 -5.52 15.92
CA GLN A 85 12.82 -5.24 16.93
C GLN A 85 13.45 -5.05 18.30
N GLU A 86 12.68 -4.53 19.24
CA GLU A 86 13.17 -4.32 20.60
C GLU A 86 12.92 -5.54 21.48
N GLN A 87 11.93 -6.34 21.09
CA GLN A 87 11.58 -7.53 21.84
C GLN A 87 12.50 -8.69 21.48
N GLN A 88 13.00 -8.68 20.25
CA GLN A 88 13.90 -9.73 19.78
C GLN A 88 15.35 -9.33 19.98
N THR A 89 16.14 -10.23 20.56
CA THR A 89 17.56 -9.97 20.80
C THR A 89 18.43 -10.84 19.90
N GLU A 90 18.72 -10.32 18.70
CA GLU A 90 19.54 -11.04 17.74
C GLU A 90 20.98 -11.20 18.25
N GLN A 91 21.66 -12.24 17.79
CA GLN A 91 23.04 -12.49 18.20
C GLN A 91 24.01 -11.66 17.37
N ALA A 92 23.78 -10.35 17.33
CA ALA A 92 24.63 -9.44 16.57
C ALA A 92 25.71 -8.82 17.46
N GLY A 1 -29.44 6.56 1.56
CA GLY A 1 -30.63 7.46 1.59
C GLY A 1 -31.61 7.17 0.48
N PRO A 2 -32.90 6.95 0.81
CA PRO A 2 -33.93 6.66 -0.20
C PRO A 2 -34.00 7.73 -1.29
N LEU A 3 -33.99 8.98 -0.87
CA LEU A 3 -34.05 10.11 -1.80
C LEU A 3 -32.69 10.33 -2.47
N GLY A 4 -32.71 10.58 -3.77
CA GLY A 4 -31.47 10.81 -4.50
C GLY A 4 -31.11 12.28 -4.59
N SER A 5 -30.01 12.56 -5.27
CA SER A 5 -29.55 13.95 -5.43
C SER A 5 -30.04 14.52 -6.76
N PRO A 6 -31.09 15.37 -6.72
CA PRO A 6 -31.65 15.97 -7.94
C PRO A 6 -30.70 16.99 -8.56
N ARG A 7 -30.16 17.90 -7.75
CA ARG A 7 -29.24 18.91 -8.24
C ARG A 7 -27.80 18.48 -8.06
N ASN A 8 -27.31 17.66 -8.98
CA ASN A 8 -25.94 17.16 -8.92
C ASN A 8 -24.98 18.17 -9.56
N ALA A 9 -24.10 18.73 -8.75
CA ALA A 9 -23.12 19.71 -9.23
C ALA A 9 -22.08 19.06 -10.13
N ASN A 10 -21.40 19.88 -10.92
CA ASN A 10 -20.37 19.40 -11.83
C ASN A 10 -18.99 19.45 -11.18
N ASP A 11 -18.63 20.63 -10.67
CA ASP A 11 -17.34 20.81 -10.02
C ASP A 11 -17.44 20.49 -8.52
N ASN A 12 -17.15 19.25 -8.17
CA ASN A 12 -17.20 18.81 -6.78
C ASN A 12 -15.84 18.98 -6.11
N ASN A 13 -15.79 19.82 -5.09
CA ASN A 13 -14.55 20.06 -4.35
C ASN A 13 -14.58 19.37 -2.99
N GLN A 14 -15.70 18.76 -2.65
CA GLN A 14 -15.84 18.07 -1.37
C GLN A 14 -15.61 16.56 -1.51
N PHE A 15 -15.79 16.05 -2.73
CA PHE A 15 -15.59 14.62 -2.99
C PHE A 15 -14.17 14.34 -3.47
N TYR A 16 -13.22 15.09 -2.92
CA TYR A 16 -11.81 14.93 -3.29
C TYR A 16 -11.28 13.56 -2.87
N GLN A 17 -11.97 12.89 -1.96
CA GLN A 17 -11.56 11.58 -1.49
C GLN A 17 -12.06 10.47 -2.42
N GLN A 18 -11.15 9.90 -3.19
CA GLN A 18 -11.49 8.83 -4.12
C GLN A 18 -11.65 7.51 -3.39
N LYS A 19 -12.85 6.95 -3.44
CA LYS A 19 -13.15 5.68 -2.79
C LYS A 19 -12.40 4.53 -3.46
N GLN A 20 -12.07 4.71 -4.74
CA GLN A 20 -11.35 3.69 -5.49
C GLN A 20 -9.85 3.79 -5.23
N ARG A 21 -9.37 5.01 -5.01
CA ARG A 21 -7.96 5.25 -4.74
C ARG A 21 -7.48 4.45 -3.53
N GLN A 22 -8.02 4.77 -2.37
CA GLN A 22 -7.64 4.08 -1.14
C GLN A 22 -8.11 2.62 -1.16
N ALA A 23 -9.14 2.34 -1.96
CA ALA A 23 -9.67 0.99 -2.06
C ALA A 23 -8.60 0.04 -2.58
N LEU A 24 -8.18 0.26 -3.82
CA LEU A 24 -7.16 -0.58 -4.43
C LEU A 24 -5.80 -0.38 -3.77
N GLY A 25 -5.48 0.87 -3.42
CA GLY A 25 -4.20 1.14 -2.79
C GLY A 25 -4.05 0.38 -1.50
N GLU A 26 -5.13 0.28 -0.75
CA GLU A 26 -5.13 -0.46 0.50
C GLU A 26 -4.76 -1.91 0.24
N GLN A 27 -5.10 -2.40 -0.96
CA GLN A 27 -4.79 -3.77 -1.31
C GLN A 27 -3.28 -4.00 -1.37
N LEU A 28 -2.53 -2.93 -1.62
CA LEU A 28 -1.07 -3.02 -1.67
C LEU A 28 -0.53 -3.39 -0.29
N TYR A 29 -1.10 -2.76 0.74
CA TYR A 29 -0.68 -3.01 2.12
C TYR A 29 -1.06 -4.43 2.58
N LYS A 30 -2.31 -4.81 2.37
CA LYS A 30 -2.78 -6.14 2.77
C LYS A 30 -1.99 -7.24 2.07
N LYS A 31 -1.55 -6.94 0.85
CA LYS A 31 -0.79 -7.89 0.05
C LYS A 31 0.52 -8.26 0.74
N VAL A 32 1.15 -7.27 1.36
CA VAL A 32 2.40 -7.50 2.06
C VAL A 32 2.14 -8.07 3.45
N SER A 33 1.10 -7.55 4.11
CA SER A 33 0.74 -8.02 5.45
C SER A 33 0.04 -9.37 5.40
N ALA A 34 0.02 -10.00 4.22
CA ALA A 34 -0.61 -11.30 4.04
C ALA A 34 0.12 -12.38 4.85
N LYS A 35 1.23 -12.02 5.48
CA LYS A 35 2.00 -12.96 6.28
C LYS A 35 1.79 -12.73 7.77
N THR A 36 1.30 -11.53 8.12
CA THR A 36 1.05 -11.18 9.52
C THR A 36 0.45 -9.79 9.64
N SER A 37 -0.09 -9.47 10.81
CA SER A 37 -0.70 -8.17 11.05
C SER A 37 0.29 -7.21 11.69
N ASN A 38 1.54 -7.25 11.22
CA ASN A 38 2.58 -6.37 11.73
C ASN A 38 2.44 -4.98 11.09
N GLU A 39 1.87 -4.05 11.86
CA GLU A 39 1.68 -2.69 11.37
C GLU A 39 3.01 -2.04 10.98
N GLU A 40 4.08 -2.43 11.67
CA GLU A 40 5.40 -1.88 11.41
C GLU A 40 6.08 -2.61 10.25
N ALA A 41 5.62 -3.84 9.99
CA ALA A 41 6.17 -4.66 8.92
C ALA A 41 5.66 -4.25 7.55
N ALA A 42 4.40 -4.59 7.30
CA ALA A 42 3.75 -4.29 6.03
C ALA A 42 3.81 -2.80 5.71
N GLY A 43 3.67 -1.98 6.74
CA GLY A 43 3.72 -0.54 6.54
C GLY A 43 5.10 -0.09 6.11
N LYS A 44 6.10 -0.85 6.53
CA LYS A 44 7.48 -0.52 6.18
C LYS A 44 7.74 -0.80 4.71
N ILE A 45 7.62 -2.07 4.35
CA ILE A 45 7.85 -2.49 2.97
C ILE A 45 6.86 -1.85 2.01
N THR A 46 5.62 -1.65 2.47
CA THR A 46 4.60 -1.02 1.63
C THR A 46 5.05 0.40 1.27
N GLY A 47 5.82 1.01 2.16
CA GLY A 47 6.31 2.35 1.91
C GLY A 47 7.21 2.40 0.70
N MET A 48 7.99 1.34 0.49
CA MET A 48 8.88 1.24 -0.65
C MET A 48 8.06 1.10 -1.93
N ILE A 49 7.10 0.18 -1.91
CA ILE A 49 6.22 -0.03 -3.06
C ILE A 49 5.21 1.13 -3.16
N LEU A 50 5.31 2.07 -2.24
CA LEU A 50 4.44 3.24 -2.21
C LEU A 50 4.83 4.23 -3.30
N ASP A 51 5.65 3.78 -4.25
CA ASP A 51 6.08 4.61 -5.36
C ASP A 51 5.04 4.57 -6.48
N LEU A 52 4.25 3.50 -6.51
CA LEU A 52 3.23 3.36 -7.52
C LEU A 52 2.11 4.37 -7.29
N PRO A 53 1.79 5.20 -8.29
CA PRO A 53 0.75 6.21 -8.16
C PRO A 53 -0.53 5.65 -7.55
N PRO A 54 -1.46 6.53 -7.13
CA PRO A 54 -2.72 6.12 -6.52
C PRO A 54 -3.49 5.10 -7.37
N GLN A 55 -3.96 5.54 -8.53
CA GLN A 55 -4.69 4.66 -9.42
C GLN A 55 -3.75 3.72 -10.18
N GLU A 56 -2.57 4.24 -10.54
CA GLU A 56 -1.58 3.46 -11.29
C GLU A 56 -1.06 2.28 -10.48
N VAL A 57 -1.31 2.27 -9.18
CA VAL A 57 -0.86 1.19 -8.32
C VAL A 57 -1.85 0.03 -8.33
N PHE A 58 -3.12 0.36 -8.58
CA PHE A 58 -4.19 -0.64 -8.62
C PHE A 58 -3.76 -1.92 -9.35
N PRO A 59 -3.23 -1.79 -10.58
CA PRO A 59 -2.81 -2.96 -11.37
C PRO A 59 -1.76 -3.81 -10.67
N LEU A 60 -0.88 -3.19 -9.89
CA LEU A 60 0.17 -3.92 -9.19
C LEU A 60 -0.32 -4.50 -7.87
N LEU A 61 -1.09 -3.73 -7.14
CA LEU A 61 -1.60 -4.18 -5.84
C LEU A 61 -2.50 -5.41 -6.00
N GLU A 62 -2.94 -5.69 -7.21
CA GLU A 62 -3.80 -6.85 -7.46
C GLU A 62 -3.05 -7.91 -8.27
N SER A 63 -1.85 -7.58 -8.73
CA SER A 63 -1.04 -8.53 -9.51
C SER A 63 0.02 -9.20 -8.64
N ASP A 64 -0.14 -10.50 -8.42
CA ASP A 64 0.80 -11.26 -7.59
C ASP A 64 2.21 -11.26 -8.17
N GLU A 65 2.37 -11.85 -9.36
CA GLU A 65 3.66 -11.94 -10.01
C GLU A 65 4.39 -10.59 -10.02
N LEU A 66 3.73 -9.56 -10.56
CA LEU A 66 4.31 -8.23 -10.64
C LEU A 66 4.60 -7.67 -9.24
N PHE A 67 3.72 -8.00 -8.28
CA PHE A 67 3.89 -7.55 -6.90
C PHE A 67 5.21 -8.07 -6.33
N GLU A 68 5.41 -9.37 -6.42
CA GLU A 68 6.62 -10.03 -5.92
C GLU A 68 7.88 -9.23 -6.26
N GLN A 69 7.94 -8.73 -7.49
CA GLN A 69 9.10 -7.96 -7.94
C GLN A 69 9.36 -6.78 -7.01
N HIS A 70 8.43 -5.84 -6.97
CA HIS A 70 8.56 -4.66 -6.13
C HIS A 70 8.60 -5.10 -4.67
N TYR A 71 7.64 -5.93 -4.29
CA TYR A 71 7.55 -6.45 -2.93
C TYR A 71 8.81 -7.23 -2.54
N LYS A 72 9.64 -7.57 -3.52
CA LYS A 72 10.88 -8.32 -3.27
C LYS A 72 11.89 -7.44 -2.56
N GLU A 73 12.22 -6.30 -3.17
CA GLU A 73 13.20 -5.37 -2.60
C GLU A 73 12.84 -5.03 -1.17
N ALA A 74 11.55 -4.81 -0.96
CA ALA A 74 11.05 -4.47 0.37
C ALA A 74 11.11 -5.68 1.30
N SER A 75 10.90 -6.87 0.73
CA SER A 75 10.95 -8.09 1.51
C SER A 75 12.29 -8.20 2.23
N ALA A 76 13.38 -8.08 1.48
CA ALA A 76 14.72 -8.15 2.06
C ALA A 76 14.81 -7.26 3.29
N ALA A 77 14.19 -6.09 3.21
CA ALA A 77 14.17 -5.17 4.34
C ALA A 77 13.15 -5.62 5.37
N TYR A 78 12.12 -6.32 4.90
CA TYR A 78 11.07 -6.85 5.75
C TYR A 78 11.68 -7.58 6.95
N GLU A 79 12.55 -8.54 6.66
CA GLU A 79 13.22 -9.32 7.70
C GLU A 79 14.09 -8.43 8.58
N SER A 80 14.90 -7.60 7.93
CA SER A 80 15.80 -6.71 8.64
C SER A 80 15.03 -5.78 9.56
N PHE A 81 13.96 -5.17 9.04
CA PHE A 81 13.14 -4.25 9.82
C PHE A 81 12.37 -4.99 10.91
N LYS A 82 11.84 -6.17 10.58
CA LYS A 82 11.09 -6.96 11.54
C LYS A 82 11.99 -7.41 12.69
N LYS A 83 13.12 -8.02 12.33
CA LYS A 83 14.07 -8.51 13.32
C LYS A 83 14.74 -7.35 14.04
N GLU A 84 15.22 -6.37 13.28
CA GLU A 84 15.88 -5.20 13.86
C GLU A 84 14.87 -4.09 14.16
N GLN A 85 13.74 -4.46 14.74
CA GLN A 85 12.69 -3.49 15.07
C GLN A 85 13.08 -2.66 16.29
N GLU A 86 13.88 -1.62 16.06
CA GLU A 86 14.32 -0.75 17.14
C GLU A 86 13.16 0.08 17.71
N GLN A 87 12.09 0.20 16.93
CA GLN A 87 10.92 0.95 17.36
C GLN A 87 9.99 0.08 18.21
N GLN A 88 10.05 -1.23 17.99
CA GLN A 88 9.22 -2.17 18.73
C GLN A 88 9.91 -2.61 20.02
N THR A 89 9.62 -1.90 21.11
CA THR A 89 10.21 -2.20 22.40
C THR A 89 9.27 -3.06 23.24
N GLU A 90 8.44 -3.85 22.57
CA GLU A 90 7.49 -4.72 23.26
C GLU A 90 8.18 -5.97 23.80
N GLN A 91 7.40 -6.82 24.44
CA GLN A 91 7.93 -8.06 25.00
C GLN A 91 7.64 -9.25 24.09
N ALA A 92 8.35 -10.34 24.31
CA ALA A 92 8.17 -11.54 23.51
C ALA A 92 7.18 -12.49 24.17
N GLY A 1 -18.54 28.53 18.11
CA GLY A 1 -17.21 29.09 17.72
C GLY A 1 -17.32 30.30 16.82
N PRO A 2 -16.29 31.16 16.78
CA PRO A 2 -16.31 32.36 15.94
C PRO A 2 -16.19 32.03 14.45
N LEU A 3 -15.48 30.96 14.13
CA LEU A 3 -15.30 30.55 12.74
C LEU A 3 -16.27 29.43 12.40
N GLY A 4 -16.94 29.56 11.27
CA GLY A 4 -17.90 28.55 10.84
C GLY A 4 -17.26 27.44 10.04
N SER A 5 -16.72 26.44 10.72
CA SER A 5 -16.09 25.31 10.05
C SER A 5 -17.09 24.19 9.77
N PRO A 6 -17.79 23.70 10.81
CA PRO A 6 -18.78 22.63 10.66
C PRO A 6 -20.12 23.14 10.14
N ARG A 7 -20.25 24.46 10.03
CA ARG A 7 -21.49 25.06 9.55
C ARG A 7 -21.42 25.32 8.04
N ASN A 8 -20.61 24.52 7.35
CA ASN A 8 -20.45 24.66 5.91
C ASN A 8 -21.42 23.75 5.16
N ALA A 9 -22.21 24.34 4.26
CA ALA A 9 -23.17 23.57 3.49
C ALA A 9 -22.51 22.91 2.28
N ASN A 10 -21.67 21.91 2.56
CA ASN A 10 -20.96 21.19 1.51
C ASN A 10 -21.67 19.89 1.16
N ASP A 11 -22.17 19.79 -0.06
CA ASP A 11 -22.86 18.59 -0.52
C ASP A 11 -21.89 17.59 -1.12
N ASN A 12 -20.64 18.01 -1.32
CA ASN A 12 -19.62 17.14 -1.89
C ASN A 12 -19.02 16.24 -0.83
N ASN A 13 -18.39 15.15 -1.26
CA ASN A 13 -17.76 14.22 -0.35
C ASN A 13 -16.61 13.49 -1.03
N GLN A 14 -15.41 13.65 -0.49
CA GLN A 14 -14.24 12.99 -1.04
C GLN A 14 -14.10 11.56 -0.52
N PHE A 15 -15.17 11.05 0.08
CA PHE A 15 -15.18 9.69 0.62
C PHE A 15 -15.57 8.69 -0.45
N TYR A 16 -16.17 9.17 -1.54
CA TYR A 16 -16.60 8.29 -2.62
C TYR A 16 -15.55 8.25 -3.73
N GLN A 17 -15.13 9.42 -4.19
CA GLN A 17 -14.13 9.52 -5.25
C GLN A 17 -12.80 8.93 -4.79
N GLN A 18 -12.29 9.40 -3.66
CA GLN A 18 -11.02 8.93 -3.13
C GLN A 18 -11.13 7.49 -2.63
N LYS A 19 -12.37 7.01 -2.45
CA LYS A 19 -12.59 5.64 -1.97
C LYS A 19 -11.95 4.62 -2.91
N GLN A 20 -11.85 4.99 -4.18
CA GLN A 20 -11.26 4.11 -5.18
C GLN A 20 -9.76 3.93 -4.96
N ARG A 21 -9.04 5.05 -4.92
CA ARG A 21 -7.60 5.03 -4.72
C ARG A 21 -7.23 4.23 -3.48
N GLN A 22 -7.74 4.67 -2.33
CA GLN A 22 -7.45 4.00 -1.07
C GLN A 22 -7.97 2.57 -1.08
N ALA A 23 -8.89 2.27 -1.99
CA ALA A 23 -9.45 0.92 -2.08
C ALA A 23 -8.41 -0.06 -2.60
N LEU A 24 -8.12 0.03 -3.90
CA LEU A 24 -7.14 -0.85 -4.51
C LEU A 24 -5.77 -0.67 -3.86
N GLY A 25 -5.45 0.57 -3.49
CA GLY A 25 -4.17 0.83 -2.86
C GLY A 25 -4.04 0.05 -1.57
N GLU A 26 -5.15 -0.10 -0.86
CA GLU A 26 -5.16 -0.85 0.39
C GLU A 26 -4.65 -2.27 0.14
N GLN A 27 -4.97 -2.80 -1.03
CA GLN A 27 -4.52 -4.14 -1.39
C GLN A 27 -3.02 -4.24 -1.31
N LEU A 28 -2.33 -3.15 -1.64
CA LEU A 28 -0.87 -3.11 -1.58
C LEU A 28 -0.41 -3.45 -0.17
N TYR A 29 -1.06 -2.85 0.81
CA TYR A 29 -0.72 -3.05 2.22
C TYR A 29 -1.11 -4.45 2.71
N LYS A 30 -2.37 -4.83 2.55
CA LYS A 30 -2.84 -6.13 3.01
C LYS A 30 -2.04 -7.27 2.35
N LYS A 31 -1.59 -7.02 1.13
CA LYS A 31 -0.81 -8.02 0.40
C LYS A 31 0.49 -8.34 1.15
N VAL A 32 1.04 -7.33 1.80
CA VAL A 32 2.27 -7.49 2.56
C VAL A 32 1.95 -8.10 3.92
N SER A 33 0.96 -7.52 4.61
CA SER A 33 0.54 -8.01 5.92
C SER A 33 -0.27 -9.31 5.80
N ALA A 34 -0.38 -9.84 4.58
CA ALA A 34 -1.14 -11.06 4.33
C ALA A 34 -0.60 -12.22 5.17
N LYS A 35 0.60 -12.06 5.71
CA LYS A 35 1.22 -13.10 6.53
C LYS A 35 1.15 -12.74 8.02
N THR A 36 1.00 -11.45 8.30
CA THR A 36 0.91 -10.97 9.68
C THR A 36 0.35 -9.56 9.72
N SER A 37 -0.34 -9.23 10.81
CA SER A 37 -0.92 -7.91 10.97
C SER A 37 0.09 -6.92 11.55
N ASN A 38 1.33 -7.03 11.09
CA ASN A 38 2.40 -6.15 11.54
C ASN A 38 2.30 -4.79 10.84
N GLU A 39 1.67 -3.83 11.50
CA GLU A 39 1.50 -2.49 10.93
C GLU A 39 2.85 -1.87 10.60
N GLU A 40 3.87 -2.26 11.33
CA GLU A 40 5.21 -1.74 11.11
C GLU A 40 5.90 -2.51 9.99
N ALA A 41 5.48 -3.75 9.80
CA ALA A 41 6.04 -4.60 8.77
C ALA A 41 5.58 -4.18 7.37
N ALA A 42 4.30 -4.42 7.09
CA ALA A 42 3.73 -4.09 5.80
C ALA A 42 3.83 -2.60 5.53
N GLY A 43 3.81 -1.79 6.60
CA GLY A 43 3.93 -0.37 6.42
C GLY A 43 5.29 0.01 5.88
N LYS A 44 6.28 -0.85 6.13
CA LYS A 44 7.64 -0.62 5.65
C LYS A 44 7.70 -0.85 4.14
N ILE A 45 7.29 -2.04 3.72
CA ILE A 45 7.28 -2.39 2.31
C ILE A 45 6.30 -1.50 1.54
N THR A 46 5.17 -1.20 2.18
CA THR A 46 4.15 -0.35 1.57
C THR A 46 4.76 0.99 1.17
N GLY A 47 5.62 1.53 2.03
CA GLY A 47 6.26 2.81 1.75
C GLY A 47 7.14 2.72 0.52
N MET A 48 7.74 1.56 0.30
CA MET A 48 8.59 1.35 -0.86
C MET A 48 7.74 1.22 -2.11
N ILE A 49 6.72 0.36 -2.06
CA ILE A 49 5.81 0.19 -3.18
C ILE A 49 4.89 1.40 -3.31
N LEU A 50 5.09 2.38 -2.44
CA LEU A 50 4.31 3.61 -2.47
C LEU A 50 4.72 4.48 -3.67
N ASP A 51 5.62 3.94 -4.51
CA ASP A 51 6.08 4.66 -5.69
C ASP A 51 5.01 4.64 -6.77
N LEU A 52 4.18 3.61 -6.75
CA LEU A 52 3.09 3.49 -7.73
C LEU A 52 1.96 4.45 -7.36
N PRO A 53 1.60 5.38 -8.26
CA PRO A 53 0.53 6.33 -7.98
C PRO A 53 -0.74 5.65 -7.49
N PRO A 54 -1.72 6.41 -6.99
CA PRO A 54 -2.96 5.85 -6.47
C PRO A 54 -3.61 4.85 -7.44
N GLN A 55 -3.99 5.31 -8.62
CA GLN A 55 -4.62 4.44 -9.61
C GLN A 55 -3.58 3.55 -10.30
N GLU A 56 -2.42 4.11 -10.61
CA GLU A 56 -1.36 3.37 -11.29
C GLU A 56 -0.88 2.18 -10.48
N VAL A 57 -1.19 2.17 -9.19
CA VAL A 57 -0.78 1.09 -8.33
C VAL A 57 -1.80 -0.05 -8.37
N PHE A 58 -3.05 0.29 -8.64
CA PHE A 58 -4.13 -0.70 -8.70
C PHE A 58 -3.71 -1.97 -9.43
N PRO A 59 -3.14 -1.84 -10.65
CA PRO A 59 -2.71 -2.99 -11.45
C PRO A 59 -1.63 -3.83 -10.78
N LEU A 60 -0.69 -3.16 -10.11
CA LEU A 60 0.41 -3.85 -9.45
C LEU A 60 -0.08 -4.58 -8.19
N LEU A 61 -0.87 -3.87 -7.37
CA LEU A 61 -1.38 -4.45 -6.13
C LEU A 61 -2.31 -5.64 -6.38
N GLU A 62 -2.74 -5.84 -7.61
CA GLU A 62 -3.65 -6.94 -7.94
C GLU A 62 -2.91 -8.08 -8.63
N SER A 63 -1.66 -7.84 -9.03
CA SER A 63 -0.87 -8.85 -9.70
C SER A 63 0.14 -9.48 -8.75
N ASP A 64 0.03 -10.79 -8.56
CA ASP A 64 0.93 -11.52 -7.67
C ASP A 64 2.38 -11.38 -8.12
N GLU A 65 2.61 -11.50 -9.42
CA GLU A 65 3.96 -11.39 -9.97
C GLU A 65 4.48 -9.96 -9.90
N LEU A 66 3.65 -9.02 -10.33
CA LEU A 66 4.03 -7.61 -10.30
C LEU A 66 4.35 -7.17 -8.88
N PHE A 67 3.77 -7.86 -7.90
CA PHE A 67 4.01 -7.55 -6.50
C PHE A 67 5.33 -8.15 -6.03
N GLU A 68 5.47 -9.45 -6.20
CA GLU A 68 6.68 -10.16 -5.79
C GLU A 68 7.94 -9.38 -6.15
N GLN A 69 8.01 -8.91 -7.40
CA GLN A 69 9.17 -8.16 -7.88
C GLN A 69 9.41 -6.91 -7.03
N HIS A 70 8.43 -6.00 -7.05
CA HIS A 70 8.53 -4.76 -6.30
C HIS A 70 8.64 -5.06 -4.80
N TYR A 71 7.73 -5.89 -4.31
CA TYR A 71 7.74 -6.27 -2.91
C TYR A 71 8.98 -7.12 -2.58
N LYS A 72 9.72 -7.53 -3.61
CA LYS A 72 10.94 -8.32 -3.42
C LYS A 72 11.98 -7.50 -2.66
N GLU A 73 12.43 -6.41 -3.29
CA GLU A 73 13.43 -5.55 -2.67
C GLU A 73 12.98 -5.12 -1.28
N ALA A 74 11.72 -4.77 -1.16
CA ALA A 74 11.14 -4.36 0.12
C ALA A 74 11.10 -5.54 1.08
N SER A 75 10.97 -6.74 0.54
CA SER A 75 10.91 -7.94 1.38
C SER A 75 12.19 -8.06 2.21
N ALA A 76 13.33 -8.02 1.55
CA ALA A 76 14.61 -8.11 2.24
C ALA A 76 14.67 -7.11 3.39
N ALA A 77 14.01 -5.97 3.21
CA ALA A 77 13.96 -4.93 4.25
C ALA A 77 12.93 -5.30 5.31
N TYR A 78 12.05 -6.23 4.95
CA TYR A 78 11.00 -6.72 5.84
C TYR A 78 11.65 -7.48 7.00
N GLU A 79 12.55 -8.37 6.66
CA GLU A 79 13.24 -9.19 7.66
C GLU A 79 14.21 -8.35 8.51
N SER A 80 14.98 -7.49 7.87
CA SER A 80 15.94 -6.66 8.57
C SER A 80 15.26 -5.78 9.63
N PHE A 81 14.22 -5.08 9.22
CA PHE A 81 13.49 -4.20 10.11
C PHE A 81 12.73 -5.00 11.17
N LYS A 82 12.02 -6.04 10.73
CA LYS A 82 11.25 -6.87 11.64
C LYS A 82 12.17 -7.58 12.65
N LYS A 83 13.31 -8.06 12.15
CA LYS A 83 14.27 -8.76 13.01
C LYS A 83 15.01 -7.79 13.92
N GLU A 84 15.38 -6.63 13.38
CA GLU A 84 16.10 -5.63 14.15
C GLU A 84 15.13 -4.76 14.96
N GLN A 85 13.92 -5.27 15.18
CA GLN A 85 12.93 -4.53 15.95
C GLN A 85 13.24 -4.63 17.43
N GLU A 86 14.34 -3.99 17.84
CA GLU A 86 14.76 -4.00 19.24
C GLU A 86 14.03 -2.91 20.02
N GLN A 87 12.87 -2.50 19.55
CA GLN A 87 12.07 -1.48 20.20
C GLN A 87 11.13 -2.11 21.23
N GLN A 88 10.57 -3.26 20.87
CA GLN A 88 9.65 -3.96 21.75
C GLN A 88 10.39 -4.57 22.94
N THR A 89 9.64 -4.95 23.97
CA THR A 89 10.23 -5.55 25.16
C THR A 89 9.93 -7.05 25.24
N GLU A 90 10.87 -7.85 24.72
CA GLU A 90 10.70 -9.30 24.74
C GLU A 90 11.11 -9.88 26.08
N GLN A 91 10.30 -10.81 26.59
CA GLN A 91 10.58 -11.43 27.88
C GLN A 91 11.64 -12.53 27.76
N ALA A 92 11.54 -13.34 26.70
CA ALA A 92 12.50 -14.41 26.48
C ALA A 92 13.52 -14.04 25.43
N GLY A 1 -29.82 -16.38 8.45
CA GLY A 1 -29.44 -15.78 9.76
C GLY A 1 -27.96 -15.86 10.02
N PRO A 2 -27.23 -14.74 9.86
CA PRO A 2 -25.78 -14.70 10.09
C PRO A 2 -25.42 -14.59 11.57
N LEU A 3 -24.14 -14.40 11.84
CA LEU A 3 -23.67 -14.26 13.22
C LEU A 3 -23.90 -12.85 13.75
N GLY A 4 -23.13 -11.90 13.23
CA GLY A 4 -23.27 -10.53 13.67
C GLY A 4 -24.39 -9.80 12.94
N SER A 5 -24.38 -8.47 13.04
CA SER A 5 -25.40 -7.65 12.41
C SER A 5 -25.08 -7.44 10.93
N PRO A 6 -26.11 -7.56 10.05
CA PRO A 6 -25.92 -7.38 8.60
C PRO A 6 -25.81 -5.92 8.20
N ARG A 7 -26.92 -5.18 8.29
CA ARG A 7 -26.93 -3.78 7.93
C ARG A 7 -26.21 -2.94 8.97
N ASN A 8 -24.89 -2.88 8.85
CA ASN A 8 -24.07 -2.12 9.79
C ASN A 8 -24.15 -0.63 9.45
N ALA A 9 -24.27 0.21 10.48
CA ALA A 9 -24.35 1.65 10.27
C ALA A 9 -22.96 2.25 10.03
N ASN A 10 -22.14 1.52 9.29
CA ASN A 10 -20.78 1.98 8.97
C ASN A 10 -20.77 2.72 7.64
N ASP A 11 -21.87 3.40 7.34
CA ASP A 11 -21.99 4.14 6.09
C ASP A 11 -21.11 5.38 6.13
N ASN A 12 -19.91 5.25 5.58
CA ASN A 12 -18.97 6.36 5.55
C ASN A 12 -19.41 7.39 4.52
N ASN A 13 -19.70 8.60 4.98
CA ASN A 13 -20.13 9.67 4.11
C ASN A 13 -18.94 10.43 3.53
N GLN A 14 -17.82 9.71 3.37
CA GLN A 14 -16.61 10.31 2.82
C GLN A 14 -16.62 10.30 1.30
N PHE A 15 -17.56 11.04 0.72
CA PHE A 15 -17.66 11.13 -0.73
C PHE A 15 -16.74 12.21 -1.28
N TYR A 16 -15.95 12.82 -0.41
CA TYR A 16 -15.02 13.86 -0.81
C TYR A 16 -13.75 13.25 -1.40
N GLN A 17 -13.15 12.33 -0.67
CA GLN A 17 -11.94 11.66 -1.12
C GLN A 17 -12.29 10.48 -2.03
N GLN A 18 -11.31 10.03 -2.80
CA GLN A 18 -11.49 8.92 -3.71
C GLN A 18 -11.53 7.60 -2.96
N LYS A 19 -12.68 6.92 -3.01
CA LYS A 19 -12.82 5.64 -2.32
C LYS A 19 -12.15 4.53 -3.11
N GLN A 20 -12.05 4.71 -4.41
CA GLN A 20 -11.41 3.72 -5.28
C GLN A 20 -9.89 3.83 -5.20
N ARG A 21 -9.39 5.04 -4.97
CA ARG A 21 -7.95 5.26 -4.86
C ARG A 21 -7.36 4.48 -3.70
N GLN A 22 -7.82 4.80 -2.48
CA GLN A 22 -7.33 4.11 -1.29
C GLN A 22 -7.84 2.67 -1.26
N ALA A 23 -8.88 2.38 -2.03
CA ALA A 23 -9.44 1.04 -2.08
C ALA A 23 -8.40 0.03 -2.57
N LEU A 24 -8.02 0.16 -3.83
CA LEU A 24 -7.03 -0.73 -4.41
C LEU A 24 -5.67 -0.51 -3.76
N GLY A 25 -5.37 0.74 -3.42
CA GLY A 25 -4.09 1.03 -2.79
C GLY A 25 -3.95 0.27 -1.49
N GLU A 26 -5.07 0.16 -0.77
CA GLU A 26 -5.08 -0.58 0.48
C GLU A 26 -4.67 -2.02 0.24
N GLN A 27 -4.95 -2.51 -0.98
CA GLN A 27 -4.59 -3.87 -1.35
C GLN A 27 -3.08 -4.05 -1.30
N LEU A 28 -2.35 -2.96 -1.55
CA LEU A 28 -0.90 -2.98 -1.52
C LEU A 28 -0.40 -3.37 -0.13
N TYR A 29 -0.94 -2.69 0.87
CA TYR A 29 -0.55 -2.91 2.26
C TYR A 29 -0.96 -4.29 2.78
N LYS A 30 -2.23 -4.65 2.61
CA LYS A 30 -2.74 -5.94 3.08
C LYS A 30 -1.95 -7.09 2.47
N LYS A 31 -1.55 -6.93 1.22
CA LYS A 31 -0.81 -7.97 0.52
C LYS A 31 0.50 -8.28 1.23
N VAL A 32 1.07 -7.29 1.89
CA VAL A 32 2.32 -7.48 2.61
C VAL A 32 2.04 -8.12 3.97
N SER A 33 1.04 -7.59 4.69
CA SER A 33 0.67 -8.13 5.99
C SER A 33 -0.09 -9.45 5.86
N ALA A 34 -0.15 -9.98 4.65
CA ALA A 34 -0.84 -11.24 4.39
C ALA A 34 -0.28 -12.37 5.24
N LYS A 35 0.92 -12.17 5.80
CA LYS A 35 1.56 -13.19 6.63
C LYS A 35 1.46 -12.83 8.11
N THR A 36 1.13 -11.57 8.40
CA THR A 36 1.01 -11.12 9.78
C THR A 36 0.42 -9.72 9.84
N SER A 37 -0.11 -9.35 11.01
CA SER A 37 -0.71 -8.04 11.21
C SER A 37 0.32 -7.05 11.76
N ASN A 38 1.55 -7.14 11.26
CA ASN A 38 2.60 -6.24 11.70
C ASN A 38 2.46 -4.89 11.01
N GLU A 39 1.85 -3.94 11.71
CA GLU A 39 1.63 -2.60 11.15
C GLU A 39 2.97 -1.97 10.77
N GLU A 40 4.03 -2.37 11.47
CA GLU A 40 5.36 -1.85 11.20
C GLU A 40 6.04 -2.61 10.07
N ALA A 41 5.60 -3.83 9.82
CA ALA A 41 6.17 -4.65 8.76
C ALA A 41 5.67 -4.20 7.39
N ALA A 42 4.42 -4.54 7.12
CA ALA A 42 3.79 -4.19 5.86
C ALA A 42 3.88 -2.69 5.61
N GLY A 43 3.84 -1.91 6.69
CA GLY A 43 3.94 -0.48 6.54
C GLY A 43 5.29 -0.07 6.01
N LYS A 44 6.30 -0.91 6.26
CA LYS A 44 7.66 -0.63 5.79
C LYS A 44 7.73 -0.83 4.29
N ILE A 45 7.40 -2.04 3.86
CA ILE A 45 7.40 -2.39 2.45
C ILE A 45 6.45 -1.49 1.67
N THR A 46 5.28 -1.25 2.25
CA THR A 46 4.28 -0.39 1.61
C THR A 46 4.88 0.94 1.21
N GLY A 47 5.74 1.47 2.08
CA GLY A 47 6.39 2.73 1.79
C GLY A 47 7.25 2.64 0.55
N MET A 48 7.71 1.43 0.25
CA MET A 48 8.53 1.19 -0.92
C MET A 48 7.64 1.13 -2.16
N ILE A 49 6.63 0.26 -2.12
CA ILE A 49 5.70 0.14 -3.23
C ILE A 49 4.84 1.40 -3.34
N LEU A 50 5.04 2.33 -2.42
CA LEU A 50 4.31 3.59 -2.42
C LEU A 50 4.74 4.48 -3.59
N ASP A 51 5.59 3.94 -4.47
CA ASP A 51 6.06 4.68 -5.63
C ASP A 51 5.06 4.64 -6.77
N LEU A 52 4.24 3.59 -6.83
CA LEU A 52 3.25 3.46 -7.87
C LEU A 52 2.13 4.48 -7.64
N PRO A 53 1.71 5.22 -8.68
CA PRO A 53 0.65 6.22 -8.53
C PRO A 53 -0.60 5.64 -7.87
N PRO A 54 -1.43 6.50 -7.27
CA PRO A 54 -2.65 6.08 -6.59
C PRO A 54 -3.48 5.09 -7.40
N GLN A 55 -3.99 5.53 -8.54
CA GLN A 55 -4.78 4.67 -9.41
C GLN A 55 -3.90 3.69 -10.20
N GLU A 56 -2.74 4.16 -10.64
CA GLU A 56 -1.81 3.35 -11.42
C GLU A 56 -1.23 2.17 -10.63
N VAL A 57 -1.45 2.16 -9.32
CA VAL A 57 -0.94 1.06 -8.49
C VAL A 57 -1.92 -0.12 -8.51
N PHE A 58 -3.20 0.20 -8.64
CA PHE A 58 -4.26 -0.82 -8.67
C PHE A 58 -3.81 -2.09 -9.41
N PRO A 59 -3.33 -1.97 -10.66
CA PRO A 59 -2.90 -3.12 -11.46
C PRO A 59 -1.77 -3.91 -10.79
N LEU A 60 -0.81 -3.19 -10.23
CA LEU A 60 0.32 -3.83 -9.56
C LEU A 60 -0.15 -4.60 -8.33
N LEU A 61 -0.88 -3.93 -7.45
CA LEU A 61 -1.38 -4.55 -6.23
C LEU A 61 -2.39 -5.67 -6.51
N GLU A 62 -2.77 -5.85 -7.77
CA GLU A 62 -3.73 -6.89 -8.12
C GLU A 62 -3.05 -8.08 -8.78
N SER A 63 -1.77 -7.92 -9.12
CA SER A 63 -1.01 -8.99 -9.76
C SER A 63 0.05 -9.54 -8.81
N ASP A 64 -0.02 -10.85 -8.57
CA ASP A 64 0.93 -11.53 -7.69
C ASP A 64 2.36 -11.38 -8.22
N GLU A 65 2.54 -11.64 -9.51
CA GLU A 65 3.85 -11.54 -10.13
C GLU A 65 4.41 -10.13 -10.01
N LEU A 66 3.59 -9.15 -10.39
CA LEU A 66 4.00 -7.75 -10.34
C LEU A 66 4.32 -7.31 -8.91
N PHE A 67 3.72 -7.99 -7.94
CA PHE A 67 3.96 -7.68 -6.53
C PHE A 67 5.31 -8.23 -6.08
N GLU A 68 5.51 -9.52 -6.29
CA GLU A 68 6.75 -10.19 -5.91
C GLU A 68 7.99 -9.36 -6.25
N GLN A 69 8.03 -8.82 -7.47
CA GLN A 69 9.16 -8.01 -7.92
C GLN A 69 9.34 -6.76 -7.06
N HIS A 70 8.32 -5.92 -7.03
CA HIS A 70 8.37 -4.68 -6.25
C HIS A 70 8.52 -5.02 -4.77
N TYR A 71 7.66 -5.90 -4.27
CA TYR A 71 7.70 -6.32 -2.87
C TYR A 71 8.99 -7.11 -2.57
N LYS A 72 9.72 -7.48 -3.63
CA LYS A 72 10.97 -8.23 -3.47
C LYS A 72 12.01 -7.40 -2.72
N GLU A 73 12.44 -6.30 -3.33
CA GLU A 73 13.44 -5.43 -2.71
C GLU A 73 13.01 -5.05 -1.30
N ALA A 74 11.74 -4.72 -1.15
CA ALA A 74 11.19 -4.34 0.13
C ALA A 74 11.19 -5.51 1.10
N SER A 75 11.01 -6.72 0.57
CA SER A 75 10.99 -7.92 1.40
C SER A 75 12.29 -8.02 2.19
N ALA A 76 13.42 -7.95 1.49
CA ALA A 76 14.72 -8.02 2.14
C ALA A 76 14.75 -7.09 3.35
N ALA A 77 14.12 -5.94 3.21
CA ALA A 77 14.06 -4.96 4.30
C ALA A 77 13.03 -5.38 5.35
N TYR A 78 12.05 -6.18 4.91
CA TYR A 78 11.02 -6.70 5.79
C TYR A 78 11.66 -7.40 7.00
N GLU A 79 12.53 -8.34 6.71
CA GLU A 79 13.23 -9.10 7.74
C GLU A 79 14.19 -8.23 8.53
N SER A 80 14.91 -7.35 7.81
CA SER A 80 15.87 -6.47 8.45
C SER A 80 15.20 -5.60 9.52
N PHE A 81 14.11 -4.96 9.13
CA PHE A 81 13.36 -4.10 10.05
C PHE A 81 12.67 -4.91 11.14
N LYS A 82 11.91 -5.91 10.73
CA LYS A 82 11.18 -6.75 11.67
C LYS A 82 12.13 -7.40 12.68
N LYS A 83 13.19 -8.04 12.17
CA LYS A 83 14.16 -8.71 13.03
C LYS A 83 14.90 -7.71 13.91
N GLU A 84 14.98 -6.45 13.46
CA GLU A 84 15.66 -5.42 14.21
C GLU A 84 14.90 -5.10 15.49
N GLN A 85 13.58 -5.24 15.43
CA GLN A 85 12.72 -4.97 16.59
C GLN A 85 12.59 -6.21 17.45
N GLU A 86 13.72 -6.86 17.74
CA GLU A 86 13.75 -8.06 18.56
C GLU A 86 13.62 -7.73 20.04
N GLN A 87 13.86 -6.47 20.39
CA GLN A 87 13.77 -6.03 21.77
C GLN A 87 12.32 -5.78 22.18
N GLN A 88 11.64 -4.94 21.42
CA GLN A 88 10.24 -4.61 21.70
C GLN A 88 9.31 -5.73 21.23
N THR A 89 8.87 -6.56 22.17
CA THR A 89 7.97 -7.66 21.86
C THR A 89 6.52 -7.24 22.02
N GLU A 90 5.93 -6.72 20.95
CA GLU A 90 4.54 -6.28 20.97
C GLU A 90 3.59 -7.44 21.18
N GLN A 91 3.97 -8.61 20.68
CA GLN A 91 3.15 -9.81 20.82
C GLN A 91 3.50 -10.56 22.10
N ALA A 92 2.90 -11.74 22.29
CA ALA A 92 3.15 -12.54 23.47
C ALA A 92 4.25 -13.58 23.20
N GLY A 1 -13.70 36.18 -13.28
CA GLY A 1 -13.52 35.82 -11.85
C GLY A 1 -14.24 34.54 -11.46
N PRO A 2 -15.57 34.48 -11.62
CA PRO A 2 -16.37 33.30 -11.27
C PRO A 2 -15.81 32.03 -11.89
N LEU A 3 -16.27 30.89 -11.36
CA LEU A 3 -15.83 29.59 -11.85
C LEU A 3 -16.63 29.18 -13.08
N GLY A 4 -15.94 28.67 -14.10
CA GLY A 4 -16.61 28.24 -15.31
C GLY A 4 -17.25 26.88 -15.17
N SER A 5 -17.95 26.66 -14.05
CA SER A 5 -18.61 25.39 -13.80
C SER A 5 -20.05 25.42 -14.32
N PRO A 6 -20.39 24.53 -15.27
CA PRO A 6 -21.75 24.48 -15.84
C PRO A 6 -22.78 23.93 -14.87
N ARG A 7 -22.34 23.00 -14.02
CA ARG A 7 -23.22 22.38 -13.04
C ARG A 7 -23.36 23.27 -11.80
N ASN A 8 -24.54 23.23 -11.20
CA ASN A 8 -24.81 24.04 -10.00
C ASN A 8 -24.63 23.21 -8.73
N ALA A 9 -25.40 22.13 -8.63
CA ALA A 9 -25.33 21.26 -7.47
C ALA A 9 -24.15 20.30 -7.56
N ASN A 10 -23.11 20.56 -6.77
CA ASN A 10 -21.92 19.72 -6.76
C ASN A 10 -21.95 18.76 -5.59
N ASP A 11 -21.88 17.46 -5.89
CA ASP A 11 -21.90 16.43 -4.86
C ASP A 11 -20.61 16.42 -4.05
N ASN A 12 -20.64 17.06 -2.88
CA ASN A 12 -19.47 17.13 -2.02
C ASN A 12 -19.39 15.89 -1.13
N ASN A 13 -18.26 15.19 -1.21
CA ASN A 13 -18.05 13.99 -0.42
C ASN A 13 -16.57 13.68 -0.27
N GLN A 14 -16.17 13.18 0.90
CA GLN A 14 -14.78 12.84 1.17
C GLN A 14 -14.52 11.35 0.97
N PHE A 15 -15.45 10.51 1.45
CA PHE A 15 -15.30 9.07 1.34
C PHE A 15 -15.85 8.55 0.01
N TYR A 16 -16.07 9.45 -0.94
CA TYR A 16 -16.59 9.08 -2.25
C TYR A 16 -15.45 8.74 -3.21
N GLN A 17 -14.56 9.69 -3.43
CA GLN A 17 -13.43 9.48 -4.32
C GLN A 17 -12.24 8.90 -3.57
N GLN A 18 -12.06 9.33 -2.33
CA GLN A 18 -10.98 8.84 -1.50
C GLN A 18 -11.10 7.32 -1.28
N LYS A 19 -12.30 6.80 -1.49
CA LYS A 19 -12.56 5.37 -1.32
C LYS A 19 -12.04 4.58 -2.51
N GLN A 20 -12.04 5.21 -3.68
CA GLN A 20 -11.58 4.57 -4.91
C GLN A 20 -10.06 4.37 -4.88
N ARG A 21 -9.32 5.44 -4.64
CA ARG A 21 -7.88 5.36 -4.58
C ARG A 21 -7.42 4.49 -3.43
N GLN A 22 -7.96 4.77 -2.25
CA GLN A 22 -7.63 4.02 -1.04
C GLN A 22 -8.18 2.60 -1.12
N ALA A 23 -8.97 2.31 -2.14
CA ALA A 23 -9.54 0.98 -2.29
C ALA A 23 -8.47 -0.03 -2.71
N LEU A 24 -8.03 0.07 -3.96
CA LEU A 24 -7.01 -0.83 -4.48
C LEU A 24 -5.66 -0.58 -3.82
N GLY A 25 -5.36 0.69 -3.56
CA GLY A 25 -4.10 1.02 -2.92
C GLY A 25 -3.95 0.39 -1.55
N GLU A 26 -5.04 0.41 -0.77
CA GLU A 26 -5.02 -0.20 0.55
C GLU A 26 -4.66 -1.68 0.44
N GLN A 27 -4.98 -2.27 -0.70
CA GLN A 27 -4.66 -3.67 -0.94
C GLN A 27 -3.15 -3.84 -1.10
N LEU A 28 -2.48 -2.77 -1.52
CA LEU A 28 -1.02 -2.80 -1.66
C LEU A 28 -0.42 -3.16 -0.30
N TYR A 29 -1.08 -2.70 0.75
CA TYR A 29 -0.67 -2.97 2.12
C TYR A 29 -1.12 -4.38 2.55
N LYS A 30 -2.34 -4.77 2.16
CA LYS A 30 -2.87 -6.08 2.51
C LYS A 30 -2.01 -7.19 1.88
N LYS A 31 -1.55 -6.94 0.67
CA LYS A 31 -0.72 -7.90 -0.06
C LYS A 31 0.58 -8.19 0.70
N VAL A 32 1.16 -7.14 1.26
CA VAL A 32 2.40 -7.27 2.02
C VAL A 32 2.13 -7.83 3.41
N SER A 33 1.05 -7.36 4.03
CA SER A 33 0.67 -7.83 5.35
C SER A 33 0.06 -9.23 5.27
N ALA A 34 0.09 -9.82 4.08
CA ALA A 34 -0.45 -11.15 3.86
C ALA A 34 0.23 -12.20 4.74
N LYS A 35 1.29 -11.79 5.44
CA LYS A 35 2.02 -12.70 6.32
C LYS A 35 1.67 -12.42 7.77
N THR A 36 1.18 -11.21 8.05
CA THR A 36 0.81 -10.83 9.41
C THR A 36 0.27 -9.40 9.45
N SER A 37 -0.44 -9.06 10.51
CA SER A 37 -1.00 -7.72 10.66
C SER A 37 -0.01 -6.77 11.34
N ASN A 38 1.26 -6.94 10.99
CA ASN A 38 2.32 -6.09 11.53
C ASN A 38 2.36 -4.75 10.79
N GLU A 39 1.82 -3.71 11.41
CA GLU A 39 1.79 -2.38 10.81
C GLU A 39 3.17 -1.84 10.52
N GLU A 40 4.16 -2.24 11.32
CA GLU A 40 5.53 -1.78 11.13
C GLU A 40 6.21 -2.57 10.01
N ALA A 41 5.77 -3.80 9.81
CA ALA A 41 6.33 -4.66 8.77
C ALA A 41 5.74 -4.32 7.42
N ALA A 42 4.47 -4.62 7.27
CA ALA A 42 3.75 -4.36 6.02
C ALA A 42 3.78 -2.89 5.65
N GLY A 43 3.62 -2.02 6.65
CA GLY A 43 3.66 -0.60 6.40
C GLY A 43 5.02 -0.13 5.93
N LYS A 44 6.06 -0.88 6.29
CA LYS A 44 7.42 -0.54 5.90
C LYS A 44 7.64 -0.82 4.42
N ILE A 45 7.55 -2.09 4.05
CA ILE A 45 7.76 -2.48 2.67
C ILE A 45 6.76 -1.81 1.74
N THR A 46 5.58 -1.52 2.26
CA THR A 46 4.55 -0.84 1.46
C THR A 46 5.02 0.55 1.07
N GLY A 47 5.77 1.19 1.96
CA GLY A 47 6.27 2.52 1.70
C GLY A 47 7.19 2.54 0.49
N MET A 48 7.96 1.46 0.32
CA MET A 48 8.87 1.37 -0.81
C MET A 48 8.06 1.19 -2.09
N ILE A 49 7.10 0.26 -2.06
CA ILE A 49 6.24 0.01 -3.20
C ILE A 49 5.19 1.11 -3.34
N LEU A 50 5.30 2.13 -2.49
CA LEU A 50 4.39 3.27 -2.51
C LEU A 50 4.81 4.29 -3.56
N ASP A 51 5.68 3.87 -4.48
CA ASP A 51 6.15 4.75 -5.55
C ASP A 51 5.16 4.75 -6.71
N LEU A 52 4.24 3.77 -6.72
CA LEU A 52 3.25 3.67 -7.78
C LEU A 52 2.04 4.55 -7.46
N PRO A 53 1.62 5.41 -8.40
CA PRO A 53 0.48 6.30 -8.21
C PRO A 53 -0.73 5.56 -7.63
N PRO A 54 -1.64 6.29 -6.97
CA PRO A 54 -2.85 5.71 -6.36
C PRO A 54 -3.53 4.69 -7.27
N GLN A 55 -3.99 5.16 -8.43
CA GLN A 55 -4.66 4.29 -9.38
C GLN A 55 -3.68 3.42 -10.14
N GLU A 56 -2.54 3.99 -10.52
CA GLU A 56 -1.52 3.28 -11.27
C GLU A 56 -0.94 2.09 -10.49
N VAL A 57 -1.19 2.04 -9.20
CA VAL A 57 -0.69 0.94 -8.38
C VAL A 57 -1.67 -0.22 -8.41
N PHE A 58 -2.95 0.10 -8.66
CA PHE A 58 -4.02 -0.89 -8.71
C PHE A 58 -3.58 -2.18 -9.42
N PRO A 59 -3.04 -2.09 -10.64
CA PRO A 59 -2.61 -3.28 -11.40
C PRO A 59 -1.52 -4.08 -10.68
N LEU A 60 -0.57 -3.38 -10.07
CA LEU A 60 0.53 -4.04 -9.37
C LEU A 60 0.01 -4.82 -8.16
N LEU A 61 -0.70 -4.12 -7.27
CA LEU A 61 -1.23 -4.72 -6.06
C LEU A 61 -2.27 -5.81 -6.36
N GLU A 62 -2.65 -5.97 -7.61
CA GLU A 62 -3.64 -6.99 -7.98
C GLU A 62 -2.98 -8.19 -8.66
N SER A 63 -1.75 -7.99 -9.16
CA SER A 63 -1.02 -9.06 -9.82
C SER A 63 0.06 -9.64 -8.91
N ASP A 64 0.00 -10.95 -8.69
CA ASP A 64 0.98 -11.62 -7.83
C ASP A 64 2.40 -11.46 -8.38
N GLU A 65 2.57 -11.81 -9.65
CA GLU A 65 3.88 -11.71 -10.29
C GLU A 65 4.43 -10.29 -10.23
N LEU A 66 3.64 -9.32 -10.67
CA LEU A 66 4.04 -7.93 -10.67
C LEU A 66 4.37 -7.46 -9.25
N PHE A 67 3.71 -8.06 -8.26
CA PHE A 67 3.95 -7.71 -6.87
C PHE A 67 5.24 -8.31 -6.35
N GLU A 68 5.40 -9.61 -6.55
CA GLU A 68 6.59 -10.33 -6.10
C GLU A 68 7.87 -9.53 -6.35
N GLN A 69 8.02 -9.01 -7.57
CA GLN A 69 9.20 -8.24 -7.94
C GLN A 69 9.37 -7.01 -7.05
N HIS A 70 8.36 -6.14 -7.06
CA HIS A 70 8.42 -4.92 -6.25
C HIS A 70 8.47 -5.29 -4.78
N TYR A 71 7.53 -6.12 -4.35
CA TYR A 71 7.47 -6.57 -2.97
C TYR A 71 8.72 -7.37 -2.58
N LYS A 72 9.51 -7.77 -3.60
CA LYS A 72 10.74 -8.53 -3.35
C LYS A 72 11.79 -7.68 -2.66
N GLU A 73 12.23 -6.61 -3.34
CA GLU A 73 13.25 -5.72 -2.77
C GLU A 73 12.83 -5.27 -1.38
N ALA A 74 11.54 -5.07 -1.18
CA ALA A 74 11.02 -4.65 0.11
C ALA A 74 11.08 -5.80 1.12
N SER A 75 10.86 -7.02 0.63
CA SER A 75 10.90 -8.20 1.49
C SER A 75 12.24 -8.26 2.23
N ALA A 76 13.33 -8.16 1.47
CA ALA A 76 14.67 -8.17 2.07
C ALA A 76 14.74 -7.20 3.25
N ALA A 77 14.15 -6.02 3.06
CA ALA A 77 14.12 -5.01 4.11
C ALA A 77 13.07 -5.37 5.16
N TYR A 78 12.08 -6.14 4.73
CA TYR A 78 11.03 -6.61 5.61
C TYR A 78 11.64 -7.23 6.86
N GLU A 79 12.50 -8.23 6.64
CA GLU A 79 13.15 -8.95 7.72
C GLU A 79 14.02 -8.01 8.56
N SER A 80 14.70 -7.07 7.90
CA SER A 80 15.57 -6.13 8.59
C SER A 80 14.79 -5.33 9.64
N PHE A 81 13.67 -4.75 9.24
CA PHE A 81 12.86 -3.95 10.14
C PHE A 81 12.19 -4.79 11.21
N LYS A 82 11.48 -5.84 10.80
CA LYS A 82 10.80 -6.73 11.75
C LYS A 82 11.78 -7.28 12.78
N LYS A 83 13.02 -7.51 12.33
CA LYS A 83 14.06 -8.03 13.22
C LYS A 83 14.76 -6.91 13.99
N GLU A 84 14.44 -5.68 13.66
CA GLU A 84 15.03 -4.52 14.32
C GLU A 84 14.66 -4.50 15.81
N GLN A 85 13.39 -4.72 16.10
CA GLN A 85 12.91 -4.73 17.49
C GLN A 85 13.29 -6.02 18.19
N GLU A 86 14.29 -5.95 19.06
CA GLU A 86 14.74 -7.13 19.79
C GLU A 86 13.99 -7.26 21.11
N GLN A 87 13.41 -6.17 21.58
CA GLN A 87 12.66 -6.16 22.83
C GLN A 87 11.20 -6.54 22.60
N GLN A 88 10.51 -5.73 21.81
CA GLN A 88 9.10 -5.98 21.51
C GLN A 88 8.95 -6.76 20.21
N THR A 89 8.44 -7.98 20.31
CA THR A 89 8.22 -8.82 19.15
C THR A 89 6.76 -8.80 18.72
N GLU A 90 6.42 -7.87 17.83
CA GLU A 90 5.04 -7.74 17.34
C GLU A 90 4.81 -8.61 16.11
N GLN A 91 5.58 -9.67 15.98
CA GLN A 91 5.45 -10.59 14.85
C GLN A 91 4.59 -11.79 15.21
N ALA A 92 4.79 -12.30 16.42
CA ALA A 92 4.03 -13.45 16.90
C ALA A 92 2.87 -13.03 17.78
N GLY A 1 -10.40 32.76 -4.97
CA GLY A 1 -9.70 31.47 -4.82
C GLY A 1 -9.96 30.82 -3.48
N PRO A 2 -9.23 31.23 -2.42
CA PRO A 2 -9.40 30.67 -1.08
C PRO A 2 -10.80 30.93 -0.52
N LEU A 3 -11.33 32.12 -0.80
CA LEU A 3 -12.65 32.50 -0.32
C LEU A 3 -13.73 32.12 -1.33
N GLY A 4 -14.36 30.96 -1.10
CA GLY A 4 -15.40 30.50 -2.00
C GLY A 4 -16.73 31.17 -1.71
N SER A 5 -17.80 30.62 -2.27
CA SER A 5 -19.13 31.18 -2.06
C SER A 5 -19.65 30.81 -0.66
N PRO A 6 -20.37 31.76 -0.01
CA PRO A 6 -20.92 31.54 1.33
C PRO A 6 -22.09 30.56 1.35
N ARG A 7 -22.39 29.96 0.21
CA ARG A 7 -23.49 29.01 0.11
C ARG A 7 -23.00 27.58 0.31
N ASN A 8 -23.92 26.62 0.23
CA ASN A 8 -23.57 25.21 0.41
C ASN A 8 -23.27 24.56 -0.93
N ALA A 9 -22.62 23.40 -0.89
CA ALA A 9 -22.26 22.69 -2.12
C ALA A 9 -23.52 22.22 -2.85
N ASN A 10 -23.66 22.66 -4.09
CA ASN A 10 -24.81 22.29 -4.91
C ASN A 10 -24.47 21.19 -5.90
N ASP A 11 -23.29 21.30 -6.51
CA ASP A 11 -22.84 20.31 -7.49
C ASP A 11 -22.57 18.98 -6.82
N ASN A 12 -22.52 17.91 -7.62
CA ASN A 12 -22.27 16.58 -7.10
C ASN A 12 -20.78 16.25 -7.16
N ASN A 13 -20.19 15.97 -6.00
CA ASN A 13 -18.77 15.64 -5.92
C ASN A 13 -18.55 14.17 -6.26
N GLN A 14 -17.44 13.88 -6.94
CA GLN A 14 -17.12 12.52 -7.33
C GLN A 14 -16.30 11.82 -6.24
N PHE A 15 -17.00 11.33 -5.22
CA PHE A 15 -16.35 10.63 -4.12
C PHE A 15 -15.95 9.21 -4.52
N TYR A 16 -16.36 8.79 -5.72
CA TYR A 16 -16.04 7.46 -6.20
C TYR A 16 -14.55 7.29 -6.41
N GLN A 17 -13.87 8.37 -6.77
CA GLN A 17 -12.43 8.33 -7.01
C GLN A 17 -11.66 8.20 -5.70
N GLN A 18 -12.00 9.04 -4.73
CA GLN A 18 -11.34 9.03 -3.43
C GLN A 18 -11.42 7.64 -2.80
N LYS A 19 -12.64 7.12 -2.68
CA LYS A 19 -12.86 5.82 -2.08
C LYS A 19 -12.22 4.72 -2.92
N GLN A 20 -12.09 4.96 -4.22
CA GLN A 20 -11.48 3.98 -5.11
C GLN A 20 -9.97 3.94 -4.90
N ARG A 21 -9.35 5.10 -5.03
CA ARG A 21 -7.90 5.23 -4.87
C ARG A 21 -7.41 4.49 -3.63
N GLN A 22 -7.95 4.85 -2.47
CA GLN A 22 -7.56 4.21 -1.22
C GLN A 22 -8.07 2.77 -1.15
N ALA A 23 -9.00 2.41 -2.04
CA ALA A 23 -9.56 1.06 -2.05
C ALA A 23 -8.52 0.05 -2.54
N LEU A 24 -8.20 0.10 -3.82
CA LEU A 24 -7.24 -0.81 -4.39
C LEU A 24 -5.86 -0.56 -3.76
N GLY A 25 -5.60 0.69 -3.41
CA GLY A 25 -4.32 1.02 -2.78
C GLY A 25 -4.15 0.27 -1.48
N GLU A 26 -5.24 0.16 -0.72
CA GLU A 26 -5.20 -0.56 0.54
C GLU A 26 -4.82 -2.02 0.29
N GLN A 27 -5.13 -2.52 -0.91
CA GLN A 27 -4.80 -3.88 -1.28
C GLN A 27 -3.28 -4.06 -1.27
N LEU A 28 -2.56 -2.99 -1.57
CA LEU A 28 -1.10 -3.03 -1.56
C LEU A 28 -0.61 -3.37 -0.15
N TYR A 29 -1.27 -2.79 0.84
CA TYR A 29 -0.93 -3.03 2.25
C TYR A 29 -1.25 -4.45 2.69
N LYS A 30 -2.49 -4.90 2.48
CA LYS A 30 -2.86 -6.25 2.88
C LYS A 30 -2.02 -7.29 2.16
N LYS A 31 -1.63 -6.98 0.93
CA LYS A 31 -0.79 -7.89 0.14
C LYS A 31 0.56 -8.11 0.82
N VAL A 32 1.10 -7.04 1.40
CA VAL A 32 2.37 -7.12 2.10
C VAL A 32 2.16 -7.67 3.50
N SER A 33 1.07 -7.25 4.14
CA SER A 33 0.74 -7.72 5.47
C SER A 33 0.19 -9.15 5.41
N ALA A 34 0.24 -9.77 4.22
CA ALA A 34 -0.24 -11.12 4.03
C ALA A 34 0.51 -12.11 4.91
N LYS A 35 1.54 -11.64 5.61
CA LYS A 35 2.33 -12.50 6.48
C LYS A 35 1.97 -12.26 7.95
N THR A 36 1.33 -11.13 8.23
CA THR A 36 0.92 -10.79 9.59
C THR A 36 0.30 -9.40 9.64
N SER A 37 -0.32 -9.06 10.78
CA SER A 37 -0.95 -7.75 10.94
C SER A 37 0.01 -6.76 11.59
N ASN A 38 1.28 -6.82 11.18
CA ASN A 38 2.29 -5.91 11.69
C ASN A 38 2.19 -4.56 10.98
N GLU A 39 1.65 -3.57 11.68
CA GLU A 39 1.50 -2.23 11.11
C GLU A 39 2.85 -1.63 10.75
N GLU A 40 3.89 -2.02 11.48
CA GLU A 40 5.23 -1.51 11.22
C GLU A 40 5.92 -2.29 10.10
N ALA A 41 5.48 -3.52 9.88
CA ALA A 41 6.05 -4.38 8.84
C ALA A 41 5.51 -4.02 7.47
N ALA A 42 4.26 -4.37 7.23
CA ALA A 42 3.62 -4.11 5.95
C ALA A 42 3.68 -2.64 5.59
N GLY A 43 3.56 -1.78 6.60
CA GLY A 43 3.63 -0.35 6.36
C GLY A 43 5.01 0.08 5.92
N LYS A 44 6.02 -0.70 6.31
CA LYS A 44 7.39 -0.40 5.94
C LYS A 44 7.63 -0.70 4.46
N ILE A 45 7.50 -1.97 4.11
CA ILE A 45 7.72 -2.39 2.73
C ILE A 45 6.73 -1.72 1.79
N THR A 46 5.50 -1.49 2.27
CA THR A 46 4.50 -0.82 1.44
C THR A 46 5.01 0.56 1.04
N GLY A 47 5.83 1.15 1.91
CA GLY A 47 6.39 2.46 1.62
C GLY A 47 7.26 2.43 0.39
N MET A 48 7.99 1.32 0.20
CA MET A 48 8.84 1.17 -0.96
C MET A 48 7.98 1.07 -2.22
N ILE A 49 7.00 0.18 -2.18
CA ILE A 49 6.08 0.00 -3.29
C ILE A 49 5.13 1.20 -3.39
N LEU A 50 5.24 2.12 -2.43
CA LEU A 50 4.41 3.32 -2.40
C LEU A 50 4.76 4.27 -3.54
N ASP A 51 5.61 3.82 -4.46
CA ASP A 51 6.01 4.63 -5.60
C ASP A 51 4.93 4.60 -6.68
N LEU A 52 4.10 3.57 -6.66
CA LEU A 52 3.03 3.44 -7.64
C LEU A 52 1.91 4.41 -7.33
N PRO A 53 1.53 5.28 -8.29
CA PRO A 53 0.47 6.27 -8.09
C PRO A 53 -0.82 5.64 -7.57
N PRO A 54 -1.86 6.46 -7.34
CA PRO A 54 -3.14 5.98 -6.84
C PRO A 54 -3.74 4.86 -7.69
N GLN A 55 -4.17 5.19 -8.91
CA GLN A 55 -4.75 4.20 -9.80
C GLN A 55 -3.68 3.32 -10.44
N GLU A 56 -2.51 3.89 -10.70
CA GLU A 56 -1.41 3.15 -11.33
C GLU A 56 -0.92 2.01 -10.45
N VAL A 57 -1.23 2.07 -9.16
CA VAL A 57 -0.80 1.03 -8.24
C VAL A 57 -1.79 -0.14 -8.25
N PHE A 58 -3.06 0.16 -8.52
CA PHE A 58 -4.11 -0.85 -8.56
C PHE A 58 -3.66 -2.11 -9.30
N PRO A 59 -3.19 -1.96 -10.56
CA PRO A 59 -2.74 -3.10 -11.38
C PRO A 59 -1.62 -3.90 -10.73
N LEU A 60 -0.87 -3.27 -9.82
CA LEU A 60 0.24 -3.95 -9.15
C LEU A 60 -0.22 -4.59 -7.85
N LEU A 61 -1.00 -3.85 -7.07
CA LEU A 61 -1.49 -4.34 -5.79
C LEU A 61 -2.37 -5.58 -5.95
N GLU A 62 -2.76 -5.90 -7.18
CA GLU A 62 -3.59 -7.08 -7.43
C GLU A 62 -2.83 -8.12 -8.24
N SER A 63 -1.65 -7.76 -8.73
CA SER A 63 -0.83 -8.68 -9.53
C SER A 63 0.23 -9.36 -8.66
N ASP A 64 0.04 -10.66 -8.43
CA ASP A 64 0.97 -11.44 -7.61
C ASP A 64 2.39 -11.38 -8.17
N GLU A 65 2.58 -11.85 -9.40
CA GLU A 65 3.89 -11.87 -10.03
C GLU A 65 4.57 -10.51 -10.00
N LEU A 66 3.90 -9.49 -10.54
CA LEU A 66 4.45 -8.14 -10.58
C LEU A 66 4.71 -7.60 -9.16
N PHE A 67 3.82 -7.93 -8.24
CA PHE A 67 3.97 -7.49 -6.84
C PHE A 67 5.28 -8.00 -6.27
N GLU A 68 5.49 -9.32 -6.37
CA GLU A 68 6.71 -9.95 -5.87
C GLU A 68 7.95 -9.14 -6.19
N GLN A 69 8.04 -8.66 -7.43
CA GLN A 69 9.18 -7.86 -7.87
C GLN A 69 9.41 -6.68 -6.93
N HIS A 70 8.46 -5.76 -6.91
CA HIS A 70 8.56 -4.57 -6.07
C HIS A 70 8.60 -5.00 -4.60
N TYR A 71 7.65 -5.84 -4.21
CA TYR A 71 7.58 -6.35 -2.85
C TYR A 71 8.87 -7.10 -2.48
N LYS A 72 9.65 -7.47 -3.49
CA LYS A 72 10.91 -8.19 -3.26
C LYS A 72 11.92 -7.31 -2.53
N GLU A 73 12.27 -6.18 -3.17
CA GLU A 73 13.22 -5.24 -2.59
C GLU A 73 12.83 -4.87 -1.17
N ALA A 74 11.53 -4.69 -0.97
CA ALA A 74 11.00 -4.33 0.33
C ALA A 74 11.05 -5.52 1.28
N SER A 75 10.86 -6.72 0.74
CA SER A 75 10.91 -7.93 1.54
C SER A 75 12.23 -8.01 2.31
N ALA A 76 13.34 -7.90 1.60
CA ALA A 76 14.66 -7.94 2.22
C ALA A 76 14.71 -6.95 3.39
N ALA A 77 14.03 -5.81 3.23
CA ALA A 77 13.97 -4.80 4.28
C ALA A 77 12.97 -5.23 5.35
N TYR A 78 12.04 -6.09 4.95
CA TYR A 78 11.02 -6.63 5.83
C TYR A 78 11.67 -7.44 6.94
N GLU A 79 12.51 -8.39 6.54
CA GLU A 79 13.20 -9.24 7.49
C GLU A 79 14.15 -8.44 8.38
N SER A 80 14.84 -7.49 7.77
CA SER A 80 15.78 -6.65 8.50
C SER A 80 15.09 -5.91 9.63
N PHE A 81 14.01 -5.19 9.30
CA PHE A 81 13.27 -4.44 10.29
C PHE A 81 12.62 -5.36 11.32
N LYS A 82 11.99 -6.42 10.84
CA LYS A 82 11.32 -7.38 11.71
C LYS A 82 12.31 -8.02 12.68
N LYS A 83 13.41 -8.56 12.14
CA LYS A 83 14.43 -9.21 12.95
C LYS A 83 15.07 -8.22 13.91
N GLU A 84 15.57 -7.10 13.38
CA GLU A 84 16.22 -6.09 14.21
C GLU A 84 15.26 -5.55 15.26
N GLN A 85 13.96 -5.56 14.95
CA GLN A 85 12.96 -5.09 15.88
C GLN A 85 12.89 -5.99 17.11
N GLU A 86 13.83 -5.79 18.03
CA GLU A 86 13.87 -6.59 19.24
C GLU A 86 13.11 -5.92 20.38
N GLN A 87 12.09 -5.14 20.02
CA GLN A 87 11.29 -4.44 21.02
C GLN A 87 9.96 -5.14 21.25
N GLN A 88 9.25 -5.44 20.16
CA GLN A 88 7.95 -6.09 20.25
C GLN A 88 8.06 -7.61 20.16
N THR A 89 9.21 -8.16 20.57
CA THR A 89 9.42 -9.60 20.52
C THR A 89 9.55 -10.16 21.94
N GLU A 90 8.41 -10.51 22.53
CA GLU A 90 8.40 -11.07 23.88
C GLU A 90 8.60 -12.57 23.86
N GLN A 91 9.45 -13.06 24.76
CA GLN A 91 9.73 -14.49 24.84
C GLN A 91 8.60 -15.23 25.55
N ALA A 92 8.30 -14.80 26.76
CA ALA A 92 7.22 -15.41 27.54
C ALA A 92 5.88 -14.76 27.24
N GLY A 1 -26.08 -8.98 -12.01
CA GLY A 1 -24.80 -8.45 -12.57
C GLY A 1 -24.33 -7.20 -11.86
N PRO A 2 -23.94 -6.14 -12.60
CA PRO A 2 -23.47 -4.89 -12.00
C PRO A 2 -24.48 -4.31 -11.02
N LEU A 3 -23.99 -3.83 -9.88
CA LEU A 3 -24.83 -3.24 -8.86
C LEU A 3 -25.13 -1.79 -9.16
N GLY A 4 -26.32 -1.52 -9.70
CA GLY A 4 -26.70 -0.17 -10.03
C GLY A 4 -27.53 0.48 -8.94
N SER A 5 -27.45 1.80 -8.84
CA SER A 5 -28.19 2.54 -7.82
C SER A 5 -29.66 2.68 -8.22
N PRO A 6 -30.55 2.88 -7.23
CA PRO A 6 -31.98 3.02 -7.48
C PRO A 6 -32.33 4.36 -8.13
N ARG A 7 -31.90 5.45 -7.50
CA ARG A 7 -32.17 6.79 -8.03
C ARG A 7 -30.99 7.28 -8.87
N ASN A 8 -31.29 7.73 -10.09
CA ASN A 8 -30.25 8.23 -10.98
C ASN A 8 -29.92 9.69 -10.69
N ALA A 9 -28.73 9.91 -10.15
CA ALA A 9 -28.28 11.27 -9.81
C ALA A 9 -27.68 11.97 -11.03
N ASN A 10 -27.74 13.29 -11.04
CA ASN A 10 -27.20 14.07 -12.15
C ASN A 10 -25.75 14.46 -11.89
N ASP A 11 -25.44 14.76 -10.63
CA ASP A 11 -24.09 15.15 -10.25
C ASP A 11 -23.33 13.96 -9.68
N ASN A 12 -22.01 13.98 -9.82
CA ASN A 12 -21.17 12.91 -9.32
C ASN A 12 -20.66 13.23 -7.91
N ASN A 13 -20.37 12.19 -7.13
CA ASN A 13 -19.88 12.36 -5.77
C ASN A 13 -18.36 12.27 -5.73
N GLN A 14 -17.75 13.03 -4.83
CA GLN A 14 -16.31 13.04 -4.69
C GLN A 14 -15.82 11.80 -3.95
N PHE A 15 -16.57 11.40 -2.94
CA PHE A 15 -16.22 10.22 -2.15
C PHE A 15 -16.47 8.93 -2.93
N TYR A 16 -17.13 9.04 -4.07
CA TYR A 16 -17.43 7.87 -4.90
C TYR A 16 -16.15 7.28 -5.48
N GLN A 17 -15.33 8.12 -6.10
CA GLN A 17 -14.08 7.68 -6.70
C GLN A 17 -12.94 7.70 -5.69
N GLN A 18 -13.10 8.51 -4.63
CA GLN A 18 -12.07 8.61 -3.59
C GLN A 18 -11.88 7.27 -2.89
N LYS A 19 -12.99 6.62 -2.54
CA LYS A 19 -12.94 5.32 -1.88
C LYS A 19 -12.21 4.31 -2.75
N GLN A 20 -12.27 4.52 -4.06
CA GLN A 20 -11.62 3.63 -5.01
C GLN A 20 -10.11 3.74 -4.90
N ARG A 21 -9.60 4.96 -4.79
CA ARG A 21 -8.16 5.20 -4.68
C ARG A 21 -7.57 4.42 -3.52
N GLN A 22 -8.10 4.63 -2.32
CA GLN A 22 -7.63 3.95 -1.13
C GLN A 22 -8.07 2.48 -1.14
N ALA A 23 -8.98 2.13 -2.05
CA ALA A 23 -9.47 0.76 -2.13
C ALA A 23 -8.37 -0.18 -2.61
N LEU A 24 -8.02 -0.07 -3.88
CA LEU A 24 -6.97 -0.90 -4.46
C LEU A 24 -5.63 -0.58 -3.81
N GLY A 25 -5.44 0.67 -3.41
CA GLY A 25 -4.20 1.06 -2.77
C GLY A 25 -3.98 0.30 -1.48
N GLU A 26 -5.06 0.14 -0.71
CA GLU A 26 -4.98 -0.60 0.53
C GLU A 26 -4.56 -2.03 0.26
N GLN A 27 -4.87 -2.52 -0.94
CA GLN A 27 -4.49 -3.87 -1.33
C GLN A 27 -2.97 -4.03 -1.28
N LEU A 28 -2.27 -2.95 -1.62
CA LEU A 28 -0.81 -2.93 -1.60
C LEU A 28 -0.30 -3.27 -0.21
N TYR A 29 -0.87 -2.61 0.79
CA TYR A 29 -0.48 -2.82 2.18
C TYR A 29 -0.89 -4.20 2.69
N LYS A 30 -2.17 -4.53 2.54
CA LYS A 30 -2.67 -5.83 2.99
C LYS A 30 -1.92 -6.98 2.33
N LYS A 31 -1.51 -6.77 1.09
CA LYS A 31 -0.79 -7.80 0.34
C LYS A 31 0.51 -8.15 1.05
N VAL A 32 1.08 -7.16 1.74
CA VAL A 32 2.31 -7.37 2.49
C VAL A 32 1.99 -8.01 3.83
N SER A 33 1.06 -7.40 4.56
CA SER A 33 0.64 -7.91 5.86
C SER A 33 -0.27 -9.13 5.71
N ALA A 34 -0.44 -9.61 4.48
CA ALA A 34 -1.29 -10.78 4.22
C ALA A 34 -0.82 -11.98 5.03
N LYS A 35 0.43 -11.93 5.49
CA LYS A 35 1.00 -13.02 6.27
C LYS A 35 1.07 -12.67 7.75
N THR A 36 0.61 -11.47 8.11
CA THR A 36 0.63 -11.02 9.50
C THR A 36 0.09 -9.61 9.63
N SER A 37 -0.51 -9.29 10.78
CA SER A 37 -1.07 -7.97 11.03
C SER A 37 -0.02 -7.02 11.63
N ASN A 38 1.22 -7.16 11.17
CA ASN A 38 2.30 -6.31 11.65
C ASN A 38 2.24 -4.94 10.97
N GLU A 39 1.71 -3.95 11.66
CA GLU A 39 1.59 -2.60 11.10
C GLU A 39 2.96 -2.03 10.74
N GLU A 40 3.99 -2.49 11.44
CA GLU A 40 5.35 -2.02 11.18
C GLU A 40 5.98 -2.79 10.03
N ALA A 41 5.49 -4.01 9.81
CA ALA A 41 5.99 -4.87 8.76
C ALA A 41 5.57 -4.39 7.38
N ALA A 42 4.27 -4.52 7.12
CA ALA A 42 3.71 -4.13 5.84
C ALA A 42 3.84 -2.63 5.61
N GLY A 43 3.83 -1.85 6.69
CA GLY A 43 3.98 -0.42 6.56
C GLY A 43 5.34 -0.05 6.03
N LYS A 44 6.30 -0.95 6.26
CA LYS A 44 7.68 -0.75 5.80
C LYS A 44 7.75 -0.92 4.28
N ILE A 45 7.42 -2.11 3.83
CA ILE A 45 7.44 -2.44 2.42
C ILE A 45 6.50 -1.54 1.62
N THR A 46 5.34 -1.24 2.21
CA THR A 46 4.36 -0.38 1.56
C THR A 46 4.99 0.93 1.14
N GLY A 47 5.89 1.46 1.97
CA GLY A 47 6.56 2.70 1.66
C GLY A 47 7.40 2.58 0.41
N MET A 48 7.97 1.40 0.18
CA MET A 48 8.79 1.16 -0.99
C MET A 48 7.92 1.11 -2.24
N ILE A 49 6.91 0.23 -2.22
CA ILE A 49 5.99 0.10 -3.34
C ILE A 49 5.05 1.30 -3.43
N LEU A 50 5.25 2.27 -2.54
CA LEU A 50 4.44 3.48 -2.53
C LEU A 50 4.91 4.44 -3.64
N ASP A 51 5.79 3.95 -4.51
CA ASP A 51 6.30 4.76 -5.61
C ASP A 51 5.27 4.86 -6.72
N LEU A 52 4.35 3.89 -6.78
CA LEU A 52 3.31 3.90 -7.78
C LEU A 52 2.10 4.69 -7.29
N PRO A 53 1.68 5.72 -8.04
CA PRO A 53 0.53 6.55 -7.65
C PRO A 53 -0.64 5.71 -7.18
N PRO A 54 -1.60 6.33 -6.46
CA PRO A 54 -2.77 5.62 -5.94
C PRO A 54 -3.43 4.69 -6.96
N GLN A 55 -3.88 5.26 -8.07
CA GLN A 55 -4.52 4.47 -9.12
C GLN A 55 -3.50 3.69 -9.95
N GLU A 56 -2.39 4.35 -10.26
CA GLU A 56 -1.33 3.75 -11.06
C GLU A 56 -0.76 2.49 -10.41
N VAL A 57 -1.03 2.30 -9.12
CA VAL A 57 -0.54 1.13 -8.41
C VAL A 57 -1.55 -0.01 -8.46
N PHE A 58 -2.82 0.35 -8.61
CA PHE A 58 -3.91 -0.63 -8.68
C PHE A 58 -3.53 -1.86 -9.51
N PRO A 59 -3.00 -1.66 -10.74
CA PRO A 59 -2.62 -2.77 -11.63
C PRO A 59 -1.52 -3.64 -11.04
N LEU A 60 -0.66 -3.04 -10.24
CA LEU A 60 0.44 -3.76 -9.61
C LEU A 60 -0.04 -4.52 -8.38
N LEU A 61 -0.72 -3.81 -7.51
CA LEU A 61 -1.23 -4.40 -6.27
C LEU A 61 -2.24 -5.52 -6.51
N GLU A 62 -2.66 -5.70 -7.76
CA GLU A 62 -3.65 -6.74 -8.06
C GLU A 62 -2.99 -7.95 -8.72
N SER A 63 -1.73 -7.81 -9.13
CA SER A 63 -1.01 -8.90 -9.76
C SER A 63 0.05 -9.45 -8.82
N ASP A 64 -0.07 -10.74 -8.50
CA ASP A 64 0.87 -11.39 -7.60
C ASP A 64 2.30 -11.29 -8.12
N GLU A 65 2.48 -11.54 -9.41
CA GLU A 65 3.80 -11.48 -10.02
C GLU A 65 4.37 -10.07 -9.94
N LEU A 66 3.57 -9.09 -10.37
CA LEU A 66 4.00 -7.70 -10.34
C LEU A 66 4.34 -7.26 -8.93
N PHE A 67 3.75 -7.95 -7.95
CA PHE A 67 4.00 -7.64 -6.54
C PHE A 67 5.29 -8.27 -6.05
N GLU A 68 5.43 -9.58 -6.26
CA GLU A 68 6.63 -10.29 -5.84
C GLU A 68 7.90 -9.52 -6.17
N GLN A 69 7.97 -9.00 -7.40
CA GLN A 69 9.12 -8.25 -7.86
C GLN A 69 9.37 -7.01 -6.99
N HIS A 70 8.40 -6.11 -6.96
CA HIS A 70 8.52 -4.89 -6.18
C HIS A 70 8.64 -5.23 -4.69
N TYR A 71 7.73 -6.06 -4.21
CA TYR A 71 7.74 -6.49 -2.82
C TYR A 71 8.99 -7.33 -2.52
N LYS A 72 9.72 -7.71 -3.58
CA LYS A 72 10.95 -8.51 -3.42
C LYS A 72 12.01 -7.71 -2.67
N GLU A 73 12.50 -6.65 -3.30
CA GLU A 73 13.53 -5.82 -2.68
C GLU A 73 13.08 -5.37 -1.30
N ALA A 74 11.81 -5.01 -1.19
CA ALA A 74 11.24 -4.58 0.07
C ALA A 74 11.12 -5.74 1.05
N SER A 75 10.95 -6.95 0.51
CA SER A 75 10.83 -8.14 1.35
C SER A 75 12.10 -8.31 2.18
N ALA A 76 13.25 -8.25 1.52
CA ALA A 76 14.53 -8.38 2.20
C ALA A 76 14.60 -7.45 3.40
N ALA A 77 14.05 -6.25 3.23
CA ALA A 77 14.02 -5.25 4.30
C ALA A 77 12.97 -5.64 5.35
N TYR A 78 12.05 -6.52 4.97
CA TYR A 78 11.01 -7.00 5.85
C TYR A 78 11.64 -7.62 7.10
N GLU A 79 12.56 -8.55 6.86
CA GLU A 79 13.24 -9.26 7.94
C GLU A 79 14.10 -8.30 8.78
N SER A 80 14.90 -7.47 8.12
CA SER A 80 15.76 -6.54 8.81
C SER A 80 14.96 -5.60 9.71
N PHE A 81 13.92 -4.99 9.15
CA PHE A 81 13.07 -4.07 9.89
C PHE A 81 12.26 -4.80 10.96
N LYS A 82 11.88 -6.04 10.66
CA LYS A 82 11.10 -6.85 11.59
C LYS A 82 11.97 -7.44 12.70
N LYS A 83 13.17 -7.85 12.32
CA LYS A 83 14.11 -8.46 13.27
C LYS A 83 14.93 -7.40 14.00
N GLU A 84 15.52 -6.49 13.24
CA GLU A 84 16.33 -5.43 13.83
C GLU A 84 15.46 -4.30 14.36
N GLN A 85 14.30 -4.65 14.90
CA GLN A 85 13.38 -3.67 15.45
C GLN A 85 13.76 -3.36 16.90
N GLU A 86 15.00 -2.93 17.09
CA GLU A 86 15.49 -2.60 18.43
C GLU A 86 15.02 -1.21 18.85
N GLN A 87 13.96 -0.72 18.21
CA GLN A 87 13.41 0.59 18.52
C GLN A 87 12.44 0.51 19.69
N GLN A 88 11.28 -0.11 19.46
CA GLN A 88 10.28 -0.26 20.51
C GLN A 88 10.34 -1.66 21.12
N THR A 89 10.10 -1.74 22.43
CA THR A 89 10.12 -3.01 23.14
C THR A 89 8.72 -3.39 23.61
N GLU A 90 8.64 -4.15 24.70
CA GLU A 90 7.36 -4.57 25.24
C GLU A 90 6.71 -3.45 26.06
N GLN A 91 5.38 -3.41 26.04
CA GLN A 91 4.64 -2.39 26.78
C GLN A 91 4.25 -2.91 28.16
N ALA A 92 4.26 -2.02 29.14
CA ALA A 92 3.91 -2.39 30.51
C ALA A 92 2.41 -2.65 30.63
N GLY A 1 -11.49 -2.48 -17.49
CA GLY A 1 -10.12 -2.39 -18.08
C GLY A 1 -9.42 -1.09 -17.74
N PRO A 2 -8.32 -1.15 -16.97
CA PRO A 2 -7.58 0.06 -16.59
C PRO A 2 -6.92 0.73 -17.78
N LEU A 3 -6.62 -0.06 -18.81
CA LEU A 3 -5.99 0.45 -20.02
C LEU A 3 -7.04 1.10 -20.94
N GLY A 4 -7.85 1.98 -20.37
CA GLY A 4 -8.88 2.64 -21.13
C GLY A 4 -8.56 4.10 -21.40
N SER A 5 -7.41 4.35 -22.00
CA SER A 5 -6.98 5.72 -22.30
C SER A 5 -7.79 6.30 -23.46
N PRO A 6 -8.68 7.27 -23.17
CA PRO A 6 -9.49 7.91 -24.21
C PRO A 6 -8.66 8.76 -25.16
N ARG A 7 -9.30 9.31 -26.18
CA ARG A 7 -8.61 10.14 -27.15
C ARG A 7 -8.70 11.61 -26.77
N ASN A 8 -8.72 11.89 -25.47
CA ASN A 8 -8.80 13.25 -24.97
C ASN A 8 -7.44 13.71 -24.44
N ALA A 9 -7.04 14.91 -24.85
CA ALA A 9 -5.77 15.47 -24.42
C ALA A 9 -5.77 15.76 -22.92
N ASN A 10 -6.85 16.37 -22.45
CA ASN A 10 -6.98 16.71 -21.04
C ASN A 10 -7.98 15.78 -20.35
N ASP A 11 -7.46 14.84 -19.57
CA ASP A 11 -8.30 13.89 -18.86
C ASP A 11 -8.73 14.46 -17.50
N ASN A 12 -10.03 14.48 -17.26
CA ASN A 12 -10.57 14.99 -16.00
C ASN A 12 -10.68 13.88 -14.96
N ASN A 13 -9.83 13.95 -13.94
CA ASN A 13 -9.82 12.95 -12.88
C ASN A 13 -10.94 13.21 -11.87
N GLN A 14 -11.62 12.15 -11.47
CA GLN A 14 -12.71 12.25 -10.51
C GLN A 14 -12.18 12.15 -9.09
N PHE A 15 -11.83 13.30 -8.52
CA PHE A 15 -11.30 13.36 -7.15
C PHE A 15 -12.43 13.30 -6.12
N TYR A 16 -13.51 12.60 -6.46
CA TYR A 16 -14.65 12.47 -5.57
C TYR A 16 -14.54 11.20 -4.74
N GLN A 17 -14.47 10.06 -5.42
CA GLN A 17 -14.36 8.77 -4.74
C GLN A 17 -12.96 8.57 -4.16
N GLN A 18 -12.77 9.02 -2.94
CA GLN A 18 -11.49 8.89 -2.26
C GLN A 18 -11.23 7.46 -1.85
N LYS A 19 -12.30 6.75 -1.49
CA LYS A 19 -12.19 5.36 -1.07
C LYS A 19 -11.66 4.48 -2.18
N GLN A 20 -12.06 4.78 -3.41
CA GLN A 20 -11.63 4.03 -4.58
C GLN A 20 -10.11 3.94 -4.66
N ARG A 21 -9.45 5.10 -4.60
CA ARG A 21 -8.00 5.15 -4.66
C ARG A 21 -7.37 4.26 -3.60
N GLN A 22 -7.66 4.57 -2.33
CA GLN A 22 -7.13 3.79 -1.23
C GLN A 22 -7.65 2.36 -1.27
N ALA A 23 -8.76 2.13 -1.97
CA ALA A 23 -9.35 0.81 -2.07
C ALA A 23 -8.32 -0.21 -2.56
N LEU A 24 -7.96 -0.10 -3.83
CA LEU A 24 -6.99 -0.99 -4.42
C LEU A 24 -5.62 -0.79 -3.77
N GLY A 25 -5.32 0.46 -3.42
CA GLY A 25 -4.05 0.74 -2.78
C GLY A 25 -3.92 -0.01 -1.47
N GLU A 26 -5.03 -0.12 -0.73
CA GLU A 26 -5.03 -0.85 0.52
C GLU A 26 -4.55 -2.27 0.27
N GLN A 27 -4.80 -2.77 -0.94
CA GLN A 27 -4.37 -4.11 -1.32
C GLN A 27 -2.87 -4.23 -1.16
N LEU A 28 -2.17 -3.13 -1.46
CA LEU A 28 -0.72 -3.09 -1.36
C LEU A 28 -0.26 -3.47 0.05
N TYR A 29 -0.87 -2.83 1.05
CA TYR A 29 -0.53 -3.09 2.45
C TYR A 29 -0.96 -4.49 2.90
N LYS A 30 -2.22 -4.85 2.62
CA LYS A 30 -2.74 -6.15 3.03
C LYS A 30 -1.96 -7.29 2.38
N LYS A 31 -1.60 -7.11 1.11
CA LYS A 31 -0.86 -8.14 0.39
C LYS A 31 0.48 -8.41 1.05
N VAL A 32 1.11 -7.37 1.57
CA VAL A 32 2.38 -7.51 2.26
C VAL A 32 2.12 -7.98 3.68
N SER A 33 1.11 -7.38 4.33
CA SER A 33 0.73 -7.75 5.68
C SER A 33 -0.04 -9.08 5.69
N ALA A 34 -0.17 -9.71 4.52
CA ALA A 34 -0.88 -10.98 4.40
C ALA A 34 -0.24 -12.07 5.25
N LYS A 35 0.97 -11.81 5.74
CA LYS A 35 1.68 -12.78 6.56
C LYS A 35 1.64 -12.39 8.04
N THR A 36 1.17 -11.17 8.30
CA THR A 36 1.07 -10.67 9.67
C THR A 36 0.58 -9.22 9.67
N SER A 37 -0.14 -8.83 10.72
CA SER A 37 -0.66 -7.47 10.84
C SER A 37 0.38 -6.54 11.46
N ASN A 38 1.63 -6.71 11.04
CA ASN A 38 2.72 -5.88 11.52
C ASN A 38 2.71 -4.52 10.83
N GLU A 39 2.23 -3.50 11.52
CA GLU A 39 2.15 -2.16 10.95
C GLU A 39 3.54 -1.60 10.65
N GLU A 40 4.53 -2.04 11.40
CA GLU A 40 5.90 -1.58 11.21
C GLU A 40 6.59 -2.34 10.08
N ALA A 41 6.15 -3.56 9.84
CA ALA A 41 6.73 -4.39 8.79
C ALA A 41 6.20 -4.02 7.42
N ALA A 42 4.93 -4.30 7.19
CA ALA A 42 4.29 -4.00 5.93
C ALA A 42 4.38 -2.51 5.64
N GLY A 43 4.34 -1.71 6.69
CA GLY A 43 4.45 -0.27 6.52
C GLY A 43 5.79 0.10 5.94
N LYS A 44 6.80 -0.71 6.23
CA LYS A 44 8.14 -0.48 5.71
C LYS A 44 8.19 -0.81 4.23
N ILE A 45 7.68 -1.99 3.87
CA ILE A 45 7.66 -2.41 2.47
C ILE A 45 6.71 -1.54 1.66
N THR A 46 5.54 -1.24 2.25
CA THR A 46 4.54 -0.41 1.58
C THR A 46 5.17 0.90 1.11
N GLY A 47 6.09 1.43 1.91
CA GLY A 47 6.75 2.67 1.56
C GLY A 47 7.55 2.54 0.27
N MET A 48 8.17 1.38 0.07
CA MET A 48 8.95 1.13 -1.14
C MET A 48 8.02 1.04 -2.35
N ILE A 49 7.03 0.17 -2.26
CA ILE A 49 6.05 0.00 -3.33
C ILE A 49 5.15 1.22 -3.45
N LEU A 50 5.37 2.22 -2.59
CA LEU A 50 4.58 3.45 -2.61
C LEU A 50 4.99 4.33 -3.78
N ASP A 51 5.77 3.78 -4.70
CA ASP A 51 6.23 4.51 -5.87
C ASP A 51 5.13 4.59 -6.91
N LEU A 52 4.19 3.64 -6.87
CA LEU A 52 3.08 3.62 -7.81
C LEU A 52 1.92 4.48 -7.32
N PRO A 53 1.52 5.51 -8.11
CA PRO A 53 0.42 6.40 -7.74
C PRO A 53 -0.79 5.63 -7.19
N PRO A 54 -1.78 6.34 -6.62
CA PRO A 54 -2.99 5.72 -6.06
C PRO A 54 -3.67 4.77 -7.04
N GLN A 55 -4.07 5.29 -8.18
CA GLN A 55 -4.73 4.46 -9.20
C GLN A 55 -3.72 3.61 -9.97
N GLU A 56 -2.58 4.20 -10.30
CA GLU A 56 -1.52 3.53 -11.06
C GLU A 56 -1.01 2.27 -10.34
N VAL A 57 -1.31 2.14 -9.05
CA VAL A 57 -0.86 0.98 -8.30
C VAL A 57 -1.86 -0.16 -8.41
N PHE A 58 -3.13 0.18 -8.65
CA PHE A 58 -4.21 -0.80 -8.78
C PHE A 58 -3.77 -2.01 -9.62
N PRO A 59 -3.33 -1.80 -10.88
CA PRO A 59 -2.90 -2.90 -11.75
C PRO A 59 -1.79 -3.74 -11.13
N LEU A 60 -0.88 -3.08 -10.43
CA LEU A 60 0.24 -3.75 -9.78
C LEU A 60 -0.24 -4.67 -8.66
N LEU A 61 -0.99 -4.10 -7.72
CA LEU A 61 -1.50 -4.85 -6.58
C LEU A 61 -2.51 -5.92 -6.99
N GLU A 62 -2.77 -6.06 -8.28
CA GLU A 62 -3.73 -7.06 -8.75
C GLU A 62 -3.02 -8.27 -9.34
N SER A 63 -1.73 -8.11 -9.65
CA SER A 63 -0.94 -9.19 -10.20
C SER A 63 0.14 -9.62 -9.20
N ASP A 64 0.08 -10.88 -8.78
CA ASP A 64 1.05 -11.41 -7.82
C ASP A 64 2.48 -11.24 -8.33
N GLU A 65 2.67 -11.55 -9.60
CA GLU A 65 4.00 -11.44 -10.22
C GLU A 65 4.49 -10.01 -10.16
N LEU A 66 3.62 -9.07 -10.52
CA LEU A 66 3.95 -7.65 -10.51
C LEU A 66 4.31 -7.20 -9.09
N PHE A 67 3.68 -7.83 -8.10
CA PHE A 67 3.93 -7.50 -6.71
C PHE A 67 5.24 -8.11 -6.22
N GLU A 68 5.39 -9.41 -6.43
CA GLU A 68 6.59 -10.13 -6.01
C GLU A 68 7.87 -9.35 -6.33
N GLN A 69 7.97 -8.84 -7.56
CA GLN A 69 9.14 -8.09 -7.99
C GLN A 69 9.35 -6.85 -7.12
N HIS A 70 8.35 -6.00 -7.07
CA HIS A 70 8.43 -4.78 -6.27
C HIS A 70 8.58 -5.13 -4.79
N TYR A 71 7.69 -5.98 -4.31
CA TYR A 71 7.70 -6.42 -2.91
C TYR A 71 8.95 -7.26 -2.62
N LYS A 72 9.65 -7.70 -3.67
CA LYS A 72 10.85 -8.52 -3.50
C LYS A 72 11.93 -7.73 -2.77
N GLU A 73 12.45 -6.68 -3.41
CA GLU A 73 13.49 -5.86 -2.80
C GLU A 73 13.08 -5.39 -1.41
N ALA A 74 11.79 -5.03 -1.29
CA ALA A 74 11.25 -4.58 -0.01
C ALA A 74 11.19 -5.73 0.98
N SER A 75 11.03 -6.94 0.46
CA SER A 75 10.95 -8.12 1.31
C SER A 75 12.22 -8.25 2.13
N ALA A 76 13.37 -8.24 1.46
CA ALA A 76 14.65 -8.34 2.15
C ALA A 76 14.70 -7.38 3.33
N ALA A 77 14.18 -6.17 3.12
CA ALA A 77 14.13 -5.16 4.16
C ALA A 77 13.06 -5.52 5.18
N TYR A 78 12.01 -6.19 4.69
CA TYR A 78 10.90 -6.64 5.52
C TYR A 78 11.43 -7.27 6.80
N GLU A 79 12.18 -8.34 6.64
CA GLU A 79 12.75 -9.07 7.77
C GLU A 79 13.60 -8.16 8.65
N SER A 80 14.40 -7.31 8.02
CA SER A 80 15.26 -6.42 8.76
C SER A 80 14.47 -5.51 9.70
N PHE A 81 13.39 -4.93 9.19
CA PHE A 81 12.56 -4.03 9.98
C PHE A 81 11.75 -4.79 11.04
N LYS A 82 11.07 -5.85 10.64
CA LYS A 82 10.25 -6.63 11.57
C LYS A 82 11.11 -7.35 12.61
N LYS A 83 12.36 -7.63 12.26
CA LYS A 83 13.27 -8.30 13.18
C LYS A 83 13.86 -7.31 14.19
N GLU A 84 14.15 -6.10 13.72
CA GLU A 84 14.71 -5.07 14.57
C GLU A 84 13.74 -4.71 15.70
N GLN A 85 12.47 -5.05 15.51
CA GLN A 85 11.45 -4.76 16.52
C GLN A 85 11.53 -5.76 17.67
N GLU A 86 12.44 -5.50 18.61
CA GLU A 86 12.60 -6.37 19.77
C GLU A 86 11.75 -5.88 20.93
N GLN A 87 10.65 -5.22 20.61
CA GLN A 87 9.74 -4.70 21.63
C GLN A 87 8.54 -5.61 21.80
N GLN A 88 7.72 -5.71 20.76
CA GLN A 88 6.53 -6.54 20.79
C GLN A 88 6.90 -8.02 20.68
N THR A 89 6.82 -8.73 21.79
CA THR A 89 7.15 -10.15 21.82
C THR A 89 5.92 -11.00 21.52
N GLU A 90 5.38 -10.83 20.32
CA GLU A 90 4.20 -11.59 19.90
C GLU A 90 4.57 -13.04 19.58
N GLN A 91 5.63 -13.23 18.82
CA GLN A 91 6.09 -14.56 18.44
C GLN A 91 6.90 -15.19 19.57
N ALA A 92 7.44 -14.36 20.46
CA ALA A 92 8.23 -14.85 21.58
C ALA A 92 7.38 -15.00 22.84
N GLY A 1 -35.25 39.64 -5.49
CA GLY A 1 -34.70 38.47 -4.73
C GLY A 1 -33.18 38.46 -4.70
N PRO A 2 -32.57 38.35 -3.51
CA PRO A 2 -31.11 38.34 -3.37
C PRO A 2 -30.50 37.04 -3.88
N LEU A 3 -29.19 36.92 -3.72
CA LEU A 3 -28.48 35.72 -4.15
C LEU A 3 -28.34 34.72 -3.02
N GLY A 4 -27.79 33.55 -3.32
CA GLY A 4 -27.60 32.53 -2.32
C GLY A 4 -26.20 32.53 -1.73
N SER A 5 -25.41 31.53 -2.08
CA SER A 5 -24.04 31.42 -1.59
C SER A 5 -23.08 32.19 -2.50
N PRO A 6 -22.55 33.33 -2.01
CA PRO A 6 -21.61 34.15 -2.79
C PRO A 6 -20.28 33.43 -3.03
N ARG A 7 -20.06 32.33 -2.32
CA ARG A 7 -18.83 31.55 -2.48
C ARG A 7 -19.00 30.48 -3.54
N ASN A 8 -17.91 30.16 -4.22
CA ASN A 8 -17.92 29.13 -5.25
C ASN A 8 -17.64 27.76 -4.67
N ALA A 9 -16.48 27.61 -4.05
CA ALA A 9 -16.09 26.34 -3.44
C ALA A 9 -16.63 26.22 -2.02
N ASN A 10 -17.93 25.92 -1.91
CA ASN A 10 -18.57 25.78 -0.61
C ASN A 10 -18.74 24.31 -0.26
N ASP A 11 -19.41 23.57 -1.14
CA ASP A 11 -19.65 22.15 -0.92
C ASP A 11 -18.44 21.32 -1.36
N ASN A 12 -17.61 20.93 -0.39
CA ASN A 12 -16.44 20.13 -0.67
C ASN A 12 -16.80 18.65 -0.82
N ASN A 13 -17.81 18.38 -1.64
CA ASN A 13 -18.26 17.01 -1.86
C ASN A 13 -17.58 16.40 -3.06
N GLN A 14 -16.26 16.56 -3.13
CA GLN A 14 -15.49 16.02 -4.23
C GLN A 14 -14.86 14.67 -3.86
N PHE A 15 -15.26 14.13 -2.71
CA PHE A 15 -14.74 12.84 -2.25
C PHE A 15 -15.60 11.71 -2.81
N TYR A 16 -15.82 11.74 -4.12
CA TYR A 16 -16.63 10.73 -4.79
C TYR A 16 -15.81 9.46 -5.01
N GLN A 17 -14.76 9.58 -5.81
CA GLN A 17 -13.88 8.45 -6.10
C GLN A 17 -12.72 8.38 -5.11
N GLN A 18 -12.91 8.98 -3.94
CA GLN A 18 -11.88 8.99 -2.90
C GLN A 18 -11.73 7.61 -2.28
N LYS A 19 -12.86 6.98 -1.97
CA LYS A 19 -12.86 5.66 -1.37
C LYS A 19 -12.29 4.62 -2.32
N GLN A 20 -12.41 4.89 -3.62
CA GLN A 20 -11.91 3.97 -4.63
C GLN A 20 -10.38 3.89 -4.56
N ARG A 21 -9.74 5.03 -4.38
CA ARG A 21 -8.28 5.09 -4.29
C ARG A 21 -7.76 4.20 -3.17
N GLN A 22 -8.27 4.43 -1.96
CA GLN A 22 -7.85 3.66 -0.79
C GLN A 22 -8.30 2.20 -0.91
N ALA A 23 -9.18 1.92 -1.86
CA ALA A 23 -9.68 0.55 -2.04
C ALA A 23 -8.57 -0.37 -2.54
N LEU A 24 -8.19 -0.22 -3.81
CA LEU A 24 -7.14 -1.04 -4.40
C LEU A 24 -5.78 -0.67 -3.80
N GLY A 25 -5.63 0.60 -3.43
CA GLY A 25 -4.38 1.03 -2.83
C GLY A 25 -4.09 0.28 -1.54
N GLU A 26 -5.13 0.10 -0.74
CA GLU A 26 -5.00 -0.63 0.51
C GLU A 26 -4.54 -2.05 0.24
N GLN A 27 -4.88 -2.56 -0.95
CA GLN A 27 -4.48 -3.91 -1.33
C GLN A 27 -2.96 -4.04 -1.27
N LEU A 28 -2.27 -2.96 -1.65
CA LEU A 28 -0.80 -2.94 -1.61
C LEU A 28 -0.31 -3.22 -0.19
N TYR A 29 -0.91 -2.55 0.78
CA TYR A 29 -0.52 -2.71 2.17
C TYR A 29 -0.89 -4.09 2.72
N LYS A 30 -2.16 -4.48 2.56
CA LYS A 30 -2.64 -5.77 3.04
C LYS A 30 -1.91 -6.94 2.37
N LYS A 31 -1.50 -6.74 1.13
CA LYS A 31 -0.80 -7.79 0.38
C LYS A 31 0.49 -8.16 1.09
N VAL A 32 1.11 -7.16 1.73
CA VAL A 32 2.34 -7.38 2.46
C VAL A 32 2.03 -7.97 3.83
N SER A 33 1.08 -7.36 4.52
CA SER A 33 0.68 -7.84 5.85
C SER A 33 -0.17 -9.10 5.73
N ALA A 34 -0.24 -9.68 4.54
CA ALA A 34 -1.01 -10.90 4.32
C ALA A 34 -0.52 -12.02 5.23
N LYS A 35 0.68 -11.86 5.78
CA LYS A 35 1.25 -12.87 6.67
C LYS A 35 1.18 -12.44 8.13
N THR A 36 0.76 -11.19 8.37
CA THR A 36 0.64 -10.67 9.73
C THR A 36 0.17 -9.22 9.71
N SER A 37 -0.45 -8.78 10.80
CA SER A 37 -0.95 -7.42 10.92
C SER A 37 0.10 -6.51 11.56
N ASN A 38 1.36 -6.70 11.16
CA ASN A 38 2.45 -5.88 11.68
C ASN A 38 2.48 -4.53 10.97
N GLU A 39 1.96 -3.50 11.63
CA GLU A 39 1.92 -2.16 11.06
C GLU A 39 3.30 -1.66 10.67
N GLU A 40 4.33 -2.15 11.35
CA GLU A 40 5.69 -1.76 11.04
C GLU A 40 6.25 -2.60 9.90
N ALA A 41 5.66 -3.79 9.73
CA ALA A 41 6.08 -4.71 8.69
C ALA A 41 5.65 -4.23 7.30
N ALA A 42 4.38 -4.42 6.99
CA ALA A 42 3.83 -4.04 5.70
C ALA A 42 3.99 -2.54 5.45
N GLY A 43 3.99 -1.76 6.53
CA GLY A 43 4.16 -0.34 6.39
C GLY A 43 5.53 -0.03 5.83
N LYS A 44 6.47 -0.94 6.07
CA LYS A 44 7.84 -0.78 5.57
C LYS A 44 7.86 -0.99 4.07
N ILE A 45 7.54 -2.21 3.65
CA ILE A 45 7.53 -2.57 2.25
C ILE A 45 6.59 -1.67 1.45
N THR A 46 5.43 -1.36 2.02
CA THR A 46 4.46 -0.52 1.35
C THR A 46 5.09 0.81 0.96
N GLY A 47 5.97 1.32 1.83
CA GLY A 47 6.62 2.59 1.54
C GLY A 47 7.47 2.50 0.28
N MET A 48 7.95 1.29 -0.01
CA MET A 48 8.76 1.06 -1.19
C MET A 48 7.88 1.06 -2.44
N ILE A 49 6.90 0.16 -2.46
CA ILE A 49 5.96 0.06 -3.58
C ILE A 49 5.09 1.33 -3.68
N LEU A 50 5.30 2.26 -2.75
CA LEU A 50 4.57 3.52 -2.75
C LEU A 50 5.00 4.40 -3.93
N ASP A 51 5.85 3.84 -4.80
CA ASP A 51 6.34 4.57 -5.96
C ASP A 51 5.24 4.68 -7.02
N LEU A 52 4.30 3.72 -7.01
CA LEU A 52 3.20 3.73 -7.95
C LEU A 52 2.00 4.48 -7.35
N PRO A 53 1.52 5.54 -8.00
CA PRO A 53 0.39 6.33 -7.50
C PRO A 53 -0.77 5.45 -7.01
N PRO A 54 -1.75 6.06 -6.32
CA PRO A 54 -2.91 5.34 -5.78
C PRO A 54 -3.58 4.48 -6.84
N GLN A 55 -4.05 5.10 -7.92
CA GLN A 55 -4.72 4.39 -8.99
C GLN A 55 -3.71 3.65 -9.88
N GLU A 56 -2.60 4.32 -10.19
CA GLU A 56 -1.56 3.73 -11.03
C GLU A 56 -0.99 2.46 -10.39
N VAL A 57 -1.26 2.28 -9.10
CA VAL A 57 -0.77 1.10 -8.39
C VAL A 57 -1.79 -0.03 -8.45
N PHE A 58 -3.06 0.33 -8.65
CA PHE A 58 -4.13 -0.67 -8.73
C PHE A 58 -3.76 -1.81 -9.67
N PRO A 59 -3.38 -1.49 -10.94
CA PRO A 59 -3.00 -2.51 -11.93
C PRO A 59 -1.82 -3.37 -11.46
N LEU A 60 -1.04 -2.85 -10.53
CA LEU A 60 0.11 -3.57 -10.01
C LEU A 60 -0.31 -4.49 -8.87
N LEU A 61 -0.98 -3.91 -7.88
CA LEU A 61 -1.42 -4.65 -6.70
C LEU A 61 -2.43 -5.75 -7.03
N GLU A 62 -2.74 -5.94 -8.31
CA GLU A 62 -3.69 -6.99 -8.70
C GLU A 62 -2.95 -8.19 -9.30
N SER A 63 -1.66 -8.03 -9.56
CA SER A 63 -0.84 -9.10 -10.11
C SER A 63 0.24 -9.52 -9.12
N ASP A 64 0.19 -10.77 -8.69
CA ASP A 64 1.17 -11.30 -7.74
C ASP A 64 2.59 -11.18 -8.30
N GLU A 65 2.74 -11.46 -9.60
CA GLU A 65 4.04 -11.40 -10.25
C GLU A 65 4.65 -10.01 -10.11
N LEU A 66 3.89 -8.99 -10.48
CA LEU A 66 4.36 -7.62 -10.41
C LEU A 66 4.69 -7.23 -8.97
N PHE A 67 4.00 -7.86 -8.02
CA PHE A 67 4.23 -7.58 -6.61
C PHE A 67 5.53 -8.19 -6.13
N GLU A 68 5.69 -9.50 -6.33
CA GLU A 68 6.89 -10.21 -5.92
C GLU A 68 8.15 -9.43 -6.26
N GLN A 69 8.22 -8.90 -7.48
CA GLN A 69 9.37 -8.13 -7.93
C GLN A 69 9.64 -6.94 -7.01
N HIS A 70 8.70 -6.01 -6.98
CA HIS A 70 8.85 -4.82 -6.16
C HIS A 70 8.88 -5.21 -4.67
N TYR A 71 7.91 -6.01 -4.26
CA TYR A 71 7.84 -6.48 -2.88
C TYR A 71 9.07 -7.31 -2.51
N LYS A 72 9.85 -7.69 -3.53
CA LYS A 72 11.06 -8.49 -3.31
C LYS A 72 12.13 -7.68 -2.57
N GLU A 73 12.55 -6.58 -3.19
CA GLU A 73 13.57 -5.72 -2.58
C GLU A 73 13.17 -5.35 -1.15
N ALA A 74 11.90 -5.02 -0.99
CA ALA A 74 11.37 -4.65 0.31
C ALA A 74 11.28 -5.88 1.22
N SER A 75 11.03 -7.04 0.62
CA SER A 75 10.93 -8.27 1.40
C SER A 75 12.20 -8.48 2.21
N ALA A 76 13.35 -8.47 1.52
CA ALA A 76 14.63 -8.64 2.19
C ALA A 76 14.73 -7.73 3.41
N ALA A 77 14.18 -6.52 3.26
CA ALA A 77 14.18 -5.54 4.35
C ALA A 77 13.14 -5.91 5.40
N TYR A 78 12.16 -6.71 4.99
CA TYR A 78 11.10 -7.17 5.89
C TYR A 78 11.71 -7.83 7.12
N GLU A 79 12.60 -8.79 6.88
CA GLU A 79 13.25 -9.53 7.95
C GLU A 79 14.13 -8.62 8.81
N SER A 80 15.02 -7.87 8.18
CA SER A 80 15.93 -6.99 8.90
C SER A 80 15.18 -5.96 9.75
N PHE A 81 14.16 -5.34 9.17
CA PHE A 81 13.40 -4.33 9.90
C PHE A 81 12.54 -4.96 10.99
N LYS A 82 11.79 -6.00 10.64
CA LYS A 82 10.94 -6.67 11.61
C LYS A 82 11.76 -7.28 12.74
N LYS A 83 12.93 -7.82 12.41
CA LYS A 83 13.80 -8.44 13.40
C LYS A 83 14.53 -7.40 14.25
N GLU A 84 14.70 -6.20 13.70
CA GLU A 84 15.40 -5.14 14.41
C GLU A 84 14.53 -4.53 15.50
N GLN A 85 13.31 -4.14 15.14
CA GLN A 85 12.38 -3.53 16.10
C GLN A 85 11.56 -4.58 16.83
N GLU A 86 12.06 -5.81 16.87
CA GLU A 86 11.37 -6.90 17.54
C GLU A 86 11.83 -7.06 18.98
N GLN A 87 13.02 -6.56 19.28
CA GLN A 87 13.58 -6.65 20.63
C GLN A 87 13.20 -5.43 21.47
N GLN A 88 13.44 -4.24 20.94
CA GLN A 88 13.12 -3.01 21.65
C GLN A 88 11.70 -2.55 21.35
N THR A 89 10.98 -2.15 22.40
CA THR A 89 9.60 -1.70 22.25
C THR A 89 9.53 -0.18 22.24
N GLU A 90 10.33 0.44 21.38
CA GLU A 90 10.35 1.90 21.26
C GLU A 90 9.04 2.41 20.70
N GLN A 91 8.96 3.72 20.50
CA GLN A 91 7.75 4.34 19.96
C GLN A 91 7.75 4.30 18.43
N ALA A 92 8.78 4.88 17.83
CA ALA A 92 8.89 4.90 16.37
C ALA A 92 9.45 3.58 15.84
N GLY A 1 -32.77 -2.05 -14.75
CA GLY A 1 -32.68 -0.59 -14.50
C GLY A 1 -31.95 0.14 -15.60
N PRO A 2 -32.59 0.36 -16.76
CA PRO A 2 -31.98 1.06 -17.89
C PRO A 2 -31.86 2.55 -17.64
N LEU A 3 -30.66 2.99 -17.26
CA LEU A 3 -30.42 4.41 -17.00
C LEU A 3 -30.45 5.21 -18.29
N GLY A 4 -30.64 6.52 -18.16
CA GLY A 4 -30.67 7.38 -19.33
C GLY A 4 -29.38 8.13 -19.53
N SER A 5 -28.28 7.40 -19.72
CA SER A 5 -26.98 8.01 -19.92
C SER A 5 -26.86 8.58 -21.33
N PRO A 6 -26.88 9.92 -21.47
CA PRO A 6 -26.77 10.58 -22.77
C PRO A 6 -25.36 10.45 -23.34
N ARG A 7 -25.26 10.41 -24.67
CA ARG A 7 -23.97 10.28 -25.32
C ARG A 7 -23.26 11.64 -25.41
N ASN A 8 -23.60 12.54 -24.49
CA ASN A 8 -23.00 13.87 -24.46
C ASN A 8 -21.68 13.85 -23.68
N ALA A 9 -20.85 14.86 -23.92
CA ALA A 9 -19.56 14.96 -23.25
C ALA A 9 -19.74 15.32 -21.78
N ASN A 10 -19.70 14.32 -20.91
CA ASN A 10 -19.86 14.53 -19.48
C ASN A 10 -18.52 14.43 -18.76
N ASP A 11 -18.14 15.49 -18.06
CA ASP A 11 -16.89 15.51 -17.32
C ASP A 11 -17.10 15.10 -15.87
N ASN A 12 -16.57 13.94 -15.50
CA ASN A 12 -16.70 13.44 -14.15
C ASN A 12 -15.80 14.20 -13.18
N ASN A 13 -15.97 13.95 -11.89
CA ASN A 13 -15.17 14.61 -10.86
C ASN A 13 -13.79 13.97 -10.76
N GLN A 14 -12.86 14.68 -10.12
CA GLN A 14 -11.50 14.19 -9.94
C GLN A 14 -11.36 13.39 -8.66
N PHE A 15 -11.79 13.99 -7.54
CA PHE A 15 -11.71 13.34 -6.24
C PHE A 15 -12.94 12.47 -5.97
N TYR A 16 -13.52 11.91 -7.05
CA TYR A 16 -14.70 11.06 -6.90
C TYR A 16 -14.31 9.65 -6.50
N GLN A 17 -13.23 9.14 -7.07
CA GLN A 17 -12.74 7.80 -6.77
C GLN A 17 -12.01 7.77 -5.44
N GLN A 18 -12.56 8.44 -4.43
CA GLN A 18 -11.96 8.49 -3.11
C GLN A 18 -11.91 7.10 -2.49
N LYS A 19 -13.07 6.46 -2.39
CA LYS A 19 -13.14 5.12 -1.83
C LYS A 19 -12.43 4.12 -2.72
N GLN A 20 -12.36 4.42 -4.01
CA GLN A 20 -11.70 3.54 -4.98
C GLN A 20 -10.19 3.67 -4.85
N ARG A 21 -9.69 4.91 -4.87
CA ARG A 21 -8.26 5.18 -4.77
C ARG A 21 -7.62 4.37 -3.64
N GLN A 22 -8.06 4.63 -2.42
CA GLN A 22 -7.52 3.94 -1.26
C GLN A 22 -7.95 2.47 -1.27
N ALA A 23 -8.99 2.16 -2.03
CA ALA A 23 -9.49 0.78 -2.11
C ALA A 23 -8.38 -0.17 -2.57
N LEU A 24 -8.03 -0.08 -3.84
CA LEU A 24 -6.99 -0.93 -4.40
C LEU A 24 -5.65 -0.63 -3.73
N GLY A 25 -5.43 0.63 -3.37
CA GLY A 25 -4.19 0.98 -2.71
C GLY A 25 -4.03 0.23 -1.40
N GLU A 26 -5.13 0.14 -0.64
CA GLU A 26 -5.10 -0.58 0.63
C GLU A 26 -4.61 -2.02 0.39
N GLN A 27 -4.83 -2.52 -0.82
CA GLN A 27 -4.40 -3.86 -1.17
C GLN A 27 -2.88 -3.95 -1.08
N LEU A 28 -2.20 -2.85 -1.41
CA LEU A 28 -0.73 -2.81 -1.34
C LEU A 28 -0.26 -3.15 0.06
N TYR A 29 -0.99 -2.65 1.06
CA TYR A 29 -0.64 -2.89 2.46
C TYR A 29 -1.03 -4.30 2.91
N LYS A 30 -2.26 -4.71 2.64
CA LYS A 30 -2.74 -6.04 3.04
C LYS A 30 -1.97 -7.14 2.32
N LYS A 31 -1.61 -6.90 1.07
CA LYS A 31 -0.87 -7.88 0.28
C LYS A 31 0.47 -8.19 0.94
N VAL A 32 1.08 -7.16 1.51
CA VAL A 32 2.35 -7.33 2.20
C VAL A 32 2.13 -7.87 3.61
N SER A 33 1.13 -7.31 4.30
CA SER A 33 0.80 -7.75 5.65
C SER A 33 0.03 -9.07 5.62
N ALA A 34 -0.06 -9.67 4.42
CA ALA A 34 -0.77 -10.94 4.26
C ALA A 34 -0.14 -12.04 5.11
N LYS A 35 1.02 -11.75 5.71
CA LYS A 35 1.71 -12.72 6.54
C LYS A 35 1.54 -12.39 8.02
N THR A 36 1.09 -11.17 8.32
CA THR A 36 0.88 -10.75 9.71
C THR A 36 0.32 -9.33 9.78
N SER A 37 -0.43 -9.05 10.84
CA SER A 37 -1.02 -7.72 11.03
C SER A 37 -0.02 -6.75 11.64
N ASN A 38 1.23 -6.86 11.20
CA ASN A 38 2.30 -6.00 11.67
C ASN A 38 2.24 -4.64 10.97
N GLU A 39 1.71 -3.62 11.65
CA GLU A 39 1.59 -2.28 11.08
C GLU A 39 2.95 -1.70 10.72
N GLU A 40 3.99 -2.10 11.45
CA GLU A 40 5.34 -1.61 11.20
C GLU A 40 6.01 -2.39 10.07
N ALA A 41 5.55 -3.62 9.86
CA ALA A 41 6.09 -4.48 8.80
C ALA A 41 5.55 -4.09 7.44
N ALA A 42 4.26 -4.30 7.25
CA ALA A 42 3.60 -4.00 5.99
C ALA A 42 3.74 -2.52 5.64
N GLY A 43 3.65 -1.67 6.65
CA GLY A 43 3.78 -0.24 6.41
C GLY A 43 5.18 0.12 5.96
N LYS A 44 6.14 -0.71 6.34
CA LYS A 44 7.53 -0.50 5.98
C LYS A 44 7.77 -0.80 4.50
N ILE A 45 7.73 -2.08 4.16
CA ILE A 45 7.95 -2.53 2.80
C ILE A 45 6.97 -1.88 1.82
N THR A 46 5.73 -1.67 2.25
CA THR A 46 4.74 -1.03 1.39
C THR A 46 5.21 0.36 1.02
N GLY A 47 5.93 0.99 1.94
CA GLY A 47 6.45 2.33 1.69
C GLY A 47 7.40 2.35 0.51
N MET A 48 8.10 1.24 0.30
CA MET A 48 9.03 1.15 -0.82
C MET A 48 8.24 0.99 -2.12
N ILE A 49 7.18 0.20 -2.07
CA ILE A 49 6.32 0.00 -3.23
C ILE A 49 5.32 1.15 -3.36
N LEU A 50 5.48 2.16 -2.49
CA LEU A 50 4.62 3.34 -2.50
C LEU A 50 5.03 4.30 -3.63
N ASP A 51 5.89 3.82 -4.52
CA ASP A 51 6.36 4.63 -5.64
C ASP A 51 5.29 4.70 -6.73
N LEU A 52 4.37 3.73 -6.73
CA LEU A 52 3.30 3.70 -7.72
C LEU A 52 2.11 4.53 -7.26
N PRO A 53 1.74 5.58 -8.03
CA PRO A 53 0.61 6.44 -7.68
C PRO A 53 -0.61 5.67 -7.18
N PRO A 54 -1.61 6.38 -6.66
CA PRO A 54 -2.85 5.76 -6.13
C PRO A 54 -3.48 4.79 -7.12
N GLN A 55 -3.91 5.30 -8.27
CA GLN A 55 -4.52 4.45 -9.29
C GLN A 55 -3.48 3.63 -10.05
N GLU A 56 -2.35 4.28 -10.37
CA GLU A 56 -1.27 3.62 -11.11
C GLU A 56 -0.75 2.39 -10.39
N VAL A 57 -1.03 2.29 -9.10
CA VAL A 57 -0.58 1.15 -8.30
C VAL A 57 -1.58 0.01 -8.35
N PHE A 58 -2.86 0.35 -8.56
CA PHE A 58 -3.93 -0.64 -8.63
C PHE A 58 -3.53 -1.87 -9.45
N PRO A 59 -2.99 -1.65 -10.67
CA PRO A 59 -2.58 -2.75 -11.55
C PRO A 59 -1.50 -3.63 -10.93
N LEU A 60 -0.66 -3.03 -10.10
CA LEU A 60 0.43 -3.74 -9.45
C LEU A 60 -0.07 -4.55 -8.25
N LEU A 61 -0.76 -3.89 -7.33
CA LEU A 61 -1.25 -4.56 -6.12
C LEU A 61 -2.30 -5.62 -6.42
N GLU A 62 -2.71 -5.77 -7.68
CA GLU A 62 -3.70 -6.77 -8.03
C GLU A 62 -3.05 -7.97 -8.72
N SER A 63 -1.79 -7.82 -9.12
CA SER A 63 -1.05 -8.89 -9.77
C SER A 63 0.03 -9.43 -8.85
N ASP A 64 -0.01 -10.74 -8.60
CA ASP A 64 0.97 -11.39 -7.73
C ASP A 64 2.37 -11.26 -8.30
N GLU A 65 2.53 -11.58 -9.59
CA GLU A 65 3.82 -11.50 -10.25
C GLU A 65 4.41 -10.10 -10.19
N LEU A 66 3.64 -9.12 -10.64
CA LEU A 66 4.08 -7.73 -10.65
C LEU A 66 4.40 -7.26 -9.23
N PHE A 67 3.74 -7.85 -8.25
CA PHE A 67 3.95 -7.49 -6.86
C PHE A 67 5.25 -8.08 -6.33
N GLU A 68 5.39 -9.39 -6.48
CA GLU A 68 6.58 -10.10 -6.01
C GLU A 68 7.86 -9.33 -6.32
N GLN A 69 7.99 -8.84 -7.54
CA GLN A 69 9.17 -8.09 -7.95
C GLN A 69 9.38 -6.86 -7.08
N HIS A 70 8.42 -5.95 -7.10
CA HIS A 70 8.52 -4.73 -6.30
C HIS A 70 8.57 -5.07 -4.82
N TYR A 71 7.63 -5.89 -4.37
CA TYR A 71 7.57 -6.32 -2.98
C TYR A 71 8.80 -7.15 -2.60
N LYS A 72 9.59 -7.56 -3.61
CA LYS A 72 10.79 -8.35 -3.35
C LYS A 72 11.84 -7.53 -2.60
N GLU A 73 12.29 -6.44 -3.22
CA GLU A 73 13.29 -5.59 -2.61
C GLU A 73 12.87 -5.20 -1.21
N ALA A 74 11.57 -5.03 -1.03
CA ALA A 74 11.01 -4.68 0.27
C ALA A 74 11.02 -5.89 1.20
N SER A 75 10.73 -7.06 0.65
CA SER A 75 10.73 -8.29 1.44
C SER A 75 12.05 -8.45 2.18
N ALA A 76 13.15 -8.39 1.43
CA ALA A 76 14.48 -8.51 2.02
C ALA A 76 14.62 -7.55 3.21
N ALA A 77 14.06 -6.35 3.06
CA ALA A 77 14.09 -5.33 4.11
C ALA A 77 13.03 -5.65 5.17
N TYR A 78 12.08 -6.48 4.80
CA TYR A 78 11.02 -6.90 5.70
C TYR A 78 11.62 -7.61 6.91
N GLU A 79 12.46 -8.60 6.63
CA GLU A 79 13.12 -9.38 7.67
C GLU A 79 14.02 -8.51 8.53
N SER A 80 14.91 -7.76 7.89
CA SER A 80 15.84 -6.91 8.62
C SER A 80 15.10 -5.92 9.51
N PHE A 81 14.12 -5.22 8.95
CA PHE A 81 13.35 -4.25 9.71
C PHE A 81 12.54 -4.92 10.82
N LYS A 82 11.75 -5.92 10.45
CA LYS A 82 10.91 -6.63 11.41
C LYS A 82 11.75 -7.29 12.51
N LYS A 83 12.87 -7.89 12.12
CA LYS A 83 13.74 -8.56 13.09
C LYS A 83 14.49 -7.55 13.94
N GLU A 84 14.96 -6.46 13.31
CA GLU A 84 15.68 -5.42 14.04
C GLU A 84 14.72 -4.43 14.68
N GLN A 85 13.55 -4.93 15.09
CA GLN A 85 12.54 -4.09 15.72
C GLN A 85 12.94 -3.73 17.14
N GLU A 86 12.60 -2.52 17.57
CA GLU A 86 12.92 -2.07 18.92
C GLU A 86 12.10 -2.82 19.97
N GLN A 87 11.05 -3.51 19.51
CA GLN A 87 10.19 -4.26 20.43
C GLN A 87 10.82 -5.60 20.80
N GLN A 88 11.65 -6.14 19.90
CA GLN A 88 12.31 -7.41 20.13
C GLN A 88 13.62 -7.22 20.89
N THR A 89 13.75 -7.92 22.02
CA THR A 89 14.95 -7.83 22.85
C THR A 89 16.00 -8.85 22.39
N GLU A 90 16.65 -8.54 21.26
CA GLU A 90 17.67 -9.43 20.71
C GLU A 90 19.05 -9.09 21.26
N GLN A 91 19.35 -7.79 21.33
CA GLN A 91 20.64 -7.34 21.83
C GLN A 91 20.65 -7.32 23.36
N ALA A 92 21.85 -7.31 23.94
CA ALA A 92 22.00 -7.29 25.39
C ALA A 92 21.95 -5.87 25.93
N GLY A 1 -28.44 16.99 -20.47
CA GLY A 1 -28.71 15.54 -20.66
C GLY A 1 -27.46 14.69 -20.49
N PRO A 2 -27.57 13.52 -19.81
CA PRO A 2 -26.44 12.63 -19.59
C PRO A 2 -25.82 12.14 -20.90
N LEU A 3 -24.62 12.63 -21.20
CA LEU A 3 -23.92 12.25 -22.42
C LEU A 3 -23.22 10.90 -22.23
N GLY A 4 -23.70 9.89 -22.95
CA GLY A 4 -23.10 8.57 -22.85
C GLY A 4 -21.98 8.36 -23.85
N SER A 5 -21.30 9.43 -24.22
CA SER A 5 -20.20 9.37 -25.18
C SER A 5 -18.88 9.08 -24.46
N PRO A 6 -18.07 8.15 -24.99
CA PRO A 6 -16.79 7.80 -24.38
C PRO A 6 -15.79 8.95 -24.44
N ARG A 7 -15.14 9.21 -23.31
CA ARG A 7 -14.17 10.29 -23.21
C ARG A 7 -12.76 9.78 -23.50
N ASN A 8 -11.86 10.70 -23.80
CA ASN A 8 -10.47 10.34 -24.11
C ASN A 8 -9.62 10.40 -22.85
N ALA A 9 -8.34 10.08 -23.01
CA ALA A 9 -7.40 10.10 -21.89
C ALA A 9 -7.04 11.53 -21.50
N ASN A 10 -7.63 12.00 -20.40
CA ASN A 10 -7.37 13.35 -19.92
C ASN A 10 -6.41 13.32 -18.73
N ASP A 11 -5.80 14.47 -18.45
CA ASP A 11 -4.87 14.57 -17.32
C ASP A 11 -5.61 14.96 -16.05
N ASN A 12 -6.90 14.63 -15.98
CA ASN A 12 -7.72 14.94 -14.83
C ASN A 12 -7.82 13.72 -13.91
N ASN A 13 -7.05 13.74 -12.83
CA ASN A 13 -7.04 12.64 -11.88
C ASN A 13 -8.24 12.73 -10.94
N GLN A 14 -8.83 11.59 -10.62
CA GLN A 14 -9.98 11.54 -9.73
C GLN A 14 -9.56 11.54 -8.27
N PHE A 15 -9.28 12.73 -7.74
CA PHE A 15 -8.87 12.87 -6.35
C PHE A 15 -10.09 13.00 -5.44
N TYR A 16 -11.28 13.04 -6.03
CA TYR A 16 -12.52 13.16 -5.27
C TYR A 16 -12.85 11.86 -4.57
N GLN A 17 -13.20 10.85 -5.34
CA GLN A 17 -13.54 9.54 -4.79
C GLN A 17 -12.31 8.88 -4.17
N GLN A 18 -12.11 9.12 -2.87
CA GLN A 18 -10.97 8.55 -2.17
C GLN A 18 -11.22 7.08 -1.82
N LYS A 19 -12.46 6.64 -1.97
CA LYS A 19 -12.83 5.27 -1.66
C LYS A 19 -12.27 4.29 -2.69
N GLN A 20 -12.25 4.74 -3.94
CA GLN A 20 -11.73 3.92 -5.02
C GLN A 20 -10.20 3.87 -4.99
N ARG A 21 -9.61 5.04 -4.75
CA ARG A 21 -8.16 5.15 -4.67
C ARG A 21 -7.60 4.26 -3.57
N GLN A 22 -8.02 4.53 -2.35
CA GLN A 22 -7.57 3.76 -1.20
C GLN A 22 -8.05 2.32 -1.27
N ALA A 23 -9.08 2.08 -2.08
CA ALA A 23 -9.63 0.73 -2.24
C ALA A 23 -8.55 -0.23 -2.72
N LEU A 24 -8.22 -0.14 -4.00
CA LEU A 24 -7.20 -1.00 -4.58
C LEU A 24 -5.86 -0.73 -3.91
N GLY A 25 -5.62 0.54 -3.56
CA GLY A 25 -4.38 0.89 -2.91
C GLY A 25 -4.22 0.18 -1.59
N GLU A 26 -5.33 0.08 -0.84
CA GLU A 26 -5.31 -0.62 0.43
C GLU A 26 -4.82 -2.05 0.23
N GLN A 27 -5.05 -2.57 -0.98
CA GLN A 27 -4.60 -3.91 -1.31
C GLN A 27 -3.08 -3.99 -1.22
N LEU A 28 -2.42 -2.87 -1.54
CA LEU A 28 -0.96 -2.80 -1.47
C LEU A 28 -0.49 -3.17 -0.07
N TYR A 29 -1.18 -2.64 0.93
CA TYR A 29 -0.83 -2.91 2.33
C TYR A 29 -1.19 -4.33 2.76
N LYS A 30 -2.41 -4.77 2.49
CA LYS A 30 -2.82 -6.12 2.89
C LYS A 30 -1.97 -7.18 2.21
N LYS A 31 -1.52 -6.88 1.00
CA LYS A 31 -0.69 -7.81 0.24
C LYS A 31 0.61 -8.10 0.98
N VAL A 32 1.18 -7.06 1.58
CA VAL A 32 2.41 -7.21 2.32
C VAL A 32 2.11 -7.74 3.73
N SER A 33 1.04 -7.24 4.34
CA SER A 33 0.66 -7.69 5.67
C SER A 33 0.01 -9.07 5.62
N ALA A 34 0.03 -9.71 4.44
CA ALA A 34 -0.53 -11.03 4.26
C ALA A 34 0.16 -12.07 5.15
N LYS A 35 1.24 -11.64 5.82
CA LYS A 35 1.99 -12.54 6.70
C LYS A 35 1.66 -12.25 8.17
N THR A 36 1.24 -11.02 8.45
CA THR A 36 0.89 -10.61 9.81
C THR A 36 0.34 -9.20 9.83
N SER A 37 -0.34 -8.85 10.93
CA SER A 37 -0.92 -7.52 11.07
C SER A 37 0.09 -6.54 11.66
N ASN A 38 1.34 -6.69 11.23
CA ASN A 38 2.42 -5.82 11.69
C ASN A 38 2.40 -4.49 10.92
N GLU A 39 1.85 -3.45 11.53
CA GLU A 39 1.77 -2.14 10.90
C GLU A 39 3.16 -1.62 10.55
N GLU A 40 4.17 -2.10 11.26
CA GLU A 40 5.55 -1.67 11.01
C GLU A 40 6.18 -2.48 9.88
N ALA A 41 5.72 -3.70 9.70
CA ALA A 41 6.25 -4.58 8.66
C ALA A 41 5.72 -4.20 7.28
N ALA A 42 4.42 -4.42 7.10
CA ALA A 42 3.78 -4.13 5.83
C ALA A 42 3.90 -2.66 5.48
N GLY A 43 3.91 -1.81 6.50
CA GLY A 43 4.06 -0.38 6.28
C GLY A 43 5.41 -0.05 5.72
N LYS A 44 6.39 -0.92 5.99
CA LYS A 44 7.75 -0.72 5.51
C LYS A 44 7.83 -0.97 4.00
N ILE A 45 7.32 -2.12 3.57
CA ILE A 45 7.33 -2.47 2.16
C ILE A 45 6.38 -1.57 1.38
N THR A 46 5.26 -1.22 2.00
CA THR A 46 4.27 -0.35 1.35
C THR A 46 4.91 0.97 0.94
N GLY A 47 5.79 1.50 1.80
CA GLY A 47 6.46 2.75 1.51
C GLY A 47 7.33 2.64 0.27
N MET A 48 7.90 1.47 0.05
CA MET A 48 8.74 1.24 -1.12
C MET A 48 7.88 1.14 -2.37
N ILE A 49 6.85 0.29 -2.30
CA ILE A 49 5.93 0.13 -3.43
C ILE A 49 5.07 1.37 -3.60
N LEU A 50 5.22 2.33 -2.67
CA LEU A 50 4.48 3.58 -2.71
C LEU A 50 4.89 4.43 -3.91
N ASP A 51 5.76 3.89 -4.77
CA ASP A 51 6.22 4.60 -5.95
C ASP A 51 5.12 4.67 -7.00
N LEU A 52 4.19 3.72 -6.96
CA LEU A 52 3.09 3.69 -7.91
C LEU A 52 1.93 4.55 -7.42
N PRO A 53 1.51 5.55 -8.22
CA PRO A 53 0.39 6.43 -7.85
C PRO A 53 -0.82 5.63 -7.35
N PRO A 54 -1.85 6.32 -6.82
CA PRO A 54 -3.05 5.66 -6.30
C PRO A 54 -3.66 4.66 -7.29
N GLN A 55 -4.06 5.15 -8.45
CA GLN A 55 -4.66 4.28 -9.46
C GLN A 55 -3.60 3.45 -10.19
N GLU A 56 -2.47 4.10 -10.50
CA GLU A 56 -1.37 3.43 -11.21
C GLU A 56 -0.84 2.23 -10.44
N VAL A 57 -1.12 2.17 -9.14
CA VAL A 57 -0.65 1.08 -8.31
C VAL A 57 -1.64 -0.09 -8.32
N PHE A 58 -2.90 0.21 -8.61
CA PHE A 58 -3.96 -0.80 -8.65
C PHE A 58 -3.49 -2.05 -9.41
N PRO A 59 -2.99 -1.89 -10.64
CA PRO A 59 -2.53 -3.02 -11.47
C PRO A 59 -1.45 -3.85 -10.78
N LEU A 60 -0.54 -3.18 -10.09
CA LEU A 60 0.54 -3.87 -9.38
C LEU A 60 0.02 -4.60 -8.14
N LEU A 61 -0.75 -3.88 -7.32
CA LEU A 61 -1.29 -4.44 -6.09
C LEU A 61 -2.29 -5.56 -6.35
N GLU A 62 -2.69 -5.76 -7.61
CA GLU A 62 -3.66 -6.80 -7.94
C GLU A 62 -2.98 -8.00 -8.59
N SER A 63 -1.71 -7.83 -8.99
CA SER A 63 -0.96 -8.90 -9.63
C SER A 63 0.11 -9.44 -8.69
N ASP A 64 0.07 -10.74 -8.43
CA ASP A 64 1.03 -11.38 -7.56
C ASP A 64 2.45 -11.23 -8.10
N GLU A 65 2.63 -11.55 -9.38
CA GLU A 65 3.94 -11.46 -10.02
C GLU A 65 4.45 -10.03 -9.99
N LEU A 66 3.63 -9.09 -10.45
CA LEU A 66 4.01 -7.69 -10.46
C LEU A 66 4.38 -7.21 -9.06
N PHE A 67 3.79 -7.86 -8.06
CA PHE A 67 4.05 -7.52 -6.66
C PHE A 67 5.39 -8.08 -6.23
N GLU A 68 5.59 -9.38 -6.46
CA GLU A 68 6.82 -10.06 -6.10
C GLU A 68 8.06 -9.23 -6.38
N GLN A 69 8.16 -8.69 -7.60
CA GLN A 69 9.31 -7.89 -8.00
C GLN A 69 9.49 -6.68 -7.08
N HIS A 70 8.48 -5.82 -7.04
CA HIS A 70 8.54 -4.62 -6.21
C HIS A 70 8.66 -5.00 -4.75
N TYR A 71 7.77 -5.88 -4.29
CA TYR A 71 7.76 -6.34 -2.92
C TYR A 71 9.01 -7.18 -2.59
N LYS A 72 9.76 -7.58 -3.62
CA LYS A 72 10.97 -8.38 -3.41
C LYS A 72 12.04 -7.59 -2.67
N GLU A 73 12.53 -6.53 -3.30
CA GLU A 73 13.57 -5.70 -2.68
C GLU A 73 13.15 -5.26 -1.28
N ALA A 74 11.86 -4.98 -1.10
CA ALA A 74 11.35 -4.57 0.19
C ALA A 74 11.23 -5.78 1.13
N SER A 75 10.99 -6.96 0.56
CA SER A 75 10.87 -8.17 1.35
C SER A 75 12.14 -8.36 2.19
N ALA A 76 13.28 -8.38 1.51
CA ALA A 76 14.56 -8.55 2.19
C ALA A 76 14.63 -7.61 3.40
N ALA A 77 14.15 -6.38 3.20
CA ALA A 77 14.12 -5.38 4.26
C ALA A 77 13.08 -5.75 5.31
N TYR A 78 12.05 -6.46 4.87
CA TYR A 78 10.97 -6.91 5.74
C TYR A 78 11.53 -7.58 6.99
N GLU A 79 12.35 -8.60 6.77
CA GLU A 79 12.97 -9.34 7.86
C GLU A 79 13.93 -8.47 8.66
N SER A 80 14.75 -7.69 7.98
CA SER A 80 15.72 -6.83 8.66
C SER A 80 15.03 -5.86 9.60
N PHE A 81 13.99 -5.19 9.10
CA PHE A 81 13.24 -4.23 9.89
C PHE A 81 12.46 -4.92 11.02
N LYS A 82 11.64 -5.90 10.64
CA LYS A 82 10.84 -6.64 11.60
C LYS A 82 11.70 -7.30 12.68
N LYS A 83 12.70 -8.07 12.27
CA LYS A 83 13.58 -8.75 13.22
C LYS A 83 14.50 -7.77 13.95
N GLU A 84 14.46 -6.50 13.57
CA GLU A 84 15.30 -5.49 14.20
C GLU A 84 14.80 -5.17 15.60
N GLN A 85 13.48 -5.15 15.76
CA GLN A 85 12.86 -4.87 17.05
C GLN A 85 12.67 -6.14 17.87
N GLU A 86 13.61 -7.07 17.74
CA GLU A 86 13.55 -8.33 18.48
C GLU A 86 14.31 -8.20 19.80
N GLN A 87 14.48 -6.97 20.26
CA GLN A 87 15.18 -6.70 21.51
C GLN A 87 14.23 -6.73 22.69
N GLN A 88 13.10 -6.05 22.55
CA GLN A 88 12.09 -6.01 23.60
C GLN A 88 11.26 -7.29 23.60
N THR A 89 11.93 -8.42 23.81
CA THR A 89 11.26 -9.71 23.85
C THR A 89 11.31 -10.32 25.24
N GLU A 90 10.29 -10.05 26.04
CA GLU A 90 10.21 -10.56 27.40
C GLU A 90 9.67 -11.99 27.40
N GLN A 91 9.71 -12.63 28.58
CA GLN A 91 9.24 -14.00 28.73
C GLN A 91 7.78 -14.02 29.16
N ALA A 92 7.36 -12.98 29.88
CA ALA A 92 5.99 -12.89 30.36
C ALA A 92 5.03 -12.54 29.23
N GLY A 1 -36.28 15.24 -13.71
CA GLY A 1 -36.06 14.83 -12.30
C GLY A 1 -34.62 14.96 -11.87
N PRO A 2 -34.36 15.31 -10.60
CA PRO A 2 -32.99 15.46 -10.08
C PRO A 2 -32.21 14.14 -10.12
N LEU A 3 -30.90 14.23 -9.94
CA LEU A 3 -30.04 13.05 -9.95
C LEU A 3 -29.72 12.62 -8.53
N GLY A 4 -29.45 13.59 -7.66
CA GLY A 4 -29.13 13.28 -6.29
C GLY A 4 -30.36 13.22 -5.40
N SER A 5 -30.89 12.02 -5.21
CA SER A 5 -32.07 11.83 -4.39
C SER A 5 -31.75 11.88 -2.90
N PRO A 6 -30.79 11.07 -2.43
CA PRO A 6 -30.40 11.04 -1.02
C PRO A 6 -29.57 12.25 -0.61
N ARG A 7 -28.50 12.50 -1.35
CA ARG A 7 -27.62 13.63 -1.05
C ARG A 7 -28.02 14.86 -1.87
N ASN A 8 -27.91 16.04 -1.27
CA ASN A 8 -28.25 17.28 -1.94
C ASN A 8 -26.99 18.06 -2.33
N ALA A 9 -27.19 19.28 -2.82
CA ALA A 9 -26.08 20.12 -3.23
C ALA A 9 -25.42 20.79 -2.03
N ASN A 10 -24.36 20.17 -1.52
CA ASN A 10 -23.63 20.70 -0.37
C ASN A 10 -22.44 21.52 -0.83
N ASP A 11 -21.74 22.13 0.13
CA ASP A 11 -20.57 22.94 -0.19
C ASP A 11 -19.28 22.13 -0.04
N ASN A 12 -19.41 20.81 0.06
CA ASN A 12 -18.25 19.94 0.20
C ASN A 12 -17.87 19.33 -1.15
N ASN A 13 -16.72 18.67 -1.19
CA ASN A 13 -16.23 18.06 -2.42
C ASN A 13 -16.93 16.72 -2.68
N GLN A 14 -16.98 16.32 -3.93
CA GLN A 14 -17.62 15.06 -4.31
C GLN A 14 -16.66 13.90 -4.09
N PHE A 15 -16.53 13.48 -2.83
CA PHE A 15 -15.65 12.36 -2.50
C PHE A 15 -16.35 11.04 -2.76
N TYR A 16 -17.03 10.94 -3.91
CA TYR A 16 -17.75 9.73 -4.28
C TYR A 16 -16.78 8.62 -4.69
N GLN A 17 -16.04 8.85 -5.77
CA GLN A 17 -15.08 7.86 -6.25
C GLN A 17 -13.73 8.01 -5.54
N GLN A 18 -13.78 8.51 -4.30
CA GLN A 18 -12.57 8.68 -3.51
C GLN A 18 -12.12 7.35 -2.92
N LYS A 19 -13.08 6.57 -2.43
CA LYS A 19 -12.78 5.27 -1.85
C LYS A 19 -12.08 4.37 -2.87
N GLN A 20 -12.38 4.59 -4.14
CA GLN A 20 -11.78 3.81 -5.21
C GLN A 20 -10.26 3.85 -5.13
N ARG A 21 -9.70 5.05 -5.12
CA ARG A 21 -8.26 5.23 -5.02
C ARG A 21 -7.68 4.42 -3.85
N GLN A 22 -8.21 4.67 -2.65
CA GLN A 22 -7.74 3.96 -1.47
C GLN A 22 -8.24 2.52 -1.45
N ALA A 23 -9.12 2.17 -2.39
CA ALA A 23 -9.65 0.82 -2.46
C ALA A 23 -8.57 -0.16 -2.88
N LEU A 24 -8.11 -0.01 -4.12
CA LEU A 24 -7.08 -0.89 -4.64
C LEU A 24 -5.74 -0.63 -3.96
N GLY A 25 -5.46 0.63 -3.64
CA GLY A 25 -4.22 0.96 -2.97
C GLY A 25 -4.09 0.27 -1.64
N GLU A 26 -5.17 0.26 -0.86
CA GLU A 26 -5.16 -0.41 0.43
C GLU A 26 -4.76 -1.86 0.25
N GLN A 27 -5.08 -2.41 -0.93
CA GLN A 27 -4.72 -3.79 -1.24
C GLN A 27 -3.22 -3.96 -1.21
N LEU A 28 -2.50 -2.89 -1.53
CA LEU A 28 -1.04 -2.88 -1.54
C LEU A 28 -0.51 -3.27 -0.15
N TYR A 29 -0.99 -2.54 0.85
CA TYR A 29 -0.57 -2.77 2.23
C TYR A 29 -0.98 -4.16 2.73
N LYS A 30 -2.26 -4.49 2.59
CA LYS A 30 -2.76 -5.80 3.04
C LYS A 30 -1.99 -6.94 2.39
N LYS A 31 -1.50 -6.70 1.17
CA LYS A 31 -0.76 -7.72 0.45
C LYS A 31 0.50 -8.11 1.21
N VAL A 32 1.08 -7.17 1.91
CA VAL A 32 2.27 -7.43 2.71
C VAL A 32 1.91 -8.08 4.05
N SER A 33 0.91 -7.52 4.73
CA SER A 33 0.47 -8.06 6.00
C SER A 33 -0.34 -9.34 5.85
N ALA A 34 -0.38 -9.88 4.63
CA ALA A 34 -1.12 -11.11 4.36
C ALA A 34 -0.63 -12.25 5.25
N LYS A 35 0.57 -12.08 5.82
CA LYS A 35 1.14 -13.10 6.68
C LYS A 35 1.03 -12.71 8.16
N THR A 36 0.84 -11.42 8.43
CA THR A 36 0.72 -10.93 9.79
C THR A 36 0.24 -9.47 9.82
N SER A 37 -0.41 -9.09 10.91
CA SER A 37 -0.93 -7.72 11.06
C SER A 37 0.15 -6.81 11.64
N ASN A 38 1.37 -6.97 11.18
CA ASN A 38 2.49 -6.16 11.65
C ASN A 38 2.47 -4.78 10.97
N GLU A 39 1.87 -3.80 11.65
CA GLU A 39 1.77 -2.45 11.12
C GLU A 39 3.15 -1.90 10.75
N GLU A 40 4.17 -2.37 11.46
CA GLU A 40 5.54 -1.93 11.19
C GLU A 40 6.17 -2.72 10.05
N ALA A 41 5.65 -3.92 9.82
CA ALA A 41 6.15 -4.79 8.76
C ALA A 41 5.65 -4.33 7.40
N ALA A 42 4.36 -4.57 7.16
CA ALA A 42 3.73 -4.21 5.90
C ALA A 42 3.88 -2.73 5.62
N GLY A 43 3.88 -1.92 6.68
CA GLY A 43 4.03 -0.50 6.51
C GLY A 43 5.42 -0.14 6.01
N LYS A 44 6.38 -1.01 6.27
CA LYS A 44 7.75 -0.78 5.84
C LYS A 44 7.86 -0.99 4.33
N ILE A 45 7.42 -2.15 3.88
CA ILE A 45 7.45 -2.51 2.47
C ILE A 45 6.50 -1.60 1.68
N THR A 46 5.35 -1.30 2.28
CA THR A 46 4.37 -0.43 1.65
C THR A 46 5.01 0.91 1.26
N GLY A 47 5.85 1.43 2.16
CA GLY A 47 6.50 2.69 1.89
C GLY A 47 7.41 2.60 0.68
N MET A 48 7.91 1.40 0.41
CA MET A 48 8.77 1.18 -0.74
C MET A 48 7.94 1.12 -2.01
N ILE A 49 6.87 0.32 -1.98
CA ILE A 49 5.97 0.22 -3.13
C ILE A 49 5.09 1.47 -3.23
N LEU A 50 5.32 2.43 -2.33
CA LEU A 50 4.57 3.67 -2.33
C LEU A 50 4.99 4.55 -3.51
N ASP A 51 5.76 3.99 -4.44
CA ASP A 51 6.22 4.71 -5.62
C ASP A 51 5.13 4.67 -6.69
N LEU A 52 4.29 3.64 -6.65
CA LEU A 52 3.21 3.51 -7.61
C LEU A 52 2.05 4.43 -7.23
N PRO A 53 1.73 5.42 -8.06
CA PRO A 53 0.64 6.36 -7.76
C PRO A 53 -0.62 5.61 -7.32
N PRO A 54 -1.61 6.34 -6.77
CA PRO A 54 -2.86 5.74 -6.28
C PRO A 54 -3.49 4.76 -7.28
N GLN A 55 -3.88 5.26 -8.44
CA GLN A 55 -4.49 4.40 -9.46
C GLN A 55 -3.43 3.58 -10.20
N GLU A 56 -2.26 4.18 -10.42
CA GLU A 56 -1.18 3.51 -11.14
C GLU A 56 -0.69 2.27 -10.40
N VAL A 57 -0.93 2.20 -9.10
CA VAL A 57 -0.51 1.07 -8.32
C VAL A 57 -1.54 -0.06 -8.40
N PHE A 58 -2.79 0.33 -8.69
CA PHE A 58 -3.88 -0.64 -8.81
C PHE A 58 -3.46 -1.85 -9.66
N PRO A 59 -3.02 -1.62 -10.91
CA PRO A 59 -2.62 -2.70 -11.82
C PRO A 59 -1.51 -3.58 -11.22
N LEU A 60 -0.66 -2.98 -10.41
CA LEU A 60 0.44 -3.72 -9.79
C LEU A 60 -0.05 -4.50 -8.56
N LEU A 61 -0.71 -3.83 -7.63
CA LEU A 61 -1.18 -4.47 -6.41
C LEU A 61 -2.26 -5.52 -6.67
N GLU A 62 -2.64 -5.72 -7.93
CA GLU A 62 -3.67 -6.71 -8.26
C GLU A 62 -3.06 -7.96 -8.85
N SER A 63 -1.76 -7.89 -9.18
CA SER A 63 -1.06 -9.03 -9.76
C SER A 63 0.01 -9.55 -8.79
N ASP A 64 -0.08 -10.83 -8.45
CA ASP A 64 0.87 -11.45 -7.53
C ASP A 64 2.32 -11.30 -8.00
N GLU A 65 2.53 -11.41 -9.30
CA GLU A 65 3.86 -11.29 -9.87
C GLU A 65 4.34 -9.84 -9.83
N LEU A 66 3.44 -8.93 -10.17
CA LEU A 66 3.77 -7.50 -10.14
C LEU A 66 4.21 -7.07 -8.75
N PHE A 67 3.62 -7.71 -7.75
CA PHE A 67 3.96 -7.40 -6.37
C PHE A 67 5.27 -8.04 -5.97
N GLU A 68 5.39 -9.34 -6.24
CA GLU A 68 6.61 -10.08 -5.91
C GLU A 68 7.86 -9.29 -6.27
N GLN A 69 7.91 -8.78 -7.50
CA GLN A 69 9.06 -7.99 -7.97
C GLN A 69 9.33 -6.79 -7.07
N HIS A 70 8.35 -5.88 -7.01
CA HIS A 70 8.48 -4.68 -6.21
C HIS A 70 8.61 -5.04 -4.74
N TYR A 71 7.69 -5.85 -4.24
CA TYR A 71 7.72 -6.29 -2.85
C TYR A 71 8.95 -7.16 -2.58
N LYS A 72 9.65 -7.57 -3.65
CA LYS A 72 10.85 -8.39 -3.50
C LYS A 72 11.92 -7.63 -2.73
N GLU A 73 12.43 -6.56 -3.33
CA GLU A 73 13.47 -5.75 -2.71
C GLU A 73 13.04 -5.34 -1.30
N ALA A 74 11.77 -5.00 -1.16
CA ALA A 74 11.23 -4.59 0.13
C ALA A 74 11.14 -5.78 1.08
N SER A 75 10.95 -6.98 0.53
CA SER A 75 10.86 -8.18 1.33
C SER A 75 12.15 -8.36 2.13
N ALA A 76 13.28 -8.35 1.42
CA ALA A 76 14.58 -8.49 2.05
C ALA A 76 14.71 -7.56 3.26
N ALA A 77 14.12 -6.38 3.14
CA ALA A 77 14.15 -5.38 4.21
C ALA A 77 13.13 -5.73 5.29
N TYR A 78 12.17 -6.58 4.93
CA TYR A 78 11.14 -7.03 5.85
C TYR A 78 11.79 -7.72 7.05
N GLU A 79 12.65 -8.68 6.75
CA GLU A 79 13.36 -9.45 7.78
C GLU A 79 14.31 -8.57 8.59
N SER A 80 15.13 -7.80 7.89
CA SER A 80 16.10 -6.94 8.55
C SER A 80 15.44 -5.96 9.51
N PHE A 81 14.42 -5.26 9.02
CA PHE A 81 13.71 -4.28 9.84
C PHE A 81 12.94 -4.97 10.96
N LYS A 82 12.14 -5.96 10.60
CA LYS A 82 11.34 -6.69 11.58
C LYS A 82 12.23 -7.28 12.68
N LYS A 83 13.37 -7.81 12.28
CA LYS A 83 14.31 -8.40 13.22
C LYS A 83 15.05 -7.34 14.03
N GLU A 84 15.37 -6.22 13.37
CA GLU A 84 16.08 -5.14 14.04
C GLU A 84 15.25 -4.60 15.21
N GLN A 85 13.94 -4.56 15.02
CA GLN A 85 13.04 -4.06 16.07
C GLN A 85 12.67 -5.17 17.03
N GLU A 86 13.57 -5.47 17.95
CA GLU A 86 13.34 -6.52 18.95
C GLU A 86 12.67 -5.95 20.20
N GLN A 87 11.87 -4.91 20.01
CA GLN A 87 11.17 -4.27 21.12
C GLN A 87 9.72 -4.74 21.20
N GLN A 88 9.01 -4.60 20.09
CA GLN A 88 7.61 -5.01 20.03
C GLN A 88 7.48 -6.51 19.84
N THR A 89 7.07 -7.21 20.91
CA THR A 89 6.91 -8.64 20.85
C THR A 89 5.42 -9.01 20.91
N GLU A 90 5.10 -10.18 21.44
CA GLU A 90 3.71 -10.62 21.55
C GLU A 90 3.06 -10.06 22.81
N GLN A 91 3.64 -10.39 23.97
CA GLN A 91 3.12 -9.93 25.24
C GLN A 91 3.59 -8.50 25.52
N ALA A 92 2.85 -7.78 26.36
CA ALA A 92 3.21 -6.41 26.70
C ALA A 92 4.37 -6.39 27.70
N GLY A 1 -27.20 -9.35 -25.83
CA GLY A 1 -26.45 -8.14 -25.41
C GLY A 1 -25.87 -7.37 -26.58
N PRO A 2 -25.14 -6.27 -26.31
CA PRO A 2 -24.53 -5.45 -27.37
C PRO A 2 -23.38 -6.16 -28.06
N LEU A 3 -22.89 -5.56 -29.15
CA LEU A 3 -21.79 -6.14 -29.90
C LEU A 3 -20.45 -5.85 -29.22
N GLY A 4 -20.01 -4.59 -29.28
CA GLY A 4 -18.76 -4.21 -28.66
C GLY A 4 -18.98 -3.38 -27.40
N SER A 5 -17.94 -3.27 -26.58
CA SER A 5 -18.02 -2.50 -25.35
C SER A 5 -18.04 -1.01 -25.65
N PRO A 6 -18.65 -0.21 -24.76
CA PRO A 6 -18.74 1.25 -24.93
C PRO A 6 -17.36 1.90 -24.91
N ARG A 7 -16.83 2.18 -26.10
CA ARG A 7 -15.52 2.82 -26.22
C ARG A 7 -15.64 4.33 -26.18
N ASN A 8 -15.01 4.93 -25.18
CA ASN A 8 -15.05 6.39 -25.03
C ASN A 8 -13.78 7.03 -25.59
N ALA A 9 -13.80 8.35 -25.72
CA ALA A 9 -12.66 9.08 -26.26
C ALA A 9 -11.66 9.44 -25.15
N ASN A 10 -12.15 10.14 -24.14
CA ASN A 10 -11.29 10.55 -23.02
C ASN A 10 -11.45 9.61 -21.83
N ASP A 11 -10.37 9.45 -21.08
CA ASP A 11 -10.38 8.58 -19.90
C ASP A 11 -10.69 9.39 -18.66
N ASN A 12 -11.87 9.14 -18.08
CA ASN A 12 -12.29 9.85 -16.88
C ASN A 12 -11.58 9.31 -15.64
N ASN A 13 -10.99 10.22 -14.86
CA ASN A 13 -10.28 9.83 -13.65
C ASN A 13 -11.21 9.84 -12.44
N GLN A 14 -11.03 8.88 -11.55
CA GLN A 14 -11.85 8.79 -10.35
C GLN A 14 -11.25 9.59 -9.20
N PHE A 15 -11.36 10.91 -9.29
CA PHE A 15 -10.84 11.80 -8.26
C PHE A 15 -11.88 12.07 -7.19
N TYR A 16 -13.14 11.78 -7.50
CA TYR A 16 -14.24 12.01 -6.55
C TYR A 16 -14.27 10.92 -5.49
N GLN A 17 -14.42 9.67 -5.92
CA GLN A 17 -14.47 8.54 -4.99
C GLN A 17 -13.15 8.41 -4.23
N GLN A 18 -13.13 8.95 -3.00
CA GLN A 18 -11.94 8.90 -2.17
C GLN A 18 -11.62 7.46 -1.76
N LYS A 19 -12.65 6.63 -1.68
CA LYS A 19 -12.47 5.23 -1.29
C LYS A 19 -11.91 4.41 -2.44
N GLN A 20 -12.06 4.91 -3.67
CA GLN A 20 -11.56 4.21 -4.85
C GLN A 20 -10.05 4.02 -4.79
N ARG A 21 -9.32 5.13 -4.78
CA ARG A 21 -7.86 5.09 -4.73
C ARG A 21 -7.37 4.26 -3.55
N GLN A 22 -7.86 4.59 -2.36
CA GLN A 22 -7.48 3.87 -1.16
C GLN A 22 -8.00 2.44 -1.17
N ALA A 23 -8.89 2.12 -2.11
CA ALA A 23 -9.45 0.77 -2.19
C ALA A 23 -8.38 -0.23 -2.62
N LEU A 24 -8.02 -0.17 -3.90
CA LEU A 24 -7.01 -1.07 -4.44
C LEU A 24 -5.65 -0.76 -3.81
N GLY A 25 -5.42 0.51 -3.49
CA GLY A 25 -4.16 0.90 -2.88
C GLY A 25 -3.93 0.19 -1.57
N GLU A 26 -4.99 0.00 -0.79
CA GLU A 26 -4.88 -0.69 0.48
C GLU A 26 -4.36 -2.11 0.24
N GLN A 27 -4.76 -2.69 -0.90
CA GLN A 27 -4.32 -4.03 -1.26
C GLN A 27 -2.79 -4.09 -1.22
N LEU A 28 -2.15 -2.99 -1.60
CA LEU A 28 -0.70 -2.90 -1.59
C LEU A 28 -0.20 -3.23 -0.18
N TYR A 29 -0.86 -2.64 0.80
CA TYR A 29 -0.53 -2.86 2.20
C TYR A 29 -0.97 -4.25 2.66
N LYS A 30 -2.24 -4.57 2.39
CA LYS A 30 -2.81 -5.87 2.78
C LYS A 30 -1.97 -7.02 2.22
N LYS A 31 -1.46 -6.83 1.01
CA LYS A 31 -0.66 -7.86 0.35
C LYS A 31 0.61 -8.15 1.15
N VAL A 32 1.12 -7.13 1.82
CA VAL A 32 2.32 -7.28 2.64
C VAL A 32 1.99 -7.89 4.00
N SER A 33 0.95 -7.36 4.64
CA SER A 33 0.53 -7.86 5.95
C SER A 33 -0.20 -9.19 5.83
N ALA A 34 -0.22 -9.77 4.63
CA ALA A 34 -0.88 -11.04 4.41
C ALA A 34 -0.32 -12.13 5.31
N LYS A 35 0.86 -11.90 5.89
CA LYS A 35 1.49 -12.87 6.78
C LYS A 35 1.36 -12.46 8.25
N THR A 36 1.11 -11.18 8.49
CA THR A 36 0.97 -10.68 9.85
C THR A 36 0.33 -9.29 9.85
N SER A 37 -0.25 -8.91 10.99
CA SER A 37 -0.89 -7.61 11.13
C SER A 37 0.08 -6.58 11.72
N ASN A 38 1.34 -6.67 11.28
CA ASN A 38 2.38 -5.76 11.73
C ASN A 38 2.27 -4.42 10.99
N GLU A 39 1.71 -3.41 11.65
CA GLU A 39 1.53 -2.09 11.04
C GLU A 39 2.87 -1.45 10.69
N GLU A 40 3.92 -1.81 11.41
CA GLU A 40 5.24 -1.26 11.17
C GLU A 40 5.96 -2.02 10.06
N ALA A 41 5.59 -3.29 9.86
CA ALA A 41 6.19 -4.12 8.83
C ALA A 41 5.71 -3.75 7.44
N ALA A 42 4.48 -4.16 7.16
CA ALA A 42 3.87 -3.90 5.86
C ALA A 42 3.86 -2.41 5.57
N GLY A 43 3.76 -1.61 6.62
CA GLY A 43 3.77 -0.18 6.45
C GLY A 43 5.11 0.28 5.90
N LYS A 44 6.15 -0.50 6.18
CA LYS A 44 7.49 -0.18 5.69
C LYS A 44 7.59 -0.45 4.20
N ILE A 45 7.31 -1.68 3.81
CA ILE A 45 7.35 -2.07 2.40
C ILE A 45 6.38 -1.23 1.58
N THR A 46 5.21 -0.98 2.16
CA THR A 46 4.20 -0.19 1.49
C THR A 46 4.75 1.17 1.07
N GLY A 47 5.55 1.77 1.94
CA GLY A 47 6.14 3.06 1.62
C GLY A 47 7.04 3.00 0.41
N MET A 48 7.66 1.83 0.20
CA MET A 48 8.55 1.64 -0.94
C MET A 48 7.72 1.46 -2.22
N ILE A 49 6.71 0.59 -2.14
CA ILE A 49 5.84 0.35 -3.28
C ILE A 49 4.81 1.47 -3.42
N LEU A 50 4.93 2.50 -2.57
CA LEU A 50 4.04 3.65 -2.62
C LEU A 50 4.50 4.64 -3.68
N ASP A 51 5.40 4.21 -4.54
CA ASP A 51 5.92 5.06 -5.61
C ASP A 51 4.98 5.06 -6.81
N LEU A 52 4.14 4.02 -6.90
CA LEU A 52 3.20 3.92 -8.01
C LEU A 52 1.94 4.73 -7.72
N PRO A 53 1.48 5.54 -8.70
CA PRO A 53 0.28 6.37 -8.53
C PRO A 53 -0.88 5.60 -7.92
N PRO A 54 -1.89 6.30 -7.38
CA PRO A 54 -3.05 5.70 -6.76
C PRO A 54 -3.67 4.61 -7.63
N GLN A 55 -4.14 4.99 -8.81
CA GLN A 55 -4.76 4.05 -9.74
C GLN A 55 -3.70 3.20 -10.44
N GLU A 56 -2.57 3.82 -10.76
CA GLU A 56 -1.48 3.12 -11.46
C GLU A 56 -0.91 1.97 -10.64
N VAL A 57 -1.17 1.98 -9.34
CA VAL A 57 -0.66 0.92 -8.46
C VAL A 57 -1.63 -0.26 -8.44
N PHE A 58 -2.92 0.04 -8.66
CA PHE A 58 -3.96 -0.99 -8.66
C PHE A 58 -3.52 -2.23 -9.43
N PRO A 59 -3.06 -2.06 -10.69
CA PRO A 59 -2.62 -3.20 -11.52
C PRO A 59 -1.47 -3.99 -10.91
N LEU A 60 -0.63 -3.30 -10.15
CA LEU A 60 0.51 -3.93 -9.52
C LEU A 60 0.09 -4.69 -8.28
N LEU A 61 -0.59 -4.01 -7.38
CA LEU A 61 -1.04 -4.60 -6.13
C LEU A 61 -2.07 -5.71 -6.34
N GLU A 62 -2.48 -5.95 -7.59
CA GLU A 62 -3.45 -6.99 -7.87
C GLU A 62 -2.79 -8.22 -8.49
N SER A 63 -1.51 -8.09 -8.86
CA SER A 63 -0.77 -9.20 -9.46
C SER A 63 0.35 -9.64 -8.53
N ASP A 64 0.36 -10.93 -8.18
CA ASP A 64 1.38 -11.48 -7.30
C ASP A 64 2.77 -11.29 -7.89
N GLU A 65 2.92 -11.61 -9.18
CA GLU A 65 4.20 -11.47 -9.86
C GLU A 65 4.67 -10.02 -9.80
N LEU A 66 3.81 -9.10 -10.21
CA LEU A 66 4.14 -7.68 -10.19
C LEU A 66 4.50 -7.23 -8.78
N PHE A 67 3.91 -7.89 -7.78
CA PHE A 67 4.17 -7.57 -6.39
C PHE A 67 5.50 -8.14 -5.94
N GLU A 68 5.69 -9.44 -6.16
CA GLU A 68 6.93 -10.11 -5.77
C GLU A 68 8.17 -9.29 -6.14
N GLN A 69 8.22 -8.83 -7.38
CA GLN A 69 9.36 -8.04 -7.85
C GLN A 69 9.60 -6.81 -6.98
N HIS A 70 8.65 -5.89 -6.99
CA HIS A 70 8.75 -4.67 -6.20
C HIS A 70 8.83 -4.99 -4.71
N TYR A 71 7.91 -5.83 -4.24
CA TYR A 71 7.89 -6.23 -2.84
C TYR A 71 9.14 -7.05 -2.49
N LYS A 72 9.89 -7.49 -3.51
CA LYS A 72 11.11 -8.27 -3.30
C LYS A 72 12.17 -7.45 -2.55
N GLU A 73 12.66 -6.41 -3.19
CA GLU A 73 13.69 -5.57 -2.60
C GLU A 73 13.26 -5.10 -1.21
N ALA A 74 12.00 -4.75 -1.07
CA ALA A 74 11.47 -4.29 0.20
C ALA A 74 11.29 -5.45 1.19
N SER A 75 11.02 -6.64 0.68
CA SER A 75 10.85 -7.80 1.54
C SER A 75 12.13 -8.07 2.32
N ALA A 76 13.23 -8.20 1.60
CA ALA A 76 14.53 -8.44 2.21
C ALA A 76 14.72 -7.51 3.41
N ALA A 77 14.28 -6.27 3.24
CA ALA A 77 14.35 -5.29 4.30
C ALA A 77 13.27 -5.59 5.33
N TYR A 78 12.09 -5.93 4.83
CA TYR A 78 10.95 -6.26 5.67
C TYR A 78 11.34 -7.28 6.73
N GLU A 79 11.77 -8.45 6.27
CA GLU A 79 12.17 -9.51 7.19
C GLU A 79 13.30 -9.04 8.10
N SER A 80 14.33 -8.48 7.49
CA SER A 80 15.49 -8.00 8.23
C SER A 80 15.11 -6.97 9.29
N PHE A 81 14.37 -5.96 8.87
CA PHE A 81 13.96 -4.88 9.75
C PHE A 81 12.89 -5.34 10.74
N LYS A 82 11.81 -5.92 10.26
CA LYS A 82 10.75 -6.39 11.13
C LYS A 82 11.27 -7.44 12.11
N LYS A 83 12.35 -8.13 11.73
CA LYS A 83 12.94 -9.16 12.60
C LYS A 83 14.00 -8.55 13.52
N GLU A 84 14.63 -7.47 13.06
CA GLU A 84 15.67 -6.81 13.85
C GLU A 84 15.08 -6.14 15.08
N GLN A 85 13.86 -5.61 14.94
CA GLN A 85 13.20 -4.94 16.04
C GLN A 85 12.36 -5.91 16.87
N GLU A 86 12.72 -7.20 16.83
CA GLU A 86 12.01 -8.22 17.58
C GLU A 86 12.52 -8.29 19.01
N GLN A 87 13.74 -7.82 19.21
CA GLN A 87 14.36 -7.82 20.54
C GLN A 87 13.75 -6.75 21.44
N GLN A 88 13.05 -5.79 20.83
CA GLN A 88 12.42 -4.71 21.57
C GLN A 88 11.01 -5.13 22.04
N THR A 89 10.46 -4.36 22.97
CA THR A 89 9.13 -4.66 23.50
C THR A 89 8.13 -3.59 23.08
N GLU A 90 7.33 -3.89 22.06
CA GLU A 90 6.34 -2.96 21.57
C GLU A 90 5.11 -2.94 22.48
N GLN A 91 4.89 -4.04 23.19
CA GLN A 91 3.75 -4.15 24.10
C GLN A 91 3.95 -3.27 25.32
N ALA A 92 2.84 -2.80 25.89
CA ALA A 92 2.90 -1.94 27.07
C ALA A 92 2.90 -2.76 28.35
N GLY A 1 -10.14 15.85 30.75
CA GLY A 1 -11.22 16.05 31.77
C GLY A 1 -12.54 16.45 31.12
N PRO A 2 -12.73 17.75 30.81
CA PRO A 2 -13.95 18.24 30.19
C PRO A 2 -14.12 17.73 28.76
N LEU A 3 -15.27 17.14 28.48
CA LEU A 3 -15.55 16.61 27.15
C LEU A 3 -15.96 17.72 26.19
N GLY A 4 -15.03 18.15 25.36
CA GLY A 4 -15.31 19.20 24.40
C GLY A 4 -16.08 18.69 23.20
N SER A 5 -16.87 19.55 22.59
CA SER A 5 -17.66 19.17 21.42
C SER A 5 -16.84 19.30 20.14
N PRO A 6 -16.58 18.18 19.45
CA PRO A 6 -15.81 18.17 18.20
C PRO A 6 -16.61 18.65 16.99
N ARG A 7 -17.56 19.56 17.22
CA ARG A 7 -18.40 20.08 16.14
C ARG A 7 -17.80 21.36 15.59
N ASN A 8 -16.47 21.40 15.49
CA ASN A 8 -15.77 22.55 14.96
C ASN A 8 -15.25 22.26 13.56
N ALA A 9 -14.57 21.12 13.43
CA ALA A 9 -14.02 20.70 12.14
C ALA A 9 -15.14 20.31 11.18
N ASN A 10 -14.79 20.12 9.92
CA ASN A 10 -15.78 19.74 8.91
C ASN A 10 -15.92 18.23 8.84
N ASP A 11 -17.11 17.78 8.44
CA ASP A 11 -17.39 16.35 8.33
C ASP A 11 -16.65 15.72 7.15
N ASN A 12 -16.77 14.41 7.01
CA ASN A 12 -16.12 13.69 5.92
C ASN A 12 -16.98 13.71 4.66
N ASN A 13 -16.32 13.76 3.51
CA ASN A 13 -17.02 13.78 2.22
C ASN A 13 -16.52 12.66 1.32
N GLN A 14 -17.29 12.35 0.30
CA GLN A 14 -16.93 11.29 -0.64
C GLN A 14 -16.16 11.85 -1.84
N PHE A 15 -16.34 13.13 -2.11
CA PHE A 15 -15.66 13.78 -3.23
C PHE A 15 -14.20 14.08 -2.90
N TYR A 16 -13.90 14.13 -1.60
CA TYR A 16 -12.53 14.42 -1.15
C TYR A 16 -11.65 13.17 -1.27
N GLN A 17 -11.97 12.16 -0.47
CA GLN A 17 -11.21 10.91 -0.49
C GLN A 17 -11.79 9.93 -1.50
N GLN A 18 -10.94 9.46 -2.41
CA GLN A 18 -11.35 8.51 -3.43
C GLN A 18 -11.52 7.12 -2.84
N LYS A 19 -12.70 6.55 -3.01
CA LYS A 19 -12.98 5.21 -2.48
C LYS A 19 -12.22 4.15 -3.26
N GLN A 20 -11.91 4.47 -4.52
CA GLN A 20 -11.18 3.53 -5.37
C GLN A 20 -9.67 3.70 -5.17
N ARG A 21 -9.25 4.93 -4.87
CA ARG A 21 -7.84 5.23 -4.66
C ARG A 21 -7.29 4.43 -3.48
N GLN A 22 -7.93 4.58 -2.32
CA GLN A 22 -7.51 3.86 -1.13
C GLN A 22 -8.02 2.43 -1.14
N ALA A 23 -8.91 2.11 -2.09
CA ALA A 23 -9.46 0.77 -2.19
C ALA A 23 -8.38 -0.22 -2.61
N LEU A 24 -7.98 -0.13 -3.87
CA LEU A 24 -6.94 -0.99 -4.41
C LEU A 24 -5.61 -0.67 -3.75
N GLY A 25 -5.41 0.60 -3.41
CA GLY A 25 -4.18 1.00 -2.78
C GLY A 25 -4.00 0.29 -1.44
N GLU A 26 -5.09 0.16 -0.70
CA GLU A 26 -5.06 -0.53 0.58
C GLU A 26 -4.60 -1.96 0.38
N GLN A 27 -4.88 -2.50 -0.82
CA GLN A 27 -4.47 -3.86 -1.14
C GLN A 27 -2.95 -3.96 -1.08
N LEU A 28 -2.29 -2.85 -1.35
CA LEU A 28 -0.83 -2.79 -1.30
C LEU A 28 -0.34 -3.09 0.11
N TYR A 29 -1.06 -2.53 1.09
CA TYR A 29 -0.72 -2.72 2.49
C TYR A 29 -1.08 -4.13 2.99
N LYS A 30 -2.27 -4.59 2.67
CA LYS A 30 -2.72 -5.92 3.12
C LYS A 30 -1.94 -7.04 2.44
N LYS A 31 -1.59 -6.85 1.18
CA LYS A 31 -0.86 -7.88 0.42
C LYS A 31 0.49 -8.17 1.06
N VAL A 32 1.12 -7.13 1.60
CA VAL A 32 2.41 -7.27 2.25
C VAL A 32 2.22 -7.77 3.69
N SER A 33 1.22 -7.24 4.37
CA SER A 33 0.91 -7.68 5.74
C SER A 33 0.20 -9.04 5.73
N ALA A 34 0.18 -9.70 4.56
CA ALA A 34 -0.46 -11.00 4.43
C ALA A 34 0.24 -12.07 5.27
N LYS A 35 1.38 -11.71 5.87
CA LYS A 35 2.14 -12.65 6.69
C LYS A 35 1.93 -12.34 8.18
N THR A 36 1.41 -11.15 8.48
CA THR A 36 1.18 -10.75 9.86
C THR A 36 0.55 -9.36 9.92
N SER A 37 -0.01 -9.01 11.08
CA SER A 37 -0.62 -7.71 11.27
C SER A 37 0.37 -6.72 11.86
N ASN A 38 1.62 -6.82 11.42
CA ASN A 38 2.69 -5.94 11.89
C ASN A 38 2.60 -4.57 11.20
N GLU A 39 1.98 -3.61 11.90
CA GLU A 39 1.82 -2.26 11.36
C GLU A 39 3.15 -1.66 10.91
N GLU A 40 4.22 -2.04 11.59
CA GLU A 40 5.55 -1.54 11.25
C GLU A 40 6.15 -2.36 10.11
N ALA A 41 5.67 -3.58 9.97
CA ALA A 41 6.13 -4.48 8.93
C ALA A 41 5.60 -4.06 7.56
N ALA A 42 4.31 -4.27 7.37
CA ALA A 42 3.65 -3.94 6.12
C ALA A 42 3.79 -2.46 5.80
N GLY A 43 3.80 -1.64 6.84
CA GLY A 43 3.96 -0.21 6.64
C GLY A 43 5.30 0.12 6.01
N LYS A 44 6.27 -0.78 6.21
CA LYS A 44 7.60 -0.60 5.66
C LYS A 44 7.60 -0.82 4.16
N ILE A 45 7.19 -2.01 3.74
CA ILE A 45 7.14 -2.35 2.32
C ILE A 45 6.19 -1.44 1.57
N THR A 46 5.07 -1.11 2.21
CA THR A 46 4.07 -0.23 1.59
C THR A 46 4.71 1.09 1.20
N GLY A 47 5.54 1.63 2.08
CA GLY A 47 6.20 2.89 1.79
C GLY A 47 7.12 2.78 0.59
N MET A 48 7.61 1.57 0.34
CA MET A 48 8.49 1.34 -0.80
C MET A 48 7.67 1.25 -2.08
N ILE A 49 6.61 0.44 -2.04
CA ILE A 49 5.73 0.28 -3.19
C ILE A 49 4.80 1.49 -3.34
N LEU A 50 4.97 2.47 -2.44
CA LEU A 50 4.16 3.69 -2.49
C LEU A 50 4.60 4.59 -3.65
N ASP A 51 5.49 4.07 -4.50
CA ASP A 51 5.96 4.83 -5.65
C ASP A 51 4.96 4.73 -6.80
N LEU A 52 4.17 3.66 -6.80
CA LEU A 52 3.17 3.45 -7.85
C LEU A 52 2.04 4.48 -7.70
N PRO A 53 1.68 5.17 -8.81
CA PRO A 53 0.62 6.18 -8.80
C PRO A 53 -0.62 5.73 -8.01
N PRO A 54 -1.49 6.69 -7.65
CA PRO A 54 -2.72 6.39 -6.90
C PRO A 54 -3.57 5.32 -7.58
N GLN A 55 -4.19 5.68 -8.69
CA GLN A 55 -5.03 4.74 -9.44
C GLN A 55 -4.20 3.75 -10.25
N GLU A 56 -3.07 4.21 -10.78
CA GLU A 56 -2.21 3.37 -11.61
C GLU A 56 -1.51 2.25 -10.81
N VAL A 57 -1.69 2.23 -9.50
CA VAL A 57 -1.07 1.20 -8.68
C VAL A 57 -1.96 -0.04 -8.60
N PHE A 58 -3.28 0.19 -8.65
CA PHE A 58 -4.26 -0.90 -8.59
C PHE A 58 -3.83 -2.10 -9.43
N PRO A 59 -3.52 -1.90 -10.72
CA PRO A 59 -3.11 -3.00 -11.60
C PRO A 59 -1.93 -3.79 -11.05
N LEU A 60 -0.92 -3.09 -10.56
CA LEU A 60 0.27 -3.74 -10.00
C LEU A 60 -0.11 -4.55 -8.75
N LEU A 61 -0.78 -3.88 -7.81
CA LEU A 61 -1.17 -4.52 -6.56
C LEU A 61 -2.20 -5.63 -6.75
N GLU A 62 -2.63 -5.87 -7.98
CA GLU A 62 -3.60 -6.92 -8.25
C GLU A 62 -2.93 -8.15 -8.86
N SER A 63 -1.66 -8.01 -9.22
CA SER A 63 -0.91 -9.10 -9.81
C SER A 63 0.19 -9.59 -8.86
N ASP A 64 0.16 -10.88 -8.53
CA ASP A 64 1.14 -11.45 -7.63
C ASP A 64 2.56 -11.31 -8.18
N GLU A 65 2.74 -11.69 -9.44
CA GLU A 65 4.04 -11.60 -10.08
C GLU A 65 4.56 -10.16 -10.08
N LEU A 66 3.73 -9.23 -10.51
CA LEU A 66 4.12 -7.81 -10.55
C LEU A 66 4.45 -7.32 -9.14
N PHE A 67 3.80 -7.94 -8.16
CA PHE A 67 4.03 -7.59 -6.76
C PHE A 67 5.35 -8.17 -6.26
N GLU A 68 5.53 -9.47 -6.46
CA GLU A 68 6.74 -10.16 -6.03
C GLU A 68 8.01 -9.36 -6.34
N GLN A 69 8.12 -8.89 -7.58
CA GLN A 69 9.29 -8.12 -8.01
C GLN A 69 9.50 -6.89 -7.12
N HIS A 70 8.53 -6.00 -7.13
CA HIS A 70 8.62 -4.77 -6.34
C HIS A 70 8.67 -5.11 -4.85
N TYR A 71 7.75 -5.95 -4.40
CA TYR A 71 7.70 -6.38 -3.01
C TYR A 71 8.94 -7.19 -2.64
N LYS A 72 9.70 -7.63 -3.64
CA LYS A 72 10.92 -8.40 -3.40
C LYS A 72 11.94 -7.59 -2.63
N GLU A 73 12.42 -6.51 -3.26
CA GLU A 73 13.41 -5.64 -2.62
C GLU A 73 12.93 -5.19 -1.25
N ALA A 74 11.64 -4.89 -1.15
CA ALA A 74 11.06 -4.46 0.12
C ALA A 74 10.98 -5.62 1.09
N SER A 75 10.80 -6.83 0.56
CA SER A 75 10.72 -8.02 1.39
C SER A 75 11.97 -8.14 2.25
N ALA A 76 13.12 -8.14 1.60
CA ALA A 76 14.40 -8.24 2.32
C ALA A 76 14.44 -7.23 3.47
N ALA A 77 13.83 -6.08 3.27
CA ALA A 77 13.78 -5.04 4.29
C ALA A 77 12.75 -5.40 5.36
N TYR A 78 11.87 -6.32 5.00
CA TYR A 78 10.82 -6.81 5.89
C TYR A 78 11.46 -7.59 7.03
N GLU A 79 12.32 -8.51 6.67
CA GLU A 79 13.00 -9.36 7.65
C GLU A 79 13.99 -8.55 8.49
N SER A 80 14.73 -7.67 7.84
CA SER A 80 15.72 -6.84 8.53
C SER A 80 15.07 -6.01 9.64
N PHE A 81 14.02 -5.27 9.28
CA PHE A 81 13.33 -4.43 10.24
C PHE A 81 12.54 -5.26 11.26
N LYS A 82 11.92 -6.33 10.79
CA LYS A 82 11.14 -7.20 11.67
C LYS A 82 12.04 -8.01 12.60
N LYS A 83 13.28 -8.26 12.17
CA LYS A 83 14.22 -9.03 12.97
C LYS A 83 14.94 -8.16 13.98
N GLU A 84 15.13 -6.88 13.65
CA GLU A 84 15.80 -5.95 14.54
C GLU A 84 14.83 -5.41 15.60
N GLN A 85 13.78 -6.17 15.88
CA GLN A 85 12.79 -5.78 16.86
C GLN A 85 13.35 -5.87 18.27
N GLU A 86 14.22 -4.92 18.63
CA GLU A 86 14.81 -4.90 19.96
C GLU A 86 13.87 -4.26 20.97
N GLN A 87 12.67 -3.90 20.52
CA GLN A 87 11.68 -3.28 21.39
C GLN A 87 10.79 -4.33 22.06
N GLN A 88 10.03 -5.06 21.24
CA GLN A 88 9.14 -6.09 21.74
C GLN A 88 9.89 -7.40 21.98
N THR A 89 9.77 -7.93 23.19
CA THR A 89 10.43 -9.18 23.54
C THR A 89 9.49 -10.37 23.36
N GLU A 90 9.57 -11.02 22.21
CA GLU A 90 8.72 -12.17 21.91
C GLU A 90 9.43 -13.47 22.28
N GLN A 91 10.26 -13.43 23.32
CA GLN A 91 11.00 -14.60 23.77
C GLN A 91 10.16 -15.41 24.76
N ALA A 92 9.35 -16.32 24.23
CA ALA A 92 8.51 -17.16 25.07
C ALA A 92 9.29 -18.34 25.63
N GLY A 1 -19.19 19.70 -25.73
CA GLY A 1 -20.06 19.08 -26.78
C GLY A 1 -20.71 17.79 -26.31
N PRO A 2 -22.05 17.79 -26.10
CA PRO A 2 -22.77 16.60 -25.65
C PRO A 2 -22.88 15.54 -26.74
N LEU A 3 -23.20 15.98 -27.96
CA LEU A 3 -23.35 15.07 -29.09
C LEU A 3 -21.99 14.71 -29.67
N GLY A 4 -21.65 13.42 -29.64
CA GLY A 4 -20.37 12.97 -30.16
C GLY A 4 -20.52 12.33 -31.53
N SER A 5 -21.35 12.93 -32.38
CA SER A 5 -21.58 12.41 -33.72
C SER A 5 -20.45 12.79 -34.66
N PRO A 6 -20.23 14.11 -34.88
CA PRO A 6 -19.18 14.60 -35.78
C PRO A 6 -17.78 14.38 -35.22
N ARG A 7 -17.52 14.89 -34.02
CA ARG A 7 -16.22 14.75 -33.38
C ARG A 7 -16.21 13.58 -32.41
N ASN A 8 -15.02 13.02 -32.18
CA ASN A 8 -14.87 11.90 -31.28
C ASN A 8 -14.86 12.37 -29.82
N ALA A 9 -16.04 12.44 -29.22
CA ALA A 9 -16.17 12.88 -27.83
C ALA A 9 -15.93 11.72 -26.87
N ASN A 10 -15.01 11.90 -25.94
CA ASN A 10 -14.69 10.88 -24.95
C ASN A 10 -15.52 11.08 -23.68
N ASP A 11 -15.37 10.15 -22.74
CA ASP A 11 -16.09 10.22 -21.47
C ASP A 11 -15.34 11.09 -20.47
N ASN A 12 -16.02 11.46 -19.38
CA ASN A 12 -15.40 12.28 -18.35
C ASN A 12 -14.98 11.42 -17.16
N ASN A 13 -13.90 11.83 -16.50
CA ASN A 13 -13.40 11.10 -15.35
C ASN A 13 -13.75 11.79 -14.05
N GLN A 14 -14.59 11.15 -13.25
CA GLN A 14 -14.99 11.71 -11.97
C GLN A 14 -14.02 11.30 -10.88
N PHE A 15 -12.93 12.05 -10.75
CA PHE A 15 -11.92 11.75 -9.74
C PHE A 15 -12.30 12.38 -8.40
N TYR A 16 -13.56 12.21 -8.02
CA TYR A 16 -14.06 12.75 -6.76
C TYR A 16 -14.02 11.67 -5.68
N GLN A 17 -14.52 10.48 -6.03
CA GLN A 17 -14.53 9.36 -5.09
C GLN A 17 -13.12 8.89 -4.81
N GLN A 18 -12.50 9.45 -3.79
CA GLN A 18 -11.14 9.08 -3.41
C GLN A 18 -11.10 7.70 -2.76
N LYS A 19 -12.26 7.16 -2.40
CA LYS A 19 -12.33 5.85 -1.77
C LYS A 19 -11.77 4.77 -2.70
N GLN A 20 -11.83 5.03 -4.00
CA GLN A 20 -11.32 4.08 -4.99
C GLN A 20 -9.80 3.95 -4.87
N ARG A 21 -9.12 5.09 -4.83
CA ARG A 21 -7.67 5.14 -4.72
C ARG A 21 -7.18 4.30 -3.54
N GLN A 22 -7.55 4.73 -2.33
CA GLN A 22 -7.14 4.03 -1.12
C GLN A 22 -7.70 2.61 -1.07
N ALA A 23 -8.75 2.35 -1.85
CA ALA A 23 -9.34 1.02 -1.89
C ALA A 23 -8.34 -0.02 -2.36
N LEU A 24 -8.02 0.05 -3.64
CA LEU A 24 -7.05 -0.87 -4.23
C LEU A 24 -5.68 -0.65 -3.62
N GLY A 25 -5.35 0.60 -3.31
CA GLY A 25 -4.06 0.90 -2.71
C GLY A 25 -3.90 0.18 -1.40
N GLU A 26 -5.00 0.09 -0.65
CA GLU A 26 -4.99 -0.61 0.63
C GLU A 26 -4.58 -2.06 0.41
N GLN A 27 -4.87 -2.57 -0.79
CA GLN A 27 -4.51 -3.95 -1.12
C GLN A 27 -3.00 -4.12 -1.12
N LEU A 28 -2.29 -3.05 -1.45
CA LEU A 28 -0.82 -3.08 -1.46
C LEU A 28 -0.29 -3.41 -0.07
N TYR A 29 -0.88 -2.78 0.94
CA TYR A 29 -0.47 -2.99 2.33
C TYR A 29 -0.88 -4.37 2.84
N LYS A 30 -2.15 -4.73 2.67
CA LYS A 30 -2.63 -6.03 3.15
C LYS A 30 -1.88 -7.18 2.48
N LYS A 31 -1.51 -6.98 1.22
CA LYS A 31 -0.76 -8.00 0.49
C LYS A 31 0.56 -8.28 1.16
N VAL A 32 1.10 -7.26 1.82
CA VAL A 32 2.37 -7.40 2.54
C VAL A 32 2.15 -8.05 3.90
N SER A 33 1.15 -7.57 4.63
CA SER A 33 0.82 -8.11 5.94
C SER A 33 0.09 -9.45 5.81
N ALA A 34 -0.01 -9.95 4.57
CA ALA A 34 -0.67 -11.22 4.31
C ALA A 34 -0.02 -12.36 5.10
N LYS A 35 1.21 -12.14 5.54
CA LYS A 35 1.94 -13.14 6.30
C LYS A 35 1.99 -12.76 7.79
N THR A 36 1.46 -11.59 8.13
CA THR A 36 1.45 -11.13 9.52
C THR A 36 0.79 -9.75 9.63
N SER A 37 0.23 -9.45 10.81
CA SER A 37 -0.43 -8.17 11.05
C SER A 37 0.54 -7.15 11.64
N ASN A 38 1.78 -7.20 11.17
CA ASN A 38 2.81 -6.27 11.63
C ASN A 38 2.66 -4.92 10.92
N GLU A 39 2.07 -3.95 11.61
CA GLU A 39 1.85 -2.63 11.03
C GLU A 39 3.16 -1.92 10.67
N GLU A 40 4.22 -2.25 11.38
CA GLU A 40 5.53 -1.63 11.11
C GLU A 40 6.28 -2.34 9.98
N ALA A 41 5.92 -3.59 9.73
CA ALA A 41 6.55 -4.37 8.67
C ALA A 41 6.00 -3.99 7.31
N ALA A 42 4.74 -4.34 7.08
CA ALA A 42 4.08 -4.05 5.81
C ALA A 42 4.08 -2.55 5.54
N GLY A 43 4.02 -1.76 6.61
CA GLY A 43 4.04 -0.32 6.44
C GLY A 43 5.38 0.13 5.89
N LYS A 44 6.41 -0.67 6.18
CA LYS A 44 7.75 -0.38 5.70
C LYS A 44 7.84 -0.63 4.20
N ILE A 45 7.45 -1.82 3.79
CA ILE A 45 7.46 -2.20 2.39
C ILE A 45 6.51 -1.32 1.59
N THR A 46 5.36 -1.03 2.18
CA THR A 46 4.35 -0.20 1.54
C THR A 46 4.94 1.16 1.18
N GLY A 47 5.78 1.70 2.06
CA GLY A 47 6.38 3.00 1.80
C GLY A 47 7.25 2.96 0.56
N MET A 48 7.88 1.82 0.32
CA MET A 48 8.71 1.65 -0.87
C MET A 48 7.82 1.50 -2.09
N ILE A 49 6.83 0.61 -1.98
CA ILE A 49 5.88 0.37 -3.05
C ILE A 49 4.90 1.53 -3.18
N LEU A 50 5.13 2.60 -2.41
CA LEU A 50 4.27 3.78 -2.46
C LEU A 50 4.63 4.65 -3.67
N ASP A 51 5.46 4.11 -4.57
CA ASP A 51 5.87 4.81 -5.77
C ASP A 51 4.79 4.69 -6.84
N LEU A 52 4.05 3.59 -6.79
CA LEU A 52 2.98 3.34 -7.75
C LEU A 52 1.85 4.34 -7.54
N PRO A 53 1.54 5.16 -8.56
CA PRO A 53 0.47 6.15 -8.46
C PRO A 53 -0.80 5.57 -7.83
N PRO A 54 -1.80 6.41 -7.59
CA PRO A 54 -3.06 5.98 -6.99
C PRO A 54 -3.75 4.87 -7.78
N GLN A 55 -4.19 5.20 -8.99
CA GLN A 55 -4.86 4.23 -9.85
C GLN A 55 -3.85 3.28 -10.50
N GLU A 56 -2.67 3.81 -10.79
CA GLU A 56 -1.61 3.03 -11.44
C GLU A 56 -1.06 1.92 -10.55
N VAL A 57 -1.32 2.00 -9.25
CA VAL A 57 -0.84 0.98 -8.32
C VAL A 57 -1.81 -0.20 -8.29
N PHE A 58 -3.09 0.09 -8.53
CA PHE A 58 -4.13 -0.93 -8.55
C PHE A 58 -3.69 -2.18 -9.32
N PRO A 59 -3.22 -2.00 -10.58
CA PRO A 59 -2.76 -3.12 -11.41
C PRO A 59 -1.64 -3.92 -10.75
N LEU A 60 -0.75 -3.21 -10.04
CA LEU A 60 0.37 -3.87 -9.37
C LEU A 60 -0.11 -4.56 -8.09
N LEU A 61 -0.86 -3.84 -7.27
CA LEU A 61 -1.36 -4.39 -6.01
C LEU A 61 -2.33 -5.55 -6.23
N GLU A 62 -2.74 -5.76 -7.48
CA GLU A 62 -3.67 -6.85 -7.79
C GLU A 62 -2.96 -8.02 -8.45
N SER A 63 -1.70 -7.82 -8.85
CA SER A 63 -0.94 -8.88 -9.49
C SER A 63 0.10 -9.45 -8.53
N ASP A 64 0.03 -10.76 -8.31
CA ASP A 64 0.96 -11.44 -7.42
C ASP A 64 2.38 -11.33 -7.93
N GLU A 65 2.58 -11.70 -9.19
CA GLU A 65 3.91 -11.63 -9.81
C GLU A 65 4.43 -10.21 -9.79
N LEU A 66 3.62 -9.28 -10.26
CA LEU A 66 3.99 -7.88 -10.30
C LEU A 66 4.32 -7.40 -8.89
N PHE A 67 3.69 -8.01 -7.90
CA PHE A 67 3.93 -7.66 -6.51
C PHE A 67 5.27 -8.20 -6.03
N GLU A 68 5.48 -9.49 -6.24
CA GLU A 68 6.72 -10.16 -5.82
C GLU A 68 7.96 -9.35 -6.21
N GLN A 69 8.01 -8.89 -7.45
CA GLN A 69 9.14 -8.11 -7.94
C GLN A 69 9.37 -6.85 -7.11
N HIS A 70 8.37 -5.98 -7.10
CA HIS A 70 8.46 -4.73 -6.35
C HIS A 70 8.60 -5.02 -4.85
N TYR A 71 7.76 -5.91 -4.36
CA TYR A 71 7.78 -6.30 -2.95
C TYR A 71 9.01 -7.15 -2.63
N LYS A 72 9.75 -7.56 -3.67
CA LYS A 72 10.95 -8.38 -3.49
C LYS A 72 12.04 -7.59 -2.77
N GLU A 73 12.55 -6.55 -3.42
CA GLU A 73 13.59 -5.72 -2.82
C GLU A 73 13.15 -5.23 -1.44
N ALA A 74 11.90 -4.79 -1.35
CA ALA A 74 11.36 -4.32 -0.09
C ALA A 74 11.27 -5.45 0.92
N SER A 75 11.11 -6.68 0.41
CA SER A 75 11.02 -7.84 1.28
C SER A 75 12.31 -7.99 2.09
N ALA A 76 13.44 -7.99 1.38
CA ALA A 76 14.74 -8.12 2.03
C ALA A 76 14.82 -7.18 3.24
N ALA A 77 14.23 -6.00 3.09
CA ALA A 77 14.18 -5.03 4.18
C ALA A 77 13.11 -5.45 5.18
N TYR A 78 12.01 -5.97 4.63
CA TYR A 78 10.89 -6.45 5.42
C TYR A 78 11.39 -7.24 6.62
N GLU A 79 12.18 -8.27 6.35
CA GLU A 79 12.73 -9.11 7.39
C GLU A 79 13.59 -8.29 8.36
N SER A 80 14.47 -7.47 7.80
CA SER A 80 15.35 -6.64 8.62
C SER A 80 14.53 -5.73 9.55
N PHE A 81 13.44 -5.19 9.03
CA PHE A 81 12.58 -4.29 9.79
C PHE A 81 11.77 -5.03 10.85
N LYS A 82 11.12 -6.12 10.47
CA LYS A 82 10.29 -6.86 11.42
C LYS A 82 11.16 -7.69 12.37
N LYS A 83 12.43 -7.89 12.01
CA LYS A 83 13.36 -8.66 12.84
C LYS A 83 14.05 -7.76 13.85
N GLU A 84 14.27 -6.51 13.47
CA GLU A 84 14.94 -5.55 14.35
C GLU A 84 14.02 -5.10 15.50
N GLN A 85 12.83 -5.67 15.57
CA GLN A 85 11.87 -5.33 16.62
C GLN A 85 12.19 -6.07 17.91
N GLU A 86 12.17 -5.36 19.02
CA GLU A 86 12.44 -5.96 20.33
C GLU A 86 11.17 -6.49 20.98
N GLN A 87 10.03 -5.98 20.52
CA GLN A 87 8.74 -6.41 21.04
C GLN A 87 8.26 -7.67 20.33
N GLN A 88 8.40 -7.67 19.02
CA GLN A 88 7.98 -8.82 18.21
C GLN A 88 9.03 -9.93 18.29
N THR A 89 9.07 -10.63 19.42
CA THR A 89 10.01 -11.71 19.62
C THR A 89 9.30 -13.06 19.52
N GLU A 90 9.78 -14.06 20.27
CA GLU A 90 9.19 -15.39 20.25
C GLU A 90 7.97 -15.45 21.15
N GLN A 91 7.44 -16.66 21.35
CA GLN A 91 6.27 -16.85 22.20
C GLN A 91 6.68 -17.35 23.58
N ALA A 92 6.58 -16.47 24.57
CA ALA A 92 6.94 -16.83 25.94
C ALA A 92 5.81 -17.60 26.62
N GLY A 1 6.65 18.67 -21.89
CA GLY A 1 7.18 18.24 -20.57
C GLY A 1 8.23 17.16 -20.68
N PRO A 2 8.99 16.90 -19.61
CA PRO A 2 10.03 15.86 -19.62
C PRO A 2 9.49 14.51 -20.05
N LEU A 3 8.33 14.14 -19.52
CA LEU A 3 7.70 12.87 -19.85
C LEU A 3 6.92 12.98 -21.15
N GLY A 4 7.33 12.21 -22.15
CA GLY A 4 6.66 12.24 -23.44
C GLY A 4 5.43 11.35 -23.47
N SER A 5 4.30 11.88 -23.05
CA SER A 5 3.05 11.13 -23.03
C SER A 5 2.15 11.53 -24.21
N PRO A 6 2.18 10.77 -25.32
CA PRO A 6 1.36 11.06 -26.50
C PRO A 6 -0.11 11.28 -26.14
N ARG A 7 -0.69 10.34 -25.41
CA ARG A 7 -2.07 10.43 -25.00
C ARG A 7 -2.20 11.19 -23.69
N ASN A 8 -2.80 12.37 -23.74
CA ASN A 8 -2.98 13.18 -22.53
C ASN A 8 -4.14 12.67 -21.70
N ALA A 9 -4.17 13.07 -20.43
CA ALA A 9 -5.23 12.65 -19.53
C ALA A 9 -6.48 13.50 -19.71
N ASN A 10 -7.64 12.91 -19.43
CA ASN A 10 -8.91 13.62 -19.57
C ASN A 10 -9.33 14.23 -18.24
N ASP A 11 -10.16 15.27 -18.31
CA ASP A 11 -10.63 15.95 -17.10
C ASP A 11 -11.94 15.33 -16.62
N ASN A 12 -11.81 14.29 -15.80
CA ASN A 12 -12.99 13.62 -15.25
C ASN A 12 -13.62 14.47 -14.15
N ASN A 13 -14.75 14.01 -13.62
CA ASN A 13 -15.43 14.72 -12.55
C ASN A 13 -15.73 13.80 -11.38
N GLN A 14 -14.97 12.72 -11.26
CA GLN A 14 -15.17 11.75 -10.19
C GLN A 14 -14.54 12.25 -8.89
N PHE A 15 -15.20 13.20 -8.24
CA PHE A 15 -14.72 13.77 -6.99
C PHE A 15 -15.15 12.91 -5.79
N TYR A 16 -16.14 12.06 -6.02
CA TYR A 16 -16.65 11.17 -4.97
C TYR A 16 -15.93 9.83 -4.98
N GLN A 17 -15.21 9.55 -6.05
CA GLN A 17 -14.48 8.30 -6.17
C GLN A 17 -13.11 8.40 -5.50
N GLN A 18 -13.07 9.15 -4.39
CA GLN A 18 -11.85 9.32 -3.61
C GLN A 18 -11.48 8.03 -2.89
N LYS A 19 -12.50 7.34 -2.39
CA LYS A 19 -12.29 6.08 -1.68
C LYS A 19 -11.88 4.97 -2.65
N GLN A 20 -12.13 5.20 -3.94
CA GLN A 20 -11.77 4.24 -4.96
C GLN A 20 -10.26 4.07 -5.04
N ARG A 21 -9.55 5.18 -4.89
CA ARG A 21 -8.10 5.18 -4.95
C ARG A 21 -7.50 4.45 -3.76
N GLN A 22 -7.95 4.81 -2.56
CA GLN A 22 -7.47 4.18 -1.33
C GLN A 22 -8.01 2.75 -1.22
N ALA A 23 -8.90 2.36 -2.12
CA ALA A 23 -9.47 1.02 -2.11
C ALA A 23 -8.47 -0.01 -2.60
N LEU A 24 -8.13 0.04 -3.88
CA LEU A 24 -7.17 -0.89 -4.44
C LEU A 24 -5.81 -0.66 -3.81
N GLY A 25 -5.52 0.60 -3.48
CA GLY A 25 -4.25 0.92 -2.86
C GLY A 25 -4.08 0.18 -1.55
N GLU A 26 -5.17 0.02 -0.82
CA GLU A 26 -5.15 -0.69 0.44
C GLU A 26 -4.71 -2.13 0.21
N GLN A 27 -5.02 -2.67 -0.97
CA GLN A 27 -4.64 -4.04 -1.31
C GLN A 27 -3.12 -4.18 -1.28
N LEU A 28 -2.43 -3.11 -1.64
CA LEU A 28 -0.96 -3.09 -1.65
C LEU A 28 -0.42 -3.42 -0.26
N TYR A 29 -0.88 -2.67 0.73
CA TYR A 29 -0.44 -2.85 2.12
C TYR A 29 -0.81 -4.24 2.66
N LYS A 30 -2.07 -4.63 2.47
CA LYS A 30 -2.53 -5.93 2.96
C LYS A 30 -1.77 -7.07 2.30
N LYS A 31 -1.36 -6.86 1.05
CA LYS A 31 -0.61 -7.90 0.32
C LYS A 31 0.68 -8.21 1.07
N VAL A 32 1.22 -7.21 1.75
CA VAL A 32 2.44 -7.39 2.53
C VAL A 32 2.09 -8.01 3.87
N SER A 33 1.04 -7.49 4.51
CA SER A 33 0.59 -7.98 5.81
C SER A 33 -0.13 -9.33 5.66
N ALA A 34 -0.12 -9.88 4.45
CA ALA A 34 -0.76 -11.17 4.21
C ALA A 34 -0.16 -12.26 5.09
N LYS A 35 0.98 -11.95 5.72
CA LYS A 35 1.65 -12.91 6.59
C LYS A 35 1.50 -12.53 8.07
N THR A 36 1.07 -11.29 8.33
CA THR A 36 0.91 -10.83 9.71
C THR A 36 0.31 -9.42 9.75
N SER A 37 -0.34 -9.09 10.87
CA SER A 37 -0.95 -7.77 11.05
C SER A 37 0.08 -6.77 11.58
N ASN A 38 1.31 -6.91 11.11
CA ASN A 38 2.40 -6.04 11.54
C ASN A 38 2.34 -4.71 10.80
N GLU A 39 1.81 -3.68 11.45
CA GLU A 39 1.72 -2.37 10.84
C GLU A 39 3.10 -1.80 10.56
N GLU A 40 4.10 -2.27 11.30
CA GLU A 40 5.48 -1.82 11.12
C GLU A 40 6.17 -2.61 10.00
N ALA A 41 5.72 -3.84 9.79
CA ALA A 41 6.27 -4.70 8.75
C ALA A 41 5.75 -4.32 7.37
N ALA A 42 4.46 -4.55 7.18
CA ALA A 42 3.82 -4.24 5.91
C ALA A 42 3.88 -2.75 5.63
N GLY A 43 3.88 -1.95 6.69
CA GLY A 43 3.97 -0.52 6.54
C GLY A 43 5.32 -0.10 6.00
N LYS A 44 6.32 -0.95 6.24
CA LYS A 44 7.68 -0.69 5.77
C LYS A 44 7.76 -0.87 4.26
N ILE A 45 7.38 -2.06 3.81
CA ILE A 45 7.39 -2.39 2.40
C ILE A 45 6.40 -1.52 1.63
N THR A 46 5.25 -1.26 2.24
CA THR A 46 4.23 -0.44 1.61
C THR A 46 4.80 0.91 1.19
N GLY A 47 5.64 1.48 2.05
CA GLY A 47 6.25 2.76 1.74
C GLY A 47 7.14 2.69 0.51
N MET A 48 7.79 1.54 0.30
CA MET A 48 8.64 1.35 -0.86
C MET A 48 7.80 1.21 -2.12
N ILE A 49 6.81 0.30 -2.07
CA ILE A 49 5.91 0.11 -3.20
C ILE A 49 4.93 1.28 -3.30
N LEU A 50 5.12 2.29 -2.46
CA LEU A 50 4.27 3.47 -2.47
C LEU A 50 4.65 4.41 -3.62
N ASP A 51 5.47 3.92 -4.55
CA ASP A 51 5.91 4.71 -5.69
C ASP A 51 4.86 4.66 -6.80
N LEU A 52 4.09 3.58 -6.84
CA LEU A 52 3.05 3.42 -7.84
C LEU A 52 1.88 4.35 -7.50
N PRO A 53 1.50 5.26 -8.41
CA PRO A 53 0.40 6.18 -8.16
C PRO A 53 -0.84 5.46 -7.65
N PRO A 54 -1.84 6.21 -7.18
CA PRO A 54 -3.08 5.67 -6.64
C PRO A 54 -3.76 4.64 -7.54
N GLN A 55 -4.24 5.08 -8.69
CA GLN A 55 -4.92 4.19 -9.63
C GLN A 55 -3.89 3.35 -10.40
N GLU A 56 -2.77 3.98 -10.73
CA GLU A 56 -1.70 3.33 -11.48
C GLU A 56 -1.11 2.14 -10.72
N VAL A 57 -1.32 2.10 -9.41
CA VAL A 57 -0.80 1.01 -8.60
C VAL A 57 -1.78 -0.16 -8.58
N PHE A 58 -3.06 0.16 -8.71
CA PHE A 58 -4.13 -0.84 -8.70
C PHE A 58 -3.72 -2.12 -9.45
N PRO A 59 -3.28 -2.00 -10.72
CA PRO A 59 -2.87 -3.16 -11.52
C PRO A 59 -1.69 -3.90 -10.92
N LEU A 60 -0.86 -3.21 -10.15
CA LEU A 60 0.29 -3.83 -9.51
C LEU A 60 -0.11 -4.50 -8.20
N LEU A 61 -0.79 -3.75 -7.33
CA LEU A 61 -1.21 -4.27 -6.02
C LEU A 61 -2.20 -5.43 -6.13
N GLU A 62 -2.67 -5.72 -7.35
CA GLU A 62 -3.62 -6.81 -7.55
C GLU A 62 -2.95 -8.02 -8.24
N SER A 63 -1.71 -7.85 -8.68
CA SER A 63 -0.99 -8.92 -9.35
C SER A 63 0.14 -9.47 -8.48
N ASP A 64 0.15 -10.78 -8.29
CA ASP A 64 1.16 -11.44 -7.49
C ASP A 64 2.55 -11.24 -8.08
N GLU A 65 2.68 -11.48 -9.39
CA GLU A 65 3.95 -11.34 -10.07
C GLU A 65 4.46 -9.89 -9.97
N LEU A 66 3.59 -8.95 -10.29
CA LEU A 66 3.95 -7.54 -10.24
C LEU A 66 4.33 -7.12 -8.83
N PHE A 67 3.78 -7.83 -7.85
CA PHE A 67 4.08 -7.54 -6.44
C PHE A 67 5.41 -8.14 -6.02
N GLU A 68 5.58 -9.43 -6.30
CA GLU A 68 6.81 -10.13 -5.94
C GLU A 68 8.05 -9.30 -6.27
N GLN A 69 8.10 -8.78 -7.51
CA GLN A 69 9.23 -7.97 -7.96
C GLN A 69 9.44 -6.74 -7.07
N HIS A 70 8.43 -5.87 -7.04
CA HIS A 70 8.52 -4.65 -6.25
C HIS A 70 8.65 -4.98 -4.77
N TYR A 71 7.78 -5.84 -4.27
CA TYR A 71 7.83 -6.26 -2.87
C TYR A 71 9.09 -7.08 -2.61
N LYS A 72 9.79 -7.50 -3.68
CA LYS A 72 11.01 -8.29 -3.54
C LYS A 72 12.06 -7.52 -2.75
N GLU A 73 12.57 -6.45 -3.36
CA GLU A 73 13.58 -5.62 -2.72
C GLU A 73 13.11 -5.19 -1.33
N ALA A 74 11.83 -4.87 -1.24
CA ALA A 74 11.25 -4.45 0.02
C ALA A 74 11.20 -5.62 1.00
N SER A 75 11.02 -6.82 0.47
CA SER A 75 10.95 -8.02 1.30
C SER A 75 12.22 -8.15 2.12
N ALA A 76 13.36 -8.12 1.44
CA ALA A 76 14.66 -8.23 2.12
C ALA A 76 14.73 -7.29 3.33
N ALA A 77 14.13 -6.10 3.17
CA ALA A 77 14.10 -5.11 4.25
C ALA A 77 13.07 -5.47 5.30
N TYR A 78 12.17 -6.38 4.94
CA TYR A 78 11.13 -6.84 5.84
C TYR A 78 11.75 -7.51 7.06
N GLU A 79 12.64 -8.47 6.79
CA GLU A 79 13.31 -9.21 7.85
C GLU A 79 14.24 -8.33 8.67
N SER A 80 15.06 -7.53 7.99
CA SER A 80 16.00 -6.65 8.66
C SER A 80 15.29 -5.69 9.60
N PHE A 81 14.26 -5.03 9.11
CA PHE A 81 13.51 -4.06 9.92
C PHE A 81 12.67 -4.77 10.99
N LYS A 82 12.19 -5.96 10.68
CA LYS A 82 11.35 -6.72 11.61
C LYS A 82 12.19 -7.40 12.68
N LYS A 83 13.10 -8.26 12.24
CA LYS A 83 13.96 -9.00 13.17
C LYS A 83 14.77 -8.04 14.05
N GLU A 84 14.84 -6.77 13.66
CA GLU A 84 15.57 -5.78 14.44
C GLU A 84 14.79 -5.39 15.69
N GLN A 85 13.47 -5.47 15.59
CA GLN A 85 12.59 -5.14 16.72
C GLN A 85 12.70 -6.17 17.83
N GLU A 86 13.72 -6.01 18.66
CA GLU A 86 13.94 -6.92 19.78
C GLU A 86 13.20 -6.45 21.04
N GLN A 87 12.85 -5.17 21.07
CA GLN A 87 12.14 -4.60 22.20
C GLN A 87 10.65 -4.49 21.92
N GLN A 88 10.30 -4.12 20.69
CA GLN A 88 8.90 -3.98 20.31
C GLN A 88 8.29 -5.32 19.88
N THR A 89 7.51 -5.91 20.78
CA THR A 89 6.86 -7.18 20.49
C THR A 89 5.36 -7.01 20.35
N GLU A 90 4.91 -6.79 19.11
CA GLU A 90 3.48 -6.60 18.83
C GLU A 90 2.80 -7.93 18.56
N GLN A 91 3.50 -8.83 17.86
CA GLN A 91 2.94 -10.13 17.52
C GLN A 91 3.28 -11.15 18.60
N ALA A 92 2.26 -11.84 19.10
CA ALA A 92 2.44 -12.85 20.13
C ALA A 92 3.04 -14.14 19.55
N GLY A 1 8.77 7.59 -24.20
CA GLY A 1 7.41 7.09 -23.80
C GLY A 1 6.32 7.57 -24.73
N PRO A 2 5.06 7.63 -24.26
CA PRO A 2 3.93 8.07 -25.07
C PRO A 2 4.16 9.45 -25.68
N LEU A 3 3.73 9.63 -26.92
CA LEU A 3 3.90 10.90 -27.62
C LEU A 3 2.89 11.93 -27.12
N GLY A 4 1.61 11.69 -27.40
CA GLY A 4 0.58 12.62 -26.97
C GLY A 4 -0.07 12.21 -25.67
N SER A 5 0.54 12.59 -24.54
CA SER A 5 0.01 12.24 -23.24
C SER A 5 -0.87 13.36 -22.67
N PRO A 6 -0.37 14.62 -22.66
CA PRO A 6 -1.13 15.77 -22.15
C PRO A 6 -2.50 15.87 -22.82
N ARG A 7 -2.63 15.27 -23.99
CA ARG A 7 -3.89 15.29 -24.74
C ARG A 7 -4.88 14.25 -24.22
N ASN A 8 -4.57 13.64 -23.08
CA ASN A 8 -5.45 12.63 -22.49
C ASN A 8 -6.43 13.27 -21.50
N ALA A 9 -7.56 12.59 -21.29
CA ALA A 9 -8.58 13.07 -20.38
C ALA A 9 -8.03 13.23 -18.96
N ASN A 10 -7.89 14.48 -18.53
CA ASN A 10 -7.37 14.77 -17.19
C ASN A 10 -8.48 15.29 -16.28
N ASP A 11 -9.71 14.87 -16.55
CA ASP A 11 -10.85 15.30 -15.76
C ASP A 11 -10.92 14.51 -14.45
N ASN A 12 -10.17 14.96 -13.45
CA ASN A 12 -10.15 14.30 -12.15
C ASN A 12 -11.43 14.61 -11.37
N ASN A 13 -12.12 13.55 -10.98
CA ASN A 13 -13.36 13.69 -10.23
C ASN A 13 -13.16 13.32 -8.76
N GLN A 14 -13.44 14.26 -7.87
CA GLN A 14 -13.29 14.02 -6.44
C GLN A 14 -14.58 13.49 -5.84
N PHE A 15 -15.27 12.65 -6.61
CA PHE A 15 -16.53 12.06 -6.17
C PHE A 15 -16.30 10.74 -5.44
N TYR A 16 -16.41 9.62 -6.17
CA TYR A 16 -16.19 8.31 -5.58
C TYR A 16 -14.75 7.85 -5.74
N GLN A 17 -13.96 8.61 -6.49
CA GLN A 17 -12.57 8.27 -6.73
C GLN A 17 -11.75 8.33 -5.44
N GLN A 18 -12.25 9.06 -4.45
CA GLN A 18 -11.56 9.19 -3.17
C GLN A 18 -11.40 7.82 -2.51
N LYS A 19 -12.50 7.10 -2.42
CA LYS A 19 -12.49 5.77 -1.81
C LYS A 19 -11.88 4.74 -2.76
N GLN A 20 -11.85 5.08 -4.04
CA GLN A 20 -11.28 4.19 -5.05
C GLN A 20 -9.77 4.10 -4.88
N ARG A 21 -9.14 5.25 -4.74
CA ARG A 21 -7.70 5.33 -4.58
C ARG A 21 -7.22 4.53 -3.37
N GLN A 22 -7.73 4.86 -2.19
CA GLN A 22 -7.35 4.17 -0.97
C GLN A 22 -7.90 2.75 -0.95
N ALA A 23 -8.80 2.44 -1.89
CA ALA A 23 -9.39 1.09 -1.96
C ALA A 23 -8.36 0.08 -2.46
N LEU A 24 -8.10 0.10 -3.76
CA LEU A 24 -7.14 -0.83 -4.35
C LEU A 24 -5.76 -0.62 -3.73
N GLY A 25 -5.43 0.61 -3.36
CA GLY A 25 -4.15 0.87 -2.75
C GLY A 25 -3.97 0.09 -1.47
N GLU A 26 -5.07 -0.09 -0.74
CA GLU A 26 -5.03 -0.87 0.49
C GLU A 26 -4.58 -2.28 0.18
N GLN A 27 -4.90 -2.75 -1.03
CA GLN A 27 -4.51 -4.09 -1.45
C GLN A 27 -3.00 -4.24 -1.34
N LEU A 28 -2.29 -3.16 -1.67
CA LEU A 28 -0.83 -3.15 -1.59
C LEU A 28 -0.35 -3.51 -0.19
N TYR A 29 -1.05 -2.97 0.81
CA TYR A 29 -0.70 -3.23 2.21
C TYR A 29 -1.13 -4.62 2.67
N LYS A 30 -2.38 -4.99 2.39
CA LYS A 30 -2.89 -6.31 2.80
C LYS A 30 -2.08 -7.44 2.18
N LYS A 31 -1.64 -7.23 0.94
CA LYS A 31 -0.86 -8.23 0.23
C LYS A 31 0.45 -8.52 0.95
N VAL A 32 1.07 -7.48 1.48
CA VAL A 32 2.32 -7.64 2.21
C VAL A 32 2.05 -8.11 3.63
N SER A 33 1.03 -7.54 4.26
CA SER A 33 0.66 -7.93 5.60
C SER A 33 -0.05 -9.28 5.59
N ALA A 34 -0.04 -9.93 4.43
CA ALA A 34 -0.66 -11.23 4.26
C ALA A 34 0.01 -12.27 5.15
N LYS A 35 1.11 -11.89 5.80
CA LYS A 35 1.83 -12.80 6.68
C LYS A 35 1.55 -12.49 8.15
N THR A 36 1.01 -11.31 8.42
CA THR A 36 0.71 -10.91 9.79
C THR A 36 0.14 -9.49 9.83
N SER A 37 -0.41 -9.11 10.99
CA SER A 37 -0.99 -7.78 11.16
C SER A 37 0.05 -6.80 11.70
N ASN A 38 1.28 -6.94 11.22
CA ASN A 38 2.37 -6.08 11.64
C ASN A 38 2.29 -4.72 10.93
N GLU A 39 1.71 -3.74 11.61
CA GLU A 39 1.58 -2.40 11.03
C GLU A 39 2.96 -1.82 10.71
N GLU A 40 3.97 -2.24 11.46
CA GLU A 40 5.33 -1.76 11.26
C GLU A 40 6.04 -2.57 10.17
N ALA A 41 5.62 -3.81 9.97
CA ALA A 41 6.22 -4.67 8.96
C ALA A 41 5.72 -4.32 7.57
N ALA A 42 4.46 -4.58 7.35
CA ALA A 42 3.83 -4.32 6.06
C ALA A 42 3.86 -2.84 5.72
N GLY A 43 3.69 -2.00 6.73
CA GLY A 43 3.71 -0.57 6.50
C GLY A 43 5.08 -0.09 6.04
N LYS A 44 6.11 -0.81 6.46
CA LYS A 44 7.48 -0.47 6.08
C LYS A 44 7.72 -0.80 4.61
N ILE A 45 7.53 -2.06 4.27
CA ILE A 45 7.74 -2.50 2.90
C ILE A 45 6.71 -1.87 1.97
N THR A 46 5.48 -1.73 2.44
CA THR A 46 4.44 -1.11 1.64
C THR A 46 4.84 0.31 1.25
N GLY A 47 5.61 0.95 2.12
CA GLY A 47 6.07 2.30 1.85
C GLY A 47 6.95 2.35 0.62
N MET A 48 7.72 1.29 0.41
CA MET A 48 8.60 1.21 -0.77
C MET A 48 7.76 1.07 -2.03
N ILE A 49 6.86 0.09 -2.04
CA ILE A 49 5.99 -0.12 -3.18
C ILE A 49 4.99 1.04 -3.31
N LEU A 50 5.00 1.92 -2.32
CA LEU A 50 4.14 3.09 -2.29
C LEU A 50 4.60 4.13 -3.32
N ASP A 51 5.49 3.71 -4.22
CA ASP A 51 6.02 4.60 -5.25
C ASP A 51 5.06 4.71 -6.44
N LEU A 52 4.18 3.73 -6.60
CA LEU A 52 3.23 3.75 -7.69
C LEU A 52 2.01 4.60 -7.33
N PRO A 53 1.61 5.54 -8.21
CA PRO A 53 0.47 6.41 -7.95
C PRO A 53 -0.77 5.63 -7.52
N PRO A 54 -1.79 6.32 -7.02
CA PRO A 54 -3.02 5.69 -6.55
C PRO A 54 -3.62 4.73 -7.58
N GLN A 55 -3.97 5.25 -8.75
CA GLN A 55 -4.55 4.40 -9.79
C GLN A 55 -3.47 3.55 -10.48
N GLU A 56 -2.29 4.13 -10.67
CA GLU A 56 -1.18 3.43 -11.33
C GLU A 56 -0.68 2.23 -10.53
N VAL A 57 -0.97 2.21 -9.23
CA VAL A 57 -0.53 1.11 -8.38
C VAL A 57 -1.52 -0.04 -8.41
N PHE A 58 -2.82 0.28 -8.54
CA PHE A 58 -3.88 -0.72 -8.58
C PHE A 58 -3.52 -1.91 -9.48
N PRO A 59 -3.19 -1.66 -10.75
CA PRO A 59 -2.83 -2.72 -11.69
C PRO A 59 -1.67 -3.58 -11.18
N LEU A 60 -0.86 -3.01 -10.31
CA LEU A 60 0.28 -3.74 -9.76
C LEU A 60 -0.11 -4.52 -8.51
N LEU A 61 -0.73 -3.82 -7.56
CA LEU A 61 -1.13 -4.42 -6.29
C LEU A 61 -2.16 -5.54 -6.47
N GLU A 62 -2.65 -5.73 -7.71
CA GLU A 62 -3.64 -6.77 -7.97
C GLU A 62 -3.01 -7.96 -8.68
N SER A 63 -1.77 -7.80 -9.15
CA SER A 63 -1.06 -8.88 -9.85
C SER A 63 0.02 -9.48 -8.95
N ASP A 64 -0.04 -10.79 -8.78
CA ASP A 64 0.94 -11.50 -7.94
C ASP A 64 2.36 -11.31 -8.48
N GLU A 65 2.55 -11.61 -9.77
CA GLU A 65 3.86 -11.47 -10.40
C GLU A 65 4.40 -10.05 -10.26
N LEU A 66 3.59 -9.08 -10.64
CA LEU A 66 4.01 -7.68 -10.55
C LEU A 66 4.31 -7.28 -9.11
N PHE A 67 3.63 -7.91 -8.17
CA PHE A 67 3.83 -7.62 -6.75
C PHE A 67 5.14 -8.22 -6.26
N GLU A 68 5.28 -9.54 -6.43
CA GLU A 68 6.47 -10.24 -5.98
C GLU A 68 7.76 -9.47 -6.29
N GLN A 69 7.87 -8.95 -7.52
CA GLN A 69 9.06 -8.19 -7.91
C GLN A 69 9.26 -6.98 -7.01
N HIS A 70 8.29 -6.07 -7.00
CA HIS A 70 8.39 -4.87 -6.18
C HIS A 70 8.43 -5.24 -4.71
N TYR A 71 7.47 -6.06 -4.29
CA TYR A 71 7.40 -6.52 -2.90
C TYR A 71 8.68 -7.28 -2.52
N LYS A 72 9.49 -7.66 -3.51
CA LYS A 72 10.73 -8.38 -3.27
C LYS A 72 11.77 -7.48 -2.60
N GLU A 73 12.08 -6.37 -3.26
CA GLU A 73 13.06 -5.42 -2.74
C GLU A 73 12.71 -5.04 -1.31
N ALA A 74 11.42 -4.90 -1.04
CA ALA A 74 10.96 -4.53 0.27
C ALA A 74 10.96 -5.72 1.21
N SER A 75 10.90 -6.93 0.66
CA SER A 75 10.94 -8.13 1.50
C SER A 75 12.29 -8.21 2.21
N ALA A 76 13.35 -8.10 1.42
CA ALA A 76 14.71 -8.12 1.98
C ALA A 76 14.81 -7.19 3.18
N ALA A 77 14.21 -6.01 3.04
CA ALA A 77 14.21 -5.02 4.12
C ALA A 77 13.20 -5.41 5.20
N TYR A 78 12.22 -6.21 4.80
CA TYR A 78 11.17 -6.68 5.71
C TYR A 78 11.79 -7.35 6.92
N GLU A 79 12.69 -8.31 6.65
CA GLU A 79 13.35 -9.05 7.72
C GLU A 79 14.25 -8.14 8.56
N SER A 80 15.13 -7.40 7.89
CA SER A 80 16.04 -6.49 8.56
C SER A 80 15.27 -5.46 9.40
N PHE A 81 14.19 -4.93 8.83
CA PHE A 81 13.37 -3.95 9.52
C PHE A 81 12.65 -4.59 10.70
N LYS A 82 11.95 -5.68 10.42
CA LYS A 82 11.20 -6.40 11.45
C LYS A 82 12.12 -6.87 12.56
N LYS A 83 13.13 -7.66 12.19
CA LYS A 83 14.09 -8.20 13.13
C LYS A 83 14.81 -7.08 13.88
N GLU A 84 14.80 -5.88 13.30
CA GLU A 84 15.45 -4.73 13.93
C GLU A 84 14.84 -4.45 15.30
N GLN A 85 13.57 -4.78 15.46
CA GLN A 85 12.87 -4.57 16.72
C GLN A 85 13.37 -5.53 17.79
N GLU A 86 13.98 -4.99 18.84
CA GLU A 86 14.50 -5.80 19.93
C GLU A 86 13.46 -5.96 21.03
N GLN A 87 12.18 -5.82 20.66
CA GLN A 87 11.08 -5.95 21.60
C GLN A 87 10.38 -7.29 21.43
N GLN A 88 10.42 -7.82 20.21
CA GLN A 88 9.77 -9.09 19.91
C GLN A 88 10.77 -10.25 20.03
N THR A 89 10.97 -10.72 21.26
CA THR A 89 11.88 -11.83 21.51
C THR A 89 11.11 -13.11 21.78
N GLU A 90 10.82 -13.85 20.71
CA GLU A 90 10.08 -15.10 20.81
C GLU A 90 10.97 -16.23 21.32
N GLN A 91 11.95 -16.61 20.51
CA GLN A 91 12.87 -17.69 20.89
C GLN A 91 14.00 -17.16 21.76
N ALA A 92 14.78 -18.08 22.31
CA ALA A 92 15.91 -17.71 23.17
C ALA A 92 17.04 -17.10 22.35
N GLY A 1 -4.96 33.40 -11.58
CA GLY A 1 -5.74 32.31 -12.24
C GLY A 1 -7.22 32.63 -12.32
N PRO A 2 -7.61 33.63 -13.12
CA PRO A 2 -9.02 34.02 -13.27
C PRO A 2 -9.83 32.95 -14.00
N LEU A 3 -11.09 32.81 -13.61
CA LEU A 3 -11.97 31.82 -14.23
C LEU A 3 -12.55 32.34 -15.54
N GLY A 4 -12.45 31.53 -16.59
CA GLY A 4 -12.97 31.93 -17.88
C GLY A 4 -14.46 31.69 -18.02
N SER A 5 -14.92 31.55 -19.26
CA SER A 5 -16.35 31.32 -19.52
C SER A 5 -16.74 29.87 -19.20
N PRO A 6 -16.04 28.88 -19.78
CA PRO A 6 -16.35 27.47 -19.53
C PRO A 6 -15.96 27.01 -18.14
N ARG A 7 -16.86 26.31 -17.48
CA ARG A 7 -16.60 25.81 -16.12
C ARG A 7 -15.87 24.48 -16.17
N ASN A 8 -14.55 24.55 -16.23
CA ASN A 8 -13.72 23.34 -16.28
C ASN A 8 -13.42 22.84 -14.87
N ALA A 9 -14.13 21.79 -14.46
CA ALA A 9 -13.94 21.21 -13.14
C ALA A 9 -12.57 20.54 -13.02
N ASN A 10 -11.75 21.05 -12.12
CA ASN A 10 -10.42 20.50 -11.90
C ASN A 10 -10.45 19.36 -10.88
N ASP A 11 -10.74 19.71 -9.63
CA ASP A 11 -10.80 18.71 -8.56
C ASP A 11 -12.07 17.86 -8.65
N ASN A 12 -13.02 18.28 -9.48
CA ASN A 12 -14.26 17.53 -9.65
C ASN A 12 -14.08 16.39 -10.66
N ASN A 13 -12.96 15.70 -10.57
CA ASN A 13 -12.65 14.60 -11.47
C ASN A 13 -11.48 13.77 -10.93
N GLN A 14 -10.58 14.42 -10.21
CA GLN A 14 -9.41 13.76 -9.64
C GLN A 14 -9.70 13.23 -8.24
N PHE A 15 -10.05 14.14 -7.32
CA PHE A 15 -10.34 13.77 -5.94
C PHE A 15 -11.82 13.41 -5.77
N TYR A 16 -12.41 12.79 -6.79
CA TYR A 16 -13.82 12.41 -6.76
C TYR A 16 -13.95 10.96 -6.27
N GLN A 17 -13.15 10.08 -6.86
CA GLN A 17 -13.18 8.66 -6.49
C GLN A 17 -12.18 8.39 -5.38
N GLN A 18 -12.28 9.16 -4.30
CA GLN A 18 -11.39 9.01 -3.16
C GLN A 18 -11.46 7.60 -2.59
N LYS A 19 -12.65 7.03 -2.59
CA LYS A 19 -12.86 5.69 -2.05
C LYS A 19 -12.25 4.61 -2.94
N GLN A 20 -12.07 4.93 -4.22
CA GLN A 20 -11.50 3.97 -5.17
C GLN A 20 -9.98 3.86 -5.00
N ARG A 21 -9.32 5.01 -5.00
CA ARG A 21 -7.86 5.06 -4.84
C ARG A 21 -7.43 4.22 -3.65
N GLN A 22 -7.90 4.60 -2.46
CA GLN A 22 -7.57 3.87 -1.25
C GLN A 22 -8.06 2.43 -1.32
N ALA A 23 -9.08 2.18 -2.14
CA ALA A 23 -9.63 0.83 -2.28
C ALA A 23 -8.55 -0.17 -2.70
N LEU A 24 -8.11 -0.04 -3.94
CA LEU A 24 -7.09 -0.92 -4.47
C LEU A 24 -5.75 -0.65 -3.80
N GLY A 25 -5.50 0.62 -3.45
CA GLY A 25 -4.25 0.96 -2.80
C GLY A 25 -4.09 0.21 -1.50
N GLU A 26 -5.18 0.09 -0.73
CA GLU A 26 -5.13 -0.63 0.52
C GLU A 26 -4.68 -2.07 0.27
N GLN A 27 -5.02 -2.60 -0.91
CA GLN A 27 -4.61 -3.96 -1.25
C GLN A 27 -3.10 -4.09 -1.18
N LEU A 28 -2.41 -3.01 -1.51
CA LEU A 28 -0.95 -2.98 -1.48
C LEU A 28 -0.44 -3.31 -0.09
N TYR A 29 -1.03 -2.67 0.91
CA TYR A 29 -0.64 -2.88 2.30
C TYR A 29 -1.03 -4.27 2.80
N LYS A 30 -2.30 -4.64 2.61
CA LYS A 30 -2.79 -5.94 3.06
C LYS A 30 -1.99 -7.08 2.40
N LYS A 31 -1.55 -6.85 1.17
CA LYS A 31 -0.79 -7.86 0.43
C LYS A 31 0.49 -8.22 1.15
N VAL A 32 1.08 -7.23 1.83
CA VAL A 32 2.31 -7.46 2.58
C VAL A 32 2.00 -8.08 3.93
N SER A 33 1.01 -7.52 4.64
CA SER A 33 0.61 -8.04 5.94
C SER A 33 -0.20 -9.34 5.80
N ALA A 34 -0.25 -9.90 4.59
CA ALA A 34 -0.97 -11.14 4.35
C ALA A 34 -0.40 -12.28 5.19
N LYS A 35 0.77 -12.06 5.78
CA LYS A 35 1.41 -13.08 6.60
C LYS A 35 1.26 -12.76 8.09
N THR A 36 0.89 -11.52 8.40
CA THR A 36 0.71 -11.09 9.78
C THR A 36 0.17 -9.67 9.84
N SER A 37 -0.41 -9.30 10.97
CA SER A 37 -0.97 -7.96 11.17
C SER A 37 0.08 -7.00 11.70
N ASN A 38 1.30 -7.12 11.20
CA ASN A 38 2.40 -6.25 11.61
C ASN A 38 2.30 -4.90 10.91
N GLU A 39 1.74 -3.92 11.59
CA GLU A 39 1.59 -2.58 11.02
C GLU A 39 2.93 -1.97 10.67
N GLU A 40 3.97 -2.39 11.38
CA GLU A 40 5.32 -1.87 11.13
C GLU A 40 6.00 -2.63 9.99
N ALA A 41 5.55 -3.86 9.74
CA ALA A 41 6.12 -4.68 8.68
C ALA A 41 5.61 -4.27 7.31
N ALA A 42 4.34 -4.55 7.07
CA ALA A 42 3.72 -4.22 5.80
C ALA A 42 3.86 -2.73 5.52
N GLY A 43 3.83 -1.93 6.58
CA GLY A 43 4.01 -0.50 6.41
C GLY A 43 5.38 -0.18 5.86
N LYS A 44 6.33 -1.07 6.11
CA LYS A 44 7.71 -0.89 5.64
C LYS A 44 7.78 -1.11 4.13
N ILE A 45 7.43 -2.31 3.68
CA ILE A 45 7.44 -2.64 2.27
C ILE A 45 6.44 -1.78 1.50
N THR A 46 5.30 -1.51 2.13
CA THR A 46 4.28 -0.70 1.49
C THR A 46 4.81 0.69 1.16
N GLY A 47 5.66 1.22 2.03
CA GLY A 47 6.22 2.54 1.83
C GLY A 47 7.05 2.63 0.57
N MET A 48 7.80 1.57 0.25
CA MET A 48 8.63 1.56 -0.96
C MET A 48 7.75 1.35 -2.18
N ILE A 49 6.80 0.43 -2.08
CA ILE A 49 5.88 0.18 -3.18
C ILE A 49 4.87 1.32 -3.30
N LEU A 50 4.96 2.26 -2.36
CA LEU A 50 4.09 3.44 -2.36
C LEU A 50 4.53 4.44 -3.41
N ASP A 51 5.39 4.00 -4.33
CA ASP A 51 5.88 4.87 -5.41
C ASP A 51 4.88 4.90 -6.56
N LEU A 52 4.05 3.87 -6.66
CA LEU A 52 3.05 3.80 -7.72
C LEU A 52 1.84 4.67 -7.37
N PRO A 53 1.49 5.63 -8.25
CA PRO A 53 0.36 6.53 -8.02
C PRO A 53 -0.88 5.79 -7.54
N PRO A 54 -1.96 6.53 -7.20
CA PRO A 54 -3.21 5.93 -6.72
C PRO A 54 -3.76 4.85 -7.66
N GLN A 55 -4.14 5.26 -8.87
CA GLN A 55 -4.69 4.34 -9.85
C GLN A 55 -3.59 3.49 -10.50
N GLU A 56 -2.39 4.09 -10.66
CA GLU A 56 -1.27 3.40 -11.27
C GLU A 56 -0.79 2.23 -10.41
N VAL A 57 -1.09 2.27 -9.12
CA VAL A 57 -0.69 1.21 -8.23
C VAL A 57 -1.65 0.03 -8.29
N PHE A 58 -2.93 0.34 -8.58
CA PHE A 58 -3.97 -0.69 -8.67
C PHE A 58 -3.48 -1.94 -9.40
N PRO A 59 -2.96 -1.78 -10.64
CA PRO A 59 -2.47 -2.93 -11.42
C PRO A 59 -1.47 -3.78 -10.66
N LEU A 60 -0.45 -3.13 -10.11
CA LEU A 60 0.59 -3.81 -9.34
C LEU A 60 0.02 -4.50 -8.10
N LEU A 61 -0.72 -3.75 -7.30
CA LEU A 61 -1.30 -4.29 -6.08
C LEU A 61 -2.32 -5.40 -6.35
N GLU A 62 -2.74 -5.54 -7.60
CA GLU A 62 -3.71 -6.57 -7.96
C GLU A 62 -3.04 -7.74 -8.68
N SER A 63 -1.79 -7.54 -9.09
CA SER A 63 -1.04 -8.57 -9.78
C SER A 63 0.03 -9.16 -8.86
N ASP A 64 -0.06 -10.46 -8.60
CA ASP A 64 0.88 -11.15 -7.73
C ASP A 64 2.31 -11.04 -8.28
N GLU A 65 2.49 -11.38 -9.55
CA GLU A 65 3.79 -11.32 -10.18
C GLU A 65 4.40 -9.92 -10.02
N LEU A 66 3.62 -8.91 -10.35
CA LEU A 66 4.07 -7.52 -10.25
C LEU A 66 4.45 -7.18 -8.81
N PHE A 67 3.78 -7.81 -7.86
CA PHE A 67 4.05 -7.58 -6.45
C PHE A 67 5.38 -8.20 -6.04
N GLU A 68 5.53 -9.49 -6.31
CA GLU A 68 6.75 -10.23 -5.97
C GLU A 68 8.01 -9.41 -6.27
N GLN A 69 8.09 -8.88 -7.49
CA GLN A 69 9.25 -8.10 -7.90
C GLN A 69 9.45 -6.88 -6.99
N HIS A 70 8.46 -6.01 -6.94
CA HIS A 70 8.54 -4.80 -6.12
C HIS A 70 8.66 -5.17 -4.65
N TYR A 71 7.74 -6.00 -4.18
CA TYR A 71 7.74 -6.46 -2.79
C TYR A 71 9.00 -7.27 -2.48
N LYS A 72 9.74 -7.67 -3.52
CA LYS A 72 10.97 -8.44 -3.34
C LYS A 72 12.04 -7.64 -2.60
N GLU A 73 12.49 -6.55 -3.22
CA GLU A 73 13.52 -5.70 -2.63
C GLU A 73 13.16 -5.31 -1.20
N ALA A 74 11.89 -5.02 -0.99
CA ALA A 74 11.42 -4.67 0.35
C ALA A 74 11.34 -5.90 1.24
N SER A 75 11.09 -7.05 0.62
CA SER A 75 11.00 -8.30 1.37
C SER A 75 12.28 -8.50 2.16
N ALA A 76 13.42 -8.50 1.46
CA ALA A 76 14.71 -8.68 2.11
C ALA A 76 14.82 -7.72 3.30
N ALA A 77 14.25 -6.53 3.13
CA ALA A 77 14.25 -5.52 4.19
C ALA A 77 13.19 -5.85 5.24
N TYR A 78 12.21 -6.64 4.85
CA TYR A 78 11.14 -7.07 5.74
C TYR A 78 11.74 -7.69 7.00
N GLU A 79 12.60 -8.70 6.79
CA GLU A 79 13.24 -9.40 7.88
C GLU A 79 14.16 -8.48 8.69
N SER A 80 15.03 -7.76 7.99
CA SER A 80 15.97 -6.85 8.65
C SER A 80 15.24 -5.83 9.50
N PHE A 81 14.24 -5.16 8.92
CA PHE A 81 13.49 -4.15 9.64
C PHE A 81 12.63 -4.77 10.74
N LYS A 82 12.04 -5.92 10.46
CA LYS A 82 11.20 -6.60 11.45
C LYS A 82 12.05 -7.18 12.57
N LYS A 83 13.27 -7.59 12.22
CA LYS A 83 14.19 -8.15 13.19
C LYS A 83 15.00 -7.05 13.85
N GLU A 84 15.02 -5.87 13.23
CA GLU A 84 15.75 -4.73 13.77
C GLU A 84 15.09 -4.24 15.06
N GLN A 85 13.78 -4.46 15.16
CA GLN A 85 13.02 -4.05 16.35
C GLN A 85 13.35 -4.96 17.53
N GLU A 86 14.64 -5.19 17.76
CA GLU A 86 15.08 -6.04 18.85
C GLU A 86 15.38 -5.22 20.10
N GLN A 87 14.83 -4.00 20.14
CA GLN A 87 15.05 -3.11 21.28
C GLN A 87 13.93 -3.27 22.31
N GLN A 88 12.68 -3.27 21.83
CA GLN A 88 11.53 -3.40 22.70
C GLN A 88 11.03 -4.85 22.76
N THR A 89 11.96 -5.79 22.65
CA THR A 89 11.61 -7.20 22.69
C THR A 89 12.15 -7.84 23.96
N GLU A 90 11.29 -7.98 24.96
CA GLU A 90 11.67 -8.58 26.24
C GLU A 90 11.98 -10.07 26.07
N GLN A 91 13.25 -10.43 26.20
CA GLN A 91 13.66 -11.82 26.07
C GLN A 91 13.36 -12.59 27.35
N ALA A 92 13.45 -13.91 27.27
CA ALA A 92 13.19 -14.77 28.41
C ALA A 92 14.31 -14.66 29.44
N GLY A 1 -19.17 23.65 -34.39
CA GLY A 1 -20.55 23.62 -34.93
C GLY A 1 -21.22 22.27 -34.74
N PRO A 2 -21.93 21.75 -35.77
CA PRO A 2 -22.61 20.45 -35.68
C PRO A 2 -21.65 19.32 -35.31
N LEU A 3 -20.39 19.50 -35.69
CA LEU A 3 -19.36 18.50 -35.40
C LEU A 3 -18.62 18.83 -34.11
N GLY A 4 -19.16 18.38 -32.98
CA GLY A 4 -18.53 18.64 -31.70
C GLY A 4 -17.51 17.59 -31.34
N SER A 5 -16.58 17.94 -30.46
CA SER A 5 -15.54 17.02 -30.03
C SER A 5 -15.99 16.24 -28.78
N PRO A 6 -16.09 14.91 -28.89
CA PRO A 6 -16.51 14.07 -27.76
C PRO A 6 -15.74 14.38 -26.47
N ARG A 7 -16.46 14.79 -25.45
CA ARG A 7 -15.86 15.13 -24.16
C ARG A 7 -15.76 13.89 -23.27
N ASN A 8 -14.78 13.88 -22.38
CA ASN A 8 -14.59 12.78 -21.46
C ASN A 8 -15.20 13.08 -20.10
N ALA A 9 -14.74 14.16 -19.48
CA ALA A 9 -15.26 14.56 -18.18
C ALA A 9 -16.64 15.20 -18.31
N ASN A 10 -17.67 14.41 -18.03
CA ASN A 10 -19.04 14.90 -18.13
C ASN A 10 -19.63 15.15 -16.74
N ASP A 11 -19.64 14.12 -15.91
CA ASP A 11 -20.16 14.23 -14.55
C ASP A 11 -19.02 14.44 -13.56
N ASN A 12 -19.08 15.53 -12.80
CA ASN A 12 -18.05 15.83 -11.82
C ASN A 12 -18.34 15.17 -10.48
N ASN A 13 -17.97 13.89 -10.37
CA ASN A 13 -18.20 13.13 -9.14
C ASN A 13 -17.15 12.03 -8.95
N GLN A 14 -16.25 11.88 -9.92
CA GLN A 14 -15.21 10.86 -9.83
C GLN A 14 -14.06 11.30 -8.93
N PHE A 15 -13.54 12.50 -9.21
CA PHE A 15 -12.43 13.04 -8.42
C PHE A 15 -12.85 13.29 -6.98
N TYR A 16 -14.15 13.26 -6.72
CA TYR A 16 -14.67 13.49 -5.37
C TYR A 16 -14.50 12.24 -4.50
N GLN A 17 -14.98 11.11 -5.01
CA GLN A 17 -14.87 9.85 -4.28
C GLN A 17 -13.44 9.32 -4.32
N GLN A 18 -12.58 9.89 -3.47
CA GLN A 18 -11.18 9.47 -3.42
C GLN A 18 -11.03 8.10 -2.78
N LYS A 19 -12.12 7.55 -2.25
CA LYS A 19 -12.09 6.24 -1.61
C LYS A 19 -11.74 5.15 -2.61
N GLN A 20 -11.91 5.44 -3.90
CA GLN A 20 -11.61 4.46 -4.94
C GLN A 20 -10.11 4.17 -4.98
N ARG A 21 -9.31 5.23 -4.90
CA ARG A 21 -7.86 5.12 -4.93
C ARG A 21 -7.36 4.32 -3.73
N GLN A 22 -7.75 4.75 -2.54
CA GLN A 22 -7.35 4.07 -1.32
C GLN A 22 -7.91 2.65 -1.28
N ALA A 23 -8.92 2.39 -2.12
CA ALA A 23 -9.52 1.06 -2.16
C ALA A 23 -8.51 0.03 -2.64
N LEU A 24 -8.12 0.13 -3.91
CA LEU A 24 -7.16 -0.79 -4.49
C LEU A 24 -5.78 -0.54 -3.87
N GLY A 25 -5.49 0.70 -3.52
CA GLY A 25 -4.19 1.01 -2.93
C GLY A 25 -3.99 0.25 -1.63
N GLU A 26 -5.05 0.15 -0.84
CA GLU A 26 -4.98 -0.58 0.41
C GLU A 26 -4.65 -2.04 0.13
N GLN A 27 -5.03 -2.51 -1.06
CA GLN A 27 -4.76 -3.88 -1.46
C GLN A 27 -3.25 -4.12 -1.50
N LEU A 28 -2.49 -3.06 -1.77
CA LEU A 28 -1.03 -3.15 -1.81
C LEU A 28 -0.50 -3.49 -0.42
N TYR A 29 -1.12 -2.92 0.60
CA TYR A 29 -0.72 -3.15 2.00
C TYR A 29 -1.08 -4.56 2.47
N LYS A 30 -2.32 -4.98 2.24
CA LYS A 30 -2.75 -6.31 2.68
C LYS A 30 -1.90 -7.41 2.03
N LYS A 31 -1.47 -7.16 0.80
CA LYS A 31 -0.66 -8.11 0.07
C LYS A 31 0.66 -8.39 0.79
N VAL A 32 1.25 -7.33 1.34
CA VAL A 32 2.50 -7.44 2.07
C VAL A 32 2.25 -7.98 3.47
N SER A 33 1.19 -7.49 4.11
CA SER A 33 0.83 -7.93 5.44
C SER A 33 0.21 -9.33 5.41
N ALA A 34 0.19 -9.95 4.23
CA ALA A 34 -0.36 -11.28 4.06
C ALA A 34 0.36 -12.32 4.92
N LYS A 35 1.46 -11.89 5.56
CA LYS A 35 2.23 -12.78 6.42
C LYS A 35 1.95 -12.50 7.90
N THR A 36 1.32 -11.35 8.17
CA THR A 36 0.99 -10.96 9.54
C THR A 36 0.39 -9.56 9.57
N SER A 37 -0.32 -9.23 10.64
CA SER A 37 -0.94 -7.91 10.78
C SER A 37 0.04 -6.94 11.42
N ASN A 38 1.30 -7.01 10.98
CA ASN A 38 2.35 -6.14 11.49
C ASN A 38 2.28 -4.76 10.84
N GLU A 39 1.81 -3.77 11.61
CA GLU A 39 1.69 -2.40 11.10
C GLU A 39 3.05 -1.81 10.76
N GLU A 40 4.06 -2.20 11.52
CA GLU A 40 5.42 -1.70 11.28
C GLU A 40 6.12 -2.49 10.19
N ALA A 41 5.68 -3.73 10.00
CA ALA A 41 6.26 -4.61 8.99
C ALA A 41 5.76 -4.27 7.59
N ALA A 42 4.48 -4.56 7.35
CA ALA A 42 3.87 -4.31 6.07
C ALA A 42 3.84 -2.82 5.74
N GLY A 43 3.68 -1.99 6.77
CA GLY A 43 3.67 -0.57 6.55
C GLY A 43 5.00 -0.07 6.07
N LYS A 44 6.05 -0.79 6.43
CA LYS A 44 7.41 -0.42 6.03
C LYS A 44 7.63 -0.70 4.55
N ILE A 45 7.52 -1.97 4.18
CA ILE A 45 7.72 -2.37 2.80
C ILE A 45 6.67 -1.75 1.89
N THR A 46 5.45 -1.57 2.39
CA THR A 46 4.40 -0.96 1.60
C THR A 46 4.82 0.45 1.20
N GLY A 47 5.59 1.09 2.07
CA GLY A 47 6.08 2.43 1.79
C GLY A 47 6.97 2.45 0.56
N MET A 48 7.71 1.37 0.36
CA MET A 48 8.60 1.26 -0.79
C MET A 48 7.77 1.16 -2.07
N ILE A 49 6.82 0.22 -2.08
CA ILE A 49 5.94 0.04 -3.22
C ILE A 49 4.94 1.20 -3.31
N LEU A 50 5.04 2.12 -2.35
CA LEU A 50 4.18 3.29 -2.29
C LEU A 50 4.54 4.31 -3.38
N ASP A 51 5.38 3.89 -4.34
CA ASP A 51 5.78 4.76 -5.43
C ASP A 51 4.80 4.68 -6.58
N LEU A 52 4.03 3.60 -6.63
CA LEU A 52 3.05 3.42 -7.69
C LEU A 52 1.89 4.40 -7.48
N PRO A 53 1.53 5.17 -8.53
CA PRO A 53 0.43 6.14 -8.43
C PRO A 53 -0.84 5.50 -7.89
N PRO A 54 -1.78 6.33 -7.40
CA PRO A 54 -3.04 5.86 -6.83
C PRO A 54 -3.75 4.82 -7.70
N GLN A 55 -4.22 5.24 -8.86
CA GLN A 55 -4.89 4.31 -9.77
C GLN A 55 -3.89 3.44 -10.51
N GLU A 56 -2.72 4.01 -10.82
CA GLU A 56 -1.68 3.27 -11.53
C GLU A 56 -1.11 2.12 -10.70
N VAL A 57 -1.36 2.16 -9.39
CA VAL A 57 -0.87 1.09 -8.51
C VAL A 57 -1.85 -0.07 -8.50
N PHE A 58 -3.13 0.25 -8.73
CA PHE A 58 -4.20 -0.75 -8.74
C PHE A 58 -3.77 -2.03 -9.46
N PRO A 59 -3.22 -1.93 -10.69
CA PRO A 59 -2.79 -3.10 -11.46
C PRO A 59 -1.72 -3.93 -10.76
N LEU A 60 -0.82 -3.26 -10.04
CA LEU A 60 0.25 -3.94 -9.33
C LEU A 60 -0.23 -4.53 -8.01
N LEU A 61 -1.02 -3.76 -7.28
CA LEU A 61 -1.51 -4.21 -5.98
C LEU A 61 -2.39 -5.44 -6.11
N GLU A 62 -2.81 -5.77 -7.33
CA GLU A 62 -3.66 -6.94 -7.55
C GLU A 62 -2.91 -8.02 -8.34
N SER A 63 -1.70 -7.71 -8.80
CA SER A 63 -0.90 -8.66 -9.55
C SER A 63 0.17 -9.30 -8.67
N ASP A 64 -0.02 -10.57 -8.33
CA ASP A 64 0.93 -11.29 -7.48
C ASP A 64 2.34 -11.29 -8.08
N GLU A 65 2.48 -11.88 -9.27
CA GLU A 65 3.78 -11.95 -9.93
C GLU A 65 4.47 -10.59 -9.95
N LEU A 66 3.78 -9.60 -10.50
CA LEU A 66 4.30 -8.24 -10.58
C LEU A 66 4.60 -7.71 -9.17
N PHE A 67 3.67 -7.97 -8.24
CA PHE A 67 3.83 -7.54 -6.86
C PHE A 67 5.13 -8.07 -6.28
N GLU A 68 5.32 -9.38 -6.39
CA GLU A 68 6.52 -10.05 -5.87
C GLU A 68 7.78 -9.26 -6.18
N GLN A 69 7.89 -8.76 -7.41
CA GLN A 69 9.07 -7.99 -7.83
C GLN A 69 9.31 -6.80 -6.91
N HIS A 70 8.35 -5.88 -6.88
CA HIS A 70 8.46 -4.69 -6.04
C HIS A 70 8.53 -5.09 -4.58
N TYR A 71 7.57 -5.91 -4.16
CA TYR A 71 7.50 -6.40 -2.80
C TYR A 71 8.76 -7.19 -2.43
N LYS A 72 9.54 -7.58 -3.44
CA LYS A 72 10.77 -8.35 -3.21
C LYS A 72 11.83 -7.47 -2.54
N GLU A 73 12.20 -6.38 -3.21
CA GLU A 73 13.21 -5.46 -2.67
C GLU A 73 12.87 -5.05 -1.25
N ALA A 74 11.57 -4.85 -1.01
CA ALA A 74 11.10 -4.45 0.31
C ALA A 74 11.17 -5.63 1.28
N SER A 75 10.94 -6.83 0.76
CA SER A 75 10.99 -8.04 1.59
C SER A 75 12.35 -8.12 2.28
N ALA A 76 13.42 -8.00 1.50
CA ALA A 76 14.77 -8.04 2.04
C ALA A 76 14.88 -7.13 3.27
N ALA A 77 14.31 -5.93 3.13
CA ALA A 77 14.31 -4.95 4.23
C ALA A 77 13.28 -5.36 5.28
N TYR A 78 12.27 -6.09 4.84
CA TYR A 78 11.21 -6.59 5.73
C TYR A 78 11.84 -7.29 6.93
N GLU A 79 12.69 -8.27 6.63
CA GLU A 79 13.37 -9.03 7.68
C GLU A 79 14.25 -8.13 8.54
N SER A 80 14.90 -7.16 7.91
CA SER A 80 15.77 -6.25 8.61
C SER A 80 15.02 -5.47 9.69
N PHE A 81 13.90 -4.87 9.32
CA PHE A 81 13.10 -4.09 10.27
C PHE A 81 12.43 -4.98 11.31
N LYS A 82 11.88 -6.11 10.88
CA LYS A 82 11.23 -7.02 11.81
C LYS A 82 12.24 -7.70 12.74
N LYS A 83 13.42 -8.01 12.21
CA LYS A 83 14.48 -8.65 13.00
C LYS A 83 15.10 -7.67 13.98
N GLU A 84 15.25 -6.42 13.56
CA GLU A 84 15.83 -5.38 14.39
C GLU A 84 14.83 -4.87 15.43
N GLN A 85 13.65 -5.48 15.48
CA GLN A 85 12.64 -5.08 16.44
C GLN A 85 12.91 -5.67 17.81
N GLU A 86 13.42 -4.84 18.72
CA GLU A 86 13.74 -5.28 20.07
C GLU A 86 12.47 -5.42 20.91
N GLN A 87 11.31 -5.14 20.30
CA GLN A 87 10.04 -5.23 21.00
C GLN A 87 9.42 -6.62 20.83
N GLN A 88 9.62 -7.21 19.66
CA GLN A 88 9.08 -8.54 19.37
C GLN A 88 10.10 -9.62 19.73
N THR A 89 9.79 -10.40 20.75
CA THR A 89 10.68 -11.47 21.19
C THR A 89 10.11 -12.84 20.81
N GLU A 90 10.43 -13.30 19.61
CA GLU A 90 9.95 -14.60 19.13
C GLU A 90 10.79 -15.74 19.71
N GLN A 91 11.77 -15.42 20.54
CA GLN A 91 12.63 -16.43 21.15
C GLN A 91 12.03 -16.95 22.45
N ALA A 92 11.04 -17.83 22.32
CA ALA A 92 10.38 -18.41 23.48
C ALA A 92 11.28 -19.41 24.19
#